data_8GPU
#
_entry.id   8GPU
#
_cell.length_a   157.259
_cell.length_b   278.003
_cell.length_c   354.657
_cell.angle_alpha   90.000
_cell.angle_beta   90.000
_cell.angle_gamma   90.000
#
_symmetry.space_group_name_H-M   'C 2 2 21'
#
loop_
_entity.id
_entity.type
_entity.pdbx_description
1 polymer 'Envelope protein'
2 polymer YD6Fab_H
3 polymer YD6Fab_L
#
loop_
_entity_poly.entity_id
_entity_poly.type
_entity_poly.pdbx_seq_one_letter_code
_entity_poly.pdbx_strand_id
1 'polypeptide(L)'
;AHCIGITDRDFIEGVHGGTWVSATLEQDKCVTVMAPDKPSLDISLQTVAIDGPAEARKVCYSAVLTHVKINDKCPSTGEA
HLAEENDGDNACKRTYSDRGWGNGCGLFGKGSIVACAKFTCAKSMSLFEVDQTKIQYVIRAQLHVGAKQENWNTDIKTLK
FDALSGSQEAEFTGYGKATLECQVQTAVDFGNSYIAEMEKDSWIVDRQWAQDLTLPWQSGSGGIWREMHHLVEFEPPHAA
TIRVLALGNQEGSLKTALTGAMRVTKDENDNNLYKLHGGHVSCRVKLSALTLKGTSYKMCTDKMSFVKNPTDTGHGTVVM
QVKVPKGAPCKIPVIVADDLTAAVNKGILVTVNPIASTNDDEVLIEVNPPFGDSYIIVGTGDSRLTYQWHKEGSSIGK
;
A,E,B,I,M,P
2 'polypeptide(L)'
;EVQLVESGGGLVKPGGSLRLSCAASGFIFSDYYMMWIRQAPGKGLEWISYISSSGSQIYYTESVKGRFTISRDNGKNLLY
LQMNSLRGEDTALYYCATETGWRIDTWGQGTLVTVSSASTKGPSVFPLAPSSKSTSGGTAALGCLVKDYFPEPVTVSWNS
GALTSGVHTFPAVLQSSGLYSLSSVVTVPSSSLGTQTYICNVNHKPSNTKVDKRVEP
;
H,F,C,J,N,Q
3 'polypeptide(L)'
;QAVLTQPASVSGSPGQSITISCTGTGSNIETYNLVSWYQRHPGKAPKLILYEVSERPSGVSNRFSGSKSGNTASLTISGL
QAEDEADYFCCSYADTNIFWVFGGGTHLTVLGQPKAAPSVTLFPPSSEELQANKATLVCLISDFYPGAVTVAWKADSSPV
KAGVETTTPSKQSNNKYAASSYLSLTPEQWKSHRSYSCQVTHEGSTVEKTVAPTECS
;
L,G,D,K,O,R
#
# COMPACT_ATOMS: atom_id res chain seq x y z
N ALA A 1 35.01 -8.88 27.01
CA ALA A 1 35.82 -7.66 27.10
C ALA A 1 34.96 -6.43 26.85
N HIS A 2 34.76 -5.61 27.89
CA HIS A 2 35.21 -5.94 29.24
C HIS A 2 34.13 -6.76 29.94
N CYS A 3 34.56 -7.80 30.66
CA CYS A 3 33.62 -8.77 31.19
C CYS A 3 32.81 -8.24 32.37
N ILE A 4 33.22 -7.13 32.97
CA ILE A 4 32.48 -6.58 34.10
C ILE A 4 31.09 -6.13 33.67
N GLY A 5 30.97 -5.60 32.46
CA GLY A 5 29.71 -5.13 31.92
C GLY A 5 28.88 -6.15 31.17
N ILE A 6 29.25 -7.42 31.20
CA ILE A 6 28.51 -8.49 30.55
C ILE A 6 28.01 -9.45 31.63
N THR A 7 26.69 -9.65 31.69
CA THR A 7 26.08 -10.32 32.83
C THR A 7 26.51 -11.78 32.93
N ASP A 8 26.45 -12.52 31.82
CA ASP A 8 26.79 -13.94 31.82
C ASP A 8 28.30 -14.07 31.66
N ARG A 9 28.99 -14.42 32.73
CA ARG A 9 30.44 -14.40 32.79
C ARG A 9 30.96 -15.68 33.41
N ASP A 10 32.15 -16.09 32.97
CA ASP A 10 32.81 -17.29 33.49
C ASP A 10 34.29 -17.00 33.72
N PHE A 11 34.81 -17.50 34.84
CA PHE A 11 36.24 -17.43 35.13
C PHE A 11 36.88 -18.78 34.86
N ILE A 12 38.11 -18.76 34.35
CA ILE A 12 38.89 -19.97 34.13
C ILE A 12 40.27 -19.81 34.75
N GLU A 13 40.74 -20.87 35.40
CA GLU A 13 42.02 -20.87 36.09
C GLU A 13 42.96 -21.85 35.40
N GLY A 14 44.12 -21.35 34.98
CA GLY A 14 45.16 -22.22 34.45
C GLY A 14 46.15 -22.63 35.53
N VAL A 15 46.78 -23.78 35.34
CA VAL A 15 47.74 -24.26 36.32
C VAL A 15 49.01 -23.42 36.28
N HIS A 16 49.74 -23.44 37.39
CA HIS A 16 50.98 -22.68 37.49
C HIS A 16 51.97 -23.12 36.40
N GLY A 17 52.13 -24.41 36.22
CA GLY A 17 52.95 -24.95 35.15
C GLY A 17 52.17 -25.25 33.88
N GLY A 18 51.72 -24.21 33.19
CA GLY A 18 50.93 -24.41 31.99
C GLY A 18 51.22 -23.34 30.95
N THR A 19 50.84 -23.65 29.71
CA THR A 19 51.03 -22.74 28.58
C THR A 19 49.73 -22.41 27.86
N TRP A 20 48.83 -23.38 27.69
CA TRP A 20 47.58 -23.18 26.97
C TRP A 20 46.41 -23.51 27.88
N VAL A 21 45.38 -22.67 27.84
CA VAL A 21 44.13 -22.88 28.55
C VAL A 21 42.99 -22.86 27.54
N SER A 22 42.12 -23.85 27.61
CA SER A 22 41.02 -23.99 26.66
C SER A 22 39.77 -23.27 27.18
N ALA A 23 39.02 -22.67 26.25
CA ALA A 23 37.83 -21.91 26.61
C ALA A 23 36.82 -22.00 25.48
N THR A 24 35.56 -21.80 25.84
CA THR A 24 34.45 -21.75 24.90
C THR A 24 33.76 -20.39 24.99
N LEU A 25 33.47 -19.81 23.84
CA LEU A 25 32.94 -18.45 23.75
C LEU A 25 31.58 -18.49 23.05
N GLU A 26 30.53 -18.20 23.81
CA GLU A 26 29.18 -18.20 23.27
C GLU A 26 28.68 -16.77 23.08
N GLN A 27 27.64 -16.64 22.26
CA GLN A 27 27.06 -15.33 21.97
C GLN A 27 26.61 -14.65 23.25
N ASP A 28 26.84 -13.34 23.33
CA ASP A 28 26.42 -12.51 24.45
C ASP A 28 27.03 -12.96 25.78
N LYS A 29 28.17 -13.62 25.72
CA LYS A 29 28.92 -14.04 26.90
C LYS A 29 30.35 -13.56 26.77
N CYS A 30 31.11 -13.76 27.85
CA CYS A 30 32.55 -13.49 27.83
C CYS A 30 33.20 -14.24 28.98
N VAL A 31 34.51 -14.34 28.92
CA VAL A 31 35.29 -15.15 29.85
C VAL A 31 36.47 -14.35 30.36
N THR A 32 36.72 -14.42 31.66
CA THR A 32 37.93 -13.90 32.27
C THR A 32 38.89 -15.04 32.52
N VAL A 33 40.03 -15.02 31.83
CA VAL A 33 41.05 -16.07 31.96
C VAL A 33 42.11 -15.57 32.92
N MET A 34 42.30 -16.29 34.03
CA MET A 34 43.24 -15.92 35.07
C MET A 34 44.35 -16.95 35.16
N ALA A 35 45.60 -16.47 35.15
CA ALA A 35 46.77 -17.30 35.38
C ALA A 35 47.65 -16.63 36.43
N PRO A 36 48.23 -17.40 37.34
CA PRO A 36 49.08 -16.79 38.38
C PRO A 36 50.24 -16.02 37.76
N ASP A 37 50.51 -14.84 38.33
CA ASP A 37 51.61 -13.97 37.90
C ASP A 37 51.48 -13.55 36.43
N LYS A 38 50.24 -13.49 35.94
CA LYS A 38 49.92 -12.94 34.63
C LYS A 38 48.67 -12.08 34.77
N PRO A 39 48.55 -11.02 33.97
CA PRO A 39 47.32 -10.21 34.02
C PRO A 39 46.12 -11.01 33.52
N SER A 40 44.97 -10.79 34.18
CA SER A 40 43.76 -11.45 33.77
C SER A 40 43.31 -10.96 32.40
N LEU A 41 42.70 -11.86 31.63
CA LEU A 41 42.40 -11.61 30.22
C LEU A 41 40.92 -11.85 29.96
N ASP A 42 40.22 -10.81 29.55
CA ASP A 42 38.82 -10.92 29.13
C ASP A 42 38.75 -11.26 27.65
N ILE A 43 37.98 -12.27 27.31
CA ILE A 43 37.73 -12.65 25.93
C ILE A 43 36.23 -12.76 25.73
N SER A 44 35.72 -12.13 24.67
CA SER A 44 34.31 -12.23 24.31
C SER A 44 34.19 -12.50 22.82
N LEU A 45 33.07 -13.11 22.45
CA LEU A 45 32.75 -13.41 21.05
C LEU A 45 31.77 -12.35 20.56
N GLN A 46 32.22 -11.51 19.62
CA GLN A 46 31.42 -10.37 19.20
C GLN A 46 30.36 -10.76 18.17
N THR A 47 30.79 -11.22 17.00
CA THR A 47 29.88 -11.57 15.92
C THR A 47 30.31 -12.88 15.27
N VAL A 48 29.35 -13.54 14.64
CA VAL A 48 29.58 -14.63 13.71
C VAL A 48 28.80 -14.31 12.45
N ALA A 49 29.50 -14.16 11.31
CA ALA A 49 28.88 -13.52 10.15
C ALA A 49 29.28 -14.24 8.87
N ILE A 50 28.47 -14.01 7.84
CA ILE A 50 28.76 -14.41 6.47
C ILE A 50 28.66 -13.18 5.58
N ASP A 51 29.63 -13.01 4.69
CA ASP A 51 29.66 -11.86 3.78
C ASP A 51 29.20 -12.31 2.40
N GLY A 52 27.98 -11.91 2.04
CA GLY A 52 27.43 -12.18 0.72
C GLY A 52 27.15 -13.64 0.45
N PRO A 53 26.19 -14.22 1.16
CA PRO A 53 25.79 -15.60 0.86
C PRO A 53 25.09 -15.67 -0.48
N ALA A 54 25.26 -16.82 -1.15
CA ALA A 54 24.71 -16.99 -2.49
C ALA A 54 23.19 -17.08 -2.44
N GLU A 55 22.54 -16.34 -3.32
CA GLU A 55 21.08 -16.35 -3.39
C GLU A 55 20.60 -17.66 -4.00
N ALA A 56 19.61 -18.28 -3.36
CA ALA A 56 19.10 -19.57 -3.80
C ALA A 56 17.67 -19.48 -4.33
N ARG A 57 16.74 -19.01 -3.51
CA ARG A 57 15.32 -18.98 -3.90
C ARG A 57 14.66 -17.73 -3.36
N LYS A 58 13.53 -17.38 -3.97
CA LYS A 58 12.61 -16.40 -3.43
C LYS A 58 11.24 -17.04 -3.32
N VAL A 59 10.62 -16.91 -2.15
CA VAL A 59 9.31 -17.49 -1.88
C VAL A 59 8.34 -16.35 -1.65
N CYS A 60 7.26 -16.32 -2.42
CA CYS A 60 6.29 -15.23 -2.36
C CYS A 60 5.23 -15.55 -1.31
N TYR A 61 5.10 -14.65 -0.32
CA TYR A 61 4.07 -14.79 0.70
C TYR A 61 2.99 -13.72 0.60
N SER A 62 3.14 -12.74 -0.29
CA SER A 62 2.11 -11.73 -0.52
C SER A 62 2.05 -11.45 -2.01
N ALA A 63 0.90 -11.71 -2.62
CA ALA A 63 0.70 -11.48 -4.04
C ALA A 63 -0.63 -10.78 -4.27
N VAL A 64 -0.59 -9.71 -5.07
CA VAL A 64 -1.80 -8.99 -5.46
C VAL A 64 -2.23 -9.48 -6.83
N LEU A 65 -3.54 -9.41 -7.09
CA LEU A 65 -4.11 -9.94 -8.31
C LEU A 65 -4.88 -8.86 -9.05
N THR A 66 -4.85 -8.94 -10.38
CA THR A 66 -5.73 -8.14 -11.21
C THR A 66 -7.10 -8.81 -11.32
N HIS A 67 -8.04 -8.12 -11.93
CA HIS A 67 -9.36 -8.69 -12.14
C HIS A 67 -9.28 -9.85 -13.14
N VAL A 68 -10.08 -10.89 -12.88
CA VAL A 68 -10.05 -12.07 -13.74
C VAL A 68 -10.61 -11.72 -15.12
N LYS A 69 -10.19 -12.51 -16.12
CA LYS A 69 -10.67 -12.35 -17.48
C LYS A 69 -11.15 -13.70 -17.99
N ILE A 70 -12.29 -13.70 -18.69
CA ILE A 70 -13.00 -14.92 -19.04
C ILE A 70 -13.19 -14.98 -20.55
N ASN A 71 -13.01 -16.17 -21.10
CA ASN A 71 -13.49 -16.52 -22.43
C ASN A 71 -14.25 -17.83 -22.32
N ASP A 72 -15.40 -17.91 -23.01
CA ASP A 72 -16.29 -19.04 -22.86
C ASP A 72 -16.92 -19.40 -24.19
N LYS A 73 -17.34 -20.65 -24.32
CA LYS A 73 -17.92 -21.15 -25.57
C LYS A 73 -19.03 -22.15 -25.26
N CYS A 74 -19.92 -22.31 -26.23
CA CYS A 74 -21.03 -23.23 -26.10
C CYS A 74 -20.55 -24.68 -26.24
N PRO A 75 -21.34 -25.65 -25.78
CA PRO A 75 -20.94 -27.05 -25.94
C PRO A 75 -20.75 -27.40 -27.41
N SER A 76 -19.74 -28.24 -27.67
CA SER A 76 -19.46 -28.76 -29.01
C SER A 76 -19.10 -27.65 -29.99
N THR A 77 -18.56 -26.54 -29.49
CA THR A 77 -18.17 -25.41 -30.32
C THR A 77 -16.69 -25.07 -30.17
N GLY A 78 -15.91 -25.93 -29.54
CA GLY A 78 -14.48 -25.74 -29.42
C GLY A 78 -14.08 -25.31 -28.02
N GLU A 79 -12.78 -25.04 -27.87
CA GLU A 79 -12.19 -24.60 -26.61
C GLU A 79 -11.96 -23.09 -26.65
N ALA A 80 -12.26 -22.42 -25.54
CA ALA A 80 -12.05 -20.99 -25.45
C ALA A 80 -10.57 -20.67 -25.26
N HIS A 81 -10.16 -19.51 -25.76
CA HIS A 81 -8.76 -19.10 -25.74
C HIS A 81 -8.63 -17.67 -25.23
N LEU A 82 -7.52 -17.42 -24.54
CA LEU A 82 -7.06 -16.08 -24.20
C LEU A 82 -5.57 -15.99 -24.49
N ALA A 83 -5.13 -14.83 -24.98
CA ALA A 83 -3.70 -14.64 -25.19
C ALA A 83 -2.92 -14.57 -23.88
N GLU A 84 -3.60 -14.20 -22.78
CA GLU A 84 -2.98 -14.20 -21.47
C GLU A 84 -2.56 -15.60 -21.04
N GLU A 85 -3.13 -16.63 -21.65
CA GLU A 85 -2.89 -18.02 -21.32
C GLU A 85 -1.51 -18.50 -21.74
N ASN A 86 -0.77 -17.73 -22.54
CA ASN A 86 0.56 -18.11 -22.99
C ASN A 86 1.68 -17.43 -22.20
N ASP A 87 1.41 -16.28 -21.59
CA ASP A 87 2.41 -15.63 -20.77
C ASP A 87 2.72 -16.47 -19.53
N GLY A 88 3.99 -16.48 -19.13
CA GLY A 88 4.39 -17.27 -17.98
C GLY A 88 4.16 -16.63 -16.63
N ASP A 89 3.79 -15.35 -16.60
CA ASP A 89 3.57 -14.63 -15.36
C ASP A 89 2.09 -14.44 -15.04
N ASN A 90 1.20 -15.12 -15.76
CA ASN A 90 -0.23 -15.09 -15.48
C ASN A 90 -0.66 -16.42 -14.89
N ALA A 91 -1.70 -16.36 -14.04
CA ALA A 91 -2.30 -17.56 -13.46
C ALA A 91 -3.62 -17.82 -14.15
N CYS A 92 -3.75 -19.02 -14.74
CA CYS A 92 -4.91 -19.36 -15.54
C CYS A 92 -5.45 -20.72 -15.13
N LYS A 93 -6.75 -20.93 -15.39
CA LYS A 93 -7.38 -22.22 -15.19
C LYS A 93 -8.19 -22.59 -16.42
N ARG A 94 -8.26 -23.90 -16.69
CA ARG A 94 -8.99 -24.46 -17.82
C ARG A 94 -10.10 -25.34 -17.28
N THR A 95 -11.36 -24.95 -17.49
CA THR A 95 -12.49 -25.63 -16.91
C THR A 95 -13.62 -25.71 -17.94
N TYR A 96 -14.71 -26.37 -17.57
CA TYR A 96 -15.92 -26.46 -18.38
C TYR A 96 -17.10 -26.00 -17.55
N SER A 97 -18.13 -25.50 -18.23
CA SER A 97 -19.27 -24.89 -17.56
C SER A 97 -20.57 -25.50 -18.08
N ASP A 98 -21.57 -25.52 -17.20
CA ASP A 98 -22.90 -26.02 -17.55
C ASP A 98 -23.62 -24.99 -18.39
N ARG A 99 -23.81 -25.29 -19.68
CA ARG A 99 -24.45 -24.37 -20.61
C ARG A 99 -25.71 -25.01 -21.19
N GLY A 100 -26.67 -24.17 -21.53
CA GLY A 100 -27.91 -24.63 -22.11
C GLY A 100 -28.67 -23.50 -22.77
N TRP A 101 -29.97 -23.73 -22.98
CA TRP A 101 -30.81 -22.68 -23.53
C TRP A 101 -30.89 -21.48 -22.61
N GLY A 102 -30.82 -21.71 -21.30
CA GLY A 102 -30.95 -20.64 -20.33
C GLY A 102 -29.77 -19.68 -20.28
N ASN A 103 -28.66 -19.99 -20.96
CA ASN A 103 -27.51 -19.09 -20.97
C ASN A 103 -26.91 -18.96 -22.36
N GLY A 104 -27.69 -19.20 -23.40
CA GLY A 104 -27.32 -18.83 -24.75
C GLY A 104 -26.69 -19.89 -25.61
N CYS A 105 -27.02 -21.17 -25.42
CA CYS A 105 -26.46 -22.24 -26.23
C CYS A 105 -27.56 -23.17 -26.71
N GLY A 106 -27.38 -23.72 -27.91
CA GLY A 106 -28.37 -24.60 -28.50
C GLY A 106 -28.38 -26.00 -27.94
N LEU A 107 -27.31 -26.39 -27.25
CA LEU A 107 -27.23 -27.71 -26.63
C LEU A 107 -27.00 -27.56 -25.14
N PHE A 108 -27.49 -28.54 -24.37
CA PHE A 108 -27.27 -28.60 -22.93
C PHE A 108 -26.07 -29.50 -22.68
N GLY A 109 -24.99 -28.93 -22.16
CA GLY A 109 -23.80 -29.70 -21.92
C GLY A 109 -22.67 -28.83 -21.43
N LYS A 110 -21.47 -29.42 -21.42
CA LYS A 110 -20.28 -28.73 -20.94
C LYS A 110 -19.71 -27.84 -22.03
N GLY A 111 -19.56 -26.56 -21.73
CA GLY A 111 -18.92 -25.61 -22.62
C GLY A 111 -17.59 -25.16 -22.03
N SER A 112 -16.59 -25.00 -22.88
CA SER A 112 -15.26 -24.63 -22.42
C SER A 112 -15.27 -23.21 -21.87
N ILE A 113 -14.56 -23.02 -20.76
CA ILE A 113 -14.39 -21.71 -20.14
C ILE A 113 -12.95 -21.60 -19.66
N VAL A 114 -12.36 -20.42 -19.85
CA VAL A 114 -10.98 -20.16 -19.44
C VAL A 114 -10.96 -18.88 -18.61
N ALA A 115 -10.14 -18.88 -17.56
CA ALA A 115 -9.99 -17.73 -16.67
C ALA A 115 -8.51 -17.44 -16.49
N CYS A 116 -8.16 -16.15 -16.45
CA CYS A 116 -6.78 -15.74 -16.27
C CYS A 116 -6.72 -14.47 -15.43
N ALA A 117 -5.72 -14.41 -14.56
CA ALA A 117 -5.47 -13.23 -13.73
C ALA A 117 -3.97 -13.01 -13.63
N LYS A 118 -3.53 -11.77 -13.84
CA LYS A 118 -2.11 -11.47 -13.78
C LYS A 118 -1.59 -11.60 -12.36
N PHE A 119 -0.51 -12.36 -12.21
CA PHE A 119 0.13 -12.58 -10.92
C PHE A 119 1.31 -11.65 -10.78
N THR A 120 1.37 -10.93 -9.65
CA THR A 120 2.48 -10.04 -9.35
C THR A 120 2.75 -10.12 -7.86
N CYS A 121 3.96 -10.51 -7.50
CA CYS A 121 4.30 -10.72 -6.10
C CYS A 121 4.53 -9.38 -5.41
N ALA A 122 3.85 -9.18 -4.28
CA ALA A 122 4.01 -7.96 -3.51
C ALA A 122 5.16 -8.04 -2.53
N LYS A 123 5.29 -9.16 -1.81
CA LYS A 123 6.35 -9.34 -0.83
C LYS A 123 6.83 -10.79 -0.88
N SER A 124 8.15 -10.96 -0.82
CA SER A 124 8.76 -12.27 -0.96
C SER A 124 9.82 -12.47 0.12
N MET A 125 10.04 -13.74 0.47
CA MET A 125 11.06 -14.13 1.43
C MET A 125 12.25 -14.69 0.66
N SER A 126 13.42 -14.09 0.86
CA SER A 126 14.63 -14.53 0.16
C SER A 126 15.28 -15.69 0.91
N LEU A 127 15.77 -16.67 0.14
CA LEU A 127 16.46 -17.83 0.69
C LEU A 127 17.89 -17.81 0.19
N PHE A 128 18.84 -17.65 1.11
CA PHE A 128 20.26 -17.62 0.78
C PHE A 128 20.92 -18.92 1.24
N GLU A 129 21.67 -19.56 0.35
CA GLU A 129 22.50 -20.67 0.76
C GLU A 129 23.75 -20.15 1.46
N VAL A 130 24.16 -20.86 2.49
CA VAL A 130 25.35 -20.52 3.26
C VAL A 130 26.48 -21.42 2.82
N ASP A 131 27.69 -20.89 2.83
CA ASP A 131 28.90 -21.69 2.65
C ASP A 131 29.59 -21.73 4.02
N GLN A 132 29.59 -22.90 4.63
CA GLN A 132 30.14 -23.05 5.98
C GLN A 132 31.62 -22.70 6.04
N THR A 133 32.31 -22.72 4.91
CA THR A 133 33.73 -22.37 4.87
C THR A 133 33.97 -20.87 4.76
N LYS A 134 32.94 -20.07 4.56
CA LYS A 134 33.07 -18.62 4.46
C LYS A 134 32.62 -17.90 5.73
N ILE A 135 32.41 -18.62 6.83
CA ILE A 135 31.94 -18.01 8.07
C ILE A 135 33.08 -17.23 8.71
N GLN A 136 32.80 -16.01 9.14
CA GLN A 136 33.73 -15.16 9.85
C GLN A 136 33.29 -15.03 11.31
N TYR A 137 34.23 -14.62 12.16
CA TYR A 137 33.85 -14.17 13.50
C TYR A 137 34.84 -13.14 14.00
N VAL A 138 34.41 -12.41 15.03
CA VAL A 138 35.17 -11.35 15.65
C VAL A 138 35.23 -11.62 17.15
N ILE A 139 36.41 -11.45 17.74
CA ILE A 139 36.62 -11.72 19.16
C ILE A 139 37.23 -10.49 19.82
N ARG A 140 36.65 -10.07 20.93
CA ARG A 140 37.22 -9.00 21.75
C ARG A 140 38.21 -9.59 22.75
N ALA A 141 39.30 -8.86 22.99
CA ALA A 141 40.30 -9.27 23.96
C ALA A 141 40.77 -8.04 24.72
N GLN A 142 40.87 -8.17 26.05
CA GLN A 142 41.27 -7.06 26.89
C GLN A 142 41.91 -7.60 28.15
N LEU A 143 42.78 -6.79 28.76
CA LEU A 143 43.44 -7.13 30.01
C LEU A 143 42.87 -6.30 31.15
N HIS A 144 42.84 -6.91 32.33
CA HIS A 144 42.49 -6.20 33.56
C HIS A 144 43.73 -5.48 34.06
N VAL A 145 43.88 -4.20 33.73
CA VAL A 145 45.06 -3.49 34.22
C VAL A 145 44.67 -2.48 35.29
N GLY A 146 44.09 -1.36 34.88
CA GLY A 146 43.49 -0.42 35.81
C GLY A 146 42.43 0.44 35.15
N ALA A 147 42.14 0.13 33.89
CA ALA A 147 41.51 1.12 33.00
C ALA A 147 40.13 1.52 33.50
N LYS A 148 39.88 2.82 33.52
CA LYS A 148 38.53 3.31 33.73
C LYS A 148 37.64 2.83 32.59
N GLN A 149 36.34 2.71 32.88
CA GLN A 149 35.41 2.17 31.89
C GLN A 149 35.43 3.01 30.61
N GLU A 150 35.62 4.32 30.73
CA GLU A 150 35.60 5.21 29.57
C GLU A 150 36.75 4.93 28.61
N ASN A 151 37.75 4.16 29.02
CA ASN A 151 38.87 3.80 28.15
C ASN A 151 38.91 2.31 27.84
N TRP A 152 37.79 1.60 28.03
CA TRP A 152 37.76 0.18 27.71
C TRP A 152 37.85 -0.06 26.21
N ASN A 153 37.06 0.68 25.43
CA ASN A 153 37.05 0.49 23.98
C ASN A 153 38.42 0.75 23.37
N THR A 154 39.12 1.76 23.86
CA THR A 154 40.45 2.05 23.36
C THR A 154 41.41 0.90 23.63
N ASP A 155 41.30 0.27 24.81
CA ASP A 155 42.20 -0.81 25.20
C ASP A 155 41.82 -2.16 24.60
N ILE A 156 40.62 -2.30 24.05
CA ILE A 156 40.18 -3.59 23.53
C ILE A 156 40.88 -3.88 22.22
N LYS A 157 41.39 -5.10 22.08
CA LYS A 157 41.95 -5.58 20.82
C LYS A 157 40.92 -6.48 20.14
N THR A 158 40.60 -6.15 18.89
CA THR A 158 39.53 -6.80 18.14
C THR A 158 40.17 -7.73 17.10
N LEU A 159 40.03 -9.04 17.32
CA LEU A 159 40.67 -10.05 16.49
C LEU A 159 39.67 -10.64 15.51
N LYS A 160 40.09 -10.78 14.26
CA LYS A 160 39.26 -11.32 13.20
C LYS A 160 39.82 -12.67 12.75
N PHE A 161 38.93 -13.64 12.58
CA PHE A 161 39.31 -14.98 12.13
C PHE A 161 38.49 -15.36 10.90
N ASP A 162 39.10 -16.16 10.04
CA ASP A 162 38.41 -16.83 8.95
C ASP A 162 38.16 -18.28 9.36
N ALA A 163 37.67 -19.08 8.41
CA ALA A 163 37.51 -20.51 8.68
C ALA A 163 38.84 -21.24 8.71
N LEU A 164 39.89 -20.66 8.14
CA LEU A 164 41.21 -21.29 8.07
C LEU A 164 42.31 -20.29 8.40
N SER A 165 42.07 -19.42 9.38
CA SER A 165 43.09 -18.48 9.79
C SER A 165 44.12 -19.17 10.69
N GLY A 166 45.27 -18.51 10.83
CA GLY A 166 46.29 -18.93 11.75
C GLY A 166 46.09 -18.31 13.12
N SER A 167 47.11 -18.47 13.97
CA SER A 167 47.04 -17.91 15.32
C SER A 167 46.89 -16.40 15.26
N GLN A 168 45.93 -15.87 16.02
CA GLN A 168 45.67 -14.44 16.11
C GLN A 168 46.09 -13.95 17.48
N GLU A 169 47.02 -13.01 17.52
CA GLU A 169 47.63 -12.53 18.75
C GLU A 169 47.21 -11.10 19.03
N ALA A 170 46.89 -10.82 20.29
CA ALA A 170 46.60 -9.47 20.76
C ALA A 170 47.75 -9.01 21.65
N GLU A 171 48.45 -7.97 21.21
CA GLU A 171 49.58 -7.44 21.95
C GLU A 171 49.19 -6.17 22.69
N PHE A 172 49.50 -6.12 23.99
CA PHE A 172 49.18 -5.00 24.84
C PHE A 172 50.47 -4.31 25.26
N THR A 173 50.55 -3.01 25.01
CA THR A 173 51.78 -2.26 25.27
C THR A 173 52.12 -2.32 26.75
N GLY A 174 53.29 -2.88 27.06
CA GLY A 174 53.78 -3.00 28.41
C GLY A 174 53.48 -4.34 29.08
N TYR A 175 52.59 -5.14 28.50
CA TYR A 175 52.19 -6.40 29.11
C TYR A 175 52.40 -7.60 28.21
N GLY A 176 53.02 -7.42 27.04
CA GLY A 176 53.30 -8.54 26.17
C GLY A 176 52.21 -8.81 25.16
N LYS A 177 51.87 -10.09 24.97
CA LYS A 177 50.86 -10.46 24.00
C LYS A 177 50.36 -11.87 24.29
N ALA A 178 49.07 -12.08 24.04
CA ALA A 178 48.45 -13.39 24.14
C ALA A 178 48.10 -13.89 22.74
N THR A 179 48.08 -15.20 22.58
CA THR A 179 47.82 -15.84 21.29
C THR A 179 46.56 -16.69 21.37
N LEU A 180 45.70 -16.57 20.37
CA LEU A 180 44.44 -17.29 20.33
C LEU A 180 44.39 -18.21 19.11
N GLU A 181 44.09 -19.48 19.34
CA GLU A 181 43.81 -20.46 18.29
C GLU A 181 42.36 -20.87 18.44
N CYS A 182 41.49 -20.40 17.55
CA CYS A 182 40.06 -20.56 17.72
C CYS A 182 39.44 -21.30 16.53
N GLN A 183 38.21 -21.77 16.75
CA GLN A 183 37.42 -22.48 15.75
C GLN A 183 35.94 -22.32 16.05
N VAL A 184 35.16 -22.01 15.00
CA VAL A 184 33.71 -21.98 15.16
C VAL A 184 33.18 -23.37 15.43
N GLN A 185 31.98 -23.43 15.99
CA GLN A 185 31.24 -24.68 16.12
C GLN A 185 29.93 -24.46 15.37
N THR A 186 29.92 -24.89 14.10
CA THR A 186 28.76 -24.74 13.23
C THR A 186 28.29 -26.10 12.71
N ALA A 187 28.57 -27.17 13.43
CA ALA A 187 28.14 -28.49 13.01
C ALA A 187 26.69 -28.75 13.39
N VAL A 188 26.36 -28.59 14.67
CA VAL A 188 25.00 -28.84 15.13
C VAL A 188 24.08 -27.67 14.80
N ASP A 189 24.62 -26.44 14.78
CA ASP A 189 23.80 -25.25 14.58
C ASP A 189 23.65 -24.85 13.11
N PHE A 190 24.47 -25.39 12.22
CA PHE A 190 24.52 -24.89 10.84
C PHE A 190 24.53 -26.06 9.85
N GLY A 191 23.57 -26.96 9.96
CA GLY A 191 23.49 -28.05 9.00
C GLY A 191 22.94 -27.58 7.66
N ASN A 192 22.09 -28.39 7.03
CA ASN A 192 21.46 -28.00 5.78
C ASN A 192 20.46 -26.90 6.07
N SER A 193 20.83 -25.66 5.76
CA SER A 193 20.03 -24.52 6.15
C SER A 193 20.13 -23.41 5.11
N TYR A 194 19.03 -22.68 4.95
CA TYR A 194 19.01 -21.41 4.24
C TYR A 194 18.96 -20.26 5.23
N ILE A 195 19.43 -19.11 4.77
CA ILE A 195 19.14 -17.84 5.45
C ILE A 195 17.87 -17.29 4.82
N ALA A 196 16.78 -17.29 5.58
CA ALA A 196 15.51 -16.75 5.12
C ALA A 196 15.34 -15.37 5.75
N GLU A 197 15.12 -14.36 4.91
CA GLU A 197 14.94 -13.00 5.40
C GLU A 197 13.74 -12.35 4.73
N MET A 198 12.93 -11.68 5.54
CA MET A 198 11.89 -10.79 5.07
C MET A 198 12.41 -9.36 5.09
N GLU A 199 11.49 -8.40 4.92
CA GLU A 199 11.87 -6.99 4.84
C GLU A 199 12.64 -6.54 6.08
N LYS A 200 12.18 -6.93 7.27
CA LYS A 200 12.78 -6.49 8.51
C LYS A 200 13.29 -7.63 9.40
N ASP A 201 13.15 -8.89 8.97
CA ASP A 201 13.47 -10.02 9.81
C ASP A 201 14.29 -11.04 9.03
N SER A 202 14.98 -11.91 9.76
CA SER A 202 15.77 -12.97 9.16
C SER A 202 15.86 -14.14 10.12
N TRP A 203 16.05 -15.34 9.55
CA TRP A 203 16.14 -16.55 10.36
C TRP A 203 17.08 -17.53 9.67
N ILE A 204 17.43 -18.59 10.40
CA ILE A 204 18.06 -19.78 9.85
C ILE A 204 17.01 -20.88 9.81
N VAL A 205 16.76 -21.43 8.63
CA VAL A 205 15.68 -22.39 8.44
C VAL A 205 16.24 -23.65 7.81
N ASP A 206 15.59 -24.77 8.10
CA ASP A 206 15.98 -26.04 7.48
C ASP A 206 15.72 -25.99 5.98
N ARG A 207 16.67 -26.51 5.21
CA ARG A 207 16.57 -26.43 3.75
C ARG A 207 15.36 -27.19 3.23
N GLN A 208 15.14 -28.40 3.76
CA GLN A 208 14.00 -29.22 3.33
C GLN A 208 12.68 -28.55 3.69
N TRP A 209 12.63 -27.84 4.82
CA TRP A 209 11.42 -27.10 5.18
C TRP A 209 11.10 -26.01 4.17
N ALA A 210 12.13 -25.25 3.76
CA ALA A 210 11.90 -24.14 2.83
C ALA A 210 11.48 -24.64 1.46
N GLN A 211 12.07 -25.73 0.98
CA GLN A 211 11.78 -26.23 -0.34
C GLN A 211 10.43 -26.95 -0.44
N ASP A 212 9.78 -27.26 0.69
CA ASP A 212 8.42 -27.78 0.69
C ASP A 212 7.39 -26.77 1.16
N LEU A 213 7.73 -25.50 1.22
CA LEU A 213 6.73 -24.50 1.54
C LEU A 213 5.68 -24.47 0.45
N THR A 214 4.41 -24.49 0.85
CA THR A 214 3.30 -24.45 -0.09
C THR A 214 3.02 -23.00 -0.48
N LEU A 215 4.00 -22.41 -1.16
CA LEU A 215 3.96 -21.03 -1.62
C LEU A 215 4.65 -20.94 -2.97
N PRO A 216 4.27 -19.96 -3.79
CA PRO A 216 4.96 -19.77 -5.07
C PRO A 216 6.42 -19.40 -4.85
N TRP A 217 7.28 -19.82 -5.77
CA TRP A 217 8.70 -19.58 -5.64
C TRP A 217 9.30 -19.23 -7.00
N GLN A 218 10.46 -18.56 -6.94
CA GLN A 218 11.13 -18.00 -8.10
C GLN A 218 12.59 -18.44 -8.08
N SER A 219 13.23 -18.39 -9.25
CA SER A 219 14.70 -18.47 -9.27
C SER A 219 15.33 -17.09 -9.20
N GLY A 220 14.78 -16.25 -8.33
CA GLY A 220 15.42 -15.06 -7.80
C GLY A 220 16.05 -14.02 -8.69
N SER A 221 15.91 -14.10 -10.02
CA SER A 221 16.52 -13.08 -10.87
C SER A 221 15.48 -12.28 -11.65
N GLY A 222 14.74 -12.90 -12.56
CA GLY A 222 13.62 -12.28 -13.23
C GLY A 222 12.61 -13.36 -13.57
N GLY A 223 12.80 -14.52 -12.95
CA GLY A 223 12.17 -15.74 -13.43
C GLY A 223 10.67 -15.75 -13.22
N ILE A 224 10.04 -16.66 -13.98
CA ILE A 224 8.62 -16.90 -13.80
C ILE A 224 8.36 -17.41 -12.39
N TRP A 225 7.20 -17.05 -11.84
CA TRP A 225 6.81 -17.53 -10.53
C TRP A 225 6.25 -18.94 -10.67
N ARG A 226 6.88 -19.90 -9.99
CA ARG A 226 6.51 -21.30 -10.12
C ARG A 226 5.49 -21.67 -9.05
N GLU A 227 4.56 -22.56 -9.42
CA GLU A 227 3.51 -23.04 -8.52
C GLU A 227 2.71 -21.87 -7.94
N MET A 228 2.15 -21.09 -8.86
CA MET A 228 1.35 -19.92 -8.49
C MET A 228 0.08 -20.30 -7.73
N HIS A 229 -0.41 -21.52 -7.90
CA HIS A 229 -1.69 -21.92 -7.35
C HIS A 229 -1.70 -21.97 -5.83
N HIS A 230 -0.54 -21.92 -5.18
CA HIS A 230 -0.50 -21.89 -3.72
C HIS A 230 -1.03 -20.59 -3.14
N LEU A 231 -1.19 -19.55 -3.95
CA LEU A 231 -1.81 -18.30 -3.52
C LEU A 231 -3.01 -17.90 -4.37
N VAL A 232 -3.19 -18.49 -5.55
CA VAL A 232 -4.28 -18.15 -6.46
C VAL A 232 -5.03 -19.43 -6.81
N GLU A 233 -6.29 -19.51 -6.41
CA GLU A 233 -7.15 -20.63 -6.73
C GLU A 233 -8.40 -20.13 -7.44
N PHE A 234 -8.82 -20.87 -8.47
CA PHE A 234 -10.07 -20.59 -9.15
C PHE A 234 -11.12 -21.59 -8.71
N GLU A 235 -12.34 -21.10 -8.51
CA GLU A 235 -13.46 -21.89 -8.02
C GLU A 235 -14.31 -22.37 -9.19
N PRO A 236 -15.22 -23.32 -8.94
CA PRO A 236 -16.05 -23.85 -10.03
C PRO A 236 -16.85 -22.74 -10.71
N PRO A 237 -16.99 -22.79 -12.03
CA PRO A 237 -17.70 -21.74 -12.76
C PRO A 237 -19.20 -21.81 -12.49
N HIS A 238 -19.89 -20.69 -12.71
CA HIS A 238 -21.33 -20.65 -12.56
CA HIS A 238 -21.33 -20.64 -12.56
C HIS A 238 -22.05 -20.86 -13.90
N ALA A 239 -21.86 -19.96 -14.86
CA ALA A 239 -22.29 -20.21 -16.23
C ALA A 239 -21.26 -19.67 -17.21
N ALA A 240 -20.79 -18.46 -16.91
CA ALA A 240 -19.86 -17.73 -17.76
C ALA A 240 -18.85 -16.93 -16.95
N THR A 241 -18.89 -17.02 -15.63
CA THR A 241 -18.04 -16.23 -14.73
C THR A 241 -17.32 -17.17 -13.79
N ILE A 242 -16.03 -16.91 -13.57
CA ILE A 242 -15.25 -17.63 -12.58
C ILE A 242 -14.63 -16.60 -11.65
N ARG A 243 -14.87 -16.75 -10.36
CA ARG A 243 -14.32 -15.86 -9.34
C ARG A 243 -13.12 -16.52 -8.69
N VAL A 244 -12.06 -15.73 -8.50
CA VAL A 244 -10.81 -16.26 -7.96
C VAL A 244 -10.83 -16.18 -6.44
N LEU A 245 -10.14 -17.13 -5.81
CA LEU A 245 -9.96 -17.14 -4.36
C LEU A 245 -8.50 -16.80 -4.07
N ALA A 246 -8.27 -15.63 -3.50
CA ALA A 246 -6.94 -15.22 -3.07
C ALA A 246 -6.70 -15.78 -1.67
N LEU A 247 -5.64 -16.55 -1.51
CA LEU A 247 -5.40 -17.26 -0.26
C LEU A 247 -4.79 -16.36 0.81
N GLY A 248 -4.47 -15.12 0.48
CA GLY A 248 -4.13 -14.12 1.48
C GLY A 248 -2.63 -14.07 1.78
N ASN A 249 -2.25 -12.97 2.42
CA ASN A 249 -0.86 -12.77 2.81
C ASN A 249 -0.46 -13.80 3.86
N GLN A 250 0.71 -14.43 3.65
CA GLN A 250 1.17 -15.51 4.51
C GLN A 250 2.32 -15.07 5.42
N GLU A 251 2.47 -13.77 5.65
CA GLU A 251 3.52 -13.30 6.56
C GLU A 251 3.33 -13.85 7.96
N GLY A 252 2.09 -13.80 8.47
CA GLY A 252 1.83 -14.29 9.81
C GLY A 252 2.05 -15.78 9.97
N SER A 253 1.60 -16.57 8.99
CA SER A 253 1.78 -18.02 9.06
C SER A 253 3.26 -18.39 9.09
N LEU A 254 4.06 -17.72 8.26
CA LEU A 254 5.50 -17.98 8.26
C LEU A 254 6.14 -17.57 9.59
N LYS A 255 5.76 -16.41 10.12
CA LYS A 255 6.39 -15.92 11.33
C LYS A 255 6.06 -16.78 12.55
N THR A 256 4.80 -17.21 12.68
CA THR A 256 4.45 -18.13 13.76
C THR A 256 5.19 -19.46 13.60
N ALA A 257 5.37 -19.91 12.35
CA ALA A 257 6.15 -21.11 12.09
C ALA A 257 7.63 -20.89 12.35
N LEU A 258 8.10 -19.66 12.32
CA LEU A 258 9.50 -19.35 12.52
C LEU A 258 9.81 -18.81 13.92
N THR A 259 8.84 -18.85 14.83
CA THR A 259 9.13 -18.48 16.22
C THR A 259 10.05 -19.54 16.83
N GLY A 260 11.03 -19.08 17.59
CA GLY A 260 12.00 -19.98 18.17
C GLY A 260 13.03 -20.51 17.20
N ALA A 261 13.29 -19.80 16.11
CA ALA A 261 14.29 -20.18 15.13
C ALA A 261 15.50 -19.26 15.25
N MET A 262 16.68 -19.81 14.97
CA MET A 262 17.92 -19.04 15.07
C MET A 262 17.83 -17.81 14.18
N ARG A 263 18.16 -16.65 14.75
CA ARG A 263 17.91 -15.38 14.08
C ARG A 263 19.16 -14.86 13.40
N VAL A 264 18.93 -14.05 12.37
CA VAL A 264 19.97 -13.38 11.61
C VAL A 264 19.62 -11.90 11.53
N THR A 265 20.63 -11.05 11.66
CA THR A 265 20.42 -9.61 11.54
C THR A 265 21.42 -9.04 10.56
N LYS A 266 21.33 -7.74 10.32
CA LYS A 266 22.14 -7.07 9.33
C LYS A 266 22.74 -5.80 9.93
N ASP A 267 23.77 -5.32 9.25
CA ASP A 267 24.68 -4.30 9.77
C ASP A 267 24.18 -2.90 9.40
N GLU A 268 25.09 -1.94 9.41
CA GLU A 268 24.92 -0.63 8.80
C GLU A 268 24.90 -0.85 7.29
N ASN A 269 25.36 0.12 6.51
CA ASN A 269 25.37 0.04 5.05
C ASN A 269 25.54 -1.39 4.54
N ASP A 270 26.44 -2.16 5.15
CA ASP A 270 26.63 -3.56 4.74
C ASP A 270 25.28 -4.28 4.69
N ASN A 271 24.86 -4.62 3.46
CA ASN A 271 23.55 -5.17 3.19
C ASN A 271 23.60 -6.62 2.75
N ASN A 272 24.80 -7.19 2.63
CA ASN A 272 24.99 -8.61 2.39
C ASN A 272 25.86 -9.23 3.47
N LEU A 273 26.14 -8.50 4.55
CA LEU A 273 26.87 -9.00 5.70
C LEU A 273 25.84 -9.44 6.73
N TYR A 274 25.68 -10.75 6.90
CA TYR A 274 24.63 -11.32 7.73
C TYR A 274 25.22 -11.81 9.04
N LYS A 275 24.67 -11.33 10.15
CA LYS A 275 25.14 -11.73 11.47
C LYS A 275 24.31 -12.92 11.96
N LEU A 276 24.99 -13.95 12.45
CA LEU A 276 24.35 -15.22 12.80
C LEU A 276 24.25 -15.30 14.33
N HIS A 277 23.05 -15.07 14.85
CA HIS A 277 22.80 -15.09 16.30
C HIS A 277 22.72 -16.54 16.77
N GLY A 278 23.89 -17.15 16.91
CA GLY A 278 23.95 -18.53 17.36
C GLY A 278 25.34 -19.09 17.22
N GLY A 279 25.50 -20.32 17.71
CA GLY A 279 26.77 -21.01 17.67
C GLY A 279 27.73 -20.49 18.73
N HIS A 280 28.86 -21.18 18.85
CA HIS A 280 29.89 -20.81 19.79
C HIS A 280 31.26 -21.05 19.16
N VAL A 281 32.30 -20.61 19.87
CA VAL A 281 33.67 -20.67 19.41
C VAL A 281 34.52 -21.38 20.47
N SER A 282 35.35 -22.30 20.02
CA SER A 282 36.30 -22.99 20.90
C SER A 282 37.68 -22.41 20.66
N CYS A 283 38.33 -21.94 21.73
CA CYS A 283 39.60 -21.24 21.62
C CYS A 283 40.64 -21.87 22.55
N ARG A 284 41.90 -21.78 22.12
CA ARG A 284 43.05 -22.09 22.96
C ARG A 284 43.92 -20.85 23.02
N VAL A 285 44.20 -20.38 24.24
CA VAL A 285 44.85 -19.09 24.46
C VAL A 285 46.24 -19.34 25.02
N LYS A 286 47.23 -18.65 24.46
CA LYS A 286 48.61 -18.77 24.90
C LYS A 286 48.95 -17.61 25.83
N LEU A 287 49.33 -17.94 27.06
CA LEU A 287 49.52 -16.96 28.11
C LEU A 287 50.97 -16.76 28.53
N SER A 288 51.89 -17.64 28.11
CA SER A 288 53.25 -17.60 28.62
C SER A 288 53.97 -16.31 28.22
N ALA A 289 53.59 -15.71 27.09
CA ALA A 289 54.18 -14.47 26.62
C ALA A 289 53.48 -13.24 27.16
N LEU A 290 52.75 -13.38 28.27
CA LEU A 290 52.01 -12.28 28.89
C LEU A 290 52.69 -11.91 30.20
N THR A 291 52.97 -10.62 30.38
CA THR A 291 53.76 -10.17 31.51
C THR A 291 53.02 -9.07 32.28
N LEU A 292 53.35 -8.94 33.55
CA LEU A 292 52.86 -7.84 34.36
C LEU A 292 53.73 -6.61 34.15
N LYS A 293 53.15 -5.44 34.42
CA LYS A 293 53.88 -4.20 34.49
C LYS A 293 54.15 -3.85 35.94
N GLY A 294 55.20 -3.05 36.16
CA GLY A 294 55.46 -2.47 37.47
C GLY A 294 55.55 -3.45 38.61
N THR A 295 56.10 -4.64 38.37
CA THR A 295 56.32 -5.57 39.47
C THR A 295 57.40 -5.06 40.42
N SER A 296 58.32 -4.25 39.91
CA SER A 296 59.39 -3.66 40.71
C SER A 296 59.06 -2.24 41.15
N TYR A 297 57.78 -1.88 41.19
CA TYR A 297 57.36 -0.63 41.79
C TYR A 297 57.40 -0.72 43.31
N LYS A 298 57.54 0.43 43.96
CA LYS A 298 57.46 0.46 45.41
C LYS A 298 56.01 0.40 45.86
N MET A 299 55.79 -0.05 47.09
CA MET A 299 54.45 -0.03 47.65
C MET A 299 53.96 1.40 47.81
N CYS A 300 52.73 1.66 47.39
CA CYS A 300 52.14 2.97 47.55
C CYS A 300 51.89 3.24 49.03
N THR A 301 52.47 4.31 49.56
CA THR A 301 52.36 4.62 50.98
C THR A 301 51.57 5.88 51.27
N ASP A 302 51.33 6.74 50.28
CA ASP A 302 50.60 7.97 50.53
C ASP A 302 49.10 7.70 50.62
N LYS A 303 48.37 8.66 51.19
CA LYS A 303 46.94 8.47 51.41
C LYS A 303 46.19 8.40 50.08
N MET A 304 45.27 7.43 49.98
CA MET A 304 44.49 7.22 48.79
C MET A 304 43.01 7.37 49.14
N SER A 305 42.19 7.51 48.10
CA SER A 305 40.76 7.72 48.28
C SER A 305 39.99 6.91 47.26
N PHE A 306 38.73 6.61 47.59
CA PHE A 306 37.82 5.94 46.68
C PHE A 306 37.11 6.98 45.82
N VAL A 307 37.41 6.99 44.53
CA VAL A 307 36.59 7.75 43.60
C VAL A 307 35.27 7.03 43.35
N LYS A 308 35.32 5.70 43.24
CA LYS A 308 34.12 4.86 43.16
C LYS A 308 34.23 3.79 44.23
N ASN A 309 33.22 3.73 45.11
CA ASN A 309 33.24 2.78 46.20
C ASN A 309 33.04 1.36 45.67
N PRO A 310 33.57 0.35 46.36
CA PRO A 310 33.26 -1.03 46.02
C PRO A 310 31.77 -1.28 45.88
N THR A 311 31.37 -1.85 44.75
CA THR A 311 29.98 -2.14 44.43
C THR A 311 29.86 -3.56 43.90
N ASP A 312 28.71 -4.18 44.18
CA ASP A 312 28.46 -5.52 43.69
C ASP A 312 28.34 -5.52 42.17
N THR A 313 29.05 -6.44 41.52
CA THR A 313 28.98 -6.56 40.06
C THR A 313 27.92 -7.54 39.59
N GLY A 314 27.44 -8.41 40.48
CA GLY A 314 26.59 -9.51 40.08
C GLY A 314 27.32 -10.76 39.70
N HIS A 315 28.65 -10.72 39.59
CA HIS A 315 29.48 -11.86 39.26
C HIS A 315 30.07 -12.52 40.49
N GLY A 316 29.74 -12.05 41.69
CA GLY A 316 30.40 -12.47 42.90
C GLY A 316 31.61 -11.64 43.25
N THR A 317 32.04 -10.75 42.38
CA THR A 317 33.17 -9.86 42.61
C THR A 317 32.68 -8.44 42.89
N VAL A 318 33.62 -7.58 43.26
CA VAL A 318 33.33 -6.17 43.51
C VAL A 318 34.29 -5.34 42.68
N VAL A 319 33.84 -4.13 42.32
CA VAL A 319 34.66 -3.21 41.54
C VAL A 319 34.73 -1.88 42.28
N MET A 320 35.84 -1.18 42.09
CA MET A 320 36.08 0.08 42.78
C MET A 320 37.15 0.85 42.02
N GLN A 321 37.08 2.18 42.13
CA GLN A 321 38.11 3.06 41.58
C GLN A 321 38.83 3.75 42.73
N VAL A 322 40.14 3.58 42.77
CA VAL A 322 40.99 4.18 43.80
C VAL A 322 41.83 5.26 43.15
N LYS A 323 41.86 6.44 43.76
CA LYS A 323 42.67 7.55 43.27
C LYS A 323 43.96 7.65 44.06
N VAL A 324 45.04 7.94 43.37
CA VAL A 324 46.35 8.08 43.99
C VAL A 324 46.89 9.48 43.71
N PRO A 325 46.64 10.45 44.59
CA PRO A 325 47.07 11.82 44.29
C PRO A 325 48.57 12.03 44.42
N LYS A 326 49.21 11.41 45.40
CA LYS A 326 50.67 11.49 45.54
C LYS A 326 51.25 10.08 45.67
N GLY A 327 52.57 10.04 45.46
CA GLY A 327 53.37 8.79 45.39
C GLY A 327 53.72 8.54 43.94
N ALA A 328 54.97 8.37 43.56
CA ALA A 328 55.19 8.15 42.11
C ALA A 328 55.06 6.67 41.76
N PRO A 329 55.32 6.30 40.49
CA PRO A 329 55.15 4.95 39.94
C PRO A 329 55.18 3.81 40.94
N CYS A 330 54.04 3.55 41.57
CA CYS A 330 54.01 2.51 42.59
C CYS A 330 52.82 1.58 42.35
N LYS A 331 52.84 0.44 43.05
CA LYS A 331 51.78 -0.55 42.95
C LYS A 331 50.92 -0.53 44.20
N ILE A 332 49.60 -0.56 44.01
CA ILE A 332 48.64 -0.37 45.09
C ILE A 332 48.39 -1.71 45.77
N PRO A 333 48.67 -1.84 47.06
CA PRO A 333 48.36 -3.09 47.76
C PRO A 333 46.87 -3.19 48.04
N VAL A 334 46.29 -4.34 47.69
CA VAL A 334 44.87 -4.62 47.92
C VAL A 334 44.74 -6.00 48.56
N ILE A 335 44.06 -6.07 49.69
CA ILE A 335 43.74 -7.33 50.35
C ILE A 335 42.28 -7.28 50.79
N VAL A 336 41.75 -8.47 51.07
CA VAL A 336 40.37 -8.62 51.54
C VAL A 336 40.40 -9.62 52.69
N ALA A 337 40.14 -9.14 53.90
CA ALA A 337 40.29 -9.93 55.12
C ALA A 337 38.95 -10.03 55.84
N ASP A 338 38.95 -10.80 56.93
CA ASP A 338 37.83 -10.90 57.85
C ASP A 338 38.14 -10.28 59.19
N ASP A 339 39.23 -9.53 59.30
CA ASP A 339 39.72 -9.00 60.57
C ASP A 339 40.66 -7.85 60.29
N LEU A 340 40.42 -6.71 60.95
CA LEU A 340 41.23 -5.53 60.72
C LEU A 340 42.60 -5.60 61.38
N THR A 341 42.78 -6.49 62.37
CA THR A 341 44.06 -6.59 63.06
C THR A 341 45.08 -7.37 62.22
N ALA A 342 44.76 -8.62 61.89
CA ALA A 342 45.63 -9.46 61.09
C ALA A 342 45.37 -9.20 59.61
N ALA A 343 46.40 -8.73 58.90
CA ALA A 343 46.28 -8.45 57.47
C ALA A 343 46.47 -9.74 56.66
N VAL A 344 45.55 -10.68 56.88
CA VAL A 344 45.56 -11.97 56.20
C VAL A 344 44.56 -11.88 55.05
N ASN A 345 45.05 -12.02 53.82
CA ASN A 345 44.19 -11.95 52.66
C ASN A 345 43.31 -13.19 52.57
N LYS A 346 42.06 -13.01 52.15
CA LYS A 346 41.12 -14.12 52.02
C LYS A 346 40.33 -14.04 50.72
N GLY A 347 40.77 -13.22 49.77
CA GLY A 347 40.05 -13.07 48.52
C GLY A 347 41.01 -13.09 47.34
N ILE A 348 40.45 -13.43 46.18
CA ILE A 348 41.21 -13.49 44.94
C ILE A 348 41.15 -12.13 44.26
N LEU A 349 42.30 -11.65 43.79
CA LEU A 349 42.43 -10.35 43.17
C LEU A 349 42.38 -10.52 41.66
N VAL A 350 41.23 -10.18 41.06
CA VAL A 350 41.10 -10.27 39.60
C VAL A 350 42.05 -9.28 38.92
N THR A 351 42.19 -8.09 39.50
CA THR A 351 43.12 -7.08 38.99
C THR A 351 44.49 -7.35 39.58
N VAL A 352 45.23 -8.24 38.92
CA VAL A 352 46.54 -8.66 39.43
C VAL A 352 47.52 -7.50 39.34
N ASN A 353 48.22 -7.25 40.45
CA ASN A 353 49.21 -6.17 40.57
C ASN A 353 48.63 -4.82 40.18
N PRO A 354 47.76 -4.23 41.01
CA PRO A 354 47.27 -2.88 40.73
C PRO A 354 48.42 -1.88 40.70
N ILE A 355 48.27 -0.84 39.88
CA ILE A 355 49.35 0.10 39.60
C ILE A 355 48.80 1.51 39.43
N ALA A 356 49.50 2.48 40.00
CA ALA A 356 49.39 3.87 39.61
C ALA A 356 50.73 4.31 39.04
N SER A 357 50.71 5.00 37.90
CA SER A 357 51.93 5.43 37.24
C SER A 357 52.12 6.94 37.34
N THR A 358 51.15 7.73 36.89
CA THR A 358 51.17 9.16 37.08
C THR A 358 50.39 9.51 38.36
N ASN A 359 50.69 10.67 38.92
CA ASN A 359 49.91 11.13 40.07
C ASN A 359 48.49 11.50 39.63
N ASP A 360 47.58 11.47 40.60
CA ASP A 360 46.15 11.73 40.39
C ASP A 360 45.50 10.71 39.47
N ASP A 361 46.13 9.54 39.30
CA ASP A 361 45.53 8.49 38.49
C ASP A 361 44.36 7.83 39.22
N GLU A 362 43.33 7.49 38.47
CA GLU A 362 42.19 6.73 38.99
C GLU A 362 42.24 5.34 38.36
N VAL A 363 42.33 4.32 39.20
CA VAL A 363 42.58 2.95 38.76
C VAL A 363 41.43 2.07 39.23
N LEU A 364 40.96 1.20 38.33
CA LEU A 364 39.82 0.33 38.59
C LEU A 364 40.32 -1.02 39.10
N ILE A 365 39.83 -1.42 40.27
CA ILE A 365 40.21 -2.69 40.89
C ILE A 365 38.98 -3.57 40.98
N GLU A 366 39.12 -4.82 40.54
CA GLU A 366 38.09 -5.83 40.71
C GLU A 366 38.63 -6.93 41.62
N VAL A 367 37.91 -7.23 42.69
CA VAL A 367 38.33 -8.20 43.69
C VAL A 367 37.21 -9.21 43.90
N ASN A 368 37.58 -10.47 44.09
CA ASN A 368 36.63 -11.51 44.46
C ASN A 368 36.73 -11.73 45.96
N PRO A 369 35.79 -11.24 46.76
CA PRO A 369 35.87 -11.45 48.21
C PRO A 369 35.41 -12.84 48.59
N PRO A 370 35.68 -13.27 49.82
CA PRO A 370 35.12 -14.54 50.29
C PRO A 370 33.67 -14.38 50.73
N PHE A 371 33.03 -15.52 50.97
CA PHE A 371 31.65 -15.52 51.41
C PHE A 371 31.53 -15.05 52.85
N GLY A 372 30.50 -14.27 53.13
CA GLY A 372 30.23 -13.80 54.48
C GLY A 372 30.68 -12.39 54.73
N ASP A 373 30.86 -12.08 56.02
CA ASP A 373 31.34 -10.77 56.42
C ASP A 373 32.82 -10.61 56.07
N SER A 374 33.20 -9.42 55.64
CA SER A 374 34.54 -9.23 55.09
C SER A 374 34.94 -7.76 55.19
N TYR A 375 36.22 -7.50 54.91
CA TYR A 375 36.77 -6.15 54.93
C TYR A 375 37.66 -5.97 53.72
N ILE A 376 37.34 -4.99 52.88
CA ILE A 376 38.21 -4.63 51.75
C ILE A 376 39.21 -3.60 52.25
N ILE A 377 40.50 -3.92 52.11
CA ILE A 377 41.58 -3.08 52.63
C ILE A 377 42.46 -2.66 51.46
N VAL A 378 42.63 -1.35 51.30
CA VAL A 378 43.44 -0.78 50.22
C VAL A 378 44.38 0.22 50.86
N GLY A 379 45.63 -0.19 51.10
CA GLY A 379 46.65 0.68 51.62
C GLY A 379 47.39 0.04 52.77
N THR A 380 48.17 0.86 53.47
CA THR A 380 48.98 0.42 54.60
C THR A 380 49.01 1.49 55.67
N GLY A 381 48.95 1.08 56.93
CA GLY A 381 49.13 1.99 58.04
C GLY A 381 47.94 2.89 58.34
N ASP A 382 48.24 4.13 58.73
CA ASP A 382 47.21 5.05 59.20
C ASP A 382 46.24 5.43 58.08
N SER A 383 46.73 5.57 56.85
CA SER A 383 45.92 6.08 55.75
C SER A 383 45.13 5.01 55.02
N ARG A 384 45.32 3.74 55.35
CA ARG A 384 44.73 2.65 54.59
C ARG A 384 43.20 2.78 54.51
N LEU A 385 42.67 2.50 53.33
CA LEU A 385 41.23 2.53 53.13
C LEU A 385 40.61 1.19 53.52
N THR A 386 39.58 1.25 54.35
CA THR A 386 38.79 0.09 54.72
C THR A 386 37.33 0.33 54.40
N TYR A 387 36.69 -0.65 53.79
CA TYR A 387 35.27 -0.56 53.44
C TYR A 387 34.65 -1.92 53.67
N GLN A 388 33.62 -1.95 54.52
CA GLN A 388 33.09 -3.17 55.09
C GLN A 388 32.12 -3.85 54.12
N TRP A 389 32.34 -5.13 53.86
CA TRP A 389 31.60 -5.84 52.81
C TRP A 389 30.95 -7.11 53.35
N HIS A 390 29.93 -7.56 52.64
CA HIS A 390 29.18 -8.78 52.99
C HIS A 390 28.78 -9.48 51.71
N LYS A 391 29.33 -10.68 51.48
CA LYS A 391 28.89 -11.53 50.38
C LYS A 391 27.93 -12.60 50.90
N GLU A 392 27.01 -13.01 50.04
CA GLU A 392 25.96 -13.93 50.43
C GLU A 392 26.20 -15.33 49.86
N VAL B 2 -3.38 -4.76 -38.43
CA VAL B 2 -4.22 -4.61 -37.25
C VAL B 2 -4.67 -3.15 -37.11
N GLN B 3 -5.98 -2.92 -37.23
CA GLN B 3 -6.51 -1.57 -37.16
C GLN B 3 -7.96 -1.61 -36.70
N LEU B 4 -8.37 -0.52 -36.05
CA LEU B 4 -9.76 -0.31 -35.64
C LEU B 4 -10.23 1.01 -36.22
N VAL B 5 -11.45 1.02 -36.75
CA VAL B 5 -12.04 2.20 -37.37
C VAL B 5 -13.32 2.54 -36.63
N GLU B 6 -13.39 3.77 -36.10
CA GLU B 6 -14.58 4.25 -35.41
C GLU B 6 -15.51 4.97 -36.39
N SER B 7 -16.79 5.01 -36.03
CA SER B 7 -17.77 5.73 -36.81
C SER B 7 -18.98 6.01 -35.92
N GLY B 8 -19.87 6.87 -36.40
CA GLY B 8 -21.09 7.20 -35.72
C GLY B 8 -21.09 8.53 -34.99
N GLY B 9 -19.92 9.15 -34.81
CA GLY B 9 -19.87 10.43 -34.13
C GLY B 9 -20.53 11.53 -34.93
N GLY B 10 -21.00 12.55 -34.21
CA GLY B 10 -21.69 13.64 -34.86
C GLY B 10 -22.24 14.63 -33.86
N LEU B 11 -23.23 15.39 -34.31
CA LEU B 11 -23.84 16.46 -33.54
C LEU B 11 -25.23 16.03 -33.07
N VAL B 12 -25.58 16.39 -31.84
CA VAL B 12 -26.89 16.06 -31.27
C VAL B 12 -27.14 16.96 -30.07
N LYS B 13 -28.40 17.10 -29.70
CA LYS B 13 -28.83 17.93 -28.58
C LYS B 13 -28.86 17.12 -27.30
N PRO B 14 -28.94 17.79 -26.14
CA PRO B 14 -29.05 17.05 -24.88
C PRO B 14 -30.30 16.18 -24.84
N GLY B 15 -30.19 15.06 -24.14
CA GLY B 15 -31.27 14.09 -24.12
C GLY B 15 -31.41 13.30 -25.40
N GLY B 16 -30.46 13.42 -26.31
CA GLY B 16 -30.53 12.75 -27.59
C GLY B 16 -29.91 11.36 -27.55
N SER B 17 -29.80 10.77 -28.74
CA SER B 17 -29.29 9.42 -28.88
C SER B 17 -28.25 9.38 -30.01
N LEU B 18 -27.27 8.50 -29.82
CA LEU B 18 -26.27 8.24 -30.84
C LEU B 18 -25.73 6.83 -30.64
N ARG B 19 -25.26 6.23 -31.72
CA ARG B 19 -24.80 4.84 -31.70
C ARG B 19 -23.48 4.76 -32.46
N LEU B 20 -22.40 4.48 -31.73
CA LEU B 20 -21.07 4.41 -32.32
C LEU B 20 -20.77 2.99 -32.81
N SER B 21 -19.89 2.90 -33.79
CA SER B 21 -19.48 1.63 -34.35
C SER B 21 -17.96 1.57 -34.42
N CYS B 22 -17.42 0.35 -34.31
CA CYS B 22 -15.99 0.12 -34.38
C CYS B 22 -15.73 -1.14 -35.18
N ALA B 23 -15.06 -1.00 -36.33
CA ALA B 23 -14.77 -2.12 -37.21
C ALA B 23 -13.35 -2.60 -36.94
N ALA B 24 -13.20 -3.87 -36.60
CA ALA B 24 -11.93 -4.46 -36.22
C ALA B 24 -11.43 -5.41 -37.30
N SER B 25 -10.13 -5.33 -37.60
CA SER B 25 -9.52 -6.23 -38.56
C SER B 25 -8.06 -6.44 -38.16
N GLY B 26 -7.51 -7.57 -38.61
CA GLY B 26 -6.12 -7.92 -38.35
C GLY B 26 -5.91 -8.96 -37.27
N PHE B 27 -6.98 -9.38 -36.57
CA PHE B 27 -6.85 -10.36 -35.50
C PHE B 27 -8.20 -11.02 -35.27
N ILE B 28 -8.19 -12.07 -34.47
CA ILE B 28 -9.42 -12.75 -34.09
C ILE B 28 -10.18 -11.86 -33.13
N PHE B 29 -11.28 -11.26 -33.60
CA PHE B 29 -12.01 -10.27 -32.81
C PHE B 29 -12.65 -10.90 -31.57
N SER B 30 -13.09 -12.15 -31.66
CA SER B 30 -13.82 -12.80 -30.58
C SER B 30 -12.93 -13.22 -29.42
N ASP B 31 -11.61 -13.03 -29.51
CA ASP B 31 -10.69 -13.47 -28.48
C ASP B 31 -10.21 -12.34 -27.57
N TYR B 32 -10.66 -11.11 -27.79
CA TYR B 32 -10.08 -9.96 -27.11
C TYR B 32 -11.14 -9.11 -26.44
N TYR B 33 -10.84 -8.66 -25.22
CA TYR B 33 -11.66 -7.66 -24.56
C TYR B 33 -11.61 -6.35 -25.35
N MET B 34 -12.75 -5.67 -25.42
CA MET B 34 -12.84 -4.38 -26.10
C MET B 34 -13.39 -3.35 -25.13
N MET B 35 -13.09 -2.08 -25.41
CA MET B 35 -13.48 -1.01 -24.52
C MET B 35 -13.64 0.29 -25.30
N TRP B 36 -14.39 1.22 -24.71
CA TRP B 36 -14.60 2.55 -25.27
C TRP B 36 -13.99 3.58 -24.34
N ILE B 37 -13.13 4.44 -24.91
CA ILE B 37 -12.43 5.48 -24.17
C ILE B 37 -12.77 6.83 -24.79
N ARG B 38 -12.88 7.85 -23.97
CA ARG B 38 -13.23 9.19 -24.44
C ARG B 38 -12.34 10.23 -23.76
N GLN B 39 -12.18 11.36 -24.45
CA GLN B 39 -11.40 12.49 -23.93
C GLN B 39 -12.20 13.77 -24.17
N ALA B 40 -12.70 14.36 -23.09
CA ALA B 40 -13.38 15.64 -23.19
C ALA B 40 -12.38 16.77 -23.38
N PRO B 41 -12.79 17.88 -24.01
CA PRO B 41 -11.86 19.00 -24.21
C PRO B 41 -11.32 19.52 -22.89
N GLY B 42 -9.99 19.55 -22.79
CA GLY B 42 -9.36 19.98 -21.56
C GLY B 42 -9.51 19.03 -20.41
N LYS B 43 -9.90 17.78 -20.66
CA LYS B 43 -10.11 16.79 -19.63
C LYS B 43 -9.23 15.58 -19.90
N GLY B 44 -8.92 14.85 -18.83
CA GLY B 44 -8.07 13.68 -18.97
C GLY B 44 -8.79 12.54 -19.66
N LEU B 45 -7.98 11.63 -20.22
CA LEU B 45 -8.52 10.45 -20.88
C LEU B 45 -9.22 9.56 -19.86
N GLU B 46 -10.26 8.86 -20.31
CA GLU B 46 -11.12 8.11 -19.40
C GLU B 46 -11.79 6.98 -20.16
N TRP B 47 -11.65 5.75 -19.66
CA TRP B 47 -12.40 4.62 -20.20
C TRP B 47 -13.80 4.64 -19.62
N ILE B 48 -14.80 4.49 -20.49
CA ILE B 48 -16.19 4.58 -20.07
C ILE B 48 -16.94 3.27 -20.21
N SER B 49 -16.48 2.35 -21.07
CA SER B 49 -17.16 1.08 -21.27
C SER B 49 -16.12 0.00 -21.50
N TYR B 50 -16.49 -1.24 -21.18
CA TYR B 50 -15.53 -2.33 -21.15
C TYR B 50 -16.29 -3.64 -21.26
N ILE B 51 -16.01 -4.42 -22.31
CA ILE B 51 -16.73 -5.65 -22.59
C ILE B 51 -15.73 -6.79 -22.78
N SER B 52 -16.14 -7.98 -22.37
CA SER B 52 -15.29 -9.16 -22.48
C SER B 52 -15.24 -9.66 -23.91
N SER B 53 -14.40 -10.66 -24.14
CA SER B 53 -14.20 -11.18 -25.50
C SER B 53 -15.46 -11.82 -26.05
N SER B 54 -16.26 -12.45 -25.20
CA SER B 54 -17.52 -13.05 -25.63
C SER B 54 -18.74 -12.23 -25.25
N GLY B 55 -18.56 -11.14 -24.51
CA GLY B 55 -19.67 -10.29 -24.11
C GLY B 55 -20.39 -10.69 -22.84
N SER B 56 -19.89 -11.69 -22.11
CA SER B 56 -20.53 -12.10 -20.88
C SER B 56 -20.17 -11.22 -19.69
N GLN B 57 -19.09 -10.45 -19.79
CA GLN B 57 -18.67 -9.54 -18.73
C GLN B 57 -18.76 -8.11 -19.24
N ILE B 58 -19.56 -7.28 -18.58
CA ILE B 58 -19.78 -5.90 -18.96
C ILE B 58 -19.35 -5.00 -17.81
N TYR B 59 -18.71 -3.88 -18.14
CA TYR B 59 -18.26 -2.92 -17.14
C TYR B 59 -18.54 -1.51 -17.64
N TYR B 60 -19.03 -0.66 -16.74
CA TYR B 60 -19.31 0.73 -17.03
C TYR B 60 -18.78 1.61 -15.91
N THR B 61 -18.54 2.88 -16.25
CA THR B 61 -18.28 3.88 -15.23
C THR B 61 -19.60 4.39 -14.68
N GLU B 62 -19.52 5.05 -13.52
CA GLU B 62 -20.74 5.60 -12.94
C GLU B 62 -21.30 6.76 -13.74
N SER B 63 -20.46 7.44 -14.53
CA SER B 63 -20.93 8.59 -15.30
C SER B 63 -21.95 8.21 -16.36
N VAL B 64 -21.94 6.96 -16.82
CA VAL B 64 -22.69 6.57 -18.02
C VAL B 64 -23.52 5.31 -17.83
N LYS B 65 -23.59 4.75 -16.61
CA LYS B 65 -24.04 3.36 -16.45
C LYS B 65 -25.44 3.15 -17.02
N GLY B 66 -26.40 3.96 -16.60
CA GLY B 66 -27.77 3.77 -17.07
C GLY B 66 -28.05 4.30 -18.46
N ARG B 67 -27.08 4.97 -19.08
CA ARG B 67 -27.28 5.66 -20.35
C ARG B 67 -26.61 4.96 -21.52
N PHE B 68 -25.39 4.47 -21.36
CA PHE B 68 -24.66 3.84 -22.46
C PHE B 68 -24.75 2.33 -22.34
N THR B 69 -24.78 1.66 -23.49
CA THR B 69 -24.84 0.21 -23.56
C THR B 69 -23.82 -0.26 -24.60
N ILE B 70 -22.82 -1.02 -24.15
CA ILE B 70 -21.81 -1.57 -25.04
C ILE B 70 -22.24 -2.97 -25.47
N SER B 71 -22.13 -3.24 -26.76
CA SER B 71 -22.41 -4.56 -27.31
C SER B 71 -21.40 -4.85 -28.40
N ARG B 72 -21.30 -6.13 -28.77
CA ARG B 72 -20.37 -6.54 -29.81
C ARG B 72 -20.99 -7.65 -30.64
N ASP B 73 -20.71 -7.63 -31.93
CA ASP B 73 -21.10 -8.69 -32.85
C ASP B 73 -19.82 -9.35 -33.35
N ASN B 74 -19.47 -10.50 -32.73
CA ASN B 74 -18.28 -11.21 -33.13
C ASN B 74 -18.39 -11.80 -34.54
N GLY B 75 -19.61 -12.00 -35.03
CA GLY B 75 -19.77 -12.50 -36.39
C GLY B 75 -19.33 -11.51 -37.44
N LYS B 76 -19.64 -10.22 -37.25
CA LYS B 76 -19.30 -9.18 -38.20
C LYS B 76 -18.21 -8.24 -37.71
N ASN B 77 -17.50 -8.62 -36.64
CA ASN B 77 -16.34 -7.88 -36.13
C ASN B 77 -16.68 -6.40 -35.89
N LEU B 78 -17.72 -6.19 -35.08
CA LEU B 78 -18.20 -4.84 -34.82
C LEU B 78 -18.45 -4.63 -33.34
N LEU B 79 -17.99 -3.49 -32.84
CA LEU B 79 -18.21 -3.07 -31.46
C LEU B 79 -19.08 -1.82 -31.46
N TYR B 80 -20.15 -1.84 -30.68
CA TYR B 80 -21.12 -0.76 -30.66
C TYR B 80 -21.16 -0.07 -29.31
N LEU B 81 -21.39 1.23 -29.34
CA LEU B 81 -21.62 2.04 -28.14
C LEU B 81 -22.95 2.75 -28.32
N GLN B 82 -24.02 2.16 -27.79
CA GLN B 82 -25.35 2.75 -27.86
C GLN B 82 -25.46 3.82 -26.79
N MET B 83 -25.44 5.09 -27.20
CA MET B 83 -25.46 6.22 -26.29
C MET B 83 -26.86 6.84 -26.28
N ASN B 84 -27.46 6.94 -25.09
CA ASN B 84 -28.78 7.52 -24.92
C ASN B 84 -28.74 8.51 -23.76
N SER B 85 -29.67 9.46 -23.79
CA SER B 85 -29.76 10.52 -22.77
C SER B 85 -28.44 11.27 -22.64
N LEU B 86 -28.00 11.83 -23.76
CA LEU B 86 -26.71 12.49 -23.82
C LEU B 86 -26.73 13.83 -23.10
N ARG B 87 -25.61 14.16 -22.48
CA ARG B 87 -25.47 15.39 -21.69
C ARG B 87 -24.27 16.19 -22.20
N GLY B 88 -24.13 17.39 -21.66
CA GLY B 88 -23.01 18.24 -22.03
C GLY B 88 -21.66 17.63 -21.66
N GLU B 89 -21.62 16.86 -20.57
CA GLU B 89 -20.38 16.20 -20.16
C GLU B 89 -19.98 15.08 -21.11
N ASP B 90 -20.84 14.68 -22.03
CA ASP B 90 -20.54 13.63 -23.00
C ASP B 90 -19.86 14.16 -24.26
N THR B 91 -19.68 15.47 -24.37
CA THR B 91 -18.97 16.04 -25.52
C THR B 91 -17.50 15.67 -25.43
N ALA B 92 -17.05 14.75 -26.29
CA ALA B 92 -15.69 14.26 -26.22
C ALA B 92 -15.35 13.55 -27.52
N LEU B 93 -14.06 13.24 -27.67
CA LEU B 93 -13.57 12.40 -28.76
C LEU B 93 -13.53 10.95 -28.26
N TYR B 94 -14.20 10.06 -28.96
CA TYR B 94 -14.42 8.69 -28.48
C TYR B 94 -13.55 7.71 -29.26
N TYR B 95 -12.89 6.83 -28.53
CA TYR B 95 -12.03 5.79 -29.11
C TYR B 95 -12.59 4.41 -28.78
N CYS B 96 -12.43 3.48 -29.72
CA CYS B 96 -12.57 2.06 -29.44
C CYS B 96 -11.18 1.45 -29.40
N ALA B 97 -10.94 0.59 -28.42
CA ALA B 97 -9.60 0.05 -28.20
C ALA B 97 -9.68 -1.41 -27.79
N THR B 98 -8.67 -2.17 -28.21
CA THR B 98 -8.53 -3.54 -27.76
C THR B 98 -7.88 -3.57 -26.38
N GLU B 99 -7.97 -4.73 -25.73
CA GLU B 99 -7.45 -4.90 -24.38
C GLU B 99 -6.83 -6.29 -24.26
N THR B 100 -5.53 -6.33 -23.96
CA THR B 100 -4.84 -7.58 -23.73
C THR B 100 -3.71 -7.34 -22.74
N GLY B 101 -3.40 -8.37 -21.95
CA GLY B 101 -2.35 -8.26 -20.94
C GLY B 101 -2.63 -7.21 -19.90
N TRP B 102 -3.89 -6.93 -19.61
CA TRP B 102 -4.31 -5.90 -18.65
C TRP B 102 -3.70 -4.54 -19.00
N ARG B 103 -3.67 -4.24 -20.30
CA ARG B 103 -3.27 -2.93 -20.80
C ARG B 103 -4.14 -2.60 -22.00
N ILE B 104 -4.28 -1.31 -22.27
CA ILE B 104 -5.00 -0.85 -23.46
C ILE B 104 -4.01 -0.85 -24.61
N ASP B 105 -4.20 -1.77 -25.57
CA ASP B 105 -3.13 -2.10 -26.51
C ASP B 105 -3.21 -1.29 -27.80
N THR B 106 -4.29 -1.45 -28.57
CA THR B 106 -4.41 -0.84 -29.88
C THR B 106 -5.63 0.08 -29.92
N TRP B 107 -5.44 1.27 -30.47
CA TRP B 107 -6.45 2.32 -30.48
C TRP B 107 -6.99 2.53 -31.90
N GLY B 108 -7.88 3.51 -32.02
CA GLY B 108 -8.35 4.00 -33.30
C GLY B 108 -8.08 5.49 -33.44
N GLN B 109 -8.42 6.01 -34.61
CA GLN B 109 -8.24 7.45 -34.84
C GLN B 109 -9.20 8.27 -34.00
N GLY B 110 -10.36 7.72 -33.68
CA GLY B 110 -11.33 8.42 -32.87
C GLY B 110 -12.47 8.99 -33.70
N THR B 111 -13.62 9.16 -33.05
CA THR B 111 -14.79 9.77 -33.67
C THR B 111 -15.34 10.83 -32.73
N LEU B 112 -15.68 11.99 -33.30
CA LEU B 112 -16.03 13.16 -32.50
C LEU B 112 -17.52 13.19 -32.22
N VAL B 113 -17.88 13.31 -30.94
CA VAL B 113 -19.26 13.45 -30.51
C VAL B 113 -19.38 14.79 -29.80
N THR B 114 -20.25 15.66 -30.33
CA THR B 114 -20.50 16.98 -29.76
C THR B 114 -21.95 17.06 -29.34
N VAL B 115 -22.18 17.32 -28.05
CA VAL B 115 -23.52 17.55 -27.53
C VAL B 115 -23.62 19.03 -27.19
N SER B 116 -24.51 19.73 -27.91
CA SER B 116 -24.68 21.19 -27.70
C SER B 116 -26.13 21.62 -27.88
N SER B 117 -26.65 22.29 -26.86
CA SER B 117 -28.04 22.83 -26.81
C SER B 117 -28.14 23.96 -27.84
N ALA B 118 -27.05 24.73 -27.97
CA ALA B 118 -26.86 25.80 -28.98
C ALA B 118 -27.53 25.44 -30.30
N SER B 119 -28.38 26.32 -30.81
CA SER B 119 -29.08 25.92 -32.03
C SER B 119 -28.47 26.63 -33.23
N THR B 120 -28.82 26.16 -34.42
CA THR B 120 -28.20 26.65 -35.65
C THR B 120 -28.41 28.16 -35.81
N LYS B 121 -27.35 28.85 -36.21
CA LYS B 121 -27.38 30.30 -36.36
C LYS B 121 -26.34 30.73 -37.37
N GLY B 122 -26.63 31.81 -38.09
CA GLY B 122 -25.72 32.36 -39.06
C GLY B 122 -24.85 33.46 -38.48
N PRO B 123 -23.77 33.81 -39.18
CA PRO B 123 -22.83 34.81 -38.64
C PRO B 123 -23.24 36.24 -38.91
N SER B 124 -22.48 37.18 -38.35
CA SER B 124 -22.63 38.60 -38.61
C SER B 124 -21.29 39.09 -39.17
N VAL B 125 -21.14 38.98 -40.50
CA VAL B 125 -19.87 39.31 -41.13
C VAL B 125 -19.67 40.82 -41.11
N PHE B 126 -18.50 41.25 -40.67
CA PHE B 126 -18.13 42.66 -40.59
C PHE B 126 -16.77 42.87 -41.24
N PRO B 127 -16.52 44.06 -41.77
CA PRO B 127 -15.16 44.42 -42.18
C PRO B 127 -14.39 45.02 -41.02
N LEU B 128 -13.08 45.22 -41.25
CA LEU B 128 -12.20 45.81 -40.26
C LEU B 128 -11.30 46.82 -40.96
N ALA B 129 -11.33 48.06 -40.49
CA ALA B 129 -10.68 49.15 -41.19
C ALA B 129 -9.16 48.99 -41.17
N PRO B 130 -8.49 49.09 -42.32
CA PRO B 130 -7.02 49.00 -42.32
C PRO B 130 -6.34 50.19 -41.67
N SER B 131 -5.69 49.97 -40.53
CA SER B 131 -4.73 50.90 -39.98
C SER B 131 -3.33 50.46 -40.39
N SER B 132 -2.32 51.18 -39.91
CA SER B 132 -0.96 50.98 -40.41
C SER B 132 -0.28 49.78 -39.76
N LYS B 133 0.38 48.97 -40.60
CA LYS B 133 1.28 47.90 -40.21
C LYS B 133 2.55 47.98 -41.06
N SER B 134 3.11 49.19 -41.15
CA SER B 134 4.15 49.47 -42.13
C SER B 134 5.52 48.98 -41.65
N THR B 135 5.94 49.43 -40.47
CA THR B 135 7.28 49.14 -39.94
C THR B 135 8.36 49.62 -40.90
N SER B 136 8.13 50.77 -41.52
CA SER B 136 9.07 51.43 -42.43
C SER B 136 9.58 50.48 -43.51
N GLY B 137 8.66 50.07 -44.39
CA GLY B 137 7.29 50.57 -44.44
C GLY B 137 6.53 49.99 -45.61
N GLY B 138 5.44 50.65 -45.99
CA GLY B 138 4.65 50.22 -47.13
C GLY B 138 3.94 48.88 -46.95
N THR B 139 3.24 48.72 -45.83
CA THR B 139 2.48 47.51 -45.58
C THR B 139 1.31 47.86 -44.65
N ALA B 140 0.15 47.26 -44.91
CA ALA B 140 -1.02 47.48 -44.08
C ALA B 140 -1.82 46.18 -44.01
N ALA B 141 -2.63 46.07 -42.95
CA ALA B 141 -3.42 44.87 -42.68
C ALA B 141 -4.90 45.20 -42.68
N LEU B 142 -5.69 44.24 -43.16
CA LEU B 142 -7.14 44.37 -43.17
C LEU B 142 -7.76 42.99 -43.25
N GLY B 143 -9.02 42.89 -42.83
CA GLY B 143 -9.71 41.63 -42.89
C GLY B 143 -11.13 41.76 -42.38
N CYS B 144 -11.79 40.61 -42.25
CA CYS B 144 -13.18 40.54 -41.85
C CYS B 144 -13.31 39.91 -40.47
N LEU B 145 -14.53 40.01 -39.92
CA LEU B 145 -14.87 39.39 -38.64
C LEU B 145 -16.12 38.54 -38.83
N VAL B 146 -16.07 37.30 -38.37
CA VAL B 146 -17.17 36.34 -38.49
C VAL B 146 -17.62 36.02 -37.08
N LYS B 147 -18.76 36.56 -36.66
CA LYS B 147 -19.19 36.54 -35.27
C LYS B 147 -20.48 35.78 -35.11
N ASP B 148 -20.56 34.99 -34.03
CA ASP B 148 -21.81 34.37 -33.55
C ASP B 148 -22.42 33.46 -34.60
N TYR B 149 -21.70 32.37 -34.89
CA TYR B 149 -22.17 31.33 -35.79
C TYR B 149 -21.96 29.95 -35.16
N PHE B 150 -22.75 28.99 -35.64
CA PHE B 150 -22.76 27.61 -35.20
C PHE B 150 -23.52 26.79 -36.23
N PRO B 151 -23.02 25.61 -36.63
CA PRO B 151 -21.79 24.94 -36.20
C PRO B 151 -20.63 25.08 -37.17
N GLU B 152 -19.56 24.34 -36.89
CA GLU B 152 -18.44 24.25 -37.81
C GLU B 152 -18.86 23.52 -39.08
N PRO B 153 -18.22 23.81 -40.22
CA PRO B 153 -17.20 24.85 -40.38
C PRO B 153 -17.71 26.09 -41.11
N VAL B 154 -16.88 27.12 -41.16
CA VAL B 154 -17.09 28.26 -42.05
C VAL B 154 -15.80 28.47 -42.83
N THR B 155 -15.93 28.76 -44.13
CA THR B 155 -14.80 28.86 -45.02
C THR B 155 -14.69 30.28 -45.55
N VAL B 156 -13.55 30.91 -45.33
CA VAL B 156 -13.28 32.25 -45.84
C VAL B 156 -12.61 32.12 -47.19
N SER B 157 -12.84 33.13 -48.05
CA SER B 157 -12.09 33.27 -49.28
C SER B 157 -12.08 34.75 -49.65
N TRP B 158 -11.06 35.14 -50.40
CA TRP B 158 -10.83 36.55 -50.71
C TRP B 158 -10.90 36.75 -52.22
N ASN B 159 -11.82 37.62 -52.65
CA ASN B 159 -12.00 37.97 -54.07
C ASN B 159 -12.13 36.71 -54.92
N SER B 160 -13.04 35.83 -54.51
CA SER B 160 -13.30 34.56 -55.20
C SER B 160 -12.05 33.69 -55.29
N GLY B 161 -11.20 33.75 -54.28
CA GLY B 161 -10.00 32.95 -54.25
C GLY B 161 -8.83 33.48 -55.04
N ALA B 162 -8.93 34.71 -55.55
CA ALA B 162 -7.84 35.27 -56.36
C ALA B 162 -6.68 35.71 -55.49
N LEU B 163 -6.94 36.63 -54.55
CA LEU B 163 -5.92 37.11 -53.63
C LEU B 163 -5.66 36.03 -52.59
N THR B 164 -4.51 35.37 -52.69
CA THR B 164 -4.10 34.36 -51.72
C THR B 164 -2.69 34.60 -51.20
N SER B 165 -2.12 35.78 -51.46
CA SER B 165 -0.78 36.12 -51.01
C SER B 165 -0.88 36.84 -49.67
N GLY B 166 -0.23 36.29 -48.65
CA GLY B 166 -0.29 36.88 -47.33
C GLY B 166 -1.62 36.72 -46.63
N VAL B 167 -2.37 35.68 -46.96
CA VAL B 167 -3.69 35.43 -46.40
C VAL B 167 -3.55 34.64 -45.11
N HIS B 168 -4.32 35.04 -44.09
CA HIS B 168 -4.37 34.34 -42.82
C HIS B 168 -5.82 34.14 -42.41
N THR B 169 -6.17 32.92 -42.02
CA THR B 169 -7.52 32.57 -41.58
C THR B 169 -7.39 31.95 -40.19
N PHE B 170 -7.66 32.76 -39.16
CA PHE B 170 -7.47 32.31 -37.79
C PHE B 170 -8.50 31.25 -37.42
N PRO B 171 -8.11 30.23 -36.67
CA PRO B 171 -9.10 29.27 -36.15
C PRO B 171 -10.07 29.96 -35.20
N ALA B 172 -11.29 29.43 -35.15
CA ALA B 172 -12.37 30.07 -34.42
C ALA B 172 -12.20 29.85 -32.91
N VAL B 173 -12.89 30.70 -32.15
CA VAL B 173 -12.96 30.59 -30.70
C VAL B 173 -14.35 30.10 -30.32
N LEU B 174 -14.47 29.54 -29.12
CA LEU B 174 -15.75 29.09 -28.58
C LEU B 174 -16.12 30.01 -27.42
N GLN B 175 -17.29 30.64 -27.51
CA GLN B 175 -17.74 31.59 -26.51
C GLN B 175 -18.50 30.89 -25.39
N SER B 176 -18.81 31.66 -24.35
CA SER B 176 -19.59 31.15 -23.23
C SER B 176 -21.04 30.88 -23.60
N SER B 177 -21.50 31.36 -24.74
CA SER B 177 -22.83 31.08 -25.24
C SER B 177 -22.89 29.82 -26.09
N GLY B 178 -21.75 29.17 -26.34
CA GLY B 178 -21.68 28.03 -27.21
C GLY B 178 -21.58 28.35 -28.69
N LEU B 179 -21.48 29.63 -29.04
CA LEU B 179 -21.37 30.06 -30.44
C LEU B 179 -19.94 30.42 -30.75
N TYR B 180 -19.51 30.13 -31.98
CA TYR B 180 -18.13 30.35 -32.39
C TYR B 180 -17.96 31.74 -32.99
N SER B 181 -16.70 32.09 -33.26
CA SER B 181 -16.33 33.34 -33.91
C SER B 181 -14.88 33.28 -34.40
N LEU B 182 -14.63 33.65 -35.64
CA LEU B 182 -13.26 33.69 -36.15
C LEU B 182 -12.95 34.98 -36.90
N SER B 183 -11.77 35.05 -37.51
CA SER B 183 -11.31 36.25 -38.18
C SER B 183 -10.43 35.86 -39.35
N SER B 184 -10.12 36.85 -40.20
CA SER B 184 -9.23 36.67 -41.33
C SER B 184 -8.53 38.00 -41.61
N VAL B 185 -7.33 37.92 -42.19
CA VAL B 185 -6.57 39.11 -42.58
C VAL B 185 -5.81 38.82 -43.87
N VAL B 186 -5.39 39.90 -44.53
CA VAL B 186 -4.45 39.83 -45.64
C VAL B 186 -3.67 41.15 -45.68
N THR B 187 -2.34 41.03 -45.77
CA THR B 187 -1.46 42.19 -45.76
C THR B 187 -1.24 42.69 -47.18
N VAL B 188 -1.36 44.00 -47.37
CA VAL B 188 -1.22 44.63 -48.69
C VAL B 188 -0.42 45.90 -48.55
N PRO B 189 0.18 46.37 -49.65
CA PRO B 189 1.00 47.60 -49.58
C PRO B 189 0.20 48.81 -49.15
N SER B 190 0.92 49.87 -48.79
CA SER B 190 0.30 51.10 -48.31
C SER B 190 -0.22 51.95 -49.48
N SER B 191 0.55 52.07 -50.55
CA SER B 191 0.17 52.92 -51.68
C SER B 191 -0.87 52.27 -52.58
N SER B 192 -1.17 50.98 -52.38
CA SER B 192 -2.15 50.27 -53.18
C SER B 192 -3.42 49.97 -52.40
N LEU B 193 -3.77 50.82 -51.45
CA LEU B 193 -4.99 50.62 -50.66
C LEU B 193 -6.22 51.09 -51.41
N GLY B 194 -6.17 52.30 -51.97
CA GLY B 194 -7.30 52.84 -52.70
C GLY B 194 -7.38 52.44 -54.15
N THR B 195 -6.48 51.58 -54.63
CA THR B 195 -6.42 51.21 -56.03
C THR B 195 -7.15 49.92 -56.36
N GLN B 196 -7.69 49.21 -55.36
CA GLN B 196 -8.39 47.96 -55.62
C GLN B 196 -9.48 47.76 -54.58
N THR B 197 -10.20 46.65 -54.72
CA THR B 197 -11.33 46.30 -53.86
C THR B 197 -11.06 44.94 -53.23
N TYR B 198 -11.27 44.84 -51.92
CA TYR B 198 -11.05 43.61 -51.18
C TYR B 198 -12.40 43.09 -50.69
N ILE B 199 -12.81 41.93 -51.19
CA ILE B 199 -14.11 41.35 -50.89
C ILE B 199 -13.85 39.99 -50.26
N CYS B 200 -13.98 39.92 -48.94
CA CYS B 200 -13.89 38.65 -48.23
C CYS B 200 -15.21 37.89 -48.36
N ASN B 201 -15.11 36.58 -48.54
CA ASN B 201 -16.28 35.73 -48.66
C ASN B 201 -16.40 34.84 -47.43
N VAL B 202 -17.57 34.83 -46.82
CA VAL B 202 -17.84 34.01 -45.65
C VAL B 202 -18.90 33.00 -46.06
N ASN B 203 -18.52 31.72 -46.09
CA ASN B 203 -19.36 30.66 -46.63
C ASN B 203 -19.74 29.74 -45.48
N HIS B 204 -21.02 29.71 -45.12
CA HIS B 204 -21.52 28.94 -43.98
C HIS B 204 -22.58 27.98 -44.51
N LYS B 205 -22.25 26.68 -44.54
CA LYS B 205 -23.04 25.62 -45.17
C LYS B 205 -24.23 25.11 -44.36
N PRO B 206 -24.12 24.92 -43.02
CA PRO B 206 -25.30 24.42 -42.27
C PRO B 206 -26.54 25.27 -42.40
N SER B 207 -26.42 26.60 -42.44
CA SER B 207 -27.57 27.49 -42.56
C SER B 207 -27.65 28.16 -43.92
N ASN B 208 -26.78 27.78 -44.85
CA ASN B 208 -26.80 28.28 -46.24
C ASN B 208 -26.65 29.80 -46.28
N THR B 209 -25.47 30.25 -45.86
CA THR B 209 -25.12 31.66 -45.83
C THR B 209 -23.94 31.92 -46.76
N LYS B 210 -24.03 32.98 -47.56
CA LYS B 210 -22.98 33.38 -48.50
C LYS B 210 -22.85 34.90 -48.46
N VAL B 211 -21.90 35.40 -47.67
CA VAL B 211 -21.68 36.83 -47.48
C VAL B 211 -20.36 37.22 -48.12
N ASP B 212 -20.33 38.38 -48.77
CA ASP B 212 -19.19 38.87 -49.53
C ASP B 212 -18.88 40.32 -49.17
N LYS B 213 -18.77 40.59 -47.88
CA LYS B 213 -18.61 41.97 -47.41
C LYS B 213 -17.29 42.57 -47.88
N ARG B 214 -17.29 43.90 -47.99
CA ARG B 214 -16.19 44.66 -48.56
C ARG B 214 -15.43 45.42 -47.47
N VAL B 215 -14.12 45.55 -47.66
CA VAL B 215 -13.24 46.18 -46.69
C VAL B 215 -12.57 47.38 -47.35
N GLU B 216 -12.68 48.55 -46.71
CA GLU B 216 -12.08 49.79 -47.18
C GLU B 216 -12.07 50.82 -46.07
N PRO B 217 -11.15 51.81 -46.10
CA PRO B 217 -11.10 52.87 -45.08
C PRO B 217 -12.39 53.69 -45.01
N GLN C 1 -10.77 11.04 -7.53
CA GLN C 1 -9.89 10.94 -6.37
C GLN C 1 -8.76 9.96 -6.64
N ALA C 2 -8.80 9.32 -7.81
CA ALA C 2 -7.74 8.44 -8.28
C ALA C 2 -7.47 8.80 -9.74
N VAL C 3 -6.58 9.77 -9.94
CA VAL C 3 -6.23 10.26 -11.27
C VAL C 3 -4.77 10.68 -11.26
N LEU C 4 -4.05 10.32 -12.32
CA LEU C 4 -2.62 10.64 -12.42
C LEU C 4 -2.41 12.10 -12.79
N THR C 5 -1.32 12.67 -12.28
CA THR C 5 -0.90 14.02 -12.58
C THR C 5 0.40 13.98 -13.38
N GLN C 6 0.49 14.84 -14.39
CA GLN C 6 1.69 14.92 -15.22
C GLN C 6 1.77 16.32 -15.81
N PRO C 7 2.97 16.83 -16.06
CA PRO C 7 3.11 18.24 -16.45
C PRO C 7 2.39 18.56 -17.75
N ALA C 8 1.87 19.79 -17.82
CA ALA C 8 1.08 20.19 -18.98
C ALA C 8 1.91 20.23 -20.24
N SER C 9 3.13 20.77 -20.16
CA SER C 9 3.99 20.90 -21.33
C SER C 9 5.44 20.91 -20.90
N VAL C 10 6.28 20.14 -21.60
CA VAL C 10 7.72 20.08 -21.36
C VAL C 10 8.42 20.20 -22.70
N SER C 11 9.52 20.95 -22.72
CA SER C 11 10.14 21.36 -23.97
C SER C 11 11.60 20.94 -24.04
N GLY C 12 12.07 20.72 -25.27
CA GLY C 12 13.45 20.42 -25.55
C GLY C 12 13.75 20.72 -27.01
N SER C 13 15.03 20.74 -27.33
CA SER C 13 15.51 20.97 -28.69
C SER C 13 15.79 19.64 -29.36
N PRO C 14 16.27 19.60 -30.61
CA PRO C 14 16.84 18.35 -31.12
C PRO C 14 18.15 18.02 -30.43
N GLY C 15 18.26 16.78 -29.94
CA GLY C 15 19.53 16.20 -29.54
C GLY C 15 19.59 15.77 -28.07
N GLN C 16 18.96 16.52 -27.17
CA GLN C 16 19.13 16.26 -25.75
C GLN C 16 18.18 15.16 -25.29
N SER C 17 18.08 14.99 -23.97
CA SER C 17 17.22 13.99 -23.34
C SER C 17 16.18 14.71 -22.49
N ILE C 18 14.95 14.19 -22.51
CA ILE C 18 13.85 14.80 -21.78
C ILE C 18 13.12 13.71 -20.99
N THR C 19 12.47 14.13 -19.90
CA THR C 19 11.78 13.20 -19.01
C THR C 19 10.40 13.77 -18.67
N ILE C 20 9.36 12.98 -18.92
CA ILE C 20 8.00 13.31 -18.52
C ILE C 20 7.64 12.47 -17.32
N SER C 21 7.22 13.13 -16.24
CA SER C 21 6.88 12.46 -15.00
C SER C 21 5.38 12.20 -14.92
N CYS C 22 5.01 11.22 -14.10
CA CYS C 22 3.62 10.82 -13.92
C CYS C 22 3.45 10.43 -12.45
N THR C 23 2.88 11.33 -11.66
CA THR C 23 2.73 11.13 -10.22
C THR C 23 1.30 10.68 -9.92
N GLY C 24 1.16 9.58 -9.21
CA GLY C 24 -0.15 9.05 -8.80
C GLY C 24 -0.27 9.03 -7.30
N THR C 25 -1.31 8.41 -6.77
CA THR C 25 -1.50 8.38 -5.30
C THR C 25 -1.16 6.98 -4.80
N GLY C 26 -0.24 6.83 -3.85
CA GLY C 26 0.25 5.55 -3.28
C GLY C 26 -0.76 4.41 -3.26
N SER C 27 -1.01 3.89 -4.46
CA SER C 27 -1.88 2.76 -4.85
C SER C 27 -1.87 2.78 -6.37
N ASN C 28 -2.37 3.87 -6.94
CA ASN C 28 -2.46 4.18 -8.39
C ASN C 28 -1.36 3.54 -9.21
N ILE C 29 -0.09 3.90 -8.98
CA ILE C 29 1.05 3.44 -9.82
C ILE C 29 1.95 2.51 -9.02
N GLU C 30 1.66 2.34 -7.76
CA GLU C 30 2.48 1.60 -6.82
C GLU C 30 2.01 0.17 -6.56
N THR C 31 0.77 -0.18 -6.89
CA THR C 31 0.25 -1.47 -6.47
C THR C 31 0.68 -2.60 -7.41
N TYR C 32 0.40 -2.46 -8.70
CA TYR C 32 0.60 -3.55 -9.64
C TYR C 32 1.85 -3.43 -10.48
N ASN C 33 2.45 -2.24 -10.57
CA ASN C 33 3.69 -2.01 -11.32
C ASN C 33 3.52 -2.27 -12.82
N LEU C 34 2.32 -2.06 -13.34
CA LEU C 34 2.11 -2.07 -14.79
C LEU C 34 1.62 -0.67 -15.20
N VAL C 35 2.55 0.13 -15.71
CA VAL C 35 2.25 1.49 -16.17
C VAL C 35 2.60 1.56 -17.65
N SER C 36 1.66 2.05 -18.45
CA SER C 36 1.82 2.12 -19.89
C SER C 36 1.87 3.56 -20.35
N TRP C 37 2.65 3.80 -21.40
CA TRP C 37 2.83 5.12 -21.99
C TRP C 37 2.35 5.11 -23.43
N TYR C 38 1.67 6.19 -23.83
CA TYR C 38 1.07 6.28 -25.16
C TYR C 38 1.53 7.55 -25.85
N GLN C 39 1.74 7.45 -27.16
CA GLN C 39 2.11 8.58 -28.00
C GLN C 39 0.98 8.85 -28.99
N ARG C 40 0.58 10.12 -29.10
CA ARG C 40 -0.49 10.50 -30.02
C ARG C 40 -0.09 11.77 -30.75
N HIS C 41 -0.04 11.69 -32.08
CA HIS C 41 0.11 12.85 -32.93
C HIS C 41 -1.27 13.43 -33.25
N PRO C 42 -1.36 14.73 -33.53
CA PRO C 42 -2.67 15.35 -33.75
C PRO C 42 -3.44 14.69 -34.89
N GLY C 43 -4.58 14.09 -34.55
CA GLY C 43 -5.47 13.49 -35.51
C GLY C 43 -5.30 12.00 -35.71
N LYS C 44 -4.20 11.42 -35.25
CA LYS C 44 -3.90 10.02 -35.45
C LYS C 44 -4.25 9.20 -34.22
N ALA C 45 -4.19 7.88 -34.38
CA ALA C 45 -4.47 6.97 -33.28
C ALA C 45 -3.33 7.00 -32.26
N PRO C 46 -3.64 6.93 -30.97
CA PRO C 46 -2.58 6.76 -29.97
C PRO C 46 -1.83 5.45 -30.18
N LYS C 47 -0.53 5.48 -29.94
CA LYS C 47 0.33 4.32 -30.14
C LYS C 47 0.96 3.92 -28.82
N LEU C 48 0.83 2.64 -28.48
CA LEU C 48 1.48 2.10 -27.28
C LEU C 48 2.99 2.09 -27.48
N ILE C 49 3.70 2.92 -26.72
CA ILE C 49 5.15 2.97 -26.80
C ILE C 49 5.82 2.32 -25.60
N LEU C 50 5.14 2.22 -24.46
CA LEU C 50 5.66 1.52 -23.30
C LEU C 50 4.48 0.92 -22.53
N TYR C 51 4.70 -0.26 -21.97
CA TYR C 51 3.78 -0.88 -21.02
C TYR C 51 4.62 -1.58 -19.97
N GLU C 52 3.98 -1.94 -18.87
CA GLU C 52 4.62 -2.63 -17.72
C GLU C 52 5.84 -1.84 -17.30
N VAL C 53 5.65 -0.56 -17.02
CA VAL C 53 6.70 0.41 -16.61
C VAL C 53 7.84 0.47 -17.63
N SER C 54 8.62 -0.60 -17.79
CA SER C 54 9.77 -0.42 -18.66
C SER C 54 9.76 -1.30 -19.92
N GLU C 55 8.66 -2.01 -20.19
CA GLU C 55 8.64 -2.86 -21.37
C GLU C 55 8.38 -2.04 -22.64
N ARG C 56 8.81 -2.59 -23.78
CA ARG C 56 8.80 -1.88 -25.05
C ARG C 56 8.14 -2.74 -26.11
N PRO C 57 7.05 -2.29 -26.74
CA PRO C 57 6.44 -3.07 -27.82
C PRO C 57 7.34 -3.15 -29.03
N SER C 58 7.05 -4.12 -29.89
CA SER C 58 7.87 -4.37 -31.08
C SER C 58 7.83 -3.15 -32.01
N GLY C 59 9.01 -2.68 -32.39
CA GLY C 59 9.14 -1.54 -33.28
C GLY C 59 9.45 -0.23 -32.60
N VAL C 60 9.37 -0.17 -31.27
CA VAL C 60 9.63 1.07 -30.53
C VAL C 60 11.12 1.23 -30.33
N SER C 61 11.61 2.45 -30.50
CA SER C 61 13.04 2.74 -30.45
C SER C 61 13.58 2.63 -29.03
N ASN C 62 14.91 2.49 -28.94
CA ASN C 62 15.58 2.51 -27.64
C ASN C 62 15.47 3.85 -26.95
N ARG C 63 15.20 4.92 -27.71
CA ARG C 63 15.15 6.26 -27.12
C ARG C 63 14.08 6.39 -26.06
N PHE C 64 13.00 5.60 -26.18
CA PHE C 64 11.92 5.61 -25.21
C PHE C 64 12.22 4.61 -24.10
N SER C 65 12.32 5.10 -22.87
CA SER C 65 12.57 4.26 -21.71
C SER C 65 11.65 4.68 -20.58
N GLY C 66 11.38 3.74 -19.67
CA GLY C 66 10.49 4.00 -18.56
C GLY C 66 11.08 3.54 -17.25
N SER C 67 10.74 4.28 -16.19
CA SER C 67 11.18 3.97 -14.84
C SER C 67 10.03 4.23 -13.89
N LYS C 68 10.17 3.73 -12.66
CA LYS C 68 9.12 3.92 -11.65
C LYS C 68 9.72 3.76 -10.27
N SER C 69 9.55 4.79 -9.43
CA SER C 69 10.05 4.79 -8.06
C SER C 69 8.98 5.39 -7.15
N GLY C 70 8.12 4.54 -6.60
CA GLY C 70 7.10 5.01 -5.69
C GLY C 70 5.93 5.60 -6.44
N ASN C 71 5.53 6.81 -6.06
CA ASN C 71 4.40 7.46 -6.72
C ASN C 71 4.64 7.66 -8.21
N THR C 72 5.88 7.97 -8.58
CA THR C 72 6.18 8.53 -9.89
C THR C 72 6.63 7.46 -10.85
N ALA C 73 6.04 7.48 -12.05
CA ALA C 73 6.57 6.80 -13.22
C ALA C 73 7.10 7.85 -14.18
N SER C 74 8.18 7.53 -14.89
CA SER C 74 8.83 8.49 -15.75
C SER C 74 9.04 7.90 -17.14
N LEU C 75 8.74 8.70 -18.16
CA LEU C 75 9.12 8.40 -19.53
C LEU C 75 10.31 9.28 -19.90
N THR C 76 11.40 8.65 -20.31
CA THR C 76 12.62 9.36 -20.67
C THR C 76 12.90 9.13 -22.15
N ILE C 77 13.00 10.21 -22.91
CA ILE C 77 13.28 10.17 -24.34
C ILE C 77 14.64 10.81 -24.56
N SER C 78 15.57 10.03 -25.11
CA SER C 78 16.89 10.53 -25.48
C SER C 78 16.96 10.74 -26.98
N GLY C 79 17.96 11.51 -27.42
CA GLY C 79 18.11 11.84 -28.82
C GLY C 79 16.85 12.42 -29.41
N LEU C 80 16.44 13.59 -28.94
CA LEU C 80 15.17 14.17 -29.32
C LEU C 80 15.16 14.54 -30.80
N GLN C 81 14.03 14.27 -31.47
CA GLN C 81 13.89 14.47 -32.90
C GLN C 81 12.60 15.21 -33.19
N ALA C 82 12.46 15.64 -34.45
CA ALA C 82 11.25 16.34 -34.87
C ALA C 82 10.04 15.41 -34.88
N GLU C 83 10.26 14.11 -35.06
CA GLU C 83 9.14 13.17 -35.03
C GLU C 83 8.55 13.02 -33.63
N ASP C 84 9.29 13.42 -32.59
CA ASP C 84 8.88 13.17 -31.22
C ASP C 84 7.94 14.22 -30.65
N GLU C 85 7.78 15.36 -31.33
CA GLU C 85 6.84 16.39 -30.89
C GLU C 85 5.41 15.85 -31.00
N ALA C 86 4.78 15.57 -29.88
CA ALA C 86 3.45 14.96 -29.87
C ALA C 86 2.87 15.08 -28.46
N ASP C 87 1.72 14.42 -28.25
CA ASP C 87 1.10 14.31 -26.95
C ASP C 87 1.44 12.95 -26.33
N TYR C 88 1.75 12.96 -25.04
CA TYR C 88 2.14 11.75 -24.33
C TYR C 88 1.22 11.54 -23.14
N PHE C 89 0.71 10.32 -22.99
CA PHE C 89 -0.29 9.99 -22.00
C PHE C 89 0.18 8.88 -21.08
N CYS C 90 -0.13 9.01 -19.79
CA CYS C 90 0.19 8.04 -18.77
C CYS C 90 -1.02 7.19 -18.45
N CYS C 91 -0.79 5.93 -18.08
CA CYS C 91 -1.88 5.02 -17.78
C CYS C 91 -1.45 4.03 -16.72
N SER C 92 -2.33 3.76 -15.76
CA SER C 92 -2.03 2.82 -14.69
C SER C 92 -3.32 2.11 -14.28
N TYR C 93 -3.19 0.82 -13.97
CA TYR C 93 -4.30 0.01 -13.51
C TYR C 93 -4.37 0.15 -11.99
N ALA C 94 -5.30 0.99 -11.52
CA ALA C 94 -5.38 1.32 -10.11
C ALA C 94 -5.67 0.10 -9.26
N ASP C 95 -6.84 -0.50 -9.45
CA ASP C 95 -7.25 -1.66 -8.65
C ASP C 95 -8.34 -2.41 -9.42
N THR C 96 -9.03 -3.30 -8.72
CA THR C 96 -10.12 -4.10 -9.29
C THR C 96 -11.41 -3.30 -9.45
N ASN C 97 -11.45 -2.05 -8.97
CA ASN C 97 -12.67 -1.26 -9.01
C ASN C 97 -12.76 -0.41 -10.28
N ILE C 98 -11.81 0.51 -10.39
CA ILE C 98 -11.85 1.51 -11.48
C ILE C 98 -10.91 1.11 -12.60
N PHE C 99 -10.21 0.00 -12.43
CA PHE C 99 -9.29 -0.53 -13.45
C PHE C 99 -8.29 0.49 -13.94
N TRP C 100 -8.59 1.24 -15.00
CA TRP C 100 -7.53 2.02 -15.59
C TRP C 100 -7.80 3.52 -15.41
N VAL C 101 -6.74 4.27 -15.13
CA VAL C 101 -6.82 5.72 -14.99
C VAL C 101 -5.68 6.35 -15.79
N PHE C 102 -5.98 7.46 -16.44
CA PHE C 102 -5.04 8.14 -17.32
C PHE C 102 -4.50 9.41 -16.67
N GLY C 103 -3.45 9.95 -17.29
CA GLY C 103 -2.95 11.26 -16.93
C GLY C 103 -3.56 12.35 -17.78
N GLY C 104 -3.31 13.60 -17.36
CA GLY C 104 -3.86 14.73 -18.08
C GLY C 104 -3.25 14.95 -19.45
N GLY C 105 -2.09 14.39 -19.70
CA GLY C 105 -1.42 14.56 -20.98
C GLY C 105 -0.33 15.61 -20.91
N THR C 106 0.73 15.38 -21.68
CA THR C 106 1.85 16.31 -21.78
C THR C 106 2.17 16.54 -23.25
N HIS C 107 2.24 17.81 -23.65
CA HIS C 107 2.61 18.16 -25.01
C HIS C 107 4.12 18.36 -25.06
N LEU C 108 4.82 17.45 -25.72
CA LEU C 108 6.25 17.59 -25.96
C LEU C 108 6.45 18.51 -27.17
N THR C 109 7.16 19.61 -26.97
CA THR C 109 7.54 20.48 -28.08
C THR C 109 9.04 20.35 -28.29
N VAL C 110 9.44 20.11 -29.54
CA VAL C 110 10.85 20.03 -29.90
C VAL C 110 11.23 21.35 -30.57
N LEU C 111 12.29 21.97 -30.06
CA LEU C 111 12.70 23.30 -30.53
C LEU C 111 13.53 23.15 -31.80
N GLY C 112 12.86 22.65 -32.84
CA GLY C 112 13.52 22.51 -34.14
C GLY C 112 14.04 23.83 -34.66
N GLN C 113 13.41 24.96 -34.31
CA GLN C 113 13.91 26.29 -34.79
C GLN C 113 14.03 27.38 -33.72
N PRO C 114 14.40 28.64 -34.08
CA PRO C 114 14.81 29.72 -33.15
C PRO C 114 13.72 30.68 -32.66
N LYS C 115 14.02 31.55 -31.68
CA LYS C 115 12.96 32.32 -31.03
C LYS C 115 12.45 33.41 -31.96
N ALA C 116 11.13 33.49 -32.09
CA ALA C 116 10.49 34.48 -32.94
C ALA C 116 9.46 35.26 -32.12
N ALA C 117 9.60 36.58 -32.12
CA ALA C 117 8.68 37.42 -31.36
C ALA C 117 7.30 37.46 -32.04
N PRO C 118 6.24 37.62 -31.27
CA PRO C 118 4.90 37.69 -31.87
C PRO C 118 4.62 39.05 -32.48
N SER C 119 4.02 39.03 -33.66
CA SER C 119 3.57 40.24 -34.34
C SER C 119 2.06 40.40 -34.12
N VAL C 120 1.66 41.58 -33.68
CA VAL C 120 0.31 41.81 -33.18
C VAL C 120 -0.40 42.83 -34.09
N THR C 121 -1.66 42.57 -34.37
CA THR C 121 -2.53 43.50 -35.10
C THR C 121 -3.80 43.69 -34.28
N LEU C 122 -4.00 44.91 -33.78
CA LEU C 122 -5.15 45.23 -32.94
C LEU C 122 -6.13 46.08 -33.75
N PHE C 123 -7.36 45.58 -33.89
CA PHE C 123 -8.40 46.20 -34.70
C PHE C 123 -9.44 46.87 -33.81
N PRO C 124 -9.98 48.01 -34.24
CA PRO C 124 -11.02 48.69 -33.47
C PRO C 124 -12.38 48.09 -33.77
N PRO C 125 -13.41 48.40 -32.97
CA PRO C 125 -14.77 47.98 -33.32
C PRO C 125 -15.18 48.60 -34.65
N SER C 126 -15.89 47.81 -35.46
CA SER C 126 -16.42 48.34 -36.70
C SER C 126 -17.59 49.27 -36.42
N SER C 127 -17.69 50.33 -37.24
CA SER C 127 -18.82 51.25 -37.11
C SER C 127 -20.14 50.53 -37.39
N GLU C 128 -20.14 49.63 -38.37
CA GLU C 128 -21.34 48.85 -38.66
C GLU C 128 -21.67 47.89 -37.52
N GLU C 129 -20.66 47.38 -36.81
CA GLU C 129 -20.94 46.60 -35.62
C GLU C 129 -21.52 47.47 -34.51
N LEU C 130 -20.97 48.67 -34.33
CA LEU C 130 -21.47 49.58 -33.30
C LEU C 130 -22.91 50.02 -33.57
N GLN C 131 -23.34 50.00 -34.83
CA GLN C 131 -24.72 50.32 -35.16
C GLN C 131 -25.67 49.17 -34.91
N ALA C 132 -25.15 48.00 -34.56
CA ALA C 132 -25.95 46.90 -34.01
C ALA C 132 -25.87 46.86 -32.49
N ASN C 133 -25.38 47.94 -31.87
CA ASN C 133 -25.33 48.10 -30.42
C ASN C 133 -24.37 47.10 -29.75
N LYS C 134 -23.30 46.73 -30.44
CA LYS C 134 -22.28 45.84 -29.86
C LYS C 134 -20.91 46.31 -30.32
N ALA C 135 -19.90 45.91 -29.54
CA ALA C 135 -18.51 46.24 -29.84
C ALA C 135 -17.63 45.02 -29.57
N THR C 136 -16.62 44.84 -30.41
CA THR C 136 -15.70 43.72 -30.26
C THR C 136 -14.31 44.17 -30.70
N LEU C 137 -13.37 44.28 -29.76
CA LEU C 137 -11.98 44.51 -30.12
C LEU C 137 -11.33 43.19 -30.51
N VAL C 138 -10.57 43.22 -31.59
CA VAL C 138 -9.98 42.04 -32.18
C VAL C 138 -8.46 42.19 -32.12
N CYS C 139 -7.81 41.32 -31.36
CA CYS C 139 -6.36 41.28 -31.26
C CYS C 139 -5.88 40.01 -31.95
N LEU C 140 -5.00 40.17 -32.92
CA LEU C 140 -4.53 39.05 -33.75
C LEU C 140 -3.03 38.89 -33.54
N ILE C 141 -2.64 37.77 -32.95
CA ILE C 141 -1.25 37.46 -32.64
C ILE C 141 -0.72 36.54 -33.73
N SER C 142 0.41 36.90 -34.33
CA SER C 142 0.89 36.17 -35.50
C SER C 142 2.39 35.92 -35.41
N ASP C 143 2.79 34.73 -35.87
CA ASP C 143 4.19 34.39 -36.17
C ASP C 143 5.08 34.48 -34.92
N PHE C 144 4.80 33.62 -33.95
CA PHE C 144 5.65 33.47 -32.78
C PHE C 144 6.03 32.01 -32.59
N TYR C 145 7.14 31.80 -31.89
CA TYR C 145 7.66 30.48 -31.57
C TYR C 145 8.53 30.58 -30.32
N PRO C 146 8.31 29.74 -29.29
CA PRO C 146 7.26 28.73 -29.14
C PRO C 146 5.86 29.29 -28.90
N GLY C 147 4.86 28.41 -28.91
CA GLY C 147 3.47 28.82 -28.78
C GLY C 147 2.99 28.84 -27.35
N ALA C 148 3.68 29.62 -26.51
CA ALA C 148 3.29 29.83 -25.11
C ALA C 148 3.11 31.33 -24.93
N VAL C 149 1.87 31.77 -24.81
CA VAL C 149 1.52 33.19 -24.85
C VAL C 149 0.58 33.53 -23.71
N THR C 150 0.76 34.72 -23.13
CA THR C 150 -0.14 35.26 -22.11
C THR C 150 -0.76 36.53 -22.67
N VAL C 151 -2.06 36.50 -22.91
CA VAL C 151 -2.79 37.64 -23.46
C VAL C 151 -3.41 38.43 -22.31
N ALA C 152 -3.35 39.76 -22.42
CA ALA C 152 -3.90 40.65 -21.40
C ALA C 152 -4.54 41.86 -22.06
N TRP C 153 -5.70 42.25 -21.55
CA TRP C 153 -6.44 43.41 -22.03
C TRP C 153 -6.47 44.50 -20.96
N LYS C 154 -6.60 45.75 -21.39
CA LYS C 154 -6.53 46.89 -20.48
C LYS C 154 -7.54 47.96 -20.87
N ALA C 155 -8.06 48.66 -19.85
CA ALA C 155 -9.04 49.74 -19.99
C ALA C 155 -8.37 51.05 -19.60
N ASP C 156 -7.72 51.67 -20.60
CA ASP C 156 -6.94 52.92 -20.58
C ASP C 156 -5.63 52.78 -19.83
N SER C 157 -5.60 51.96 -18.78
CA SER C 157 -4.38 51.37 -18.24
C SER C 157 -4.72 50.15 -17.40
N SER C 158 -6.01 49.81 -17.35
CA SER C 158 -6.56 49.00 -16.27
C SER C 158 -6.92 47.61 -16.76
N PRO C 159 -6.44 46.56 -16.10
CA PRO C 159 -6.69 45.20 -16.59
C PRO C 159 -8.17 44.89 -16.67
N VAL C 160 -8.55 44.18 -17.73
CA VAL C 160 -9.94 43.84 -18.01
C VAL C 160 -10.21 42.42 -17.54
N LYS C 161 -11.30 42.23 -16.80
CA LYS C 161 -11.64 40.94 -16.22
C LYS C 161 -12.63 40.15 -17.05
N ALA C 162 -13.63 40.80 -17.63
CA ALA C 162 -14.74 40.12 -18.31
C ALA C 162 -14.70 40.38 -19.80
N GLY C 163 -15.47 39.58 -20.53
CA GLY C 163 -15.60 39.71 -21.96
C GLY C 163 -14.44 39.15 -22.76
N VAL C 164 -13.49 38.47 -22.13
CA VAL C 164 -12.29 37.99 -22.79
C VAL C 164 -12.54 36.60 -23.36
N GLU C 165 -12.27 36.44 -24.64
CA GLU C 165 -12.31 35.14 -25.32
C GLU C 165 -11.03 34.98 -26.11
N THR C 166 -10.12 34.13 -25.61
CA THR C 166 -8.83 33.90 -26.24
C THR C 166 -8.72 32.44 -26.64
N THR C 167 -8.25 32.20 -27.86
CA THR C 167 -8.05 30.83 -28.34
C THR C 167 -6.66 30.33 -27.94
N THR C 168 -6.52 29.01 -27.96
CA THR C 168 -5.22 28.40 -27.76
C THR C 168 -4.37 28.55 -29.01
N PRO C 169 -3.05 28.63 -28.86
CA PRO C 169 -2.17 28.82 -30.02
C PRO C 169 -2.32 27.69 -31.04
N SER C 170 -2.27 28.06 -32.32
CA SER C 170 -2.43 27.13 -33.42
C SER C 170 -1.21 27.13 -34.32
N LYS C 171 -1.01 26.03 -35.03
CA LYS C 171 0.17 25.84 -35.87
C LYS C 171 -0.04 26.43 -37.25
N GLN C 172 0.90 27.25 -37.69
CA GLN C 172 0.87 27.79 -39.04
C GLN C 172 1.43 26.78 -40.03
N SER C 173 1.21 27.08 -41.31
CA SER C 173 1.76 26.25 -42.38
C SER C 173 3.21 26.57 -42.70
N ASN C 174 3.77 27.66 -42.17
CA ASN C 174 5.20 27.90 -42.23
C ASN C 174 5.92 27.39 -40.99
N ASN C 175 5.21 26.67 -40.11
CA ASN C 175 5.66 26.03 -38.88
C ASN C 175 5.84 26.99 -37.72
N LYS C 176 5.34 28.21 -37.79
CA LYS C 176 5.24 29.07 -36.62
C LYS C 176 3.84 28.92 -36.01
N TYR C 177 3.51 29.77 -35.05
CA TYR C 177 2.26 29.67 -34.31
C TYR C 177 1.45 30.95 -34.45
N ALA C 178 0.15 30.86 -34.16
CA ALA C 178 -0.74 31.99 -34.23
C ALA C 178 -1.86 31.83 -33.20
N ALA C 179 -2.38 32.96 -32.72
CA ALA C 179 -3.47 32.97 -31.77
C ALA C 179 -4.23 34.27 -31.91
N SER C 180 -5.47 34.27 -31.41
CA SER C 180 -6.33 35.44 -31.47
C SER C 180 -7.01 35.66 -30.13
N SER C 181 -7.46 36.89 -29.91
CA SER C 181 -8.15 37.24 -28.67
C SER C 181 -9.23 38.27 -28.99
N TYR C 182 -10.42 38.07 -28.43
CA TYR C 182 -11.55 38.94 -28.65
C TYR C 182 -12.02 39.53 -27.32
N LEU C 183 -12.35 40.83 -27.35
CA LEU C 183 -12.88 41.53 -26.18
C LEU C 183 -14.21 42.16 -26.55
N SER C 184 -15.30 41.56 -26.07
CA SER C 184 -16.63 42.11 -26.30
C SER C 184 -16.89 43.27 -25.35
N LEU C 185 -17.59 44.30 -25.85
CA LEU C 185 -17.98 45.42 -25.00
C LEU C 185 -19.28 46.01 -25.49
N THR C 186 -19.87 46.83 -24.64
CA THR C 186 -20.90 47.77 -25.06
C THR C 186 -20.25 48.98 -25.71
N PRO C 187 -20.91 49.60 -26.70
CA PRO C 187 -20.34 50.80 -27.33
C PRO C 187 -20.09 51.93 -26.34
N GLU C 188 -20.88 52.01 -25.27
CA GLU C 188 -20.67 53.06 -24.27
C GLU C 188 -19.31 52.91 -23.60
N GLN C 189 -18.92 51.68 -23.24
CA GLN C 189 -17.61 51.46 -22.65
C GLN C 189 -16.50 51.84 -23.60
N TRP C 190 -16.69 51.56 -24.89
CA TRP C 190 -15.69 51.91 -25.89
C TRP C 190 -15.48 53.43 -25.97
N LYS C 191 -16.58 54.18 -25.94
CA LYS C 191 -16.49 55.64 -26.04
C LYS C 191 -16.06 56.28 -24.71
N SER C 192 -16.45 55.68 -23.58
CA SER C 192 -16.23 56.29 -22.28
C SER C 192 -14.83 56.05 -21.73
N HIS C 193 -13.98 55.33 -22.45
CA HIS C 193 -12.60 55.11 -22.04
C HIS C 193 -11.65 55.77 -23.05
N ARG C 194 -10.52 56.25 -22.53
CA ARG C 194 -9.56 56.93 -23.39
C ARG C 194 -9.00 56.00 -24.46
N SER C 195 -8.66 54.77 -24.09
CA SER C 195 -8.07 53.83 -25.03
C SER C 195 -8.21 52.42 -24.47
N TYR C 196 -8.03 51.44 -25.35
CA TYR C 196 -7.95 50.04 -24.96
C TYR C 196 -6.65 49.47 -25.49
N SER C 197 -6.03 48.58 -24.70
CA SER C 197 -4.71 48.04 -25.02
C SER C 197 -4.75 46.52 -24.95
N CYS C 198 -4.46 45.88 -26.07
CA CYS C 198 -4.14 44.46 -26.07
C CYS C 198 -2.63 44.30 -26.01
N GLN C 199 -2.14 43.54 -25.04
CA GLN C 199 -0.71 43.28 -24.92
C GLN C 199 -0.47 41.79 -24.80
N VAL C 200 0.67 41.37 -25.35
CA VAL C 200 0.99 39.97 -25.58
C VAL C 200 2.30 39.66 -24.86
N THR C 201 2.28 38.63 -24.01
CA THR C 201 3.46 38.21 -23.28
C THR C 201 3.98 36.90 -23.87
N HIS C 202 5.29 36.84 -24.11
CA HIS C 202 5.89 35.70 -24.79
C HIS C 202 7.34 35.60 -24.36
N GLU C 203 7.67 34.54 -23.61
CA GLU C 203 9.02 34.32 -23.09
C GLU C 203 9.50 35.50 -22.26
N GLY C 204 8.58 36.11 -21.52
CA GLY C 204 8.87 37.26 -20.71
C GLY C 204 8.79 38.59 -21.44
N SER C 205 9.00 38.58 -22.76
CA SER C 205 8.95 39.80 -23.54
C SER C 205 7.51 40.12 -23.94
N THR C 206 7.14 41.40 -23.80
CA THR C 206 5.76 41.83 -23.98
C THR C 206 5.66 42.78 -25.18
N VAL C 207 4.73 42.48 -26.08
CA VAL C 207 4.39 43.34 -27.21
C VAL C 207 3.03 43.97 -26.94
N GLU C 208 2.90 45.26 -27.24
CA GLU C 208 1.70 46.01 -26.89
C GLU C 208 1.18 46.80 -28.08
N LYS C 209 -0.14 46.79 -28.25
CA LYS C 209 -0.84 47.65 -29.19
C LYS C 209 -1.95 48.38 -28.45
N THR C 210 -2.42 49.49 -29.04
CA THR C 210 -3.44 50.31 -28.39
C THR C 210 -4.28 51.02 -29.45
N VAL C 211 -5.60 50.95 -29.28
CA VAL C 211 -6.53 51.65 -30.16
C VAL C 211 -7.45 52.53 -29.31
N ALA C 212 -8.06 53.51 -29.97
CA ALA C 212 -8.89 54.50 -29.30
C ALA C 212 -10.09 54.82 -30.19
N PRO C 213 -11.18 55.32 -29.60
CA PRO C 213 -12.34 55.70 -30.41
C PRO C 213 -12.04 56.93 -31.26
N THR C 214 -12.48 56.88 -32.51
CA THR C 214 -12.31 58.00 -33.44
C THR C 214 -13.60 58.27 -34.21
N ALA D 1 26.12 12.19 72.22
CA ALA D 1 26.69 13.38 72.87
C ALA D 1 25.57 14.33 73.27
N HIS D 2 25.36 14.50 74.57
CA HIS D 2 26.16 13.84 75.60
C HIS D 2 25.58 12.49 76.01
N CYS D 3 26.47 11.54 76.30
CA CYS D 3 26.07 10.16 76.57
C CYS D 3 25.40 10.00 77.93
N ILE D 4 25.54 10.95 78.83
CA ILE D 4 24.88 10.86 80.12
C ILE D 4 23.37 10.93 79.96
N GLY D 5 22.90 11.75 79.02
CA GLY D 5 21.49 11.91 78.76
C GLY D 5 20.86 10.86 77.86
N ILE D 6 21.64 9.88 77.38
CA ILE D 6 21.13 8.81 76.55
C ILE D 6 21.17 7.52 77.37
N THR D 7 20.03 6.86 77.48
CA THR D 7 19.92 5.69 78.36
C THR D 7 20.76 4.53 77.85
N ASP D 8 20.66 4.21 76.57
CA ASP D 8 21.40 3.10 75.97
C ASP D 8 22.79 3.61 75.61
N ARG D 9 23.78 3.30 76.43
CA ARG D 9 25.11 3.87 76.30
C ARG D 9 26.17 2.81 76.59
N ASP D 10 27.23 2.82 75.80
CA ASP D 10 28.32 1.85 75.89
C ASP D 10 29.65 2.57 76.07
N PHE D 11 30.64 1.82 76.57
CA PHE D 11 31.99 2.31 76.77
C PHE D 11 32.96 1.48 75.94
N ILE D 12 33.93 2.16 75.31
CA ILE D 12 34.94 1.49 74.50
C ILE D 12 36.31 2.07 74.85
N GLU D 13 37.30 1.19 75.01
CA GLU D 13 38.64 1.56 75.43
C GLU D 13 39.65 1.12 74.38
N GLY D 14 40.61 2.00 74.09
CA GLY D 14 41.75 1.66 73.26
C GLY D 14 42.96 1.39 74.12
N VAL D 15 43.85 0.54 73.61
CA VAL D 15 45.04 0.12 74.36
C VAL D 15 45.98 1.30 74.53
N HIS D 16 46.96 1.15 75.43
CA HIS D 16 47.93 2.22 75.66
C HIS D 16 48.70 2.55 74.39
N GLY D 17 49.08 1.53 73.62
CA GLY D 17 49.62 1.74 72.29
C GLY D 17 48.60 1.40 71.23
N GLY D 18 48.00 2.42 70.63
CA GLY D 18 46.96 2.20 69.63
C GLY D 18 46.76 3.43 68.77
N THR D 19 46.16 3.20 67.60
CA THR D 19 45.88 4.27 66.64
C THR D 19 44.39 4.46 66.40
N TRP D 20 43.67 3.41 66.01
CA TRP D 20 42.26 3.51 65.66
C TRP D 20 41.43 2.65 66.59
N VAL D 21 40.20 3.09 66.84
CA VAL D 21 39.26 2.39 67.71
C VAL D 21 37.98 2.13 66.93
N SER D 22 37.53 0.88 66.94
CA SER D 22 36.29 0.51 66.26
C SER D 22 35.10 0.81 67.16
N ALA D 23 34.10 1.48 66.60
CA ALA D 23 32.90 1.85 67.35
C ALA D 23 31.71 1.83 66.42
N THR D 24 30.70 1.04 66.77
CA THR D 24 29.46 0.97 66.02
C THR D 24 28.42 1.90 66.65
N LEU D 25 27.79 2.73 65.84
CA LEU D 25 26.81 3.70 66.29
C LEU D 25 25.44 3.31 65.76
N GLU D 26 24.51 3.04 66.67
CA GLU D 26 23.14 2.67 66.32
C GLU D 26 22.19 3.81 66.66
N GLN D 27 20.97 3.70 66.14
CA GLN D 27 19.96 4.72 66.38
C GLN D 27 19.62 4.79 67.86
N ASP D 28 19.43 6.01 68.35
CA ASP D 28 19.01 6.28 69.74
C ASP D 28 19.99 5.72 70.77
N LYS D 29 21.25 5.54 70.37
CA LYS D 29 22.30 5.07 71.28
C LYS D 29 23.49 6.00 71.16
N CYS D 30 24.52 5.72 71.96
CA CYS D 30 25.73 6.52 71.93
C CYS D 30 26.85 5.74 72.62
N VAL D 31 28.07 6.22 72.42
CA VAL D 31 29.26 5.56 72.91
C VAL D 31 30.21 6.59 73.51
N THR D 32 30.77 6.26 74.68
CA THR D 32 31.87 7.02 75.26
C THR D 32 33.18 6.30 74.99
N VAL D 33 34.08 6.94 74.24
CA VAL D 33 35.36 6.36 73.87
C VAL D 33 36.42 6.89 74.84
N MET D 34 37.22 5.98 75.40
CA MET D 34 38.22 6.32 76.39
C MET D 34 39.58 5.82 75.96
N ALA D 35 40.62 6.58 76.31
CA ALA D 35 42.00 6.23 76.04
C ALA D 35 42.84 6.80 77.17
N PRO D 36 43.86 6.08 77.64
CA PRO D 36 44.69 6.61 78.73
C PRO D 36 45.38 7.90 78.32
N ASP D 37 45.43 8.84 79.26
CA ASP D 37 46.07 10.15 79.04
C ASP D 37 45.43 10.88 77.86
N LYS D 38 44.11 10.76 77.72
CA LYS D 38 43.37 11.46 76.68
C LYS D 38 41.93 11.63 77.12
N PRO D 39 41.31 12.78 76.83
CA PRO D 39 39.93 13.01 77.29
C PRO D 39 38.93 12.09 76.62
N SER D 40 37.87 11.78 77.34
CA SER D 40 36.83 10.90 76.83
C SER D 40 36.05 11.60 75.72
N LEU D 41 35.53 10.79 74.79
CA LEU D 41 34.85 11.29 73.60
C LEU D 41 33.50 10.61 73.47
N ASP D 42 32.42 11.39 73.55
CA ASP D 42 31.08 10.89 73.33
C ASP D 42 30.74 10.97 71.85
N ILE D 43 30.33 9.85 71.27
CA ILE D 43 29.96 9.77 69.87
C ILE D 43 28.56 9.14 69.78
N SER D 44 27.67 9.79 69.04
CA SER D 44 26.33 9.26 68.82
C SER D 44 25.89 9.53 67.39
N LEU D 45 25.07 8.62 66.87
CA LEU D 45 24.50 8.71 65.53
C LEU D 45 23.20 9.51 65.60
N GLN D 46 23.19 10.69 64.98
CA GLN D 46 22.03 11.57 65.09
C GLN D 46 20.93 11.17 64.11
N THR D 47 21.21 11.27 62.81
CA THR D 47 20.21 10.97 61.79
C THR D 47 20.86 10.17 60.67
N VAL D 48 20.02 9.41 59.96
CA VAL D 48 20.37 8.78 58.69
C VAL D 48 19.26 9.12 57.71
N ALA D 49 19.62 9.76 56.59
CA ALA D 49 18.63 10.35 55.72
C ALA D 49 19.00 10.19 54.25
N ILE D 50 17.98 10.30 53.40
CA ILE D 50 18.13 10.35 51.95
C ILE D 50 17.51 11.65 51.46
N ASP D 51 18.22 12.38 50.60
CA ASP D 51 17.76 13.64 50.07
C ASP D 51 17.21 13.43 48.67
N GLY D 52 15.92 13.75 48.49
CA GLY D 52 15.27 13.68 47.20
C GLY D 52 15.33 12.31 46.55
N PRO D 53 14.66 11.32 47.16
CA PRO D 53 14.60 9.99 46.53
C PRO D 53 13.80 10.04 45.24
N ALA D 54 14.16 9.16 44.31
CA ALA D 54 13.51 9.13 43.01
C ALA D 54 12.08 8.64 43.12
N GLU D 55 11.17 9.32 42.44
CA GLU D 55 9.77 8.93 42.44
C GLU D 55 9.57 7.71 41.53
N ALA D 56 8.88 6.70 42.05
CA ALA D 56 8.70 5.44 41.34
C ALA D 56 7.24 5.12 41.09
N ARG D 57 6.38 5.24 42.11
CA ARG D 57 5.01 4.78 41.98
C ARG D 57 4.09 5.57 42.90
N LYS D 58 2.80 5.53 42.56
CA LYS D 58 1.73 5.94 43.45
C LYS D 58 0.71 4.83 43.49
N VAL D 59 0.19 4.53 44.68
CA VAL D 59 -0.74 3.42 44.87
C VAL D 59 -2.01 3.99 45.49
N CYS D 60 -3.14 3.86 44.77
CA CYS D 60 -4.39 4.43 45.22
C CYS D 60 -5.07 3.50 46.21
N TYR D 61 -5.36 4.01 47.40
CA TYR D 61 -6.13 3.28 48.40
C TYR D 61 -7.48 3.91 48.71
N SER D 62 -7.75 5.10 48.19
CA SER D 62 -9.05 5.74 48.34
C SER D 62 -9.41 6.39 47.00
N ALA D 63 -10.47 5.90 46.37
CA ALA D 63 -10.92 6.42 45.09
C ALA D 63 -12.40 6.77 45.20
N VAL D 64 -12.76 7.95 44.70
CA VAL D 64 -14.16 8.36 44.63
C VAL D 64 -14.66 8.11 43.21
N LEU D 65 -15.82 7.48 43.10
CA LEU D 65 -16.41 7.16 41.82
C LEU D 65 -17.51 8.15 41.49
N THR D 66 -17.91 8.15 40.22
CA THR D 66 -19.07 8.89 39.77
C THR D 66 -20.18 7.91 39.43
N HIS D 67 -21.39 8.43 39.28
CA HIS D 67 -22.54 7.58 38.99
C HIS D 67 -22.32 6.84 37.68
N VAL D 68 -22.63 5.54 37.70
CA VAL D 68 -22.34 4.69 36.55
C VAL D 68 -23.22 5.10 35.36
N LYS D 69 -22.72 4.82 34.16
CA LYS D 69 -23.45 5.09 32.93
C LYS D 69 -23.55 3.79 32.13
N ILE D 70 -24.74 3.55 31.58
CA ILE D 70 -25.09 2.25 31.01
C ILE D 70 -25.54 2.43 29.57
N ASN D 71 -25.11 1.51 28.71
CA ASN D 71 -25.71 1.31 27.40
C ASN D 71 -25.95 -0.17 27.21
N ASP D 72 -27.06 -0.51 26.53
CA ASP D 72 -27.47 -1.89 26.38
C ASP D 72 -28.01 -2.12 24.98
N LYS D 73 -28.03 -3.40 24.58
CA LYS D 73 -28.55 -3.80 23.29
C LYS D 73 -29.32 -5.10 23.44
N CYS D 74 -30.26 -5.32 22.52
CA CYS D 74 -30.99 -6.57 22.44
C CYS D 74 -30.12 -7.67 21.85
N PRO D 75 -30.51 -8.94 22.02
CA PRO D 75 -29.77 -10.02 21.36
C PRO D 75 -29.79 -9.83 19.84
N SER D 76 -28.66 -10.14 19.21
CA SER D 76 -28.46 -10.01 17.77
C SER D 76 -28.69 -8.58 17.28
N THR D 77 -28.64 -7.60 18.18
CA THR D 77 -28.86 -6.20 17.86
C THR D 77 -27.55 -5.40 17.85
N GLY D 78 -26.47 -5.94 18.41
CA GLY D 78 -25.17 -5.33 18.31
C GLY D 78 -24.50 -5.27 19.66
N GLU D 79 -23.34 -4.61 19.69
CA GLU D 79 -22.60 -4.38 20.92
C GLU D 79 -22.84 -2.96 21.39
N ALA D 80 -23.05 -2.80 22.69
CA ALA D 80 -23.32 -1.48 23.26
C ALA D 80 -22.08 -0.60 23.17
N HIS D 81 -22.31 0.71 23.03
CA HIS D 81 -21.23 1.67 22.84
C HIS D 81 -21.44 2.89 23.72
N LEU D 82 -20.36 3.33 24.36
CA LEU D 82 -20.31 4.60 25.08
C LEU D 82 -18.95 5.23 24.79
N ALA D 83 -18.95 6.54 24.53
CA ALA D 83 -17.69 7.23 24.30
C ALA D 83 -16.80 7.24 25.54
N GLU D 84 -17.38 6.94 26.71
CA GLU D 84 -16.59 6.86 27.94
C GLU D 84 -15.57 5.74 27.89
N GLU D 85 -15.79 4.70 27.08
CA GLU D 85 -14.85 3.60 26.98
C GLU D 85 -13.49 4.03 26.44
N ASN D 86 -13.43 5.13 25.69
CA ASN D 86 -12.18 5.56 25.07
C ASN D 86 -11.35 6.48 25.95
N ASP D 87 -11.87 6.92 27.08
CA ASP D 87 -11.14 7.82 27.96
C ASP D 87 -10.28 7.03 28.95
N GLY D 88 -9.11 7.58 29.27
CA GLY D 88 -8.16 6.84 30.08
C GLY D 88 -8.59 6.63 31.51
N ASP D 89 -9.16 7.67 32.14
CA ASP D 89 -9.43 7.66 33.58
C ASP D 89 -10.78 7.05 33.94
N ASN D 90 -11.42 6.34 33.01
CA ASN D 90 -12.71 5.73 33.26
C ASN D 90 -12.56 4.24 33.50
N ALA D 91 -13.37 3.70 34.41
CA ALA D 91 -13.41 2.27 34.69
C ALA D 91 -14.67 1.70 34.04
N CYS D 92 -14.48 0.81 33.08
CA CYS D 92 -15.58 0.27 32.29
C CYS D 92 -15.60 -1.25 32.36
N LYS D 93 -16.80 -1.81 32.22
CA LYS D 93 -17.01 -3.25 32.22
C LYS D 93 -17.87 -3.64 31.03
N ARG D 94 -17.50 -4.75 30.38
CA ARG D 94 -18.19 -5.25 29.20
C ARG D 94 -18.71 -6.65 29.50
N THR D 95 -20.03 -6.84 29.36
CA THR D 95 -20.63 -8.13 29.66
C THR D 95 -21.97 -8.21 28.93
N TYR D 96 -22.74 -9.25 29.25
CA TYR D 96 -24.02 -9.52 28.60
C TYR D 96 -25.08 -9.80 29.64
N SER D 97 -26.34 -9.50 29.30
CA SER D 97 -27.45 -9.59 30.22
C SER D 97 -28.55 -10.46 29.64
N ASP D 98 -29.29 -11.13 30.54
CA ASP D 98 -30.44 -11.93 30.12
C ASP D 98 -31.57 -11.02 29.66
N ARG D 99 -32.12 -11.31 28.48
CA ARG D 99 -33.16 -10.47 27.89
C ARG D 99 -34.26 -11.35 27.32
N GLY D 100 -35.38 -10.71 27.03
CA GLY D 100 -36.52 -11.41 26.46
C GLY D 100 -37.68 -10.47 26.25
N TRP D 101 -38.87 -11.05 26.05
CA TRP D 101 -40.07 -10.23 25.90
C TRP D 101 -40.36 -9.42 27.15
N GLY D 102 -39.92 -9.91 28.31
CA GLY D 102 -40.21 -9.25 29.57
C GLY D 102 -39.42 -7.98 29.85
N ASN D 103 -38.38 -7.70 29.05
CA ASN D 103 -37.60 -6.48 29.28
C ASN D 103 -37.28 -5.73 27.99
N GLY D 104 -38.04 -5.96 26.92
CA GLY D 104 -37.99 -5.11 25.75
C GLY D 104 -37.24 -5.62 24.54
N CYS D 105 -37.11 -6.93 24.37
CA CYS D 105 -36.42 -7.50 23.22
C CYS D 105 -37.23 -8.64 22.62
N GLY D 106 -37.22 -8.74 21.30
CA GLY D 106 -37.97 -9.77 20.60
C GLY D 106 -37.38 -11.16 20.67
N LEU D 107 -36.13 -11.28 21.10
CA LEU D 107 -35.47 -12.58 21.25
C LEU D 107 -35.05 -12.78 22.70
N PHE D 108 -35.08 -14.03 23.14
CA PHE D 108 -34.65 -14.41 24.48
C PHE D 108 -33.19 -14.85 24.40
N GLY D 109 -32.29 -14.04 24.93
CA GLY D 109 -30.88 -14.36 24.87
C GLY D 109 -30.05 -13.29 25.51
N LYS D 110 -28.74 -13.37 25.27
CA LYS D 110 -27.79 -12.44 25.86
C LYS D 110 -27.73 -11.16 25.04
N GLY D 111 -27.92 -10.03 25.70
CA GLY D 111 -27.79 -8.72 25.07
C GLY D 111 -26.56 -8.01 25.58
N SER D 112 -25.97 -7.18 24.74
CA SER D 112 -24.73 -6.49 25.09
C SER D 112 -25.04 -5.33 26.03
N ILE D 113 -24.28 -5.24 27.13
CA ILE D 113 -24.41 -4.16 28.10
C ILE D 113 -23.02 -3.72 28.53
N VAL D 114 -22.81 -2.41 28.64
CA VAL D 114 -21.53 -1.86 29.06
C VAL D 114 -21.78 -0.79 30.10
N ALA D 115 -20.93 -0.77 31.13
CA ALA D 115 -20.99 0.22 32.20
C ALA D 115 -19.67 0.97 32.27
N CYS D 116 -19.74 2.25 32.64
CA CYS D 116 -18.53 3.06 32.76
C CYS D 116 -18.70 4.04 33.92
N ALA D 117 -17.63 4.21 34.70
CA ALA D 117 -17.63 5.14 35.82
C ALA D 117 -16.30 5.88 35.85
N LYS D 118 -16.37 7.20 35.97
CA LYS D 118 -15.15 8.00 36.02
C LYS D 118 -14.41 7.74 37.34
N PHE D 119 -13.13 7.44 37.22
CA PHE D 119 -12.29 7.11 38.37
C PHE D 119 -11.39 8.31 38.66
N THR D 120 -11.44 8.79 39.90
CA THR D 120 -10.55 9.84 40.37
C THR D 120 -10.08 9.45 41.77
N CYS D 121 -8.76 9.31 41.93
CA CYS D 121 -8.20 8.86 43.19
C CYS D 121 -8.25 9.97 44.23
N ALA D 122 -8.73 9.64 45.43
CA ALA D 122 -8.82 10.59 46.51
C ALA D 122 -7.55 10.61 47.37
N LYS D 123 -6.99 9.44 47.66
CA LYS D 123 -5.80 9.33 48.49
C LYS D 123 -4.91 8.23 47.93
N SER D 124 -3.61 8.52 47.81
CA SER D 124 -2.65 7.58 47.26
C SER D 124 -1.40 7.52 48.13
N MET D 125 -0.75 6.37 48.11
CA MET D 125 0.50 6.15 48.82
C MET D 125 1.65 6.22 47.81
N SER D 126 2.54 7.18 48.00
CA SER D 126 3.67 7.34 47.10
C SER D 126 4.75 6.31 47.42
N LEU D 127 5.46 5.88 46.39
CA LEU D 127 6.55 4.92 46.51
C LEU D 127 7.82 5.55 45.92
N PHE D 128 8.81 5.78 46.77
CA PHE D 128 10.08 6.35 46.35
C PHE D 128 11.16 5.28 46.34
N GLU D 129 12.20 5.51 45.55
CA GLU D 129 13.23 4.52 45.26
C GLU D 129 14.51 4.90 45.98
N VAL D 130 15.02 3.99 46.80
CA VAL D 130 16.15 4.27 47.69
C VAL D 130 17.45 4.00 46.95
N ASP D 131 18.27 5.04 46.80
CA ASP D 131 19.63 4.91 46.28
C ASP D 131 20.58 4.93 47.47
N GLN D 132 21.20 3.78 47.73
CA GLN D 132 22.06 3.65 48.90
C GLN D 132 23.31 4.52 48.80
N THR D 133 23.75 4.81 47.57
CA THR D 133 24.91 5.67 47.38
C THR D 133 24.61 7.13 47.68
N LYS D 134 23.35 7.51 47.84
CA LYS D 134 22.96 8.88 48.17
C LYS D 134 22.58 9.03 49.64
N ILE D 135 22.84 8.03 50.47
CA ILE D 135 22.51 8.09 51.88
C ILE D 135 23.52 8.97 52.61
N GLN D 136 23.02 9.86 53.45
CA GLN D 136 23.85 10.75 54.27
C GLN D 136 23.45 10.59 55.73
N TYR D 137 24.43 10.77 56.62
CA TYR D 137 24.18 10.69 58.04
C TYR D 137 24.83 11.86 58.77
N VAL D 138 24.39 12.07 60.01
CA VAL D 138 24.92 13.11 60.88
C VAL D 138 25.34 12.46 62.18
N ILE D 139 26.55 12.79 62.64
CA ILE D 139 27.08 12.27 63.90
C ILE D 139 27.53 13.45 64.76
N ARG D 140 27.04 13.51 65.99
CA ARG D 140 27.42 14.54 66.93
C ARG D 140 28.46 14.00 67.90
N ALA D 141 29.49 14.80 68.18
CA ALA D 141 30.61 14.41 69.02
C ALA D 141 30.86 15.47 70.08
N GLN D 142 31.37 15.01 71.23
CA GLN D 142 31.59 15.87 72.38
C GLN D 142 32.66 15.24 73.25
N LEU D 143 33.39 16.09 73.96
CA LEU D 143 34.46 15.68 74.86
C LEU D 143 33.98 15.72 76.30
N HIS D 144 34.52 14.83 77.13
CA HIS D 144 34.22 14.85 78.56
C HIS D 144 35.10 15.89 79.25
N VAL D 145 34.60 17.13 79.29
CA VAL D 145 35.20 18.21 80.07
C VAL D 145 34.21 18.50 81.17
N GLY D 146 34.55 19.42 82.08
CA GLY D 146 33.64 19.72 83.17
C GLY D 146 32.51 20.62 82.75
N ALA D 147 31.92 20.32 81.59
CA ALA D 147 30.88 21.17 81.01
C ALA D 147 29.54 20.91 81.68
N LYS D 148 28.80 21.99 81.93
CA LYS D 148 27.47 21.88 82.48
C LYS D 148 26.48 21.41 81.41
N GLN D 149 25.32 20.94 81.90
CA GLN D 149 24.28 20.46 80.99
C GLN D 149 23.83 21.55 80.03
N GLU D 150 23.64 22.77 80.55
CA GLU D 150 23.17 23.88 79.74
C GLU D 150 24.16 24.28 78.65
N ASN D 151 25.43 23.87 78.77
CA ASN D 151 26.45 24.18 77.79
C ASN D 151 26.83 22.96 76.95
N TRP D 152 26.03 21.90 77.00
CA TRP D 152 26.34 20.72 76.19
C TRP D 152 26.13 21.00 74.70
N ASN D 153 25.01 21.66 74.35
CA ASN D 153 24.72 21.92 72.95
C ASN D 153 25.81 22.79 72.31
N THR D 154 26.32 23.77 73.05
CA THR D 154 27.35 24.65 72.52
C THR D 154 28.64 23.87 72.23
N ASP D 155 28.96 22.89 73.06
CA ASP D 155 30.20 22.15 72.97
C ASP D 155 30.15 20.93 72.05
N ILE D 156 29.05 20.75 71.33
CA ILE D 156 28.86 19.58 70.46
C ILE D 156 29.24 19.96 69.02
N LYS D 157 30.10 19.15 68.42
CA LYS D 157 30.41 19.27 67.00
C LYS D 157 29.59 18.25 66.24
N THR D 158 28.88 18.71 65.21
CA THR D 158 28.03 17.86 64.40
C THR D 158 28.70 17.62 63.05
N LEU D 159 28.97 16.34 62.75
CA LEU D 159 29.67 15.95 61.54
C LEU D 159 28.71 15.35 60.53
N LYS D 160 28.86 15.74 59.27
CA LYS D 160 28.04 15.24 58.18
C LYS D 160 28.87 14.38 57.24
N PHE D 161 28.30 13.25 56.82
CA PHE D 161 29.00 12.31 55.96
C PHE D 161 28.13 11.98 54.75
N ASP D 162 28.77 11.85 53.59
CA ASP D 162 28.13 11.28 52.41
C ASP D 162 28.48 9.79 52.33
N ALA D 163 28.17 9.16 51.20
CA ALA D 163 28.56 7.76 51.00
C ALA D 163 30.06 7.65 50.75
N LEU D 164 30.62 8.57 49.95
CA LEU D 164 32.07 8.65 49.78
C LEU D 164 32.52 10.03 50.22
N SER D 165 32.70 10.18 51.53
CA SER D 165 33.43 11.29 52.09
C SER D 165 34.45 10.68 53.05
N GLY D 166 35.67 11.20 53.02
CA GLY D 166 36.75 10.54 53.73
C GLY D 166 36.69 10.76 55.22
N SER D 167 37.84 10.98 55.84
CA SER D 167 37.87 11.27 57.26
C SER D 167 37.15 12.58 57.55
N GLN D 168 36.57 12.67 58.74
CA GLN D 168 35.92 13.88 59.21
C GLN D 168 36.50 14.27 60.55
N GLU D 169 36.81 15.55 60.72
CA GLU D 169 37.48 16.05 61.90
C GLU D 169 36.50 16.79 62.81
N ALA D 170 36.76 16.71 64.12
CA ALA D 170 36.02 17.47 65.12
C ALA D 170 37.06 18.05 66.08
N GLU D 171 37.32 19.35 65.95
CA GLU D 171 38.32 20.01 66.80
C GLU D 171 37.63 20.80 67.89
N PHE D 172 38.11 20.63 69.12
CA PHE D 172 37.60 21.35 70.28
C PHE D 172 38.70 22.27 70.80
N THR D 173 38.35 23.54 71.00
CA THR D 173 39.34 24.54 71.38
C THR D 173 40.00 24.18 72.70
N GLY D 174 41.34 24.09 72.68
CA GLY D 174 42.10 23.75 73.85
C GLY D 174 42.43 22.27 73.99
N TYR D 175 41.73 21.40 73.25
CA TYR D 175 41.94 19.97 73.35
C TYR D 175 42.32 19.33 72.02
N GLY D 176 42.36 20.10 70.95
CA GLY D 176 42.76 19.60 69.64
C GLY D 176 41.61 19.02 68.84
N LYS D 177 41.84 17.88 68.20
CA LYS D 177 40.82 17.28 67.33
C LYS D 177 40.93 15.76 67.31
N ALA D 178 39.81 15.11 67.05
CA ALA D 178 39.72 13.68 66.82
C ALA D 178 39.11 13.43 65.45
N THR D 179 39.48 12.30 64.84
CA THR D 179 39.11 11.99 63.46
C THR D 179 38.17 10.79 63.42
N LEU D 180 37.06 10.94 62.71
CA LEU D 180 36.09 9.87 62.51
C LEU D 180 36.13 9.41 61.06
N GLU D 181 36.21 8.09 60.86
CA GLU D 181 36.25 7.47 59.53
C GLU D 181 35.14 6.43 59.51
N CYS D 182 33.97 6.80 59.01
CA CYS D 182 32.75 6.03 59.21
C CYS D 182 32.20 5.50 57.88
N GLN D 183 31.25 4.59 58.00
CA GLN D 183 30.56 4.01 56.86
C GLN D 183 29.22 3.47 57.31
N VAL D 184 28.16 3.80 56.56
CA VAL D 184 26.83 3.27 56.87
C VAL D 184 26.80 1.76 56.60
N GLN D 185 26.08 1.04 57.46
CA GLN D 185 25.76 -0.36 57.22
C GLN D 185 24.30 -0.43 56.82
N THR D 186 24.05 -0.76 55.56
CA THR D 186 22.68 -0.87 55.06
C THR D 186 22.49 -2.06 54.13
N ALA D 187 23.37 -3.06 54.19
CA ALA D 187 23.22 -4.24 53.34
C ALA D 187 22.11 -5.16 53.84
N VAL D 188 21.89 -5.23 55.15
CA VAL D 188 20.82 -6.03 55.72
C VAL D 188 19.58 -5.19 56.02
N ASP D 189 19.55 -3.94 55.56
CA ASP D 189 18.46 -3.03 55.87
C ASP D 189 17.72 -2.53 54.63
N PHE D 190 18.44 -2.09 53.60
CA PHE D 190 17.85 -1.55 52.38
C PHE D 190 18.21 -2.49 51.24
N GLY D 191 17.37 -3.50 51.00
CA GLY D 191 17.61 -4.36 49.86
C GLY D 191 16.96 -3.78 48.62
N ASN D 192 16.08 -4.56 47.98
CA ASN D 192 15.19 -4.01 46.97
C ASN D 192 13.98 -3.48 47.72
N SER D 193 13.95 -2.17 47.95
CA SER D 193 12.96 -1.58 48.84
C SER D 193 12.51 -0.23 48.31
N TYR D 194 11.32 0.17 48.75
CA TYR D 194 10.77 1.49 48.50
C TYR D 194 10.63 2.25 49.81
N ILE D 195 10.54 3.57 49.69
CA ILE D 195 10.03 4.41 50.77
C ILE D 195 8.56 4.68 50.47
N ALA D 196 7.68 4.11 51.28
CA ALA D 196 6.25 4.30 51.14
C ALA D 196 5.77 5.35 52.13
N GLU D 197 4.93 6.27 51.68
CA GLU D 197 4.41 7.29 52.58
C GLU D 197 2.97 7.64 52.22
N MET D 198 2.12 7.78 53.24
CA MET D 198 0.71 8.15 53.07
C MET D 198 0.36 9.29 54.03
N GLU D 199 0.69 10.52 53.61
CA GLU D 199 0.13 11.78 54.10
C GLU D 199 0.56 12.14 55.52
N LYS D 200 0.99 11.18 56.34
CA LYS D 200 1.68 11.50 57.58
C LYS D 200 2.84 10.55 57.82
N ASP D 201 2.64 9.28 57.51
CA ASP D 201 3.50 8.19 57.94
C ASP D 201 4.29 7.66 56.75
N SER D 202 5.44 7.06 57.06
CA SER D 202 6.31 6.51 56.03
C SER D 202 6.94 5.23 56.53
N TRP D 203 7.38 4.40 55.58
CA TRP D 203 7.94 3.09 55.91
C TRP D 203 8.99 2.70 54.88
N ILE D 204 9.75 1.66 55.21
CA ILE D 204 10.56 0.93 54.25
C ILE D 204 9.82 -0.36 53.93
N VAL D 205 9.49 -0.56 52.66
CA VAL D 205 8.70 -1.70 52.24
C VAL D 205 9.49 -2.50 51.22
N ASP D 206 9.22 -3.80 51.17
CA ASP D 206 9.82 -4.64 50.15
C ASP D 206 9.35 -4.18 48.76
N ARG D 207 10.30 -4.10 47.83
CA ARG D 207 9.96 -3.67 46.47
C ARG D 207 8.97 -4.62 45.84
N GLN D 208 9.17 -5.93 46.02
CA GLN D 208 8.25 -6.91 45.46
C GLN D 208 6.90 -6.85 46.16
N TRP D 209 6.88 -6.59 47.47
CA TRP D 209 5.62 -6.51 48.19
C TRP D 209 4.75 -5.38 47.67
N ALA D 210 5.34 -4.18 47.52
CA ALA D 210 4.58 -3.04 47.03
C ALA D 210 4.17 -3.21 45.57
N GLN D 211 4.90 -4.03 44.79
CA GLN D 211 4.59 -4.21 43.38
C GLN D 211 3.52 -5.27 43.14
N ASP D 212 3.25 -6.14 44.11
CA ASP D 212 2.17 -7.10 44.02
C ASP D 212 0.95 -6.68 44.84
N LEU D 213 0.92 -5.43 45.30
CA LEU D 213 -0.24 -4.92 46.01
C LEU D 213 -1.46 -4.93 45.10
N THR D 214 -2.58 -5.41 45.62
CA THR D 214 -3.82 -5.48 44.83
C THR D 214 -4.56 -4.14 44.95
N LEU D 215 -3.93 -3.11 44.39
CA LEU D 215 -4.46 -1.76 44.39
C LEU D 215 -4.10 -1.07 43.09
N PRO D 216 -4.91 -0.13 42.63
CA PRO D 216 -4.57 0.64 41.42
C PRO D 216 -3.30 1.45 41.65
N TRP D 217 -2.52 1.61 40.58
CA TRP D 217 -1.25 2.31 40.69
C TRP D 217 -1.03 3.22 39.49
N GLN D 218 -0.19 4.23 39.70
CA GLN D 218 0.13 5.26 38.72
C GLN D 218 1.64 5.34 38.56
N SER D 219 2.07 5.87 37.41
CA SER D 219 3.50 6.00 37.12
C SER D 219 3.94 7.45 37.00
N GLY D 220 3.34 8.23 36.11
CA GLY D 220 3.80 9.56 35.80
C GLY D 220 3.06 10.65 36.56
N SER D 221 3.24 11.89 36.07
CA SER D 221 2.56 13.03 36.67
C SER D 221 1.05 12.90 36.55
N GLY D 222 0.54 12.89 35.31
CA GLY D 222 -0.86 12.68 35.07
C GLY D 222 -1.12 11.36 34.38
N GLY D 223 -0.37 10.33 34.77
CA GLY D 223 -0.51 9.04 34.15
C GLY D 223 -1.85 8.39 34.45
N ILE D 224 -2.25 7.49 33.56
CA ILE D 224 -3.49 6.76 33.75
C ILE D 224 -3.39 5.88 34.99
N TRP D 225 -4.51 5.72 35.68
CA TRP D 225 -4.57 4.85 36.85
C TRP D 225 -4.73 3.41 36.37
N ARG D 226 -3.70 2.60 36.55
CA ARG D 226 -3.69 1.24 36.05
C ARG D 226 -4.32 0.28 37.04
N GLU D 227 -4.96 -0.76 36.51
CA GLU D 227 -5.58 -1.81 37.31
C GLU D 227 -6.62 -1.23 38.28
N MET D 228 -7.56 -0.47 37.73
CA MET D 228 -8.60 0.15 38.55
C MET D 228 -9.54 -0.87 39.16
N HIS D 229 -9.56 -2.10 38.63
CA HIS D 229 -10.50 -3.12 39.11
C HIS D 229 -10.22 -3.55 40.55
N HIS D 230 -9.05 -3.22 41.10
CA HIS D 230 -8.74 -3.56 42.49
C HIS D 230 -9.50 -2.70 43.48
N LEU D 231 -10.15 -1.63 43.03
CA LEU D 231 -11.03 -0.84 43.88
C LEU D 231 -12.41 -0.63 43.28
N VAL D 232 -12.62 -0.98 42.02
CA VAL D 232 -13.90 -0.78 41.33
C VAL D 232 -14.29 -2.11 40.70
N GLU D 233 -15.30 -2.76 41.27
CA GLU D 233 -15.87 -3.98 40.71
C GLU D 233 -17.28 -3.71 40.21
N PHE D 234 -17.67 -4.42 39.16
CA PHE D 234 -19.03 -4.41 38.66
C PHE D 234 -19.64 -5.80 38.89
N GLU D 235 -20.80 -5.84 39.52
CA GLU D 235 -21.49 -7.11 39.78
C GLU D 235 -22.49 -7.38 38.68
N PRO D 236 -22.96 -8.63 38.55
CA PRO D 236 -23.75 -9.03 37.37
C PRO D 236 -24.95 -8.14 37.15
N PRO D 237 -25.26 -7.83 35.89
CA PRO D 237 -26.46 -7.04 35.59
C PRO D 237 -27.72 -7.87 35.84
N HIS D 238 -28.87 -7.20 35.80
CA HIS D 238 -30.15 -7.87 35.98
C HIS D 238 -30.95 -7.90 34.68
N ALA D 239 -31.30 -6.73 34.11
CA ALA D 239 -31.75 -6.69 32.72
C ALA D 239 -31.13 -5.56 31.90
N ALA D 240 -31.05 -4.34 32.45
CA ALA D 240 -30.51 -3.20 31.72
C ALA D 240 -29.74 -2.26 32.65
N THR D 241 -29.38 -2.71 33.84
CA THR D 241 -28.77 -1.88 34.86
C THR D 241 -27.63 -2.66 35.50
N ILE D 242 -26.52 -1.97 35.75
CA ILE D 242 -25.38 -2.53 36.45
C ILE D 242 -25.06 -1.65 37.65
N ARG D 243 -24.93 -2.27 38.82
CA ARG D 243 -24.50 -1.58 40.02
C ARG D 243 -23.03 -1.89 40.28
N VAL D 244 -22.32 -0.90 40.82
CA VAL D 244 -20.88 -1.00 41.05
C VAL D 244 -20.63 -1.42 42.50
N LEU D 245 -19.63 -2.27 42.70
CA LEU D 245 -19.19 -2.66 44.04
C LEU D 245 -17.94 -1.87 44.37
N ALA D 246 -18.10 -0.81 45.17
CA ALA D 246 -16.97 -0.01 45.61
C ALA D 246 -16.27 -0.71 46.76
N LEU D 247 -15.02 -1.12 46.55
CA LEU D 247 -14.33 -1.97 47.50
C LEU D 247 -13.85 -1.23 48.75
N GLY D 248 -13.92 0.10 48.76
CA GLY D 248 -13.72 0.85 49.98
C GLY D 248 -12.29 1.32 50.21
N ASN D 249 -12.14 2.17 51.21
CA ASN D 249 -10.84 2.73 51.57
C ASN D 249 -9.95 1.66 52.19
N GLN D 250 -8.71 1.57 51.73
CA GLN D 250 -7.78 0.54 52.14
C GLN D 250 -6.67 1.07 53.04
N GLU D 251 -6.86 2.25 53.64
CA GLU D 251 -5.82 2.83 54.48
C GLU D 251 -5.52 1.94 55.69
N GLY D 252 -6.57 1.50 56.38
CA GLY D 252 -6.35 0.58 57.49
C GLY D 252 -5.73 -0.72 57.05
N SER D 253 -6.12 -1.21 55.87
CA SER D 253 -5.56 -2.46 55.37
C SER D 253 -4.05 -2.35 55.18
N LEU D 254 -3.59 -1.23 54.61
CA LEU D 254 -2.16 -1.05 54.41
C LEU D 254 -1.43 -0.86 55.73
N LYS D 255 -2.08 -0.26 56.73
CA LYS D 255 -1.40 0.03 57.97
C LYS D 255 -1.16 -1.23 58.81
N THR D 256 -2.14 -2.14 58.85
CA THR D 256 -1.91 -3.41 59.55
C THR D 256 -0.83 -4.24 58.86
N ALA D 257 -0.76 -4.18 57.53
CA ALA D 257 0.29 -4.88 56.82
C ALA D 257 1.66 -4.25 57.02
N LEU D 258 1.71 -2.99 57.48
CA LEU D 258 2.96 -2.27 57.63
C LEU D 258 3.40 -2.13 59.09
N THR D 259 2.73 -2.79 60.02
CA THR D 259 3.18 -2.79 61.40
C THR D 259 4.44 -3.63 61.54
N GLY D 260 5.46 -3.06 62.18
CA GLY D 260 6.74 -3.72 62.31
C GLY D 260 7.76 -3.34 61.26
N ALA D 261 7.35 -2.63 60.20
CA ALA D 261 8.28 -2.18 59.19
C ALA D 261 9.04 -0.96 59.67
N MET D 262 10.26 -0.78 59.14
CA MET D 262 11.08 0.37 59.48
C MET D 262 10.39 1.66 59.03
N ARG D 263 10.47 2.70 59.85
CA ARG D 263 9.70 3.93 59.64
C ARG D 263 10.59 5.04 59.10
N VAL D 264 9.93 6.11 58.63
CA VAL D 264 10.59 7.29 58.05
C VAL D 264 9.84 8.55 58.46
N THR D 265 10.60 9.62 58.71
CA THR D 265 10.00 10.93 58.97
C THR D 265 10.76 12.00 58.18
N LYS D 266 10.04 13.12 57.84
CA LYS D 266 10.63 14.12 56.95
C LYS D 266 10.39 15.60 57.34
N ASP D 267 10.20 15.90 58.63
CA ASP D 267 10.08 17.26 59.30
C ASP D 267 9.99 18.49 58.35
N GLU D 268 8.78 19.02 58.22
CA GLU D 268 8.28 19.98 57.23
C GLU D 268 9.21 20.98 56.56
N ASN D 269 10.38 21.32 57.11
CA ASN D 269 11.07 22.52 56.62
C ASN D 269 11.62 22.31 55.20
N ASP D 270 10.70 22.05 54.26
CA ASP D 270 10.85 22.01 52.80
C ASP D 270 12.22 21.51 52.32
N ASN D 271 12.60 20.30 52.73
CA ASN D 271 13.91 19.77 52.38
C ASN D 271 13.87 18.48 51.56
N ASN D 272 12.69 17.91 51.30
CA ASN D 272 12.55 16.64 50.59
C ASN D 272 13.39 15.54 51.26
N LEU D 273 13.67 15.70 52.55
CA LEU D 273 14.65 14.89 53.26
C LEU D 273 13.92 13.84 54.09
N TYR D 274 14.14 12.57 53.74
CA TYR D 274 13.51 11.45 54.42
C TYR D 274 14.48 10.85 55.42
N LYS D 275 14.08 10.85 56.70
CA LYS D 275 14.92 10.34 57.76
C LYS D 275 14.67 8.86 57.98
N LEU D 276 15.74 8.09 58.05
CA LEU D 276 15.65 6.64 58.12
C LEU D 276 15.81 6.18 59.57
N HIS D 277 14.82 5.46 60.08
CA HIS D 277 14.81 5.02 61.47
C HIS D 277 15.36 3.60 61.60
N GLY D 278 16.64 3.46 61.28
CA GLY D 278 17.27 2.16 61.34
C GLY D 278 18.70 2.22 60.86
N GLY D 279 19.30 1.04 60.75
CA GLY D 279 20.68 0.94 60.31
C GLY D 279 21.66 1.40 61.36
N HIS D 280 22.94 1.10 61.17
CA HIS D 280 23.98 1.53 62.08
C HIS D 280 25.18 2.00 61.27
N VAL D 281 26.12 2.65 61.94
CA VAL D 281 27.32 3.19 61.31
C VAL D 281 28.54 2.63 62.00
N SER D 282 29.43 2.02 61.22
CA SER D 282 30.70 1.52 61.72
C SER D 282 31.75 2.62 61.55
N CYS D 283 32.40 2.98 62.64
CA CYS D 283 33.36 4.08 62.64
C CYS D 283 34.71 3.59 63.19
N ARG D 284 35.77 4.14 62.64
CA ARG D 284 37.11 4.04 63.20
C ARG D 284 37.49 5.40 63.76
N VAL D 285 37.93 5.43 65.02
CA VAL D 285 38.12 6.67 65.76
C VAL D 285 39.61 6.88 65.99
N LYS D 286 40.11 8.04 65.58
CA LYS D 286 41.50 8.43 65.77
C LYS D 286 41.59 9.36 66.98
N LEU D 287 42.38 8.97 67.98
CA LEU D 287 42.50 9.74 69.21
C LEU D 287 43.88 10.33 69.46
N SER D 288 44.91 9.86 68.74
CA SER D 288 46.27 10.24 69.08
C SER D 288 46.47 11.75 69.06
N ALA D 289 45.71 12.47 68.24
CA ALA D 289 45.79 13.92 68.18
C ALA D 289 44.93 14.60 69.24
N LEU D 290 44.43 13.87 70.24
CA LEU D 290 43.62 14.44 71.30
C LEU D 290 44.50 14.70 72.52
N THR D 291 44.42 15.91 73.06
CA THR D 291 45.30 16.33 74.15
C THR D 291 44.47 16.82 75.33
N LEU D 292 45.02 16.60 76.53
CA LEU D 292 44.43 17.20 77.73
C LEU D 292 44.74 18.68 77.77
N LYS D 293 43.79 19.45 78.28
CA LYS D 293 44.08 20.81 78.67
C LYS D 293 44.73 20.82 80.05
N GLY D 294 45.75 21.65 80.20
CA GLY D 294 46.27 21.97 81.52
C GLY D 294 46.75 20.81 82.36
N THR D 295 47.58 19.94 81.77
CA THR D 295 48.11 18.80 82.52
C THR D 295 49.02 19.23 83.66
N SER D 296 49.50 20.47 83.66
CA SER D 296 50.44 20.96 84.67
C SER D 296 49.88 22.18 85.39
N TYR D 297 48.59 22.17 85.70
CA TYR D 297 48.04 23.13 86.63
C TYR D 297 48.50 22.78 88.05
N LYS D 298 48.10 23.59 89.02
CA LYS D 298 48.34 23.27 90.42
C LYS D 298 47.11 22.61 91.01
N MET D 299 47.33 21.83 92.06
CA MET D 299 46.23 21.17 92.76
C MET D 299 45.34 22.21 93.42
N CYS D 300 44.02 22.01 93.35
CA CYS D 300 43.09 22.85 94.07
C CYS D 300 43.12 22.47 95.54
N THR D 301 43.31 23.47 96.40
CA THR D 301 43.46 23.24 97.84
C THR D 301 42.38 23.90 98.69
N ASP D 302 41.76 24.97 98.23
CA ASP D 302 40.76 25.69 99.02
C ASP D 302 39.45 24.91 99.05
N LYS D 303 38.45 25.46 99.74
CA LYS D 303 37.22 24.73 99.99
C LYS D 303 36.35 24.69 98.74
N MET D 304 35.92 23.49 98.37
CA MET D 304 35.04 23.26 97.25
C MET D 304 33.71 22.71 97.75
N SER D 305 32.64 23.01 97.02
CA SER D 305 31.29 22.59 97.41
C SER D 305 30.60 21.86 96.27
N PHE D 306 29.75 20.90 96.64
CA PHE D 306 28.93 20.17 95.69
C PHE D 306 27.70 21.02 95.36
N VAL D 307 27.65 21.58 94.15
CA VAL D 307 26.40 22.17 93.69
C VAL D 307 25.37 21.07 93.45
N LYS D 308 25.79 19.97 92.84
CA LYS D 308 24.94 18.82 92.61
C LYS D 308 25.63 17.58 93.17
N ASN D 309 24.90 16.82 93.97
CA ASN D 309 25.46 15.66 94.64
C ASN D 309 25.72 14.53 93.65
N PRO D 310 26.63 13.62 93.99
CA PRO D 310 26.79 12.40 93.20
C PRO D 310 25.48 11.62 93.12
N THR D 311 24.96 11.47 91.90
CA THR D 311 23.73 10.76 91.65
C THR D 311 23.96 9.69 90.59
N ASP D 312 23.22 8.60 90.70
CA ASP D 312 23.36 7.48 89.77
C ASP D 312 22.81 7.88 88.39
N THR D 313 23.60 7.61 87.36
CA THR D 313 23.19 7.91 85.98
C THR D 313 22.41 6.78 85.34
N GLY D 314 22.52 5.56 85.86
CA GLY D 314 21.93 4.39 85.25
C GLY D 314 22.88 3.60 84.37
N HIS D 315 24.05 4.14 84.07
CA HIS D 315 25.06 3.46 83.27
C HIS D 315 26.13 2.80 84.12
N GLY D 316 25.91 2.74 85.43
CA GLY D 316 26.93 2.28 86.32
C GLY D 316 27.88 3.35 86.79
N THR D 317 27.82 4.55 86.23
CA THR D 317 28.66 5.66 86.65
C THR D 317 27.87 6.58 87.59
N VAL D 318 28.46 7.71 87.94
CA VAL D 318 27.80 8.68 88.82
C VAL D 318 28.36 10.06 88.52
N VAL D 319 27.47 11.05 88.43
CA VAL D 319 27.84 12.40 88.01
C VAL D 319 27.64 13.36 89.18
N MET D 320 28.35 14.49 89.10
CA MET D 320 28.35 15.48 90.18
C MET D 320 28.82 16.81 89.64
N GLN D 321 28.33 17.89 90.24
CA GLN D 321 28.78 19.24 89.93
C GLN D 321 29.51 19.80 91.15
N VAL D 322 30.77 20.20 90.97
CA VAL D 322 31.62 20.69 92.04
C VAL D 322 31.93 22.15 91.77
N LYS D 323 31.65 23.01 92.74
CA LYS D 323 31.97 24.42 92.65
C LYS D 323 33.31 24.70 93.31
N VAL D 324 34.08 25.60 92.71
CA VAL D 324 35.36 26.05 93.27
C VAL D 324 35.31 27.57 93.36
N PRO D 325 34.88 28.14 94.49
CA PRO D 325 34.74 29.60 94.54
C PRO D 325 36.07 30.32 94.60
N LYS D 326 37.05 29.78 95.32
CA LYS D 326 38.41 30.30 95.36
C LYS D 326 39.34 29.24 94.78
N GLY D 327 40.36 29.63 94.01
CA GLY D 327 41.21 28.55 93.48
C GLY D 327 42.26 29.00 92.50
N ALA D 328 41.90 29.94 91.62
CA ALA D 328 42.83 30.53 90.63
C ALA D 328 43.43 29.46 89.72
N PRO D 329 42.82 29.17 88.56
CA PRO D 329 43.13 28.09 87.65
C PRO D 329 43.79 26.83 88.21
N CYS D 330 42.99 25.82 88.55
CA CYS D 330 43.65 24.65 89.11
C CYS D 330 42.92 23.39 88.66
N LYS D 331 43.54 22.24 88.95
CA LYS D 331 42.98 20.93 88.62
C LYS D 331 42.40 20.28 89.88
N ILE D 332 41.26 19.63 89.72
CA ILE D 332 40.53 19.04 90.84
C ILE D 332 40.95 17.59 90.96
N PRO D 333 41.56 17.18 92.07
CA PRO D 333 41.84 15.74 92.28
C PRO D 333 40.57 15.00 92.66
N VAL D 334 40.27 13.94 91.91
CA VAL D 334 39.10 13.11 92.15
C VAL D 334 39.55 11.66 92.24
N ILE D 335 39.21 10.98 93.33
CA ILE D 335 39.57 9.59 93.54
C ILE D 335 38.41 8.87 94.20
N VAL D 336 38.27 7.59 93.90
CA VAL D 336 37.24 6.73 94.47
C VAL D 336 37.93 5.57 95.16
N ALA D 337 37.74 5.47 96.47
CA ALA D 337 38.45 4.50 97.30
C ALA D 337 37.45 3.61 98.03
N ASP D 338 37.99 2.73 98.87
CA ASP D 338 37.20 1.89 99.76
C ASP D 338 37.59 2.09 101.22
N ASP D 339 38.49 3.03 101.52
CA ASP D 339 38.95 3.29 102.86
C ASP D 339 39.41 4.74 102.93
N LEU D 340 38.87 5.49 103.89
CA LEU D 340 39.14 6.92 103.95
C LEU D 340 40.60 7.21 104.26
N THR D 341 41.21 6.43 105.15
CA THR D 341 42.59 6.71 105.57
C THR D 341 43.55 6.59 104.40
N ALA D 342 43.63 5.41 103.79
CA ALA D 342 44.51 5.18 102.66
C ALA D 342 43.80 5.63 101.39
N ALA D 343 44.17 6.81 100.89
CA ALA D 343 43.55 7.38 99.70
C ALA D 343 44.09 6.64 98.47
N VAL D 344 43.50 5.47 98.21
CA VAL D 344 43.89 4.61 97.10
C VAL D 344 42.75 4.59 96.10
N ASN D 345 42.99 5.14 94.92
CA ASN D 345 41.96 5.16 93.88
C ASN D 345 41.71 3.75 93.36
N LYS D 346 40.44 3.37 93.29
CA LYS D 346 40.05 2.02 92.91
C LYS D 346 39.18 1.96 91.67
N GLY D 347 38.68 3.09 91.17
CA GLY D 347 37.75 3.07 90.06
C GLY D 347 38.29 3.68 88.78
N ILE D 348 37.39 4.20 87.94
CA ILE D 348 37.73 4.78 86.65
C ILE D 348 37.13 6.17 86.57
N LEU D 349 37.93 7.12 86.09
CA LEU D 349 37.53 8.53 85.99
C LEU D 349 37.16 8.85 84.55
N VAL D 350 35.86 9.05 84.30
CA VAL D 350 35.42 9.36 82.94
C VAL D 350 35.88 10.75 82.53
N THR D 351 35.68 11.73 83.40
CA THR D 351 36.17 13.09 83.16
C THR D 351 37.65 13.10 83.49
N VAL D 352 38.47 12.79 82.50
CA VAL D 352 39.92 12.66 82.71
C VAL D 352 40.50 14.03 83.00
N ASN D 353 41.17 14.15 84.14
CA ASN D 353 41.81 15.38 84.59
C ASN D 353 40.85 16.57 84.62
N PRO D 354 39.95 16.62 85.61
CA PRO D 354 39.05 17.78 85.73
C PRO D 354 39.81 19.08 85.89
N ILE D 355 39.12 20.18 85.61
CA ILE D 355 39.77 21.49 85.51
C ILE D 355 38.80 22.57 85.99
N ALA D 356 39.35 23.56 86.71
CA ALA D 356 38.68 24.82 86.97
C ALA D 356 39.52 25.93 86.37
N SER D 357 38.87 26.85 85.64
CA SER D 357 39.59 27.93 84.97
C SER D 357 39.28 29.30 85.59
N THR D 358 38.03 29.72 85.61
CA THR D 358 37.70 30.91 86.37
C THR D 358 37.15 30.47 87.72
N ASN D 359 37.32 31.32 88.72
CA ASN D 359 36.76 31.02 90.03
C ASN D 359 35.23 31.07 89.92
N ASP D 360 34.57 30.37 90.83
CA ASP D 360 33.11 30.23 90.91
C ASP D 360 32.52 29.36 89.81
N ASP D 361 33.35 28.72 88.99
CA ASP D 361 32.85 27.73 88.03
C ASP D 361 32.24 26.55 88.78
N GLU D 362 31.38 25.83 88.09
CA GLU D 362 30.83 24.57 88.61
C GLU D 362 31.05 23.52 87.53
N VAL D 363 31.93 22.57 87.79
CA VAL D 363 32.35 21.60 86.79
C VAL D 363 31.65 20.28 87.03
N LEU D 364 31.42 19.54 85.94
CA LEU D 364 30.69 18.28 85.98
C LEU D 364 31.67 17.11 85.93
N ILE D 365 31.57 16.22 86.91
CA ILE D 365 32.49 15.10 87.05
C ILE D 365 31.69 13.80 86.97
N GLU D 366 32.12 12.90 86.10
CA GLU D 366 31.55 11.56 86.00
C GLU D 366 32.63 10.54 86.34
N VAL D 367 32.33 9.61 87.27
CA VAL D 367 33.28 8.59 87.69
C VAL D 367 32.59 7.23 87.63
N ASN D 368 33.36 6.17 87.46
CA ASN D 368 32.87 4.82 87.48
C ASN D 368 33.42 4.15 88.74
N PRO D 369 32.65 4.08 89.83
CA PRO D 369 33.17 3.45 91.04
C PRO D 369 33.15 1.94 90.95
N PRO D 370 33.90 1.25 91.80
CA PRO D 370 33.84 -0.20 91.85
C PRO D 370 32.62 -0.68 92.62
N PHE D 371 32.43 -1.99 92.57
CA PHE D 371 31.26 -2.63 93.15
C PHE D 371 31.34 -2.62 94.68
N GLY D 372 30.18 -2.62 95.31
CA GLY D 372 30.13 -2.60 96.77
C GLY D 372 30.25 -1.20 97.34
N ASP D 373 30.55 -1.14 98.63
CA ASP D 373 30.71 0.13 99.31
C ASP D 373 32.00 0.81 98.89
N SER D 374 31.95 2.13 98.80
CA SER D 374 33.10 2.90 98.34
C SER D 374 32.96 4.34 98.83
N TYR D 375 34.01 5.13 98.59
CA TYR D 375 34.05 6.52 99.03
C TYR D 375 34.52 7.38 97.87
N ILE D 376 33.67 8.31 97.44
CA ILE D 376 34.05 9.30 96.44
C ILE D 376 34.74 10.45 97.16
N ILE D 377 35.97 10.73 96.78
CA ILE D 377 36.81 11.71 97.47
C ILE D 377 37.15 12.80 96.48
N VAL D 378 36.80 14.03 96.82
CA VAL D 378 37.21 15.21 96.07
C VAL D 378 37.97 16.11 97.03
N GLY D 379 39.23 16.40 96.72
CA GLY D 379 40.06 17.26 97.53
C GLY D 379 41.10 16.49 98.31
N THR D 380 41.77 17.22 99.19
CA THR D 380 42.90 16.69 99.94
C THR D 380 42.83 16.94 101.43
N GLY D 381 42.38 18.12 101.86
CA GLY D 381 42.57 18.52 103.25
C GLY D 381 41.33 18.56 104.13
N ASP D 382 41.22 19.57 104.99
CA ASP D 382 39.99 19.72 105.76
C ASP D 382 38.83 20.22 104.88
N SER D 383 39.15 20.90 103.78
CA SER D 383 38.16 21.29 102.79
C SER D 383 37.67 20.10 101.96
N ARG D 384 38.32 18.95 102.09
CA ARG D 384 38.07 17.82 101.21
C ARG D 384 36.64 17.30 101.35
N LEU D 385 36.05 16.92 100.22
CA LEU D 385 34.70 16.41 100.16
C LEU D 385 34.71 14.89 100.08
N THR D 386 33.89 14.25 100.90
CA THR D 386 33.68 12.81 100.84
C THR D 386 32.19 12.53 100.75
N TYR D 387 31.80 11.75 99.75
CA TYR D 387 30.42 11.31 99.58
C TYR D 387 30.44 9.80 99.38
N GLN D 388 29.92 9.07 100.36
CA GLN D 388 29.96 7.62 100.32
C GLN D 388 29.02 7.07 99.25
N TRP D 389 29.47 6.00 98.59
CA TRP D 389 28.72 5.40 97.48
C TRP D 389 28.67 3.89 97.63
N HIS D 390 27.47 3.32 97.50
CA HIS D 390 27.26 1.89 97.44
C HIS D 390 26.69 1.53 96.08
N LYS D 391 27.33 0.58 95.41
CA LYS D 391 26.89 0.12 94.10
C LYS D 391 26.62 -1.37 94.14
N GLU D 392 25.54 -1.77 93.49
CA GLU D 392 25.22 -3.18 93.36
C GLU D 392 25.55 -3.69 91.96
N VAL E 2 -23.66 18.78 14.24
CA VAL E 2 -24.01 18.30 15.56
C VAL E 2 -24.82 19.38 16.30
N GLN E 3 -26.14 19.31 16.16
CA GLN E 3 -27.01 20.37 16.67
C GLN E 3 -28.29 19.76 17.25
N LEU E 4 -28.93 20.54 18.11
CA LEU E 4 -30.19 20.17 18.75
C LEU E 4 -31.18 21.29 18.56
N VAL E 5 -32.42 20.94 18.19
CA VAL E 5 -33.49 21.91 17.98
C VAL E 5 -34.65 21.55 18.90
N GLU E 6 -35.03 22.49 19.75
CA GLU E 6 -36.15 22.30 20.67
C GLU E 6 -37.39 23.00 20.14
N SER E 7 -38.55 22.38 20.33
CA SER E 7 -39.80 22.95 19.88
C SER E 7 -40.91 22.54 20.85
N GLY E 8 -42.08 23.13 20.66
CA GLY E 8 -43.23 22.82 21.48
C GLY E 8 -43.57 23.86 22.51
N GLY E 9 -42.91 25.00 22.48
CA GLY E 9 -43.12 25.99 23.50
C GLY E 9 -44.29 26.91 23.26
N GLY E 10 -44.83 27.45 24.36
CA GLY E 10 -45.95 28.36 24.24
C GLY E 10 -46.55 28.73 25.60
N LEU E 11 -47.81 29.15 25.55
CA LEU E 11 -48.53 29.66 26.71
C LEU E 11 -49.59 28.65 27.15
N VAL E 12 -49.56 28.31 28.45
CA VAL E 12 -50.49 27.34 29.03
C VAL E 12 -50.77 27.77 30.47
N LYS E 13 -51.99 27.46 30.96
CA LYS E 13 -52.41 27.76 32.31
C LYS E 13 -52.00 26.64 33.27
N PRO E 14 -51.93 26.92 34.57
CA PRO E 14 -51.53 25.89 35.54
C PRO E 14 -52.46 24.68 35.51
N GLY E 15 -51.87 23.51 35.78
CA GLY E 15 -52.59 22.26 35.71
C GLY E 15 -52.79 21.73 34.31
N GLY E 16 -52.31 22.45 33.29
CA GLY E 16 -52.48 22.05 31.92
C GLY E 16 -51.49 20.97 31.51
N SER E 17 -51.15 20.97 30.23
CA SER E 17 -50.22 19.99 29.69
C SER E 17 -49.49 20.58 28.49
N LEU E 18 -48.28 20.10 28.27
CA LEU E 18 -47.45 20.53 27.16
C LEU E 18 -46.32 19.54 26.93
N ARG E 19 -46.15 19.07 25.70
CA ARG E 19 -45.07 18.15 25.37
C ARG E 19 -44.02 18.89 24.56
N LEU E 20 -42.77 18.83 25.02
CA LEU E 20 -41.66 19.47 24.35
C LEU E 20 -40.87 18.42 23.57
N SER E 21 -40.41 18.81 22.37
CA SER E 21 -39.66 17.93 21.51
C SER E 21 -38.26 18.49 21.27
N CYS E 22 -37.29 17.58 21.13
CA CYS E 22 -35.91 17.94 20.83
C CYS E 22 -35.43 17.05 19.70
N ALA E 23 -35.09 17.65 18.57
CA ALA E 23 -34.62 16.91 17.39
C ALA E 23 -33.11 17.01 17.32
N ALA E 24 -32.45 15.85 17.24
CA ALA E 24 -31.01 15.77 17.23
C ALA E 24 -30.50 15.39 15.84
N SER E 25 -29.31 15.89 15.51
CA SER E 25 -28.68 15.58 14.23
C SER E 25 -27.18 15.77 14.38
N GLY E 26 -26.42 14.99 13.62
CA GLY E 26 -24.98 15.09 13.60
C GLY E 26 -24.22 14.04 14.39
N PHE E 27 -24.91 13.05 14.96
CA PHE E 27 -24.25 12.00 15.71
C PHE E 27 -25.22 10.84 15.87
N ILE E 28 -24.69 9.71 16.37
CA ILE E 28 -25.52 8.56 16.69
C ILE E 28 -26.29 8.88 17.97
N PHE E 29 -27.58 9.20 17.82
CA PHE E 29 -28.38 9.67 18.95
C PHE E 29 -28.51 8.59 20.02
N SER E 30 -28.59 7.33 19.63
CA SER E 30 -28.83 6.22 20.56
C SER E 30 -27.61 5.89 21.43
N ASP E 31 -26.50 6.62 21.29
CA ASP E 31 -25.29 6.32 22.04
C ASP E 31 -24.97 7.37 23.10
N TYR E 32 -25.86 8.33 23.32
CA TYR E 32 -25.54 9.47 24.19
C TYR E 32 -26.67 9.74 25.17
N TYR E 33 -26.29 10.01 26.42
CA TYR E 33 -27.24 10.43 27.43
C TYR E 33 -27.80 11.81 27.09
N MET E 34 -29.10 11.98 27.26
CA MET E 34 -29.78 13.24 27.01
C MET E 34 -30.41 13.75 28.31
N MET E 35 -30.66 15.06 28.36
CA MET E 35 -31.20 15.66 29.56
C MET E 35 -31.84 17.00 29.24
N TRP E 36 -32.79 17.40 30.08
CA TRP E 36 -33.47 18.69 29.94
C TRP E 36 -33.03 19.60 31.08
N ILE E 37 -32.55 20.80 30.72
CA ILE E 37 -32.20 21.84 31.67
C ILE E 37 -33.14 23.02 31.42
N ARG E 38 -33.33 23.84 32.45
CA ARG E 38 -34.18 25.02 32.34
C ARG E 38 -33.58 26.16 33.13
N GLN E 39 -34.01 27.39 32.79
CA GLN E 39 -33.65 28.58 33.54
C GLN E 39 -34.89 29.46 33.69
N ALA E 40 -35.29 29.70 34.92
CA ALA E 40 -36.40 30.59 35.22
C ALA E 40 -35.91 32.04 35.28
N PRO E 41 -36.80 33.01 35.05
CA PRO E 41 -36.39 34.42 35.11
C PRO E 41 -35.84 34.77 36.49
N GLY E 42 -34.70 35.45 36.51
CA GLY E 42 -34.03 35.79 37.74
C GLY E 42 -33.48 34.61 38.52
N LYS E 43 -33.56 33.41 37.96
CA LYS E 43 -33.11 32.18 38.62
C LYS E 43 -31.89 31.64 37.91
N GLY E 44 -31.28 30.62 38.51
CA GLY E 44 -30.14 29.96 37.91
C GLY E 44 -30.55 28.78 37.05
N LEU E 45 -29.58 28.28 36.29
CA LEU E 45 -29.81 27.09 35.48
C LEU E 45 -29.97 25.86 36.38
N GLU E 46 -30.72 24.88 35.88
CA GLU E 46 -31.07 23.72 36.70
C GLU E 46 -31.47 22.59 35.77
N TRP E 47 -30.79 21.45 35.88
CA TRP E 47 -31.18 20.26 35.14
C TRP E 47 -32.33 19.59 35.86
N ILE E 48 -33.41 19.30 35.13
CA ILE E 48 -34.61 18.75 35.71
C ILE E 48 -34.84 17.29 35.34
N SER E 49 -34.44 16.87 34.14
CA SER E 49 -34.59 15.47 33.75
C SER E 49 -33.32 15.02 33.03
N TYR E 50 -33.13 13.70 33.00
CA TYR E 50 -31.87 13.13 32.55
C TYR E 50 -32.14 11.68 32.17
N ILE E 51 -32.00 11.37 30.87
CA ILE E 51 -32.30 10.04 30.36
C ILE E 51 -31.02 9.42 29.82
N SER E 52 -30.88 8.11 29.99
CA SER E 52 -29.75 7.38 29.44
C SER E 52 -29.94 7.15 27.94
N SER E 53 -28.90 6.62 27.31
CA SER E 53 -28.94 6.48 25.87
C SER E 53 -30.00 5.50 25.43
N SER E 54 -30.13 4.36 26.13
CA SER E 54 -31.17 3.39 25.82
C SER E 54 -32.54 3.82 26.35
N GLY E 55 -32.58 4.72 27.32
CA GLY E 55 -33.80 5.03 28.03
C GLY E 55 -34.05 4.16 29.24
N SER E 56 -33.13 3.23 29.55
CA SER E 56 -33.31 2.34 30.70
C SER E 56 -33.08 3.06 32.02
N GLN E 57 -32.26 4.10 32.04
CA GLN E 57 -31.95 4.85 33.26
C GLN E 57 -32.58 6.22 33.15
N ILE E 58 -33.43 6.57 34.12
CA ILE E 58 -34.18 7.81 34.14
C ILE E 58 -33.82 8.55 35.43
N TYR E 59 -33.69 9.87 35.34
CA TYR E 59 -33.38 10.70 36.49
C TYR E 59 -34.17 11.99 36.44
N TYR E 60 -34.83 12.32 37.56
CA TYR E 60 -35.50 13.60 37.72
C TYR E 60 -35.02 14.27 38.99
N THR E 61 -35.27 15.57 39.09
CA THR E 61 -35.17 16.26 40.36
C THR E 61 -36.43 16.04 41.18
N GLU E 62 -36.34 16.31 42.48
CA GLU E 62 -37.53 16.26 43.32
C GLU E 62 -38.54 17.32 42.94
N SER E 63 -38.12 18.34 42.17
CA SER E 63 -39.03 19.39 41.74
C SER E 63 -39.99 18.91 40.66
N VAL E 64 -39.61 17.89 39.88
CA VAL E 64 -40.39 17.48 38.72
C VAL E 64 -40.63 15.97 38.73
N LYS E 65 -40.39 15.33 39.88
CA LYS E 65 -40.34 13.87 39.94
C LYS E 65 -41.63 13.24 39.43
N GLY E 66 -42.75 13.50 40.10
CA GLY E 66 -44.01 12.87 39.77
C GLY E 66 -44.81 13.54 38.68
N ARG E 67 -44.25 14.55 38.02
CA ARG E 67 -45.00 15.33 37.05
C ARG E 67 -44.48 15.19 35.63
N PHE E 68 -43.19 15.40 35.41
CA PHE E 68 -42.63 15.34 34.07
C PHE E 68 -42.16 13.92 33.73
N THR E 69 -41.87 13.71 32.45
CA THR E 69 -41.31 12.44 32.00
C THR E 69 -40.45 12.68 30.77
N ILE E 70 -39.17 12.35 30.88
CA ILE E 70 -38.29 12.32 29.73
C ILE E 70 -38.45 11.00 29.00
N SER E 71 -38.33 11.03 27.67
CA SER E 71 -38.41 9.81 26.87
C SER E 71 -37.74 10.08 25.54
N ARG E 72 -37.48 9.00 24.81
CA ARG E 72 -36.76 9.10 23.54
C ARG E 72 -37.22 7.99 22.60
N ASP E 73 -37.13 8.27 21.31
CA ASP E 73 -37.41 7.32 20.23
C ASP E 73 -36.15 7.28 19.38
N ASN E 74 -35.23 6.39 19.70
CA ASN E 74 -33.92 6.40 19.05
C ASN E 74 -34.01 6.16 17.55
N GLY E 75 -35.14 5.61 17.06
CA GLY E 75 -35.30 5.44 15.63
C GLY E 75 -35.45 6.76 14.89
N LYS E 76 -36.22 7.69 15.45
CA LYS E 76 -36.46 8.99 14.83
C LYS E 76 -35.66 10.12 15.48
N ASN E 77 -34.83 9.82 16.49
CA ASN E 77 -33.84 10.77 17.03
C ASN E 77 -34.53 12.01 17.58
N LEU E 78 -35.52 11.79 18.44
CA LEU E 78 -36.25 12.85 19.12
C LEU E 78 -36.18 12.59 20.62
N LEU E 79 -36.14 13.67 21.38
CA LEU E 79 -36.20 13.59 22.84
C LEU E 79 -37.43 14.36 23.29
N TYR E 80 -38.31 13.70 24.04
CA TYR E 80 -39.56 14.28 24.49
C TYR E 80 -39.51 14.58 25.99
N LEU E 81 -40.02 15.74 26.37
CA LEU E 81 -40.28 16.08 27.76
C LEU E 81 -41.78 16.27 27.91
N GLN E 82 -42.49 15.23 28.32
CA GLN E 82 -43.92 15.33 28.56
C GLN E 82 -44.15 16.04 29.89
N MET E 83 -44.78 17.21 29.84
CA MET E 83 -45.02 18.01 31.03
C MET E 83 -46.48 17.84 31.44
N ASN E 84 -46.70 17.39 32.67
CA ASN E 84 -48.03 17.19 33.21
C ASN E 84 -48.12 17.85 34.58
N SER E 85 -49.36 18.13 35.00
CA SER E 85 -49.64 18.72 36.31
C SER E 85 -48.85 20.00 36.52
N LEU E 86 -48.87 20.86 35.51
CA LEU E 86 -47.98 22.01 35.45
C LEU E 86 -48.27 23.01 36.56
N ARG E 87 -47.22 23.55 37.13
CA ARG E 87 -47.33 24.58 38.13
C ARG E 87 -46.91 25.93 37.52
N GLY E 88 -47.05 27.00 38.30
CA GLY E 88 -46.67 28.32 37.83
C GLY E 88 -45.19 28.63 37.91
N GLU E 89 -44.45 27.89 38.73
CA GLU E 89 -43.02 28.08 38.85
C GLU E 89 -42.23 27.35 37.77
N ASP E 90 -42.91 26.66 36.86
CA ASP E 90 -42.29 26.02 35.71
C ASP E 90 -42.13 26.98 34.55
N THR E 91 -42.51 28.24 34.71
CA THR E 91 -42.34 29.26 33.68
C THR E 91 -40.85 29.52 33.50
N ALA E 92 -40.26 28.98 32.43
CA ALA E 92 -38.82 29.06 32.26
C ALA E 92 -38.47 28.76 30.81
N LEU E 93 -37.21 29.00 30.48
CA LEU E 93 -36.64 28.66 29.19
C LEU E 93 -36.02 27.27 29.29
N TYR E 94 -36.42 26.37 28.41
CA TYR E 94 -36.06 24.96 28.50
C TYR E 94 -35.06 24.58 27.40
N TYR E 95 -34.10 23.72 27.75
CA TYR E 95 -33.07 23.24 26.82
C TYR E 95 -33.02 21.72 26.84
N CYS E 96 -32.69 21.13 25.68
CA CYS E 96 -32.29 19.74 25.61
C CYS E 96 -30.78 19.69 25.36
N ALA E 97 -30.10 18.75 26.03
CA ALA E 97 -28.65 18.72 25.98
C ALA E 97 -28.15 17.30 25.85
N THR E 98 -27.02 17.15 25.15
CA THR E 98 -26.28 15.91 25.17
C THR E 98 -25.37 15.86 26.38
N GLU E 99 -25.07 14.65 26.83
CA GLU E 99 -24.29 14.45 28.05
C GLU E 99 -23.27 13.34 27.78
N THR E 100 -21.99 13.67 27.95
CA THR E 100 -20.93 12.69 27.78
C THR E 100 -19.72 13.13 28.58
N GLY E 101 -18.92 12.16 29.02
CA GLY E 101 -17.79 12.48 29.88
C GLY E 101 -18.19 13.06 31.21
N TRP E 102 -19.44 12.82 31.64
CA TRP E 102 -20.00 13.38 32.86
C TRP E 102 -19.99 14.91 32.85
N ARG E 103 -20.15 15.49 31.66
CA ARG E 103 -20.31 16.92 31.47
C ARG E 103 -21.45 17.16 30.50
N ILE E 104 -22.08 18.31 30.62
CA ILE E 104 -23.15 18.71 29.68
C ILE E 104 -22.48 19.34 28.47
N ASP E 105 -22.55 18.65 27.33
CA ASP E 105 -21.66 18.97 26.21
C ASP E 105 -22.28 19.94 25.21
N THR E 106 -23.39 19.55 24.57
CA THR E 106 -23.96 20.31 23.47
C THR E 106 -25.38 20.73 23.81
N TRP E 107 -25.70 21.99 23.54
CA TRP E 107 -26.96 22.59 23.91
C TRP E 107 -27.80 22.92 22.69
N GLY E 108 -29.03 23.37 22.95
CA GLY E 108 -29.93 23.84 21.92
C GLY E 108 -30.27 25.31 22.11
N GLN E 109 -31.11 25.82 21.20
CA GLN E 109 -31.43 27.24 21.20
C GLN E 109 -32.29 27.65 22.39
N GLY E 110 -33.26 26.84 22.74
CA GLY E 110 -34.17 27.25 23.80
C GLY E 110 -35.59 27.40 23.32
N THR E 111 -36.52 26.96 24.17
CA THR E 111 -37.95 27.11 23.97
C THR E 111 -38.58 27.54 25.28
N LEU E 112 -39.41 28.54 25.18
CA LEU E 112 -39.92 29.29 26.32
C LEU E 112 -41.30 28.79 26.76
N VAL E 113 -41.39 28.30 28.00
CA VAL E 113 -42.66 27.96 28.63
C VAL E 113 -43.14 29.12 29.48
N THR E 114 -44.36 29.59 29.22
CA THR E 114 -44.97 30.65 30.03
C THR E 114 -46.25 30.10 30.63
N VAL E 115 -46.30 30.01 31.96
CA VAL E 115 -47.46 29.49 32.68
C VAL E 115 -48.08 30.63 33.47
N SER E 116 -49.36 30.89 33.20
CA SER E 116 -50.11 31.91 33.95
C SER E 116 -51.59 31.64 33.76
N SER E 117 -52.36 31.77 34.84
CA SER E 117 -53.82 31.57 34.74
C SER E 117 -54.50 32.83 34.15
N ALA E 118 -53.70 33.78 33.66
CA ALA E 118 -54.31 35.06 33.22
C ALA E 118 -54.94 34.95 31.83
N SER E 119 -56.09 35.63 31.73
CA SER E 119 -57.04 35.85 30.65
C SER E 119 -56.81 37.22 30.02
N THR E 120 -57.21 37.35 28.76
CA THR E 120 -57.03 38.60 28.03
C THR E 120 -57.78 39.72 28.74
N LYS E 121 -57.10 40.86 28.93
CA LYS E 121 -57.64 41.95 29.71
C LYS E 121 -57.14 43.28 29.17
N GLY E 122 -57.97 44.32 29.31
CA GLY E 122 -57.61 45.65 28.89
C GLY E 122 -56.88 46.43 29.95
N PRO E 123 -56.31 47.58 29.59
CA PRO E 123 -55.50 48.35 30.54
C PRO E 123 -56.30 49.34 31.36
N SER E 124 -55.62 50.04 32.28
CA SER E 124 -56.17 51.15 33.06
C SER E 124 -55.23 52.32 32.85
N VAL E 125 -55.48 53.10 31.81
CA VAL E 125 -54.55 54.15 31.37
C VAL E 125 -54.75 55.40 32.23
N PHE E 126 -53.73 55.73 33.03
CA PHE E 126 -53.70 56.94 33.84
C PHE E 126 -52.60 57.88 33.34
N PRO E 127 -52.78 59.19 33.52
CA PRO E 127 -51.71 60.14 33.12
C PRO E 127 -50.69 60.35 34.22
N LEU E 128 -49.64 61.12 33.93
CA LEU E 128 -48.60 61.45 34.90
C LEU E 128 -48.28 62.94 34.79
N ALA E 129 -48.43 63.65 35.91
CA ALA E 129 -48.40 65.10 35.92
C ALA E 129 -46.98 65.64 35.75
N PRO E 130 -46.85 66.90 35.29
CA PRO E 130 -45.52 67.52 35.11
C PRO E 130 -44.90 67.96 36.42
N SER E 131 -43.78 67.36 36.78
CA SER E 131 -42.94 67.86 37.85
C SER E 131 -41.68 68.48 37.23
N SER E 132 -40.92 69.18 38.08
CA SER E 132 -39.79 69.98 37.61
C SER E 132 -38.57 69.09 37.38
N LYS E 133 -38.43 68.61 36.15
CA LYS E 133 -37.17 68.05 35.67
C LYS E 133 -36.33 69.15 35.01
N SER E 134 -36.11 70.21 35.77
CA SER E 134 -35.55 71.43 35.21
C SER E 134 -34.03 71.40 35.18
N THR E 135 -33.40 71.14 36.33
CA THR E 135 -31.95 71.21 36.48
C THR E 135 -31.42 72.59 36.11
N SER E 136 -32.26 73.62 36.28
CA SER E 136 -31.90 75.02 36.04
C SER E 136 -31.37 75.23 34.61
N GLY E 137 -32.29 75.11 33.65
CA GLY E 137 -33.73 74.99 33.91
C GLY E 137 -34.56 75.28 32.68
N GLY E 138 -35.88 75.20 32.83
CA GLY E 138 -36.77 75.35 31.70
C GLY E 138 -37.07 74.01 31.04
N THR E 139 -37.34 73.00 31.87
CA THR E 139 -37.59 71.66 31.40
C THR E 139 -38.52 70.96 32.37
N ALA E 140 -39.50 70.23 31.83
CA ALA E 140 -40.47 69.50 32.66
C ALA E 140 -41.06 68.37 31.86
N ALA E 141 -40.87 67.14 32.32
CA ALA E 141 -41.34 65.96 31.60
C ALA E 141 -42.74 65.56 32.07
N LEU E 142 -43.44 64.80 31.21
CA LEU E 142 -44.77 64.29 31.49
C LEU E 142 -44.83 62.84 31.03
N GLY E 143 -45.83 62.11 31.52
CA GLY E 143 -45.92 60.71 31.19
C GLY E 143 -47.35 60.18 31.19
N CYS E 144 -47.48 58.90 30.82
CA CYS E 144 -48.73 58.16 30.87
C CYS E 144 -48.44 56.79 31.43
N LEU E 145 -49.23 56.36 32.42
CA LEU E 145 -49.05 55.06 33.07
C LEU E 145 -50.09 54.08 32.54
N VAL E 146 -49.64 52.98 31.96
CA VAL E 146 -50.49 51.90 31.48
C VAL E 146 -50.32 50.72 32.41
N LYS E 147 -51.43 50.20 32.94
CA LYS E 147 -51.38 49.25 34.03
C LYS E 147 -52.34 48.09 33.80
N ASP E 148 -51.91 46.89 34.20
CA ASP E 148 -52.76 45.71 34.30
C ASP E 148 -53.41 45.36 32.94
N TYR E 149 -52.54 44.99 32.00
CA TYR E 149 -52.97 44.56 30.68
C TYR E 149 -52.28 43.25 30.31
N PHE E 150 -52.93 42.50 29.42
CA PHE E 150 -52.48 41.20 28.94
C PHE E 150 -53.26 40.90 27.66
N PRO E 151 -52.59 40.46 26.58
CA PRO E 151 -51.16 40.21 26.49
C PRO E 151 -50.38 41.33 25.79
N GLU E 152 -49.09 41.07 25.55
CA GLU E 152 -48.30 41.95 24.72
C GLU E 152 -48.77 41.85 23.26
N PRO E 153 -48.59 42.91 22.46
CA PRO E 153 -48.00 44.20 22.84
C PRO E 153 -49.03 45.28 23.11
N VAL E 154 -48.56 46.44 23.54
CA VAL E 154 -49.37 47.66 23.60
C VAL E 154 -48.53 48.79 23.03
N THR E 155 -49.13 49.60 22.16
CA THR E 155 -48.41 50.62 21.41
C THR E 155 -48.86 52.00 21.87
N VAL E 156 -47.89 52.86 22.19
CA VAL E 156 -48.16 54.21 22.65
C VAL E 156 -47.52 55.19 21.67
N SER E 157 -48.31 56.15 21.20
CA SER E 157 -47.83 57.22 20.32
C SER E 157 -48.46 58.52 20.77
N TRP E 158 -47.65 59.58 20.84
CA TRP E 158 -48.08 60.85 21.40
C TRP E 158 -48.67 61.75 20.33
N ASN E 159 -49.90 62.23 20.56
CA ASN E 159 -50.55 63.24 19.73
C ASN E 159 -50.60 62.82 18.27
N SER E 160 -51.02 61.57 18.05
CA SER E 160 -51.14 60.99 16.70
C SER E 160 -49.81 61.04 15.95
N GLY E 161 -48.72 60.75 16.66
CA GLY E 161 -47.42 60.66 16.05
C GLY E 161 -46.80 61.98 15.64
N ALA E 162 -47.20 63.08 16.27
CA ALA E 162 -46.62 64.38 15.95
C ALA E 162 -45.42 64.72 16.82
N LEU E 163 -45.52 64.47 18.13
CA LEU E 163 -44.45 64.78 19.07
C LEU E 163 -43.55 63.56 19.21
N THR E 164 -42.38 63.60 18.57
CA THR E 164 -41.42 62.50 18.58
C THR E 164 -40.02 63.03 18.89
N SER E 165 -39.92 63.90 19.90
CA SER E 165 -38.65 64.43 20.36
C SER E 165 -38.60 64.34 21.87
N GLY E 166 -37.70 63.53 22.39
CA GLY E 166 -37.63 63.28 23.83
C GLY E 166 -38.58 62.22 24.33
N VAL E 167 -39.18 61.43 23.44
CA VAL E 167 -40.11 60.38 23.84
C VAL E 167 -39.33 59.17 24.33
N HIS E 168 -39.82 58.55 25.39
CA HIS E 168 -39.21 57.34 25.95
C HIS E 168 -40.32 56.34 26.28
N THR E 169 -40.32 55.21 25.59
CA THR E 169 -41.31 54.15 25.81
C THR E 169 -40.64 53.04 26.60
N PHE E 170 -40.92 52.99 27.89
CA PHE E 170 -40.30 52.00 28.75
C PHE E 170 -40.96 50.62 28.55
N PRO E 171 -40.17 49.55 28.50
CA PRO E 171 -40.75 48.21 28.43
C PRO E 171 -41.48 47.85 29.71
N ALA E 172 -42.43 46.92 29.57
CA ALA E 172 -43.35 46.59 30.65
C ALA E 172 -42.75 45.57 31.61
N VAL E 173 -43.31 45.55 32.81
CA VAL E 173 -42.95 44.58 33.85
C VAL E 173 -44.00 43.48 33.86
N LEU E 174 -43.61 42.30 34.32
CA LEU E 174 -44.53 41.21 34.57
C LEU E 174 -44.81 41.13 36.06
N GLN E 175 -46.08 41.27 36.45
CA GLN E 175 -46.45 41.21 37.85
C GLN E 175 -46.57 39.76 38.31
N SER E 176 -46.94 39.58 39.57
CA SER E 176 -47.13 38.23 40.11
C SER E 176 -48.35 37.57 39.49
N SER E 177 -49.41 38.33 39.26
CA SER E 177 -50.64 37.78 38.71
C SER E 177 -50.52 37.42 37.23
N GLY E 178 -49.45 37.82 36.57
CA GLY E 178 -49.27 37.55 35.16
C GLY E 178 -49.67 38.67 34.22
N LEU E 179 -49.97 39.85 34.74
CA LEU E 179 -50.34 41.00 33.93
C LEU E 179 -49.15 41.95 33.81
N TYR E 180 -49.16 42.75 32.73
CA TYR E 180 -48.09 43.66 32.43
C TYR E 180 -48.46 45.10 32.78
N SER E 181 -47.44 45.94 32.90
CA SER E 181 -47.62 47.35 33.24
C SER E 181 -46.38 48.12 32.81
N LEU E 182 -46.57 49.17 32.00
CA LEU E 182 -45.46 49.98 31.52
C LEU E 182 -45.80 51.46 31.68
N SER E 183 -44.90 52.31 31.18
CA SER E 183 -45.06 53.75 31.21
C SER E 183 -44.43 54.34 29.96
N SER E 184 -44.89 55.54 29.61
CA SER E 184 -44.34 56.29 28.48
C SER E 184 -44.22 57.75 28.89
N VAL E 185 -43.07 58.36 28.57
CA VAL E 185 -42.78 59.72 29.00
C VAL E 185 -42.23 60.53 27.83
N VAL E 186 -42.22 61.86 28.02
CA VAL E 186 -41.68 62.79 27.05
C VAL E 186 -41.22 64.05 27.79
N THR E 187 -40.18 64.68 27.27
CA THR E 187 -39.59 65.86 27.88
C THR E 187 -39.91 67.10 27.05
N VAL E 188 -40.43 68.13 27.71
CA VAL E 188 -40.81 69.38 27.05
C VAL E 188 -40.40 70.54 27.94
N PRO E 189 -40.28 71.75 27.38
CA PRO E 189 -39.92 72.91 28.19
C PRO E 189 -40.96 73.20 29.26
N SER E 190 -40.55 74.02 30.23
CA SER E 190 -41.41 74.39 31.35
C SER E 190 -42.32 75.57 31.05
N SER E 191 -41.86 76.53 30.25
CA SER E 191 -42.67 77.70 29.92
C SER E 191 -43.72 77.42 28.86
N SER E 192 -43.75 76.21 28.30
CA SER E 192 -44.74 75.81 27.31
C SER E 192 -45.66 74.70 27.83
N LEU E 193 -45.78 74.58 29.15
CA LEU E 193 -46.65 73.55 29.72
C LEU E 193 -48.12 73.83 29.43
N GLY E 194 -48.53 75.10 29.51
CA GLY E 194 -49.90 75.48 29.28
C GLY E 194 -50.24 75.95 27.89
N THR E 195 -49.29 75.90 26.95
CA THR E 195 -49.51 76.39 25.60
C THR E 195 -49.93 75.30 24.62
N GLN E 196 -49.91 74.03 25.02
CA GLN E 196 -50.26 72.95 24.11
C GLN E 196 -50.83 71.78 24.90
N THR E 197 -51.49 70.87 24.18
CA THR E 197 -52.13 69.70 24.74
C THR E 197 -51.30 68.46 24.42
N TYR E 198 -51.20 67.56 25.40
CA TYR E 198 -50.49 66.30 25.24
C TYR E 198 -51.44 65.15 25.49
N ILE E 199 -51.70 64.35 24.47
CA ILE E 199 -52.60 63.20 24.55
C ILE E 199 -51.85 61.98 24.06
N CYS E 200 -51.68 61.00 24.95
CA CYS E 200 -51.01 59.75 24.60
C CYS E 200 -52.04 58.75 24.07
N ASN E 201 -51.74 58.13 22.94
CA ASN E 201 -52.63 57.16 22.31
C ASN E 201 -52.18 55.76 22.69
N VAL E 202 -52.99 55.06 23.47
CA VAL E 202 -52.69 53.71 23.93
C VAL E 202 -53.54 52.75 23.10
N ASN E 203 -52.89 51.93 22.28
CA ASN E 203 -53.56 51.00 21.39
C ASN E 203 -53.27 49.57 21.84
N HIS E 204 -54.31 48.87 22.26
CA HIS E 204 -54.21 47.48 22.72
C HIS E 204 -55.06 46.62 21.77
N LYS E 205 -54.40 45.98 20.82
CA LYS E 205 -55.11 45.26 19.75
C LYS E 205 -55.80 43.96 20.17
N PRO E 206 -55.28 43.17 21.12
CA PRO E 206 -55.99 41.91 21.44
C PRO E 206 -57.39 42.12 21.99
N SER E 207 -57.57 43.10 22.88
CA SER E 207 -58.87 43.42 23.44
C SER E 207 -59.57 44.56 22.72
N ASN E 208 -58.93 45.12 21.67
CA ASN E 208 -59.51 46.18 20.86
C ASN E 208 -59.87 47.41 21.71
N THR E 209 -58.86 47.91 22.43
CA THR E 209 -59.00 49.08 23.28
C THR E 209 -58.16 50.21 22.73
N LYS E 210 -58.79 51.38 22.55
CA LYS E 210 -58.11 52.57 22.02
C LYS E 210 -58.54 53.76 22.88
N VAL E 211 -57.77 54.04 23.93
CA VAL E 211 -58.01 55.17 24.81
C VAL E 211 -56.99 56.25 24.50
N ASP E 212 -57.47 57.47 24.26
CA ASP E 212 -56.61 58.62 23.95
C ASP E 212 -56.66 59.53 25.17
N LYS E 213 -55.73 59.32 26.10
CA LYS E 213 -55.75 59.97 27.41
C LYS E 213 -54.93 61.25 27.40
N ARG E 214 -55.43 62.27 28.07
CA ARG E 214 -54.85 63.60 28.09
C ARG E 214 -54.09 63.85 29.39
N VAL E 215 -53.10 64.73 29.33
CA VAL E 215 -52.31 65.09 30.50
C VAL E 215 -52.35 66.61 30.67
N GLU E 216 -52.29 67.04 31.94
CA GLU E 216 -52.43 68.44 32.29
C GLU E 216 -51.93 68.65 33.71
N PRO E 217 -51.22 69.74 34.01
CA PRO E 217 -50.96 70.14 35.39
C PRO E 217 -52.24 70.17 36.23
N ALA F 2 -26.48 21.43 46.23
CA ALA F 2 -25.80 22.62 46.72
C ALA F 2 -26.04 23.81 45.80
N VAL F 3 -25.13 24.78 45.84
CA VAL F 3 -25.28 26.02 45.08
C VAL F 3 -23.89 26.53 44.72
N LEU F 4 -23.82 27.24 43.60
CA LEU F 4 -22.58 27.85 43.13
C LEU F 4 -22.78 29.37 43.05
N THR F 5 -21.82 30.12 43.60
CA THR F 5 -21.92 31.56 43.69
C THR F 5 -20.93 32.20 42.71
N GLN F 6 -21.42 33.13 41.91
CA GLN F 6 -20.59 33.86 40.96
C GLN F 6 -21.23 35.22 40.75
N PRO F 7 -20.43 36.25 40.47
CA PRO F 7 -20.96 37.61 40.43
C PRO F 7 -21.93 37.82 39.26
N ALA F 8 -22.87 38.76 39.46
CA ALA F 8 -23.96 38.95 38.50
C ALA F 8 -23.48 39.67 37.23
N SER F 9 -22.65 40.70 37.37
CA SER F 9 -22.20 41.50 36.24
C SER F 9 -20.75 41.91 36.44
N VAL F 10 -19.92 41.65 35.44
CA VAL F 10 -18.53 42.13 35.40
C VAL F 10 -18.32 42.81 34.06
N SER F 11 -17.39 43.76 34.03
CA SER F 11 -17.17 44.53 32.82
C SER F 11 -15.68 44.88 32.68
N GLY F 12 -15.24 44.95 31.42
CA GLY F 12 -13.87 45.33 31.12
C GLY F 12 -13.80 45.99 29.75
N SER F 13 -12.67 46.65 29.50
CA SER F 13 -12.36 47.36 28.27
C SER F 13 -11.68 46.43 27.28
N PRO F 14 -11.82 46.70 25.98
CA PRO F 14 -11.24 45.80 24.96
C PRO F 14 -9.72 45.72 25.08
N GLY F 15 -9.23 44.49 25.20
CA GLY F 15 -7.80 44.21 25.24
C GLY F 15 -7.25 43.87 26.60
N GLN F 16 -8.00 44.07 27.68
CA GLN F 16 -7.50 43.83 29.03
C GLN F 16 -7.59 42.33 29.34
N SER F 17 -7.48 41.99 30.63
CA SER F 17 -7.66 40.62 31.08
C SER F 17 -8.54 40.62 32.33
N ILE F 18 -9.59 39.82 32.33
CA ILE F 18 -10.54 39.75 33.43
C ILE F 18 -10.54 38.32 34.00
N THR F 19 -11.19 38.18 35.15
CA THR F 19 -11.36 36.89 35.79
C THR F 19 -12.77 36.81 36.38
N ILE F 20 -13.52 35.77 35.99
CA ILE F 20 -14.86 35.52 36.50
C ILE F 20 -14.78 34.34 37.46
N SER F 21 -15.11 34.58 38.72
CA SER F 21 -14.97 33.58 39.77
C SER F 21 -16.28 32.81 39.97
N CYS F 22 -16.15 31.62 40.54
CA CYS F 22 -17.29 30.74 40.80
C CYS F 22 -16.97 29.93 42.04
N THR F 23 -17.62 30.26 43.15
CA THR F 23 -17.31 29.66 44.46
C THR F 23 -18.36 28.64 44.84
N GLY F 24 -17.91 27.48 45.32
CA GLY F 24 -18.79 26.46 45.85
C GLY F 24 -18.90 26.51 47.36
N THR F 25 -19.58 25.51 47.91
CA THR F 25 -19.82 25.44 49.34
C THR F 25 -19.62 24.01 49.83
N GLY F 26 -18.51 23.76 50.52
CA GLY F 26 -18.26 22.47 51.16
C GLY F 26 -17.74 21.38 50.24
N SER F 27 -18.34 21.31 49.06
CA SER F 27 -18.18 20.20 48.12
C SER F 27 -18.26 20.80 46.70
N ASN F 28 -18.72 19.98 45.76
CA ASN F 28 -19.32 20.28 44.46
C ASN F 28 -18.31 20.83 43.46
N ILE F 29 -17.10 21.19 43.89
CA ILE F 29 -16.05 21.57 42.95
C ILE F 29 -14.79 20.81 43.32
N GLU F 30 -14.72 20.39 44.58
CA GLU F 30 -13.47 19.85 45.11
C GLU F 30 -13.41 18.33 45.15
N THR F 31 -14.56 17.65 45.17
CA THR F 31 -14.53 16.20 45.25
C THR F 31 -14.08 15.58 43.94
N TYR F 32 -14.52 16.14 42.81
CA TYR F 32 -14.31 15.52 41.50
C TYR F 32 -13.42 16.33 40.57
N ASN F 33 -13.40 17.65 40.71
CA ASN F 33 -12.55 18.53 39.89
C ASN F 33 -12.87 18.43 38.41
N LEU F 34 -14.15 18.31 38.07
CA LEU F 34 -14.59 18.45 36.68
C LEU F 34 -15.61 19.59 36.66
N VAL F 35 -15.12 20.80 36.40
CA VAL F 35 -15.92 22.01 36.37
C VAL F 35 -15.96 22.51 34.93
N SER F 36 -17.15 22.84 34.45
CA SER F 36 -17.33 23.27 33.07
C SER F 36 -17.85 24.70 33.02
N TRP F 37 -17.54 25.38 31.90
CA TRP F 37 -17.94 26.76 31.68
C TRP F 37 -18.68 26.86 30.36
N TYR F 38 -19.70 27.73 30.32
CA TYR F 38 -20.56 27.87 29.16
C TYR F 38 -20.74 29.34 28.80
N GLN F 39 -20.69 29.61 27.50
CA GLN F 39 -20.89 30.96 26.96
C GLN F 39 -22.19 30.99 26.17
N ARG F 40 -23.04 31.97 26.44
CA ARG F 40 -24.31 32.11 25.74
C ARG F 40 -24.53 33.56 25.34
N HIS F 41 -24.65 33.78 24.04
CA HIS F 41 -25.12 35.04 23.48
C HIS F 41 -26.65 35.06 23.46
N PRO F 42 -27.28 36.24 23.48
CA PRO F 42 -28.74 36.28 23.62
C PRO F 42 -29.43 35.60 22.45
N GLY F 43 -30.35 34.69 22.77
CA GLY F 43 -31.04 33.91 21.77
C GLY F 43 -30.30 32.69 21.27
N LYS F 44 -28.97 32.68 21.35
CA LYS F 44 -28.16 31.60 20.83
C LYS F 44 -28.15 30.40 21.79
N ALA F 45 -27.56 29.31 21.34
CA ALA F 45 -27.37 28.13 22.18
C ALA F 45 -26.14 28.29 23.05
N PRO F 46 -26.20 27.85 24.30
CA PRO F 46 -24.99 27.87 25.15
C PRO F 46 -23.88 27.02 24.54
N LYS F 47 -22.65 27.50 24.68
CA LYS F 47 -21.49 26.88 24.06
C LYS F 47 -20.48 26.49 25.13
N LEU F 48 -20.07 25.22 25.11
CA LEU F 48 -19.06 24.75 26.04
C LEU F 48 -17.70 25.36 25.67
N ILE F 49 -17.12 26.10 26.61
CA ILE F 49 -15.81 26.71 26.39
C ILE F 49 -14.73 26.17 27.31
N LEU F 50 -15.09 25.56 28.43
CA LEU F 50 -14.13 24.86 29.28
C LEU F 50 -14.82 23.70 29.97
N TYR F 51 -14.10 22.60 30.10
CA TYR F 51 -14.51 21.46 30.92
C TYR F 51 -13.27 20.93 31.60
N GLU F 52 -13.52 20.13 32.64
CA GLU F 52 -12.50 19.49 33.48
C GLU F 52 -11.57 20.58 34.00
N VAL F 53 -12.17 21.71 34.37
CA VAL F 53 -11.51 22.90 34.94
C VAL F 53 -10.61 23.58 33.93
N SER F 54 -9.46 23.00 33.61
CA SER F 54 -8.54 23.76 32.75
C SER F 54 -8.61 23.38 31.27
N GLU F 55 -9.29 22.31 30.90
CA GLU F 55 -9.20 21.82 29.53
C GLU F 55 -10.17 22.57 28.60
N ARG F 56 -9.87 22.49 27.30
CA ARG F 56 -10.46 23.37 26.30
C ARG F 56 -11.00 22.56 25.13
N PRO F 57 -12.27 22.76 24.75
CA PRO F 57 -12.81 22.04 23.60
C PRO F 57 -12.20 22.53 22.29
N SER F 58 -12.25 21.64 21.29
CA SER F 58 -11.72 21.94 19.97
C SER F 58 -12.44 23.13 19.34
N GLY F 59 -11.72 24.23 19.15
CA GLY F 59 -12.26 25.43 18.54
C GLY F 59 -12.26 26.64 19.44
N VAL F 60 -12.20 26.46 20.76
CA VAL F 60 -12.19 27.60 21.68
C VAL F 60 -10.79 28.19 21.72
N SER F 61 -10.72 29.52 21.67
CA SER F 61 -9.43 30.20 21.63
C SER F 61 -8.69 30.06 22.95
N ASN F 62 -7.37 30.28 22.89
CA ASN F 62 -6.52 30.18 24.07
C ASN F 62 -6.70 31.35 25.02
N ARG F 63 -7.38 32.41 24.61
CA ARG F 63 -7.66 33.51 25.53
C ARG F 63 -8.60 33.07 26.64
N PHE F 64 -9.43 32.06 26.40
CA PHE F 64 -10.25 31.47 27.44
C PHE F 64 -9.43 30.43 28.21
N SER F 65 -9.36 30.57 29.52
CA SER F 65 -8.60 29.66 30.35
C SER F 65 -9.30 29.47 31.68
N GLY F 66 -8.98 28.36 32.35
CA GLY F 66 -9.61 28.02 33.61
C GLY F 66 -8.58 27.65 34.66
N SER F 67 -8.98 27.84 35.91
CA SER F 67 -8.13 27.50 37.05
C SER F 67 -9.02 27.15 38.23
N LYS F 68 -8.39 26.66 39.30
CA LYS F 68 -9.12 26.18 40.45
C LYS F 68 -8.21 26.21 41.67
N SER F 69 -8.78 26.58 42.81
CA SER F 69 -8.04 26.56 44.08
C SER F 69 -9.07 26.42 45.20
N GLY F 70 -9.16 25.24 45.79
CA GLY F 70 -10.17 25.00 46.81
C GLY F 70 -11.53 24.83 46.16
N ASN F 71 -12.54 25.47 46.75
CA ASN F 71 -13.90 25.44 46.21
C ASN F 71 -14.21 26.64 45.34
N THR F 72 -13.19 27.20 44.68
CA THR F 72 -13.37 28.30 43.74
C THR F 72 -12.82 27.88 42.38
N ALA F 73 -13.68 27.90 41.38
CA ALA F 73 -13.28 27.70 39.99
C ALA F 73 -13.28 29.05 39.29
N SER F 74 -12.26 29.29 38.46
CA SER F 74 -12.04 30.61 37.88
C SER F 74 -11.98 30.50 36.36
N LEU F 75 -12.71 31.38 35.68
CA LEU F 75 -12.64 31.55 34.23
C LEU F 75 -11.93 32.87 33.95
N THR F 76 -10.76 32.78 33.30
CA THR F 76 -9.99 33.96 32.94
C THR F 76 -10.07 34.17 31.43
N ILE F 77 -10.42 35.39 31.03
CA ILE F 77 -10.51 35.77 29.63
C ILE F 77 -9.50 36.89 29.39
N SER F 78 -8.59 36.67 28.43
CA SER F 78 -7.52 37.60 28.14
C SER F 78 -7.80 38.31 26.81
N GLY F 79 -7.39 39.58 26.74
CA GLY F 79 -7.57 40.36 25.53
C GLY F 79 -9.02 40.45 25.11
N LEU F 80 -9.84 41.17 25.87
CA LEU F 80 -11.27 41.22 25.59
C LEU F 80 -11.55 41.66 24.17
N GLN F 81 -12.75 41.32 23.72
CA GLN F 81 -13.17 41.50 22.34
C GLN F 81 -14.67 41.79 22.34
N ALA F 82 -15.10 42.63 21.41
CA ALA F 82 -16.52 42.98 21.35
C ALA F 82 -17.41 41.76 21.19
N GLU F 83 -16.87 40.68 20.61
CA GLU F 83 -17.63 39.45 20.46
C GLU F 83 -17.84 38.72 21.78
N ASP F 84 -17.03 39.02 22.80
CA ASP F 84 -17.07 38.28 24.07
C ASP F 84 -18.23 38.68 24.97
N GLU F 85 -18.89 39.80 24.71
CA GLU F 85 -19.99 40.24 25.55
C GLU F 85 -21.13 39.24 25.49
N ALA F 86 -21.34 38.50 26.59
CA ALA F 86 -22.32 37.43 26.66
C ALA F 86 -22.46 37.01 28.10
N ASP F 87 -23.25 35.96 28.32
CA ASP F 87 -23.43 35.37 29.64
C ASP F 87 -22.47 34.20 29.82
N TYR F 88 -21.97 34.04 31.05
CA TYR F 88 -21.01 32.99 31.36
C TYR F 88 -21.48 32.23 32.59
N PHE F 89 -21.60 30.91 32.45
CA PHE F 89 -22.13 30.04 33.49
C PHE F 89 -21.08 29.02 33.89
N CYS F 90 -20.95 28.79 35.20
CA CYS F 90 -20.10 27.73 35.72
C CYS F 90 -20.97 26.56 36.15
N CYS F 91 -20.59 25.36 35.73
CA CYS F 91 -21.30 24.14 36.09
C CYS F 91 -20.31 23.16 36.70
N SER F 92 -20.84 22.31 37.57
CA SER F 92 -19.93 21.40 38.30
C SER F 92 -20.70 20.18 38.78
N TYR F 93 -20.08 19.02 38.65
CA TYR F 93 -20.65 17.76 39.12
C TYR F 93 -20.50 17.69 40.63
N ALA F 94 -21.61 17.86 41.35
CA ALA F 94 -21.54 17.97 42.81
C ALA F 94 -21.35 16.61 43.47
N ASP F 95 -22.31 15.71 43.32
CA ASP F 95 -22.21 14.40 43.95
C ASP F 95 -23.06 13.41 43.17
N THR F 96 -23.16 12.19 43.71
CA THR F 96 -23.90 11.09 43.10
C THR F 96 -25.42 11.27 43.21
N ASN F 97 -25.88 12.23 44.01
CA ASN F 97 -27.32 12.42 44.22
C ASN F 97 -27.92 13.51 43.34
N ILE F 98 -27.31 14.68 43.38
CA ILE F 98 -27.85 15.89 42.70
C ILE F 98 -27.06 16.20 41.43
N PHE F 99 -26.15 15.30 41.07
CA PHE F 99 -25.30 15.41 39.87
C PHE F 99 -24.79 16.83 39.60
N TRP F 100 -25.48 17.58 38.76
CA TRP F 100 -24.91 18.81 38.24
C TRP F 100 -25.60 20.02 38.87
N VAL F 101 -24.79 21.00 39.29
CA VAL F 101 -25.28 22.27 39.80
C VAL F 101 -24.66 23.39 38.97
N PHE F 102 -25.43 24.43 38.72
CA PHE F 102 -24.99 25.57 37.92
C PHE F 102 -24.77 26.79 38.80
N GLY F 103 -24.15 27.81 38.21
CA GLY F 103 -24.05 29.11 38.82
C GLY F 103 -25.20 30.01 38.40
N GLY F 104 -25.25 31.19 39.01
CA GLY F 104 -26.30 32.14 38.69
C GLY F 104 -26.13 32.89 37.39
N GLY F 105 -24.98 32.78 36.76
CA GLY F 105 -24.71 33.48 35.52
C GLY F 105 -23.99 34.80 35.75
N THR F 106 -23.23 35.21 34.74
CA THR F 106 -22.44 36.44 34.79
C THR F 106 -22.47 37.10 33.43
N HIS F 107 -23.05 38.30 33.36
CA HIS F 107 -23.18 39.02 32.11
C HIS F 107 -21.95 39.90 31.92
N LEU F 108 -21.08 39.50 31.00
CA LEU F 108 -19.87 40.25 30.71
C LEU F 108 -20.16 41.38 29.75
N THR F 109 -19.72 42.58 30.08
CA THR F 109 -19.88 43.76 29.25
C THR F 109 -18.50 44.22 28.77
N VAL F 110 -18.33 44.33 27.45
CA VAL F 110 -17.10 44.84 26.86
C VAL F 110 -17.30 46.31 26.56
N LEU F 111 -16.51 47.17 27.21
CA LEU F 111 -16.75 48.61 27.21
C LEU F 111 -16.17 49.22 25.93
N GLY F 112 -16.88 49.02 24.83
CA GLY F 112 -16.66 49.85 23.66
C GLY F 112 -17.21 51.24 23.85
N GLN F 113 -17.99 51.46 24.93
CA GLN F 113 -18.56 52.80 25.29
C GLN F 113 -17.92 53.41 26.57
N PRO F 114 -18.36 54.60 27.07
CA PRO F 114 -17.93 55.23 28.35
C PRO F 114 -19.02 55.25 29.42
N LYS F 115 -18.78 55.88 30.60
CA LYS F 115 -19.79 55.76 31.65
C LYS F 115 -20.95 56.70 31.37
N ALA F 116 -22.16 56.25 31.73
CA ALA F 116 -23.36 57.07 31.63
C ALA F 116 -24.07 57.02 32.97
N ALA F 117 -24.14 58.16 33.66
CA ALA F 117 -24.81 58.20 34.94
C ALA F 117 -26.31 57.93 34.75
N PRO F 118 -26.92 57.10 35.58
CA PRO F 118 -28.34 56.78 35.40
C PRO F 118 -29.25 57.96 35.70
N SER F 119 -29.85 58.54 34.66
CA SER F 119 -30.79 59.63 34.82
C SER F 119 -32.15 59.06 35.23
N VAL F 120 -32.66 59.52 36.37
CA VAL F 120 -33.82 58.91 37.02
C VAL F 120 -34.98 59.90 37.01
N THR F 121 -36.19 59.35 36.88
CA THR F 121 -37.42 60.14 36.93
C THR F 121 -38.40 59.41 37.86
N LEU F 122 -38.73 60.06 38.98
CA LEU F 122 -39.65 59.51 39.97
C LEU F 122 -40.98 60.22 39.88
N PHE F 123 -42.06 59.48 40.09
CA PHE F 123 -43.41 60.00 39.93
C PHE F 123 -44.25 59.74 41.16
N PRO F 124 -45.17 60.65 41.49
CA PRO F 124 -46.18 60.35 42.51
C PRO F 124 -47.43 59.78 41.87
N PRO F 125 -48.33 59.18 42.65
CA PRO F 125 -49.58 58.69 42.08
C PRO F 125 -50.45 59.83 41.58
N SER F 126 -51.26 59.54 40.55
CA SER F 126 -52.19 60.51 40.03
C SER F 126 -53.46 60.54 40.89
N SER F 127 -54.18 61.66 40.80
CA SER F 127 -55.43 61.80 41.55
C SER F 127 -56.46 60.79 41.08
N GLU F 128 -56.57 60.59 39.75
CA GLU F 128 -57.53 59.64 39.22
C GLU F 128 -57.23 58.21 39.69
N GLU F 129 -55.96 57.88 39.87
CA GLU F 129 -55.61 56.57 40.40
C GLU F 129 -56.03 56.45 41.86
N LEU F 130 -55.87 57.52 42.64
CA LEU F 130 -56.37 57.51 44.02
C LEU F 130 -57.89 57.42 44.07
N GLN F 131 -58.57 57.88 43.02
CA GLN F 131 -60.02 57.71 42.95
C GLN F 131 -60.40 56.24 42.87
N ALA F 132 -59.51 55.39 42.36
CA ALA F 132 -59.74 53.96 42.26
C ALA F 132 -59.19 53.20 43.47
N ASN F 133 -58.84 53.92 44.55
CA ASN F 133 -58.37 53.31 45.80
C ASN F 133 -57.07 52.55 45.61
N LYS F 134 -56.14 53.15 44.86
CA LYS F 134 -54.81 52.60 44.69
C LYS F 134 -53.83 53.75 44.52
N ALA F 135 -52.54 53.45 44.72
CA ALA F 135 -51.48 54.44 44.60
C ALA F 135 -50.21 53.74 44.15
N THR F 136 -49.69 54.13 42.99
CA THR F 136 -48.50 53.51 42.41
C THR F 136 -47.39 54.56 42.31
N LEU F 137 -46.22 54.23 42.85
CA LEU F 137 -45.04 55.07 42.73
C LEU F 137 -44.15 54.48 41.64
N VAL F 138 -43.92 55.25 40.58
CA VAL F 138 -43.20 54.79 39.41
C VAL F 138 -41.84 55.49 39.38
N CYS F 139 -40.77 54.69 39.38
CA CYS F 139 -39.41 55.19 39.28
C CYS F 139 -38.80 54.65 37.99
N LEU F 140 -38.39 55.55 37.11
CA LEU F 140 -37.92 55.19 35.78
C LEU F 140 -36.43 55.54 35.66
N ILE F 141 -35.64 54.55 35.24
CA ILE F 141 -34.20 54.71 35.08
C ILE F 141 -33.87 54.68 33.59
N SER F 142 -33.18 55.71 33.12
CA SER F 142 -32.86 55.84 31.71
C SER F 142 -31.42 56.28 31.52
N ASP F 143 -30.85 55.89 30.39
CA ASP F 143 -29.53 56.34 29.93
C ASP F 143 -28.44 56.03 30.95
N PHE F 144 -28.25 54.74 31.19
CA PHE F 144 -27.10 54.26 31.94
C PHE F 144 -26.37 53.19 31.11
N TYR F 145 -25.05 53.16 31.25
CA TYR F 145 -24.21 52.21 30.56
C TYR F 145 -23.10 51.82 31.53
N PRO F 146 -22.87 50.52 31.77
CA PRO F 146 -23.58 49.36 31.21
C PRO F 146 -24.94 49.09 31.85
N GLY F 147 -25.57 47.99 31.45
CA GLY F 147 -26.89 47.62 31.94
C GLY F 147 -26.91 46.72 33.15
N ALA F 148 -26.54 47.24 34.32
CA ALA F 148 -26.63 46.49 35.56
C ALA F 148 -26.81 47.49 36.70
N VAL F 149 -27.88 47.32 37.48
CA VAL F 149 -28.35 48.37 38.39
C VAL F 149 -28.91 47.72 39.65
N THR F 150 -28.70 48.39 40.79
CA THR F 150 -29.34 48.05 42.05
C THR F 150 -30.35 49.13 42.40
N VAL F 151 -31.55 48.72 42.82
CA VAL F 151 -32.66 49.63 43.08
C VAL F 151 -33.13 49.45 44.53
N ALA F 152 -33.39 50.57 45.20
CA ALA F 152 -33.90 50.56 46.57
C ALA F 152 -34.99 51.61 46.72
N TRP F 153 -36.03 51.28 47.50
CA TRP F 153 -37.15 52.16 47.77
C TRP F 153 -37.15 52.55 49.25
N LYS F 154 -37.86 53.64 49.56
CA LYS F 154 -37.84 54.21 50.90
C LYS F 154 -39.19 54.76 51.30
N ALA F 155 -39.56 54.57 52.57
CA ALA F 155 -40.81 55.06 53.15
C ALA F 155 -40.47 56.11 54.21
N ASP F 156 -40.33 57.35 53.74
CA ASP F 156 -39.98 58.59 54.44
C ASP F 156 -38.52 58.65 54.87
N SER F 157 -37.95 57.51 55.26
CA SER F 157 -36.52 57.29 55.29
C SER F 157 -36.24 55.80 55.31
N SER F 158 -37.31 55.00 55.32
CA SER F 158 -37.21 53.61 55.75
C SER F 158 -37.34 52.66 54.57
N PRO F 159 -36.57 51.57 54.55
CA PRO F 159 -36.57 50.67 53.39
C PRO F 159 -37.91 49.99 53.22
N VAL F 160 -38.53 50.18 52.05
CA VAL F 160 -39.78 49.52 51.75
C VAL F 160 -39.52 48.04 51.45
N LYS F 161 -40.42 47.18 51.91
CA LYS F 161 -40.25 45.74 51.80
C LYS F 161 -41.20 45.09 50.81
N ALA F 162 -42.48 45.42 50.86
CA ALA F 162 -43.50 44.76 50.05
C ALA F 162 -43.99 45.67 48.92
N GLY F 163 -44.37 45.03 47.82
CA GLY F 163 -44.98 45.73 46.71
C GLY F 163 -44.07 46.18 45.59
N VAL F 164 -42.82 45.72 45.57
CA VAL F 164 -41.83 46.21 44.61
C VAL F 164 -41.78 45.27 43.41
N GLU F 165 -42.06 45.80 42.23
CA GLU F 165 -41.85 45.12 40.96
C GLU F 165 -40.67 45.77 40.25
N THR F 166 -39.81 44.95 39.63
CA THR F 166 -38.65 45.46 38.92
C THR F 166 -38.40 44.59 37.70
N THR F 167 -38.09 45.23 36.57
CA THR F 167 -37.82 44.53 35.32
C THR F 167 -36.37 44.03 35.30
N THR F 168 -35.96 43.54 34.14
CA THR F 168 -34.58 43.30 33.78
C THR F 168 -34.16 44.29 32.69
N PRO F 169 -32.89 44.66 32.63
CA PRO F 169 -32.48 45.75 31.72
C PRO F 169 -32.85 45.45 30.28
N SER F 170 -33.37 46.48 29.60
CA SER F 170 -33.76 46.39 28.20
C SER F 170 -33.10 47.53 27.44
N LYS F 171 -32.45 47.19 26.33
CA LYS F 171 -31.67 48.17 25.57
C LYS F 171 -32.58 49.13 24.83
N GLN F 172 -32.19 50.40 24.82
CA GLN F 172 -32.92 51.41 24.07
C GLN F 172 -32.35 51.48 22.64
N SER F 173 -32.76 52.50 21.87
CA SER F 173 -32.38 52.60 20.48
C SER F 173 -31.05 53.30 20.25
N ASN F 174 -30.47 53.92 21.28
CA ASN F 174 -29.16 54.56 21.17
C ASN F 174 -28.07 53.79 21.89
N ASN F 175 -28.31 52.49 22.14
CA ASN F 175 -27.40 51.50 22.69
C ASN F 175 -27.22 51.60 24.21
N LYS F 176 -27.81 52.59 24.88
CA LYS F 176 -27.79 52.61 26.34
C LYS F 176 -28.84 51.62 26.85
N TYR F 177 -29.12 51.67 28.16
CA TYR F 177 -30.06 50.74 28.76
C TYR F 177 -31.06 51.50 29.64
N ALA F 178 -32.21 50.86 29.84
CA ALA F 178 -33.27 51.46 30.64
C ALA F 178 -34.02 50.36 31.38
N ALA F 179 -34.55 50.71 32.55
CA ALA F 179 -35.31 49.78 33.36
C ALA F 179 -36.32 50.56 34.21
N SER F 180 -37.33 49.86 34.69
CA SER F 180 -38.42 50.47 35.44
C SER F 180 -38.51 49.83 36.82
N SER F 181 -39.04 50.59 37.78
CA SER F 181 -39.25 50.12 39.13
C SER F 181 -40.62 50.60 39.61
N TYR F 182 -41.41 49.68 40.16
CA TYR F 182 -42.77 49.95 40.59
C TYR F 182 -42.91 49.69 42.08
N LEU F 183 -43.68 50.54 42.76
CA LEU F 183 -44.02 50.36 44.16
C LEU F 183 -45.53 50.39 44.29
N SER F 184 -46.12 49.26 44.66
CA SER F 184 -47.58 49.14 44.78
C SER F 184 -48.00 49.55 46.18
N LEU F 185 -48.81 50.60 46.27
CA LEU F 185 -49.28 51.14 47.53
C LEU F 185 -50.79 51.30 47.50
N THR F 186 -51.37 51.36 48.69
CA THR F 186 -52.76 51.70 48.98
C THR F 186 -52.88 53.18 49.32
N PRO F 187 -54.01 53.82 49.04
CA PRO F 187 -54.08 55.29 49.15
C PRO F 187 -53.89 55.85 50.55
N GLU F 188 -53.71 55.04 51.59
CA GLU F 188 -53.48 55.58 52.92
C GLU F 188 -52.00 55.70 53.26
N GLN F 189 -51.16 54.81 52.74
CA GLN F 189 -49.74 54.89 53.03
C GLN F 189 -49.07 56.07 52.30
N TRP F 190 -49.64 56.48 51.17
CA TRP F 190 -49.10 57.62 50.44
C TRP F 190 -49.29 58.92 51.21
N LYS F 191 -50.45 59.08 51.87
CA LYS F 191 -50.75 60.30 52.62
C LYS F 191 -50.18 60.28 54.02
N SER F 192 -50.18 59.12 54.68
CA SER F 192 -49.71 59.03 56.06
C SER F 192 -48.21 59.28 56.19
N HIS F 193 -47.45 59.07 55.12
CA HIS F 193 -46.01 59.25 55.14
C HIS F 193 -45.63 60.63 54.59
N ARG F 194 -44.55 61.19 55.12
CA ARG F 194 -44.11 62.51 54.71
C ARG F 194 -43.64 62.51 53.26
N SER F 195 -42.93 61.46 52.84
CA SER F 195 -42.39 61.39 51.48
C SER F 195 -41.97 59.96 51.18
N TYR F 196 -41.69 59.71 49.91
CA TYR F 196 -41.07 58.47 49.48
C TYR F 196 -39.89 58.79 48.58
N SER F 197 -38.89 57.92 48.60
CA SER F 197 -37.65 58.14 47.86
C SER F 197 -37.26 56.89 47.09
N CYS F 198 -36.97 57.06 45.81
CA CYS F 198 -36.39 56.02 44.98
C CYS F 198 -34.91 56.32 44.80
N GLN F 199 -34.06 55.35 45.17
CA GLN F 199 -32.62 55.52 45.05
C GLN F 199 -32.02 54.36 44.26
N VAL F 200 -31.12 54.72 43.35
CA VAL F 200 -30.50 53.77 42.41
C VAL F 200 -29.01 53.74 42.69
N THR F 201 -28.44 52.55 42.78
CA THR F 201 -27.00 52.37 42.96
C THR F 201 -26.44 51.71 41.72
N HIS F 202 -25.61 52.46 40.97
CA HIS F 202 -25.01 51.98 39.74
C HIS F 202 -23.50 52.18 39.83
N GLU F 203 -22.76 51.08 39.91
CA GLU F 203 -21.31 51.07 40.07
C GLU F 203 -20.86 51.82 41.32
N GLY F 204 -21.78 52.09 42.24
CA GLY F 204 -21.47 52.71 43.50
C GLY F 204 -22.14 54.05 43.71
N SER F 205 -22.08 54.93 42.69
CA SER F 205 -22.66 56.26 42.83
C SER F 205 -24.18 56.16 42.81
N THR F 206 -24.82 56.69 43.85
CA THR F 206 -26.25 56.55 44.05
C THR F 206 -26.98 57.85 43.68
N VAL F 207 -28.08 57.72 42.94
CA VAL F 207 -28.92 58.83 42.54
C VAL F 207 -30.25 58.71 43.25
N GLU F 208 -30.79 59.84 43.69
CA GLU F 208 -32.03 59.87 44.46
C GLU F 208 -33.02 60.85 43.84
N LYS F 209 -34.31 60.55 44.05
CA LYS F 209 -35.40 61.47 43.79
C LYS F 209 -36.43 61.30 44.90
N THR F 210 -37.28 62.31 45.07
CA THR F 210 -38.22 62.31 46.19
C THR F 210 -39.54 62.92 45.76
N VAL F 211 -40.65 62.37 46.28
CA VAL F 211 -41.98 62.89 46.06
C VAL F 211 -42.71 62.93 47.39
N ALA F 212 -43.63 63.88 47.52
CA ALA F 212 -44.39 64.05 48.75
C ALA F 212 -45.88 64.24 48.43
N PRO F 213 -46.76 63.80 49.32
CA PRO F 213 -48.21 63.96 49.07
C PRO F 213 -48.64 65.41 49.17
N THR F 214 -49.24 65.91 48.10
CA THR F 214 -49.84 67.24 48.05
C THR F 214 -51.34 67.10 47.85
N GLU F 215 -52.04 68.23 47.86
CA GLU F 215 -53.48 68.24 47.71
C GLU F 215 -53.92 69.45 46.90
N CYS F 216 -55.09 69.32 46.28
CA CYS F 216 -55.80 70.43 45.66
C CYS F 216 -56.97 70.74 46.60
N SER F 217 -56.71 71.60 47.58
CA SER F 217 -57.69 71.91 48.62
C SER F 217 -58.92 72.62 48.07
N ALA G 1 -36.97 -21.66 -11.77
CA ALA G 1 -37.74 -20.93 -12.78
C ALA G 1 -36.81 -20.10 -13.68
N HIS G 2 -36.57 -20.58 -14.89
CA HIS G 2 -37.13 -21.84 -15.38
C HIS G 2 -36.22 -23.00 -15.02
N CYS G 3 -36.82 -24.10 -14.56
CA CYS G 3 -36.05 -25.25 -14.11
C CYS G 3 -35.24 -25.89 -15.24
N ILE G 4 -35.58 -25.61 -16.49
CA ILE G 4 -34.85 -26.20 -17.61
C ILE G 4 -33.39 -25.75 -17.60
N GLY G 5 -33.15 -24.47 -17.34
CA GLY G 5 -31.82 -23.90 -17.34
C GLY G 5 -31.02 -24.08 -16.07
N ILE G 6 -31.49 -24.90 -15.14
CA ILE G 6 -30.79 -25.18 -13.89
C ILE G 6 -30.50 -26.68 -13.85
N THR G 7 -29.22 -27.03 -13.68
CA THR G 7 -28.81 -28.42 -13.82
C THR G 7 -29.36 -29.30 -12.72
N ASP G 8 -29.25 -28.86 -11.47
CA ASP G 8 -29.72 -29.66 -10.33
C ASP G 8 -31.20 -29.38 -10.16
N ARG G 9 -32.04 -30.29 -10.67
CA ARG G 9 -33.46 -30.06 -10.82
C ARG G 9 -34.23 -31.31 -10.41
N ASP G 10 -35.36 -31.12 -9.74
CA ASP G 10 -36.14 -32.21 -9.18
C ASP G 10 -37.62 -32.03 -9.50
N PHE G 11 -38.30 -33.14 -9.77
CA PHE G 11 -39.74 -33.16 -9.99
C PHE G 11 -40.46 -33.69 -8.76
N ILE G 12 -41.61 -33.10 -8.46
CA ILE G 12 -42.48 -33.55 -7.36
C ILE G 12 -43.90 -33.71 -7.90
N GLU G 13 -44.56 -34.79 -7.51
CA GLU G 13 -45.89 -35.12 -8.00
C GLU G 13 -46.89 -35.08 -6.86
N GLY G 14 -48.06 -34.49 -7.12
CA GLY G 14 -49.17 -34.50 -6.21
C GLY G 14 -50.26 -35.41 -6.71
N VAL G 15 -51.03 -35.98 -5.78
CA VAL G 15 -52.09 -36.92 -6.13
C VAL G 15 -53.23 -36.18 -6.82
N HIS G 16 -54.14 -36.92 -7.46
CA HIS G 16 -55.25 -36.31 -8.17
C HIS G 16 -56.13 -35.49 -7.23
N GLY G 17 -56.51 -36.08 -6.09
CA GLY G 17 -57.22 -35.32 -5.08
C GLY G 17 -56.30 -34.79 -4.00
N GLY G 18 -55.87 -33.55 -4.12
CA GLY G 18 -54.96 -32.97 -3.16
C GLY G 18 -54.85 -31.46 -3.36
N THR G 19 -54.46 -30.79 -2.29
CA THR G 19 -54.37 -29.34 -2.28
C THR G 19 -52.97 -28.80 -2.02
N TRP G 20 -52.25 -29.36 -1.06
CA TRP G 20 -50.90 -28.92 -0.72
C TRP G 20 -49.88 -29.96 -1.15
N VAL G 21 -48.68 -29.49 -1.51
CA VAL G 21 -47.55 -30.34 -1.81
C VAL G 21 -46.33 -29.79 -1.08
N SER G 22 -45.63 -30.64 -0.34
CA SER G 22 -44.44 -30.22 0.39
C SER G 22 -43.23 -30.24 -0.53
N ALA G 23 -42.36 -29.24 -0.38
CA ALA G 23 -41.17 -29.13 -1.21
C ALA G 23 -40.13 -28.30 -0.48
N THR G 24 -38.88 -28.76 -0.49
CA THR G 24 -37.75 -28.04 0.08
C THR G 24 -36.91 -27.46 -1.04
N LEU G 25 -36.55 -26.19 -0.92
CA LEU G 25 -35.89 -25.44 -1.98
C LEU G 25 -34.50 -25.02 -1.51
N GLU G 26 -33.47 -25.42 -2.25
CA GLU G 26 -32.09 -25.14 -1.88
C GLU G 26 -31.46 -24.13 -2.84
N GLN G 27 -30.31 -23.61 -2.43
CA GLN G 27 -29.55 -22.69 -3.28
C GLN G 27 -29.13 -23.39 -4.56
N ASP G 28 -29.24 -22.68 -5.68
CA ASP G 28 -28.77 -23.13 -6.99
C ASP G 28 -29.47 -24.41 -7.44
N LYS G 29 -30.69 -24.63 -6.98
CA LYS G 29 -31.50 -25.79 -7.37
C LYS G 29 -32.87 -25.33 -7.82
N CYS G 30 -33.63 -26.27 -8.38
CA CYS G 30 -34.95 -25.97 -8.92
C CYS G 30 -35.86 -27.16 -8.69
N VAL G 31 -37.15 -26.87 -8.47
CA VAL G 31 -38.16 -27.89 -8.24
C VAL G 31 -39.31 -27.67 -9.22
N THR G 32 -39.70 -28.73 -9.92
CA THR G 32 -40.82 -28.69 -10.87
C THR G 32 -41.97 -29.48 -10.27
N VAL G 33 -43.03 -28.78 -9.88
CA VAL G 33 -44.21 -29.41 -9.30
C VAL G 33 -45.20 -29.72 -10.41
N MET G 34 -45.68 -30.96 -10.45
CA MET G 34 -46.64 -31.41 -11.45
C MET G 34 -47.86 -32.01 -10.77
N ALA G 35 -49.02 -31.80 -11.39
CA ALA G 35 -50.28 -32.33 -10.90
C ALA G 35 -51.20 -32.47 -12.11
N PRO G 36 -52.02 -33.51 -12.16
CA PRO G 36 -52.89 -33.71 -13.33
C PRO G 36 -53.88 -32.57 -13.48
N ASP G 37 -54.08 -32.14 -14.74
CA ASP G 37 -55.00 -31.06 -15.08
C ASP G 37 -54.67 -29.78 -14.31
N LYS G 38 -53.38 -29.53 -14.11
CA LYS G 38 -52.84 -28.26 -13.62
C LYS G 38 -51.53 -28.02 -14.35
N PRO G 39 -51.20 -26.76 -14.64
CA PRO G 39 -49.94 -26.48 -15.32
C PRO G 39 -48.75 -26.79 -14.43
N SER G 40 -47.67 -27.24 -15.06
CA SER G 40 -46.43 -27.49 -14.34
C SER G 40 -45.87 -26.18 -13.82
N LEU G 41 -45.41 -26.18 -12.57
CA LEU G 41 -45.07 -24.96 -11.85
C LEU G 41 -43.68 -25.12 -11.25
N ASP G 42 -42.75 -24.26 -11.68
CA ASP G 42 -41.37 -24.31 -11.25
C ASP G 42 -41.12 -23.36 -10.09
N ILE G 43 -40.38 -23.83 -9.09
CA ILE G 43 -40.01 -23.03 -7.93
C ILE G 43 -38.51 -23.18 -7.71
N SER G 44 -37.84 -22.06 -7.47
CA SER G 44 -36.42 -22.08 -7.16
C SER G 44 -36.09 -20.95 -6.18
N LEU G 45 -35.26 -21.27 -5.20
CA LEU G 45 -34.85 -20.31 -4.18
C LEU G 45 -33.76 -19.41 -4.77
N GLN G 46 -34.06 -18.13 -4.92
CA GLN G 46 -33.11 -17.22 -5.58
C GLN G 46 -32.02 -16.77 -4.63
N THR G 47 -32.40 -16.08 -3.54
CA THR G 47 -31.42 -15.55 -2.60
C THR G 47 -31.94 -15.66 -1.19
N VAL G 48 -31.02 -15.74 -0.24
CA VAL G 48 -31.30 -15.62 1.19
C VAL G 48 -30.35 -14.56 1.71
N ALA G 49 -30.89 -13.43 2.16
CA ALA G 49 -30.07 -12.28 2.50
C ALA G 49 -30.54 -11.66 3.81
N ILE G 50 -29.76 -10.70 4.28
CA ILE G 50 -30.12 -9.89 5.45
C ILE G 50 -29.69 -8.46 5.17
N ASP G 51 -30.53 -7.50 5.54
CA ASP G 51 -30.32 -6.10 5.22
C ASP G 51 -29.80 -5.36 6.44
N GLY G 52 -28.62 -4.75 6.31
CA GLY G 52 -28.02 -3.97 7.36
C GLY G 52 -27.90 -4.70 8.68
N PRO G 53 -27.07 -5.73 8.74
CA PRO G 53 -26.83 -6.41 10.02
C PRO G 53 -26.10 -5.52 10.99
N ALA G 54 -26.31 -5.79 12.28
CA ALA G 54 -25.71 -4.97 13.33
C ALA G 54 -24.21 -5.24 13.43
N GLU G 55 -23.44 -4.16 13.50
CA GLU G 55 -21.99 -4.28 13.61
C GLU G 55 -21.60 -4.60 15.05
N ALA G 56 -20.81 -5.67 15.23
CA ALA G 56 -20.39 -6.10 16.56
C ALA G 56 -18.95 -5.70 16.86
N ARG G 57 -18.00 -6.13 16.03
CA ARG G 57 -16.59 -5.94 16.33
C ARG G 57 -15.80 -5.81 15.04
N LYS G 58 -14.65 -5.15 15.14
CA LYS G 58 -13.65 -5.13 14.07
C LYS G 58 -12.40 -5.82 14.61
N VAL G 59 -11.94 -6.84 13.89
CA VAL G 59 -10.78 -7.62 14.28
C VAL G 59 -9.66 -7.29 13.29
N CYS G 60 -8.55 -6.78 13.81
CA CYS G 60 -7.47 -6.29 12.97
C CYS G 60 -6.43 -7.39 12.75
N TYR G 61 -6.05 -7.59 11.48
CA TYR G 61 -5.07 -8.59 11.12
C TYR G 61 -3.85 -8.03 10.39
N SER G 62 -3.88 -6.75 10.01
CA SER G 62 -2.73 -6.09 9.38
C SER G 62 -2.52 -4.75 10.08
N ALA G 63 -1.37 -4.61 10.72
CA ALA G 63 -1.04 -3.40 11.48
C ALA G 63 0.32 -2.88 11.06
N VAL G 64 0.42 -1.58 10.82
CA VAL G 64 1.70 -0.95 10.55
C VAL G 64 2.12 -0.19 11.80
N LEU G 65 3.41 -0.29 12.13
CA LEU G 65 3.96 0.33 13.31
C LEU G 65 4.90 1.46 12.94
N THR G 66 5.11 2.36 13.88
CA THR G 66 6.14 3.37 13.79
C THR G 66 7.34 2.93 14.62
N HIS G 67 8.44 3.65 14.46
CA HIS G 67 9.67 3.31 15.19
C HIS G 67 9.45 3.41 16.69
N VAL G 68 10.03 2.45 17.42
CA VAL G 68 9.84 2.40 18.86
C VAL G 68 10.54 3.57 19.53
N LYS G 69 10.00 3.99 20.68
CA LYS G 69 10.59 5.05 21.48
C LYS G 69 10.87 4.51 22.88
N ILE G 70 12.05 4.82 23.41
CA ILE G 70 12.55 4.21 24.64
C ILE G 70 12.83 5.30 25.67
N ASN G 71 12.42 5.05 26.90
CA ASN G 71 12.92 5.76 28.06
C ASN G 71 13.42 4.73 29.07
N ASP G 72 14.59 5.00 29.64
CA ASP G 72 15.19 4.06 30.57
C ASP G 72 15.94 4.81 31.66
N LYS G 73 16.14 4.14 32.79
CA LYS G 73 16.78 4.75 33.94
C LYS G 73 17.66 3.72 34.64
N CYS G 74 18.66 4.22 35.37
CA CYS G 74 19.59 3.37 36.07
C CYS G 74 18.92 2.70 37.26
N PRO G 75 19.51 1.62 37.79
CA PRO G 75 18.94 0.98 38.97
C PRO G 75 18.85 1.94 40.14
N SER G 76 17.75 1.83 40.89
CA SER G 76 17.48 2.67 42.06
C SER G 76 17.40 4.15 41.70
N THR G 77 17.01 4.45 40.46
CA THR G 77 16.85 5.82 40.00
C THR G 77 15.41 6.13 39.60
N GLY G 78 14.48 5.18 39.79
CA GLY G 78 13.08 5.41 39.52
C GLY G 78 12.61 4.70 38.25
N GLU G 79 11.32 4.82 38.01
CA GLU G 79 10.70 4.23 36.82
C GLU G 79 10.75 5.20 35.66
N ALA G 80 10.98 4.66 34.46
CA ALA G 80 11.00 5.47 33.26
C ALA G 80 9.58 5.76 32.79
N HIS G 81 9.38 6.95 32.23
CA HIS G 81 8.06 7.42 31.83
C HIS G 81 8.09 7.95 30.40
N LEU G 82 7.02 7.65 29.66
CA LEU G 82 6.76 8.26 28.36
C LEU G 82 5.32 8.75 28.33
N ALA G 83 5.11 9.93 27.76
CA ALA G 83 3.75 10.43 27.59
C ALA G 83 2.95 9.59 26.62
N GLU G 84 3.61 8.90 25.68
CA GLU G 84 2.94 7.97 24.78
C GLU G 84 2.25 6.86 25.54
N GLU G 85 2.68 6.60 26.77
CA GLU G 85 2.16 5.51 27.58
C GLU G 85 0.77 5.80 28.13
N ASN G 86 0.35 7.06 28.13
CA ASN G 86 -0.98 7.45 28.61
C ASN G 86 -1.99 7.59 27.48
N ASP G 87 -1.60 7.20 26.26
CA ASP G 87 -2.43 7.36 25.08
C ASP G 87 -2.90 5.99 24.59
N GLY G 88 -4.17 5.92 24.21
CA GLY G 88 -4.82 4.65 23.94
C GLY G 88 -4.55 4.01 22.60
N ASP G 89 -3.76 4.64 21.73
CA ASP G 89 -3.45 4.07 20.42
C ASP G 89 -2.01 3.59 20.30
N ASN G 90 -1.28 3.52 21.40
CA ASN G 90 0.12 3.15 21.40
C ASN G 90 0.32 1.80 22.06
N ALA G 91 1.16 0.96 21.46
CA ALA G 91 1.55 -0.30 22.05
C ALA G 91 2.80 -0.07 22.90
N CYS G 92 2.68 -0.34 24.20
CA CYS G 92 3.75 -0.07 25.16
C CYS G 92 4.04 -1.30 26.00
N LYS G 93 5.13 -1.23 26.77
CA LYS G 93 5.52 -2.32 27.65
C LYS G 93 6.51 -1.81 28.69
N ARG G 94 6.35 -2.26 29.93
CA ARG G 94 7.33 -2.05 30.97
C ARG G 94 8.24 -3.26 31.07
N THR G 95 9.53 -3.01 31.29
CA THR G 95 10.48 -4.08 31.53
C THR G 95 11.63 -3.51 32.34
N TYR G 96 12.50 -4.41 32.80
CA TYR G 96 13.74 -4.04 33.47
C TYR G 96 14.90 -4.68 32.73
N SER G 97 16.00 -3.93 32.59
CA SER G 97 17.15 -4.37 31.82
C SER G 97 18.39 -4.41 32.71
N ASP G 98 19.27 -5.36 32.40
CA ASP G 98 20.53 -5.47 33.15
C ASP G 98 21.42 -4.27 32.82
N ARG G 99 21.90 -3.60 33.86
CA ARG G 99 22.72 -2.40 33.70
C ARG G 99 23.86 -2.41 34.70
N GLY G 100 24.87 -1.61 34.40
CA GLY G 100 26.02 -1.50 35.27
C GLY G 100 26.96 -0.41 34.81
N TRP G 101 28.23 -0.53 35.24
CA TRP G 101 29.24 0.43 34.82
C TRP G 101 29.45 0.40 33.31
N GLY G 102 29.28 -0.77 32.69
CA GLY G 102 29.55 -0.89 31.26
C GLY G 102 28.59 -0.14 30.36
N ASN G 103 27.43 0.29 30.90
CA ASN G 103 26.46 0.99 30.07
C ASN G 103 25.88 2.21 30.78
N GLY G 104 26.67 2.87 31.63
CA GLY G 104 26.35 4.19 32.13
C GLY G 104 25.63 4.27 33.46
N CYS G 105 25.72 3.25 34.31
CA CYS G 105 25.05 3.26 35.60
C CYS G 105 26.05 2.98 36.72
N GLY G 106 25.90 3.70 37.84
CA GLY G 106 26.80 3.53 38.96
C GLY G 106 26.57 2.26 39.75
N LEU G 107 25.38 1.69 39.66
CA LEU G 107 25.06 0.44 40.33
C LEU G 107 24.75 -0.63 39.30
N PHE G 108 25.05 -1.88 39.64
CA PHE G 108 24.73 -3.03 38.81
C PHE G 108 23.39 -3.59 39.27
N GLY G 109 22.43 -3.67 38.35
CA GLY G 109 21.12 -4.18 38.70
C GLY G 109 20.12 -3.92 37.60
N LYS G 110 18.85 -4.16 37.95
CA LYS G 110 17.75 -4.00 37.00
C LYS G 110 17.32 -2.54 36.95
N GLY G 111 17.43 -1.92 35.78
CA GLY G 111 16.98 -0.57 35.56
C GLY G 111 15.68 -0.55 34.77
N SER G 112 14.83 0.44 35.08
CA SER G 112 13.55 0.56 34.41
C SER G 112 13.74 0.92 32.95
N ILE G 113 12.83 0.43 32.10
CA ILE G 113 12.84 0.75 30.68
C ILE G 113 11.42 0.59 30.15
N VAL G 114 11.03 1.51 29.26
CA VAL G 114 9.69 1.51 28.67
C VAL G 114 9.83 1.73 27.17
N ALA G 115 9.11 0.93 26.39
CA ALA G 115 9.12 1.01 24.93
C ALA G 115 7.70 1.22 24.44
N CYS G 116 7.52 2.21 23.56
CA CYS G 116 6.20 2.54 23.03
C CYS G 116 6.29 2.74 21.52
N ALA G 117 5.29 2.21 20.81
CA ALA G 117 5.18 2.39 19.37
C ALA G 117 3.74 2.71 19.02
N LYS G 118 3.55 3.64 18.09
CA LYS G 118 2.21 4.05 17.67
C LYS G 118 1.59 3.00 16.78
N PHE G 119 0.35 2.64 17.08
CA PHE G 119 -0.35 1.55 16.41
C PHE G 119 -1.45 2.10 15.53
N THR G 120 -1.47 1.66 14.27
CA THR G 120 -2.59 1.90 13.36
C THR G 120 -2.94 0.61 12.65
N CYS G 121 -4.23 0.37 12.47
CA CYS G 121 -4.71 -0.82 11.78
C CYS G 121 -4.75 -0.57 10.28
N ALA G 122 -4.05 -1.42 9.53
CA ALA G 122 -4.03 -1.29 8.07
C ALA G 122 -5.19 -2.04 7.43
N LYS G 123 -5.49 -3.26 7.89
CA LYS G 123 -6.58 -4.05 7.34
C LYS G 123 -7.25 -4.81 8.49
N SER G 124 -8.58 -4.76 8.52
CA SER G 124 -9.36 -5.32 9.61
C SER G 124 -10.59 -6.04 9.08
N MET G 125 -10.88 -7.19 9.69
CA MET G 125 -12.09 -7.95 9.38
C MET G 125 -13.23 -7.47 10.26
N SER G 126 -14.38 -7.21 9.65
CA SER G 126 -15.55 -6.74 10.38
C SER G 126 -16.43 -7.92 10.79
N LEU G 127 -17.10 -7.76 11.94
CA LEU G 127 -17.96 -8.80 12.49
C LEU G 127 -19.35 -8.21 12.70
N PHE G 128 -20.34 -8.82 12.04
CA PHE G 128 -21.74 -8.42 12.17
C PHE G 128 -22.54 -9.54 12.80
N GLU G 129 -23.48 -9.18 13.67
CA GLU G 129 -24.40 -10.15 14.23
C GLU G 129 -25.56 -10.38 13.28
N VAL G 130 -26.07 -11.61 13.27
CA VAL G 130 -27.15 -12.01 12.39
C VAL G 130 -28.41 -12.18 13.24
N ASP G 131 -29.39 -11.30 13.00
CA ASP G 131 -30.70 -11.43 13.61
C ASP G 131 -31.56 -12.30 12.69
N GLN G 132 -31.82 -13.53 13.12
CA GLN G 132 -32.54 -14.48 12.28
C GLN G 132 -33.95 -13.98 11.95
N THR G 133 -34.54 -13.18 12.83
CA THR G 133 -35.88 -12.65 12.59
C THR G 133 -35.90 -11.59 11.50
N LYS G 134 -34.75 -11.23 10.92
CA LYS G 134 -34.68 -10.23 9.86
C LYS G 134 -34.23 -10.82 8.53
N ILE G 135 -34.13 -12.15 8.43
CA ILE G 135 -33.65 -12.78 7.21
C ILE G 135 -34.71 -12.68 6.12
N GLN G 136 -34.29 -12.30 4.91
CA GLN G 136 -35.15 -12.22 3.75
C GLN G 136 -34.78 -13.30 2.75
N TYR G 137 -35.77 -13.82 2.03
CA TYR G 137 -35.51 -14.68 0.89
C TYR G 137 -36.41 -14.28 -0.26
N VAL G 138 -35.94 -14.58 -1.47
CA VAL G 138 -36.67 -14.33 -2.71
C VAL G 138 -36.84 -15.66 -3.43
N ILE G 139 -38.06 -15.94 -3.89
CA ILE G 139 -38.38 -17.17 -4.57
C ILE G 139 -39.00 -16.83 -5.91
N ARG G 140 -38.46 -17.41 -6.98
CA ARG G 140 -38.97 -17.19 -8.33
C ARG G 140 -39.84 -18.38 -8.75
N ALA G 141 -41.01 -18.08 -9.32
CA ALA G 141 -41.96 -19.10 -9.74
C ALA G 141 -42.39 -18.84 -11.17
N GLN G 142 -42.69 -19.92 -11.89
CA GLN G 142 -43.02 -19.83 -13.31
C GLN G 142 -43.78 -21.07 -13.73
N LEU G 143 -44.57 -20.95 -14.79
CA LEU G 143 -45.37 -22.04 -15.33
C LEU G 143 -44.83 -22.47 -16.69
N HIS G 144 -44.97 -23.78 -16.97
CA HIS G 144 -44.67 -24.33 -18.29
C HIS G 144 -45.86 -24.02 -19.20
N VAL G 145 -45.74 -22.96 -19.97
CA VAL G 145 -46.83 -22.50 -20.83
C VAL G 145 -46.36 -22.32 -22.28
N GLY G 146 -45.12 -22.65 -22.58
CA GLY G 146 -44.64 -22.56 -23.95
C GLY G 146 -43.97 -21.26 -24.29
N ALA G 147 -43.50 -20.52 -23.30
CA ALA G 147 -42.82 -19.26 -23.57
C ALA G 147 -41.39 -19.54 -24.01
N LYS G 148 -40.98 -18.83 -25.05
CA LYS G 148 -39.58 -18.87 -25.47
C LYS G 148 -38.71 -18.33 -24.33
N GLN G 149 -37.50 -18.88 -24.21
CA GLN G 149 -36.65 -18.51 -23.08
C GLN G 149 -36.28 -17.04 -23.07
N GLU G 150 -36.35 -16.37 -24.23
CA GLU G 150 -36.14 -14.93 -24.26
C GLU G 150 -37.25 -14.17 -23.56
N ASN G 151 -38.37 -14.83 -23.26
CA ASN G 151 -39.47 -14.22 -22.51
C ASN G 151 -39.59 -14.75 -21.09
N TRP G 152 -38.67 -15.62 -20.65
CA TRP G 152 -38.80 -16.24 -19.33
C TRP G 152 -38.75 -15.20 -18.22
N ASN G 153 -37.81 -14.26 -18.30
CA ASN G 153 -37.70 -13.23 -17.27
C ASN G 153 -38.98 -12.40 -17.17
N THR G 154 -39.63 -12.16 -18.31
CA THR G 154 -40.91 -11.45 -18.30
C THR G 154 -41.98 -12.26 -17.59
N ASP G 155 -41.97 -13.58 -17.77
CA ASP G 155 -43.03 -14.45 -17.26
C ASP G 155 -42.73 -15.02 -15.88
N ILE G 156 -41.64 -14.62 -15.24
CA ILE G 156 -41.30 -15.10 -13.90
C ILE G 156 -41.93 -14.19 -12.86
N LYS G 157 -42.56 -14.79 -11.85
CA LYS G 157 -43.07 -14.06 -10.70
C LYS G 157 -42.04 -14.20 -9.58
N THR G 158 -41.38 -13.10 -9.24
CA THR G 158 -40.36 -13.09 -8.20
C THR G 158 -40.99 -12.65 -6.89
N LEU G 159 -41.08 -13.57 -5.94
CA LEU G 159 -41.79 -13.35 -4.69
C LEU G 159 -40.81 -13.06 -3.56
N LYS G 160 -41.16 -12.10 -2.70
CA LYS G 160 -40.33 -11.69 -1.58
C LYS G 160 -41.03 -12.08 -0.28
N PHE G 161 -40.31 -12.82 0.58
CA PHE G 161 -40.85 -13.23 1.87
C PHE G 161 -39.99 -12.65 2.99
N ASP G 162 -40.66 -12.32 4.09
CA ASP G 162 -40.01 -12.02 5.36
C ASP G 162 -40.07 -13.26 6.25
N ALA G 163 -39.65 -13.11 7.51
CA ALA G 163 -39.96 -14.12 8.51
C ALA G 163 -41.38 -13.99 9.03
N LEU G 164 -42.02 -12.84 8.81
CA LEU G 164 -43.37 -12.57 9.29
C LEU G 164 -44.38 -12.45 8.15
N SER G 165 -44.02 -12.86 6.94
CA SER G 165 -44.93 -12.87 5.80
C SER G 165 -45.17 -14.34 5.44
N GLY G 166 -46.27 -14.89 5.93
CA GLY G 166 -46.53 -16.31 5.79
C GLY G 166 -46.82 -16.76 4.37
N SER G 167 -47.96 -16.35 3.83
CA SER G 167 -48.36 -16.75 2.49
C SER G 167 -47.89 -15.74 1.46
N GLN G 168 -47.73 -16.22 0.23
CA GLN G 168 -47.31 -15.38 -0.88
C GLN G 168 -47.86 -15.94 -2.17
N GLU G 169 -48.48 -15.09 -2.98
CA GLU G 169 -49.23 -15.52 -4.15
C GLU G 169 -48.46 -15.21 -5.43
N ALA G 170 -48.46 -16.17 -6.35
CA ALA G 170 -47.94 -16.00 -7.70
C ALA G 170 -49.09 -16.31 -8.66
N GLU G 171 -49.59 -15.28 -9.33
CA GLU G 171 -50.67 -15.44 -10.28
C GLU G 171 -50.14 -15.36 -11.71
N PHE G 172 -50.80 -16.08 -12.60
CA PHE G 172 -50.42 -16.14 -14.01
C PHE G 172 -51.68 -15.93 -14.83
N THR G 173 -51.75 -14.81 -15.55
CA THR G 173 -52.97 -14.43 -16.24
C THR G 173 -53.39 -15.50 -17.25
N GLY G 174 -54.65 -15.90 -17.17
CA GLY G 174 -55.16 -17.02 -17.93
C GLY G 174 -55.03 -18.37 -17.25
N TYR G 175 -54.16 -18.47 -16.24
CA TYR G 175 -53.96 -19.70 -15.50
C TYR G 175 -54.13 -19.53 -14.00
N GLY G 176 -54.54 -18.37 -13.53
CA GLY G 176 -54.89 -18.21 -12.13
C GLY G 176 -53.67 -17.96 -11.26
N LYS G 177 -53.58 -18.69 -10.16
CA LYS G 177 -52.59 -18.37 -9.12
C LYS G 177 -52.17 -19.63 -8.39
N ALA G 178 -51.03 -19.52 -7.72
CA ALA G 178 -50.51 -20.56 -6.83
C ALA G 178 -50.09 -19.93 -5.51
N THR G 179 -50.20 -20.70 -4.43
CA THR G 179 -49.93 -20.21 -3.08
C THR G 179 -48.68 -20.90 -2.52
N LEU G 180 -47.83 -20.11 -1.88
CA LEU G 180 -46.63 -20.62 -1.23
C LEU G 180 -46.62 -20.19 0.23
N GLU G 181 -46.60 -21.16 1.14
CA GLU G 181 -46.34 -20.93 2.55
C GLU G 181 -44.94 -21.50 2.83
N CYS G 182 -43.96 -20.61 2.93
CA CYS G 182 -42.57 -21.01 3.03
C CYS G 182 -41.99 -20.59 4.37
N GLN G 183 -40.87 -21.21 4.73
CA GLN G 183 -40.18 -20.89 5.97
C GLN G 183 -38.70 -21.26 5.81
N VAL G 184 -37.83 -20.36 6.25
CA VAL G 184 -36.40 -20.64 6.22
C VAL G 184 -36.08 -21.74 7.22
N GLN G 185 -35.32 -22.73 6.77
CA GLN G 185 -34.51 -23.53 7.67
C GLN G 185 -33.13 -22.89 7.68
N THR G 186 -32.68 -22.50 8.86
CA THR G 186 -31.71 -21.43 9.02
C THR G 186 -30.32 -21.70 8.45
N ALA G 187 -30.26 -22.76 7.65
CA ALA G 187 -29.01 -23.30 7.06
C ALA G 187 -28.01 -23.53 8.19
N VAL G 188 -28.52 -23.57 9.42
CA VAL G 188 -27.73 -23.71 10.65
C VAL G 188 -26.72 -22.58 10.72
N ASP G 189 -27.22 -21.41 11.03
CA ASP G 189 -26.45 -20.19 11.23
C ASP G 189 -26.88 -19.58 12.54
N PHE G 190 -27.08 -20.47 13.51
CA PHE G 190 -27.52 -20.17 14.88
C PHE G 190 -26.89 -18.87 15.36
N GLY G 191 -27.69 -18.04 16.03
CA GLY G 191 -27.24 -16.72 16.42
C GLY G 191 -26.22 -16.77 17.56
N ASN G 192 -25.29 -17.72 17.43
CA ASN G 192 -23.95 -17.64 17.98
C ASN G 192 -22.97 -17.48 16.83
N SER G 193 -23.42 -16.87 15.75
CA SER G 193 -22.65 -16.73 14.52
C SER G 193 -22.56 -15.27 14.12
N TYR G 194 -21.41 -14.90 13.57
CA TYR G 194 -21.21 -13.58 12.98
C TYR G 194 -21.15 -13.69 11.46
N ILE G 195 -21.26 -12.54 10.81
CA ILE G 195 -20.84 -12.38 9.43
C ILE G 195 -19.46 -11.73 9.46
N ALA G 196 -18.45 -12.47 9.02
CA ALA G 196 -17.06 -12.01 9.04
C ALA G 196 -16.67 -11.68 7.60
N GLU G 197 -16.49 -10.39 7.32
CA GLU G 197 -16.14 -9.95 5.98
C GLU G 197 -14.80 -9.24 5.97
N MET G 198 -13.94 -9.62 5.03
CA MET G 198 -12.77 -8.84 4.69
C MET G 198 -13.11 -7.94 3.52
N GLU G 199 -12.10 -7.29 2.93
CA GLU G 199 -12.34 -6.33 1.86
C GLU G 199 -13.08 -6.97 0.69
N LYS G 200 -12.70 -8.20 0.32
CA LYS G 200 -13.30 -8.87 -0.84
C LYS G 200 -13.75 -10.29 -0.52
N ASP G 201 -13.98 -10.60 0.75
CA ASP G 201 -14.39 -11.94 1.14
C ASP G 201 -15.33 -11.84 2.35
N SER G 202 -16.17 -12.86 2.50
CA SER G 202 -17.10 -12.90 3.62
C SER G 202 -17.40 -14.35 3.97
N TRP G 203 -17.76 -14.58 5.24
CA TRP G 203 -18.09 -15.91 5.71
C TRP G 203 -19.08 -15.81 6.85
N ILE G 204 -19.62 -16.96 7.25
CA ILE G 204 -20.39 -17.11 8.49
C ILE G 204 -19.53 -17.89 9.47
N VAL G 205 -19.23 -17.30 10.61
CA VAL G 205 -18.31 -17.87 11.58
C VAL G 205 -19.00 -17.97 12.93
N ASP G 206 -18.51 -18.89 13.76
CA ASP G 206 -19.04 -19.05 15.10
C ASP G 206 -18.57 -17.90 15.99
N ARG G 207 -19.50 -17.30 16.74
CA ARG G 207 -19.14 -16.20 17.63
C ARG G 207 -18.10 -16.64 18.65
N GLN G 208 -18.23 -17.86 19.17
CA GLN G 208 -17.25 -18.37 20.12
C GLN G 208 -15.86 -18.48 19.49
N TRP G 209 -15.80 -18.76 18.19
CA TRP G 209 -14.51 -18.77 17.50
C TRP G 209 -13.97 -17.36 17.32
N ALA G 210 -14.82 -16.42 16.93
CA ALA G 210 -14.36 -15.07 16.59
C ALA G 210 -13.91 -14.31 17.83
N GLN G 211 -14.62 -14.45 18.94
CA GLN G 211 -14.28 -13.72 20.16
C GLN G 211 -12.99 -14.24 20.80
N ASP G 212 -12.56 -15.44 20.43
CA ASP G 212 -11.33 -16.02 20.95
C ASP G 212 -10.14 -15.83 20.01
N LEU G 213 -10.31 -15.07 18.93
CA LEU G 213 -9.21 -14.81 18.03
C LEU G 213 -8.10 -14.05 18.74
N THR G 214 -6.86 -14.52 18.56
CA THR G 214 -5.70 -13.85 19.14
C THR G 214 -5.27 -12.72 18.21
N LEU G 215 -6.12 -11.71 18.11
CA LEU G 215 -5.91 -10.54 17.28
C LEU G 215 -6.44 -9.31 18.00
N PRO G 216 -5.86 -8.14 17.74
CA PRO G 216 -6.42 -6.91 18.30
C PRO G 216 -7.83 -6.66 17.75
N TRP G 217 -8.68 -6.07 18.59
CA TRP G 217 -10.05 -5.81 18.18
C TRP G 217 -10.49 -4.43 18.64
N GLN G 218 -11.46 -3.88 17.91
CA GLN G 218 -12.02 -2.55 18.13
C GLN G 218 -13.50 -2.69 18.46
N SER G 219 -14.13 -1.58 18.83
CA SER G 219 -15.54 -1.54 19.16
C SER G 219 -16.34 -0.69 18.16
N GLY G 220 -16.00 -0.81 16.87
CA GLY G 220 -16.78 -0.18 15.81
C GLY G 220 -16.63 1.31 15.61
N SER G 221 -16.70 2.09 16.69
CA SER G 221 -16.61 3.55 16.61
C SER G 221 -15.17 3.97 16.41
N GLY G 222 -14.86 5.24 16.63
CA GLY G 222 -13.46 5.65 16.68
C GLY G 222 -12.83 5.15 17.95
N GLY G 223 -12.98 3.84 18.21
CA GLY G 223 -12.60 3.26 19.47
C GLY G 223 -11.15 2.82 19.52
N ILE G 224 -10.64 2.72 20.74
CA ILE G 224 -9.28 2.26 20.95
C ILE G 224 -9.13 0.83 20.44
N TRP G 225 -7.90 0.46 20.13
CA TRP G 225 -7.58 -0.89 19.71
C TRP G 225 -7.15 -1.69 20.93
N ARG G 226 -7.91 -2.75 21.23
CA ARG G 226 -7.70 -3.54 22.43
C ARG G 226 -6.81 -4.73 22.11
N GLU G 227 -5.95 -5.07 23.08
CA GLU G 227 -5.05 -6.22 22.96
C GLU G 227 -4.18 -6.11 21.71
N MET G 228 -3.48 -4.98 21.59
CA MET G 228 -2.60 -4.76 20.44
C MET G 228 -1.43 -5.73 20.44
N HIS G 229 -1.14 -6.37 21.58
CA HIS G 229 0.02 -7.25 21.69
C HIS G 229 -0.12 -8.51 20.87
N HIS G 230 -1.32 -8.86 20.41
CA HIS G 230 -1.48 -10.02 19.55
C HIS G 230 -0.81 -9.84 18.19
N LEU G 231 -0.42 -8.62 17.83
CA LEU G 231 0.38 -8.38 16.64
C LEU G 231 1.63 -7.57 16.91
N VAL G 232 1.82 -7.04 18.11
CA VAL G 232 2.97 -6.20 18.45
C VAL G 232 3.53 -6.72 19.77
N GLU G 233 4.61 -7.49 19.69
CA GLU G 233 5.35 -7.92 20.87
C GLU G 233 6.63 -7.11 20.99
N PHE G 234 7.14 -7.03 22.22
CA PHE G 234 8.42 -6.42 22.51
C PHE G 234 9.36 -7.47 23.07
N GLU G 235 10.60 -7.47 22.60
CA GLU G 235 11.62 -8.45 22.94
C GLU G 235 12.41 -7.98 24.15
N PRO G 236 13.10 -8.90 24.83
CA PRO G 236 13.91 -8.51 26.01
C PRO G 236 14.95 -7.47 25.66
N PRO G 237 15.14 -6.48 26.52
CA PRO G 237 16.14 -5.44 26.26
C PRO G 237 17.55 -5.98 26.40
N HIS G 238 18.49 -5.33 25.71
N HIS G 238 18.49 -5.38 25.66
CA HIS G 238 19.89 -5.72 25.85
CA HIS G 238 19.91 -5.71 25.84
C HIS G 238 20.59 -4.89 26.93
C HIS G 238 20.53 -4.88 26.96
N ALA G 239 20.71 -3.58 26.73
CA ALA G 239 21.12 -2.65 27.78
C ALA G 239 20.14 -1.48 27.90
N ALA G 240 19.87 -0.83 26.77
CA ALA G 240 19.05 0.37 26.71
C ALA G 240 18.18 0.38 25.46
N THR G 241 18.18 -0.72 24.70
CA THR G 241 17.57 -0.79 23.39
C THR G 241 16.59 -1.96 23.37
N ILE G 242 15.35 -1.70 22.96
CA ILE G 242 14.34 -2.72 22.71
C ILE G 242 13.86 -2.53 21.28
N ARG G 243 13.79 -3.61 20.52
CA ARG G 243 13.12 -3.58 19.23
C ARG G 243 11.88 -4.46 19.28
N VAL G 244 10.91 -4.12 18.43
CA VAL G 244 9.61 -4.76 18.47
C VAL G 244 9.61 -6.00 17.58
N LEU G 245 8.69 -6.91 17.85
CA LEU G 245 8.45 -8.08 17.02
C LEU G 245 7.05 -7.94 16.41
N ALA G 246 6.99 -7.52 15.15
CA ALA G 246 5.73 -7.47 14.43
C ALA G 246 5.37 -8.87 13.97
N LEU G 247 4.27 -9.40 14.49
CA LEU G 247 3.92 -10.80 14.22
C LEU G 247 3.41 -11.02 12.80
N GLY G 248 3.16 -9.96 12.04
CA GLY G 248 2.89 -10.08 10.63
C GLY G 248 1.41 -10.10 10.29
N ASN G 249 1.14 -9.90 9.01
CA ASN G 249 -0.23 -9.93 8.50
C ASN G 249 -0.82 -11.33 8.67
N GLN G 250 -2.04 -11.39 9.19
CA GLN G 250 -2.71 -12.65 9.50
C GLN G 250 -3.83 -12.98 8.53
N GLU G 251 -3.87 -12.33 7.36
CA GLU G 251 -4.95 -12.59 6.41
C GLU G 251 -4.95 -14.03 5.96
N GLY G 252 -3.77 -14.59 5.65
CA GLY G 252 -3.70 -15.97 5.21
C GLY G 252 -4.14 -16.96 6.29
N SER G 253 -3.72 -16.71 7.53
CA SER G 253 -4.09 -17.62 8.62
C SER G 253 -5.60 -17.69 8.80
N LEU G 254 -6.27 -16.53 8.74
CA LEU G 254 -7.72 -16.53 8.84
C LEU G 254 -8.36 -17.27 7.67
N LYS G 255 -7.81 -17.09 6.46
CA LYS G 255 -8.41 -17.69 5.28
C LYS G 255 -8.24 -19.20 5.26
N THR G 256 -7.12 -19.72 5.76
CA THR G 256 -6.99 -21.17 5.90
C THR G 256 -7.98 -21.72 6.92
N ALA G 257 -8.18 -21.00 8.02
CA ALA G 257 -9.15 -21.43 9.02
C ALA G 257 -10.57 -21.37 8.50
N LEU G 258 -10.84 -20.50 7.53
CA LEU G 258 -12.19 -20.30 7.02
C LEU G 258 -12.43 -20.99 5.69
N THR G 259 -11.52 -21.87 5.26
CA THR G 259 -11.83 -22.74 4.14
C THR G 259 -12.94 -23.71 4.53
N GLY G 260 -13.92 -23.87 3.64
CA GLY G 260 -15.10 -24.64 3.95
C GLY G 260 -16.04 -23.95 4.92
N ALA G 261 -16.15 -22.64 4.82
CA ALA G 261 -17.16 -21.91 5.54
C ALA G 261 -18.31 -21.48 4.65
N MET G 262 -19.51 -21.44 5.22
CA MET G 262 -20.63 -20.81 4.54
C MET G 262 -20.27 -19.37 4.17
N ARG G 263 -20.49 -19.01 2.91
CA ARG G 263 -19.98 -17.78 2.33
C ARG G 263 -21.07 -16.73 2.27
N VAL G 264 -20.65 -15.48 2.14
CA VAL G 264 -21.54 -14.32 2.07
C VAL G 264 -21.01 -13.40 0.98
N THR G 265 -21.93 -12.72 0.30
CA THR G 265 -21.58 -11.75 -0.74
C THR G 265 -22.41 -10.49 -0.52
N LYS G 266 -22.22 -9.50 -1.40
CA LYS G 266 -22.78 -8.17 -1.20
C LYS G 266 -23.14 -7.54 -2.54
N ASP G 267 -23.79 -6.38 -2.45
CA ASP G 267 -23.98 -5.45 -3.54
C ASP G 267 -24.52 -4.15 -2.98
N GLU G 268 -23.99 -3.03 -3.47
CA GLU G 268 -24.39 -1.70 -3.01
C GLU G 268 -24.28 -1.56 -1.49
N LEU G 273 -26.60 -4.89 2.54
CA LEU G 273 -27.24 -6.10 2.07
C LEU G 273 -26.22 -7.22 1.91
N TYR G 274 -26.40 -8.30 2.67
CA TYR G 274 -25.48 -9.43 2.69
C TYR G 274 -26.23 -10.69 2.30
N LYS G 275 -25.75 -11.36 1.25
CA LYS G 275 -26.40 -12.56 0.74
C LYS G 275 -25.81 -13.81 1.39
N LEU G 276 -26.66 -14.62 1.99
CA LEU G 276 -26.23 -15.81 2.73
C LEU G 276 -26.25 -17.01 1.78
N HIS G 277 -25.07 -17.40 1.30
CA HIS G 277 -24.94 -18.54 0.40
C HIS G 277 -25.04 -19.84 1.20
N GLY G 278 -26.27 -20.30 1.38
CA GLY G 278 -26.48 -21.57 2.04
C GLY G 278 -27.88 -21.75 2.57
N GLY G 279 -28.30 -23.01 2.66
CA GLY G 279 -29.55 -23.35 3.30
C GLY G 279 -30.74 -23.38 2.36
N HIS G 280 -31.82 -23.90 2.90
CA HIS G 280 -32.99 -24.24 2.13
C HIS G 280 -34.21 -23.62 2.78
N VAL G 281 -35.29 -23.56 2.00
CA VAL G 281 -36.56 -23.01 2.43
C VAL G 281 -37.59 -24.12 2.30
N SER G 282 -38.19 -24.51 3.42
CA SER G 282 -39.25 -25.50 3.40
C SER G 282 -40.55 -24.81 3.00
N CYS G 283 -41.12 -25.22 1.87
CA CYS G 283 -42.29 -24.58 1.30
C CYS G 283 -43.45 -25.57 1.20
N ARG G 284 -44.66 -25.04 1.37
CA ARG G 284 -45.89 -25.76 1.08
C ARG G 284 -46.59 -25.05 -0.07
N VAL G 285 -46.89 -25.79 -1.12
CA VAL G 285 -47.38 -25.23 -2.37
C VAL G 285 -48.83 -25.63 -2.56
N LYS G 286 -49.68 -24.65 -2.86
CA LYS G 286 -51.09 -24.87 -3.09
C LYS G 286 -51.38 -24.75 -4.58
N LEU G 287 -51.97 -25.79 -5.16
CA LEU G 287 -52.14 -25.88 -6.60
C LEU G 287 -53.59 -25.87 -7.07
N SER G 288 -54.56 -25.98 -6.16
CA SER G 288 -55.96 -26.07 -6.58
C SER G 288 -56.42 -24.83 -7.33
N ALA G 289 -55.76 -23.69 -7.13
CA ALA G 289 -56.11 -22.47 -7.83
C ALA G 289 -55.52 -22.39 -9.23
N LEU G 290 -54.70 -23.35 -9.64
CA LEU G 290 -54.19 -23.35 -11.00
C LEU G 290 -55.27 -23.82 -11.97
N THR G 291 -55.22 -23.29 -13.19
CA THR G 291 -56.11 -23.69 -14.26
C THR G 291 -55.34 -23.75 -15.56
N LEU G 292 -55.85 -24.53 -16.51
CA LEU G 292 -55.33 -24.56 -17.86
C LEU G 292 -56.09 -23.58 -18.73
N LYS G 293 -55.36 -22.72 -19.43
CA LYS G 293 -55.99 -21.89 -20.44
C LYS G 293 -56.52 -22.78 -21.56
N GLY G 294 -57.72 -22.46 -22.03
CA GLY G 294 -58.26 -23.05 -23.24
C GLY G 294 -58.21 -24.55 -23.40
N THR G 295 -58.84 -25.27 -22.47
CA THR G 295 -59.07 -26.69 -22.69
C THR G 295 -60.10 -26.94 -23.78
N SER G 296 -60.66 -25.88 -24.38
CA SER G 296 -61.65 -26.00 -25.43
C SER G 296 -61.23 -25.23 -26.68
N TYR G 297 -59.93 -25.10 -26.90
CA TYR G 297 -59.46 -24.74 -28.24
C TYR G 297 -59.65 -25.95 -29.17
N LYS G 298 -59.52 -25.71 -30.47
CA LYS G 298 -59.58 -26.78 -31.45
C LYS G 298 -58.16 -27.26 -31.76
N MET G 299 -58.02 -28.56 -31.97
CA MET G 299 -56.71 -29.14 -32.18
C MET G 299 -56.14 -28.70 -33.53
N CYS G 300 -54.84 -28.35 -33.53
CA CYS G 300 -54.22 -27.79 -34.72
C CYS G 300 -54.13 -28.82 -35.82
N THR G 301 -54.32 -28.37 -37.07
CA THR G 301 -54.31 -29.25 -38.23
C THR G 301 -53.46 -28.75 -39.39
N ASP G 302 -52.93 -27.53 -39.32
CA ASP G 302 -52.10 -26.99 -40.39
C ASP G 302 -50.64 -27.36 -40.17
N LYS G 303 -49.87 -27.39 -41.27
CA LYS G 303 -48.46 -27.75 -41.26
C LYS G 303 -47.67 -26.92 -40.26
N MET G 304 -47.19 -27.56 -39.20
CA MET G 304 -46.31 -26.96 -38.22
C MET G 304 -44.87 -27.40 -38.48
N SER G 305 -43.93 -26.66 -37.89
CA SER G 305 -42.52 -26.97 -38.06
C SER G 305 -41.80 -26.79 -36.74
N PHE G 306 -40.62 -27.41 -36.65
CA PHE G 306 -39.74 -27.26 -35.51
C PHE G 306 -38.83 -26.06 -35.76
N VAL G 307 -39.01 -25.00 -34.97
CA VAL G 307 -37.99 -23.95 -34.92
C VAL G 307 -36.76 -24.46 -34.18
N LYS G 308 -36.97 -25.25 -33.14
CA LYS G 308 -35.89 -25.92 -32.41
C LYS G 308 -36.24 -27.39 -32.29
N ASN G 309 -35.32 -28.26 -32.73
CA ASN G 309 -35.56 -29.69 -32.69
C ASN G 309 -35.52 -30.20 -31.26
N PRO G 310 -36.19 -31.34 -30.99
CA PRO G 310 -36.07 -31.98 -29.68
C PRO G 310 -34.62 -32.23 -29.27
N THR G 311 -34.18 -31.58 -28.20
CA THR G 311 -32.82 -31.69 -27.70
C THR G 311 -32.82 -32.12 -26.24
N ASP G 312 -31.80 -32.87 -25.85
CA ASP G 312 -31.69 -33.35 -24.48
C ASP G 312 -31.41 -32.19 -23.53
N THR G 313 -32.09 -32.21 -22.38
CA THR G 313 -31.88 -31.20 -21.35
C THR G 313 -30.90 -31.63 -20.26
N GLY G 314 -30.65 -32.93 -20.13
CA GLY G 314 -29.88 -33.46 -19.02
C GLY G 314 -30.71 -33.86 -17.82
N HIS G 315 -32.01 -33.60 -17.83
CA HIS G 315 -32.92 -33.96 -16.74
C HIS G 315 -33.72 -35.21 -17.06
N GLY G 316 -33.37 -35.94 -18.12
CA GLY G 316 -34.20 -37.01 -18.61
C GLY G 316 -35.37 -36.57 -19.45
N THR G 317 -35.47 -35.27 -19.75
CA THR G 317 -36.54 -34.71 -20.55
C THR G 317 -35.97 -34.21 -21.87
N VAL G 318 -36.85 -33.61 -22.68
CA VAL G 318 -36.46 -33.12 -24.00
C VAL G 318 -37.35 -31.93 -24.35
N VAL G 319 -36.75 -30.89 -24.91
CA VAL G 319 -37.43 -29.64 -25.22
C VAL G 319 -37.38 -29.38 -26.72
N MET G 320 -38.42 -28.74 -27.23
CA MET G 320 -38.46 -28.31 -28.61
C MET G 320 -39.35 -27.08 -28.73
N GLN G 321 -39.12 -26.30 -29.78
CA GLN G 321 -39.96 -25.16 -30.11
C GLN G 321 -40.69 -25.44 -31.42
N VAL G 322 -42.01 -25.33 -31.38
CA VAL G 322 -42.87 -25.61 -32.53
C VAL G 322 -43.54 -24.32 -32.96
N LYS G 323 -43.39 -23.97 -34.24
CA LYS G 323 -44.01 -22.78 -34.80
C LYS G 323 -45.33 -23.16 -35.46
N VAL G 324 -46.36 -22.36 -35.19
CA VAL G 324 -47.68 -22.57 -35.77
C VAL G 324 -47.97 -21.43 -36.73
N PRO G 325 -47.59 -21.54 -38.00
CA PRO G 325 -47.81 -20.42 -38.93
C PRO G 325 -49.26 -20.25 -39.33
N LYS G 326 -50.02 -21.34 -39.43
CA LYS G 326 -51.42 -21.29 -39.81
C LYS G 326 -52.22 -22.14 -38.83
N GLY G 327 -53.54 -21.95 -38.82
CA GLY G 327 -54.37 -22.61 -37.84
C GLY G 327 -54.53 -21.84 -36.54
N ALA G 328 -55.16 -20.66 -36.59
CA ALA G 328 -55.29 -19.80 -35.39
C ALA G 328 -55.92 -20.46 -34.15
N PRO G 329 -55.98 -19.69 -33.05
CA PRO G 329 -56.22 -20.16 -31.69
C PRO G 329 -56.39 -21.67 -31.52
N CYS G 330 -55.29 -22.42 -31.58
CA CYS G 330 -55.43 -23.90 -31.46
C CYS G 330 -54.49 -24.48 -30.40
N LYS G 331 -54.74 -25.74 -30.07
CA LYS G 331 -54.01 -26.54 -29.11
C LYS G 331 -53.21 -27.62 -29.82
N ILE G 332 -51.97 -27.80 -29.39
CA ILE G 332 -50.99 -28.63 -30.10
C ILE G 332 -50.99 -30.02 -29.46
N PRO G 333 -51.39 -31.07 -30.19
CA PRO G 333 -51.29 -32.43 -29.63
C PRO G 333 -49.87 -32.96 -29.71
N VAL G 334 -49.34 -33.39 -28.57
CA VAL G 334 -47.99 -33.93 -28.48
C VAL G 334 -48.06 -35.27 -27.78
N ILE G 335 -47.57 -36.31 -28.45
CA ILE G 335 -47.51 -37.66 -27.88
C ILE G 335 -46.13 -38.24 -28.16
N VAL G 336 -45.76 -39.24 -27.37
CA VAL G 336 -44.49 -39.94 -27.50
C VAL G 336 -44.80 -41.44 -27.45
N ALA G 337 -44.77 -42.08 -28.62
CA ALA G 337 -45.10 -43.49 -28.73
C ALA G 337 -43.89 -44.27 -29.25
N ASP G 338 -43.87 -45.56 -28.95
CA ASP G 338 -42.84 -46.48 -29.43
C ASP G 338 -43.20 -47.10 -30.77
N ASP G 339 -44.16 -46.52 -31.49
CA ASP G 339 -44.63 -47.07 -32.75
C ASP G 339 -45.39 -45.99 -33.50
N LEU G 340 -45.06 -45.82 -34.79
CA LEU G 340 -45.69 -44.78 -35.59
C LEU G 340 -47.16 -45.10 -35.88
N THR G 341 -47.50 -46.38 -36.06
CA THR G 341 -48.84 -46.73 -36.49
C THR G 341 -49.88 -46.49 -35.38
N ALA G 342 -49.64 -47.02 -34.19
CA ALA G 342 -50.58 -46.91 -33.08
C ALA G 342 -50.15 -45.74 -32.21
N ALA G 343 -50.94 -44.66 -32.24
CA ALA G 343 -50.63 -43.45 -31.49
C ALA G 343 -51.09 -43.61 -30.04
N VAL G 344 -50.34 -44.43 -29.31
CA VAL G 344 -50.57 -44.65 -27.89
C VAL G 344 -49.49 -43.89 -27.13
N ASN G 345 -49.89 -42.83 -26.43
CA ASN G 345 -48.93 -42.00 -25.72
C ASN G 345 -48.30 -42.77 -24.57
N LYS G 346 -46.97 -42.79 -24.54
CA LYS G 346 -46.24 -43.51 -23.51
C LYS G 346 -45.32 -42.60 -22.71
N GLY G 347 -45.28 -41.30 -23.01
CA GLY G 347 -44.45 -40.35 -22.31
C GLY G 347 -45.26 -39.41 -21.44
N ILE G 348 -44.53 -38.66 -20.61
CA ILE G 348 -45.12 -37.74 -19.65
C ILE G 348 -44.89 -36.32 -20.17
N LEU G 349 -45.99 -35.57 -20.32
CA LEU G 349 -45.95 -34.24 -20.91
C LEU G 349 -45.80 -33.21 -19.81
N VAL G 350 -44.61 -32.63 -19.69
CA VAL G 350 -44.38 -31.59 -18.68
C VAL G 350 -45.12 -30.32 -19.04
N THR G 351 -45.03 -29.89 -20.30
CA THR G 351 -45.79 -28.75 -20.79
C THR G 351 -47.21 -29.23 -21.04
N VAL G 352 -48.03 -29.17 -19.99
CA VAL G 352 -49.37 -29.74 -20.05
C VAL G 352 -50.25 -28.86 -20.94
N ASN G 353 -50.92 -29.51 -21.91
CA ASN G 353 -51.82 -28.85 -22.85
C ASN G 353 -51.14 -27.69 -23.56
N PRO G 354 -50.24 -27.97 -24.52
CA PRO G 354 -49.61 -26.89 -25.28
C PRO G 354 -50.64 -26.12 -26.11
N ILE G 355 -50.29 -24.88 -26.43
CA ILE G 355 -51.25 -23.93 -26.97
C ILE G 355 -50.54 -22.96 -27.90
N ALA G 356 -51.22 -22.56 -28.97
CA ALA G 356 -50.84 -21.42 -29.80
C ALA G 356 -52.01 -20.45 -29.86
N SER G 357 -51.72 -19.15 -29.80
CA SER G 357 -52.75 -18.13 -29.83
C SER G 357 -52.70 -17.29 -31.10
N THR G 358 -51.59 -16.62 -31.38
CA THR G 358 -51.49 -15.89 -32.63
C THR G 358 -50.70 -16.72 -33.64
N ASN G 359 -50.85 -16.36 -34.91
CA ASN G 359 -50.08 -17.04 -35.94
C ASN G 359 -48.61 -16.63 -35.86
N ASP G 360 -47.75 -17.48 -36.41
CA ASP G 360 -46.31 -17.31 -36.32
C ASP G 360 -45.81 -17.33 -34.87
N ASP G 361 -46.46 -18.13 -34.04
CA ASP G 361 -46.05 -18.28 -32.65
C ASP G 361 -45.15 -19.50 -32.49
N GLU G 362 -44.02 -19.30 -31.82
CA GLU G 362 -43.10 -20.38 -31.48
C GLU G 362 -43.31 -20.73 -30.01
N VAL G 363 -43.80 -21.94 -29.75
CA VAL G 363 -44.09 -22.37 -28.39
C VAL G 363 -43.10 -23.45 -27.99
N LEU G 364 -42.74 -23.45 -26.70
CA LEU G 364 -41.74 -24.36 -26.16
C LEU G 364 -42.45 -25.50 -25.42
N ILE G 365 -42.13 -26.73 -25.82
CA ILE G 365 -42.76 -27.93 -25.25
C ILE G 365 -41.67 -28.82 -24.67
N GLU G 366 -41.85 -29.23 -23.42
CA GLU G 366 -40.94 -30.14 -22.74
C GLU G 366 -41.66 -31.45 -22.46
N VAL G 367 -41.03 -32.56 -22.82
CA VAL G 367 -41.62 -33.88 -22.69
C VAL G 367 -40.66 -34.80 -21.96
N ASN G 368 -41.22 -35.73 -21.18
CA ASN G 368 -40.44 -36.80 -20.59
C ASN G 368 -40.67 -38.07 -21.40
N PRO G 369 -39.72 -38.50 -22.21
CA PRO G 369 -39.91 -39.72 -23.00
C PRO G 369 -39.66 -40.96 -22.16
N PRO G 370 -40.18 -42.11 -22.58
CA PRO G 370 -39.85 -43.36 -21.90
C PRO G 370 -38.45 -43.83 -22.26
N PHE G 371 -37.94 -44.75 -21.43
CA PHE G 371 -36.62 -45.32 -21.68
C PHE G 371 -36.62 -46.14 -22.96
N GLY G 372 -35.54 -46.03 -23.72
CA GLY G 372 -35.39 -46.78 -24.95
C GLY G 372 -35.70 -45.94 -26.19
N ASP G 373 -35.92 -46.65 -27.29
CA ASP G 373 -36.25 -46.01 -28.54
C ASP G 373 -37.70 -45.55 -28.54
N SER G 374 -37.96 -44.41 -29.18
CA SER G 374 -39.28 -43.79 -29.11
C SER G 374 -39.49 -42.88 -30.31
N TYR G 375 -40.70 -42.36 -30.42
CA TYR G 375 -41.09 -41.44 -31.48
C TYR G 375 -41.83 -40.26 -30.87
N ILE G 376 -41.34 -39.06 -31.10
CA ILE G 376 -42.01 -37.84 -30.67
C ILE G 376 -42.90 -37.36 -31.80
N ILE G 377 -44.20 -37.26 -31.54
CA ILE G 377 -45.20 -36.98 -32.57
C ILE G 377 -45.92 -35.69 -32.22
N VAL G 378 -45.95 -34.75 -33.16
CA VAL G 378 -46.62 -33.46 -33.00
C VAL G 378 -47.45 -33.24 -34.26
N GLY G 379 -48.76 -33.49 -34.18
CA GLY G 379 -49.67 -33.35 -35.30
C GLY G 379 -50.67 -34.50 -35.31
N THR G 380 -51.37 -34.70 -36.44
CA THR G 380 -52.41 -35.72 -36.47
C THR G 380 -52.43 -36.68 -37.67
N GLY G 381 -52.10 -36.19 -38.85
CA GLY G 381 -52.20 -36.96 -40.09
C GLY G 381 -51.01 -36.90 -41.04
N ASP G 382 -51.27 -36.44 -42.27
CA ASP G 382 -50.20 -36.24 -43.22
C ASP G 382 -49.32 -35.05 -42.90
N SER G 383 -49.75 -34.15 -42.01
CA SER G 383 -48.94 -33.00 -41.63
C SER G 383 -48.28 -33.16 -40.26
N ARG G 384 -48.42 -34.32 -39.62
CA ARG G 384 -47.90 -34.50 -38.28
C ARG G 384 -46.39 -34.66 -38.30
N LEU G 385 -45.72 -34.00 -37.35
CA LEU G 385 -44.27 -34.05 -37.25
C LEU G 385 -43.83 -35.21 -36.39
N THR G 386 -42.79 -35.91 -36.84
CA THR G 386 -42.17 -37.00 -36.10
C THR G 386 -40.68 -36.74 -35.96
N TYR G 387 -40.11 -37.21 -34.85
CA TYR G 387 -38.68 -37.05 -34.58
C TYR G 387 -38.26 -38.19 -33.67
N GLN G 388 -37.37 -39.04 -34.16
CA GLN G 388 -37.01 -40.28 -33.48
C GLN G 388 -36.07 -40.00 -32.32
N TRP G 389 -36.29 -40.69 -31.19
CA TRP G 389 -35.56 -40.42 -29.96
C TRP G 389 -35.16 -41.72 -29.27
N HIS G 390 -33.97 -41.71 -28.68
CA HIS G 390 -33.44 -42.82 -27.90
C HIS G 390 -33.07 -42.33 -26.52
N LYS G 391 -33.42 -43.10 -25.49
CA LYS G 391 -33.13 -42.75 -24.11
C LYS G 391 -32.43 -43.92 -23.42
N GLU G 392 -31.33 -43.63 -22.74
CA GLU G 392 -30.61 -44.66 -22.00
C GLU G 392 -30.87 -44.52 -20.50
N VAL H 2 6.06 26.56 29.29
CA VAL H 2 6.67 25.60 28.37
C VAL H 2 7.32 26.33 27.20
N GLN H 3 8.65 26.46 27.25
CA GLN H 3 9.37 27.16 26.21
C GLN H 3 10.78 26.58 26.08
N LEU H 4 11.39 26.84 24.93
CA LEU H 4 12.76 26.40 24.65
C LEU H 4 13.56 27.60 24.18
N VAL H 5 14.63 27.92 24.91
CA VAL H 5 15.51 29.04 24.59
C VAL H 5 16.77 28.50 23.92
N GLU H 6 17.20 29.16 22.85
CA GLU H 6 18.34 28.71 22.06
C GLU H 6 19.42 29.79 22.02
N SER H 7 20.67 29.35 22.14
CA SER H 7 21.80 30.28 22.16
C SER H 7 23.04 29.60 21.59
N GLY H 8 23.97 30.40 21.11
CA GLY H 8 25.23 29.90 20.60
C GLY H 8 25.56 30.35 19.19
N GLY H 9 24.58 30.91 18.49
CA GLY H 9 24.77 31.27 17.11
C GLY H 9 25.67 32.47 16.92
N GLY H 10 26.10 32.67 15.68
CA GLY H 10 26.99 33.76 15.33
C GLY H 10 27.62 33.50 13.98
N LEU H 11 28.79 34.13 13.79
CA LEU H 11 29.64 34.00 12.57
C LEU H 11 30.90 33.22 12.98
N VAL H 12 31.39 32.34 12.11
CA VAL H 12 32.54 31.49 12.42
C VAL H 12 33.06 30.93 11.10
N LYS H 13 34.39 30.85 10.99
CA LYS H 13 35.02 30.51 9.71
C LYS H 13 34.83 29.03 9.38
N PRO H 14 34.91 28.67 8.08
CA PRO H 14 34.76 27.26 7.71
C PRO H 14 35.84 26.39 8.33
N GLY H 15 35.47 25.14 8.63
CA GLY H 15 36.37 24.28 9.37
C GLY H 15 36.48 24.60 10.84
N GLY H 16 35.68 25.55 11.32
CA GLY H 16 35.71 25.95 12.72
C GLY H 16 34.94 24.97 13.59
N SER H 17 34.51 25.47 14.75
CA SER H 17 33.79 24.65 15.70
C SER H 17 32.87 25.54 16.52
N LEU H 18 31.67 25.06 16.79
CA LEU H 18 30.66 25.80 17.53
C LEU H 18 29.83 24.84 18.34
N ARG H 19 29.16 25.37 19.36
CA ARG H 19 28.23 24.59 20.18
C ARG H 19 26.96 25.39 20.39
N LEU H 20 25.85 24.90 19.87
CA LEU H 20 24.55 25.49 20.13
C LEU H 20 23.94 24.89 21.39
N SER H 21 23.11 25.68 22.05
CA SER H 21 22.54 25.29 23.34
C SER H 21 21.04 25.53 23.33
N CYS H 22 20.31 24.67 24.06
CA CYS H 22 18.86 24.76 24.15
C CYS H 22 18.46 24.49 25.59
N ALA H 23 17.92 25.51 26.27
CA ALA H 23 17.46 25.39 27.64
C ALA H 23 15.95 25.22 27.65
N ALA H 24 15.47 24.24 28.41
CA ALA H 24 14.06 23.89 28.44
C ALA H 24 13.46 24.18 29.81
N SER H 25 12.24 24.71 29.80
CA SER H 25 11.52 25.02 31.03
C SER H 25 10.03 24.73 30.83
N GLY H 26 9.39 24.29 31.91
CA GLY H 26 7.95 24.09 31.92
C GLY H 26 7.48 22.65 31.89
N PHE H 27 8.39 21.68 31.86
CA PHE H 27 8.00 20.27 31.83
C PHE H 27 9.20 19.43 32.25
N ILE H 28 8.98 18.12 32.38
CA ILE H 28 10.04 17.18 32.70
C ILE H 28 10.85 16.95 31.43
N PHE H 29 11.99 17.64 31.33
CA PHE H 29 12.84 17.55 30.13
C PHE H 29 13.35 16.13 29.91
N SER H 30 13.59 15.38 30.98
CA SER H 30 14.21 14.06 30.88
C SER H 30 13.26 12.98 30.37
N ASP H 31 12.00 13.31 30.09
CA ASP H 31 11.03 12.32 29.64
C ASP H 31 10.55 12.59 28.22
N TYR H 32 11.24 13.45 27.46
CA TYR H 32 10.80 13.82 26.13
C TYR H 32 11.96 13.75 25.14
N TYR H 33 11.67 13.21 23.96
CA TYR H 33 12.65 13.21 22.89
C TYR H 33 12.91 14.63 22.41
N MET H 34 14.19 14.96 22.20
CA MET H 34 14.61 16.25 21.70
C MET H 34 15.28 16.07 20.34
N MET H 35 15.42 17.18 19.62
CA MET H 35 15.96 17.15 18.27
C MET H 35 16.26 18.56 17.79
N TRP H 36 17.20 18.65 16.85
CA TRP H 36 17.64 19.92 16.28
C TRP H 36 17.19 20.01 14.83
N ILE H 37 16.55 21.13 14.49
CA ILE H 37 16.15 21.41 13.11
C ILE H 37 16.88 22.65 12.63
N ARG H 38 16.99 22.77 11.31
CA ARG H 38 17.59 23.95 10.71
C ARG H 38 16.91 24.24 9.38
N GLN H 39 17.02 25.50 8.96
CA GLN H 39 16.49 25.95 7.67
C GLN H 39 17.51 26.86 7.02
N ALA H 40 17.92 26.52 5.81
CA ALA H 40 18.85 27.29 5.00
C ALA H 40 18.08 28.22 4.06
N PRO H 41 18.72 29.28 3.57
CA PRO H 41 18.02 30.18 2.63
C PRO H 41 17.53 29.44 1.40
N GLY H 42 16.29 29.73 1.01
CA GLY H 42 15.69 29.14 -0.17
C GLY H 42 15.47 27.64 -0.05
N LYS H 43 15.68 27.10 1.15
CA LYS H 43 15.58 25.67 1.39
C LYS H 43 14.56 25.40 2.48
N GLY H 44 13.91 24.24 2.39
CA GLY H 44 12.92 23.86 3.38
C GLY H 44 13.56 23.47 4.70
N LEU H 45 12.69 23.28 5.69
CA LEU H 45 13.15 22.85 7.01
C LEU H 45 13.71 21.42 6.92
N GLU H 46 14.65 21.12 7.82
CA GLU H 46 15.32 19.83 7.81
C GLU H 46 15.78 19.50 9.22
N TRP H 47 15.24 18.42 9.79
CA TRP H 47 15.74 17.92 11.06
C TRP H 47 17.08 17.22 10.82
N ILE H 48 18.06 17.52 11.65
CA ILE H 48 19.43 17.05 11.40
C ILE H 48 19.89 16.13 12.53
N SER H 49 19.37 16.35 13.73
CA SER H 49 19.79 15.58 14.89
C SER H 49 18.56 15.26 15.73
N TYR H 50 18.66 14.18 16.50
CA TYR H 50 17.48 13.62 17.17
C TYR H 50 17.94 12.69 18.27
N ILE H 51 17.50 12.96 19.50
CA ILE H 51 17.96 12.24 20.68
C ILE H 51 16.77 11.80 21.51
N SER H 52 16.93 10.66 22.19
CA SER H 52 15.89 10.11 23.03
C SER H 52 15.85 10.83 24.38
N SER H 53 14.89 10.45 25.22
CA SER H 53 14.77 11.06 26.53
C SER H 53 16.00 10.79 27.38
N SER H 54 16.47 9.54 27.40
CA SER H 54 17.65 9.19 28.18
C SER H 54 18.95 9.58 27.49
N GLY H 55 18.91 9.88 26.19
CA GLY H 55 20.11 10.08 25.43
C GLY H 55 20.76 8.81 24.93
N SER H 56 20.15 7.64 25.17
CA SER H 56 20.71 6.37 24.75
C SER H 56 20.45 6.06 23.29
N GLN H 57 19.52 6.77 22.65
CA GLN H 57 19.22 6.59 21.23
C GLN H 57 19.52 7.88 20.50
N ILE H 58 20.35 7.80 19.46
CA ILE H 58 20.84 8.96 18.75
C ILE H 58 20.60 8.74 17.26
N TYR H 59 20.13 9.78 16.57
CA TYR H 59 19.88 9.72 15.13
C TYR H 59 20.39 10.98 14.46
N TYR H 60 21.08 10.82 13.34
CA TYR H 60 21.57 11.93 12.53
C TYR H 60 21.14 11.74 11.08
N THR H 61 21.09 12.85 10.36
CA THR H 61 21.07 12.78 8.91
C THR H 61 22.48 12.59 8.38
N GLU H 62 22.58 12.05 7.17
CA GLU H 62 23.89 11.77 6.58
C GLU H 62 24.68 13.05 6.27
N SER H 63 24.00 14.20 6.18
CA SER H 63 24.70 15.44 5.86
C SER H 63 25.58 15.91 7.01
N VAL H 64 25.24 15.54 8.25
CA VAL H 64 25.95 16.04 9.42
C VAL H 64 26.40 14.90 10.32
N LYS H 65 26.38 13.67 9.78
CA LYS H 65 26.54 12.48 10.62
C LYS H 65 27.86 12.47 11.36
N GLY H 66 28.97 12.62 10.65
CA GLY H 66 30.26 12.54 11.28
C GLY H 66 30.77 13.80 11.93
N ARG H 67 30.04 14.91 11.80
CA ARG H 67 30.50 16.21 12.27
C ARG H 67 29.73 16.71 13.48
N PHE H 68 28.41 16.65 13.47
CA PHE H 68 27.60 17.13 14.57
C PHE H 68 27.45 16.05 15.63
N THR H 69 27.33 16.48 16.89
CA THR H 69 27.18 15.56 18.01
C THR H 69 26.13 16.14 18.95
N ILE H 70 24.94 15.53 18.97
CA ILE H 70 23.86 15.96 19.84
C ILE H 70 24.02 15.31 21.20
N SER H 71 23.78 16.09 22.26
CA SER H 71 23.87 15.60 23.62
C SER H 71 22.87 16.34 24.48
N ARG H 72 22.59 15.78 25.66
CA ARG H 72 21.66 16.40 26.59
C ARG H 72 22.15 16.19 28.02
N ASP H 73 22.00 17.24 28.84
CA ASP H 73 22.28 17.18 30.27
C ASP H 73 20.95 17.32 31.00
N ASN H 74 20.41 16.19 31.47
CA ASN H 74 19.08 16.20 32.05
C ASN H 74 19.04 16.82 33.45
N GLY H 75 20.18 16.94 34.13
CA GLY H 75 20.20 17.71 35.37
C GLY H 75 20.02 19.19 35.08
N LYS H 76 20.64 19.67 34.00
CA LYS H 76 20.54 21.11 33.67
C LYS H 76 19.38 21.38 32.70
N ASN H 77 18.58 20.36 32.34
CA ASN H 77 17.50 20.54 31.37
C ASN H 77 18.02 21.28 30.13
N LEU H 78 19.19 20.89 29.66
CA LEU H 78 19.85 21.53 28.53
C LEU H 78 20.11 20.52 27.41
N LEU H 79 19.97 20.99 26.17
CA LEU H 79 20.25 20.20 24.99
C LEU H 79 21.32 20.91 24.18
N TYR H 80 22.38 20.19 23.82
CA TYR H 80 23.51 20.77 23.11
C TYR H 80 23.62 20.19 21.71
N LEU H 81 24.13 21.01 20.79
CA LEU H 81 24.52 20.58 19.45
C LEU H 81 25.97 20.97 19.26
N GLN H 82 26.86 19.98 19.30
CA GLN H 82 28.29 20.21 19.12
C GLN H 82 28.60 20.13 17.62
N MET H 83 28.89 21.27 17.01
CA MET H 83 29.12 21.35 15.57
C MET H 83 30.61 21.47 15.31
N ASN H 84 31.24 20.34 14.98
CA ASN H 84 32.61 20.30 14.53
C ASN H 84 32.65 20.25 13.01
N SER H 85 33.83 20.52 12.45
CA SER H 85 34.09 20.43 11.02
C SER H 85 33.04 21.21 10.21
N LEU H 86 32.88 22.48 10.57
CA LEU H 86 31.83 23.31 10.00
C LEU H 86 32.06 23.54 8.51
N ARG H 87 30.95 23.68 7.77
CA ARG H 87 30.96 23.89 6.34
C ARG H 87 30.08 25.07 5.98
N GLY H 88 30.21 25.53 4.73
CA GLY H 88 29.42 26.65 4.25
C GLY H 88 27.93 26.37 4.28
N GLU H 89 27.53 25.18 3.83
CA GLU H 89 26.11 24.83 3.80
C GLU H 89 25.49 24.71 5.18
N ASP H 90 26.30 24.68 6.24
CA ASP H 90 25.79 24.70 7.61
C ASP H 90 25.25 26.06 8.01
N THR H 91 25.31 27.06 7.13
CA THR H 91 24.69 28.36 7.39
C THR H 91 23.18 28.20 7.36
N ALA H 92 22.55 28.30 8.53
CA ALA H 92 21.10 28.11 8.63
C ALA H 92 20.62 28.66 9.96
N LEU H 93 19.29 28.75 10.08
CA LEU H 93 18.64 29.08 11.34
C LEU H 93 18.30 27.78 12.05
N TYR H 94 18.87 27.57 13.23
CA TYR H 94 18.78 26.29 13.92
C TYR H 94 17.75 26.37 15.05
N TYR H 95 16.84 25.40 15.07
CA TYR H 95 15.84 25.26 16.11
C TYR H 95 16.11 24.02 16.95
N CYS H 96 15.80 24.10 18.23
CA CYS H 96 15.64 22.92 19.07
C CYS H 96 14.15 22.69 19.29
N ALA H 97 13.74 21.42 19.26
CA ALA H 97 12.32 21.11 19.28
C ALA H 97 12.07 19.84 20.07
N THR H 98 10.92 19.81 20.74
CA THR H 98 10.48 18.61 21.43
C THR H 98 9.79 17.66 20.46
N GLU H 99 9.70 16.39 20.85
CA GLU H 99 9.08 15.36 19.97
C GLU H 99 8.29 14.35 20.82
N THR H 100 6.96 14.43 20.77
CA THR H 100 6.09 13.51 21.50
C THR H 100 4.95 13.10 20.59
N GLY H 101 4.48 11.87 20.75
CA GLY H 101 3.45 11.34 19.87
C GLY H 101 3.88 11.24 18.43
N TRP H 102 5.19 11.08 18.19
CA TRP H 102 5.75 10.96 16.84
C TRP H 102 5.42 12.17 15.97
N ARG H 103 5.41 13.34 16.60
CA ARG H 103 5.31 14.61 15.91
C ARG H 103 6.24 15.60 16.58
N ILE H 104 6.57 16.67 15.85
CA ILE H 104 7.41 17.74 16.38
C ILE H 104 6.47 18.75 17.05
N ASP H 105 6.43 18.73 18.38
CA ASP H 105 5.39 19.44 19.11
C ASP H 105 5.72 20.91 19.30
N THR H 106 6.79 21.20 20.05
CA THR H 106 7.12 22.56 20.46
C THR H 106 8.48 22.95 19.90
N TRP H 107 8.64 24.24 19.62
CA TRP H 107 9.83 24.77 18.97
C TRP H 107 10.43 25.90 19.80
N GLY H 108 11.73 26.12 19.59
CA GLY H 108 12.38 27.33 20.05
C GLY H 108 12.26 28.43 19.03
N GLN H 109 12.74 29.62 19.41
CA GLN H 109 12.65 30.78 18.53
C GLN H 109 13.65 30.69 17.37
N GLY H 110 14.81 30.10 17.61
CA GLY H 110 15.81 29.95 16.57
C GLY H 110 17.05 30.79 16.85
N THR H 111 18.21 30.21 16.59
CA THR H 111 19.47 30.93 16.64
C THR H 111 20.17 30.80 15.29
N LEU H 112 20.75 31.90 14.83
CA LEU H 112 21.33 31.97 13.50
C LEU H 112 22.83 31.72 13.54
N VAL H 113 23.30 30.79 12.71
CA VAL H 113 24.71 30.60 12.47
C VAL H 113 24.98 30.89 11.00
N THR H 114 25.84 31.87 10.74
CA THR H 114 26.32 32.16 9.40
C THR H 114 27.81 31.88 9.37
N VAL H 115 28.25 31.06 8.42
CA VAL H 115 29.68 30.80 8.24
C VAL H 115 30.14 31.47 6.95
N SER H 116 31.17 32.28 7.13
CA SER H 116 31.71 33.02 5.99
C SER H 116 33.21 32.83 6.02
N SER H 117 33.79 32.70 4.84
CA SER H 117 35.27 32.68 4.72
C SER H 117 35.71 34.14 4.79
N ALA H 118 34.83 35.04 4.35
CA ALA H 118 35.04 36.46 3.97
C ALA H 118 35.72 37.22 5.09
N SER H 119 36.53 38.20 4.70
CA SER H 119 37.23 38.97 5.71
C SER H 119 36.77 40.42 5.63
N THR H 120 37.38 41.28 6.43
CA THR H 120 37.03 42.69 6.41
C THR H 120 37.57 43.33 5.13
N LYS H 121 36.67 43.75 4.25
CA LYS H 121 37.03 44.29 2.95
C LYS H 121 36.21 45.55 2.71
N GLY H 122 36.87 46.62 2.26
CA GLY H 122 36.22 47.87 1.96
C GLY H 122 35.78 47.95 0.50
N PRO H 123 34.61 48.52 0.26
CA PRO H 123 33.97 48.35 -1.05
C PRO H 123 34.67 49.07 -2.20
N SER H 124 34.12 48.92 -3.40
CA SER H 124 34.51 49.69 -4.56
C SER H 124 33.24 50.26 -5.19
N VAL H 125 33.23 51.57 -5.43
CA VAL H 125 32.02 52.26 -5.85
C VAL H 125 32.09 52.56 -7.34
N PHE H 126 30.98 52.34 -8.03
CA PHE H 126 30.91 52.49 -9.48
C PHE H 126 29.69 53.36 -9.78
N PRO H 127 29.85 54.49 -10.47
CA PRO H 127 28.69 55.32 -10.80
C PRO H 127 27.76 54.60 -11.76
N LEU H 128 26.48 54.97 -11.70
CA LEU H 128 25.48 54.37 -12.58
C LEU H 128 24.97 55.44 -13.55
N ALA H 129 25.08 55.16 -14.84
CA ALA H 129 24.69 56.13 -15.85
C ALA H 129 23.16 56.28 -15.89
N PRO H 130 22.64 57.50 -15.94
CA PRO H 130 21.19 57.68 -15.98
C PRO H 130 20.61 57.51 -17.37
N SER H 131 19.41 56.94 -17.41
CA SER H 131 18.65 56.79 -18.64
C SER H 131 17.28 57.46 -18.47
N SER H 132 16.45 57.32 -19.50
CA SER H 132 15.16 58.02 -19.56
C SER H 132 14.08 57.16 -18.92
N LYS H 133 13.85 57.37 -17.63
CA LYS H 133 12.67 56.84 -16.94
C LYS H 133 11.58 57.93 -16.87
N SER H 134 11.11 58.33 -18.05
CA SER H 134 10.31 59.54 -18.18
C SER H 134 8.81 59.28 -18.06
N THR H 135 8.29 58.32 -18.84
CA THR H 135 6.85 58.03 -18.90
C THR H 135 6.07 59.27 -19.35
N SER H 136 6.68 60.08 -20.22
CA SER H 136 6.02 61.22 -20.86
C SER H 136 5.41 62.18 -19.82
N GLY H 137 6.29 62.84 -19.07
CA GLY H 137 7.73 62.78 -19.27
C GLY H 137 8.46 63.75 -18.36
N GLY H 138 9.79 63.77 -18.45
CA GLY H 138 10.60 64.64 -17.63
C GLY H 138 11.07 63.99 -16.34
N THR H 139 11.67 62.81 -16.44
CA THR H 139 12.19 62.10 -15.27
C THR H 139 13.31 61.17 -15.72
N ALA H 140 14.36 61.10 -14.90
CA ALA H 140 15.51 60.24 -15.18
C ALA H 140 16.13 59.82 -13.86
N ALA H 141 16.50 58.55 -13.77
CA ALA H 141 17.02 57.96 -12.54
C ALA H 141 18.44 57.43 -12.77
N LEU H 142 19.19 57.34 -11.69
CA LEU H 142 20.55 56.80 -11.71
C LEU H 142 20.89 56.31 -10.31
N GLY H 143 22.15 55.96 -10.11
CA GLY H 143 22.59 55.55 -8.80
C GLY H 143 24.10 55.38 -8.72
N CYS H 144 24.54 54.62 -7.72
CA CYS H 144 25.94 54.19 -7.63
C CYS H 144 26.00 52.84 -6.94
N LEU H 145 26.77 51.93 -7.52
CA LEU H 145 26.89 50.56 -7.04
C LEU H 145 28.01 50.47 -6.00
N VAL H 146 27.79 49.63 -4.99
CA VAL H 146 28.74 49.44 -3.88
C VAL H 146 28.97 47.94 -3.77
N LYS H 147 30.07 47.46 -4.34
CA LYS H 147 30.34 46.04 -4.46
C LYS H 147 31.27 45.55 -3.36
N ASP H 148 31.29 44.21 -3.19
CA ASP H 148 32.33 43.50 -2.46
C ASP H 148 32.69 44.18 -1.14
N TYR H 149 31.75 44.23 -0.20
CA TYR H 149 32.02 44.76 1.12
C TYR H 149 31.47 43.80 2.16
N PHE H 150 32.13 43.77 3.32
CA PHE H 150 31.75 42.87 4.40
C PHE H 150 32.43 43.40 5.65
N PRO H 151 31.75 43.40 6.81
CA PRO H 151 30.36 42.96 6.97
C PRO H 151 29.35 44.12 6.91
N GLU H 152 28.13 43.83 7.31
CA GLU H 152 27.13 44.88 7.49
C GLU H 152 27.52 45.76 8.68
N PRO H 153 27.10 47.03 8.69
CA PRO H 153 26.36 47.70 7.61
C PRO H 153 27.20 48.70 6.84
N VAL H 154 26.59 49.29 5.80
CA VAL H 154 27.16 50.44 5.11
C VAL H 154 26.06 51.48 4.98
N THR H 155 26.46 52.75 5.00
CA THR H 155 25.53 53.87 4.96
C THR H 155 25.82 54.70 3.71
N VAL H 156 24.83 54.82 2.84
CA VAL H 156 24.94 55.63 1.62
C VAL H 156 24.20 56.94 1.83
N SER H 157 24.73 57.99 1.19
CA SER H 157 24.07 59.29 1.16
C SER H 157 24.66 60.10 0.03
N TRP H 158 23.79 60.78 -0.71
CA TRP H 158 24.19 61.66 -1.79
C TRP H 158 24.32 63.08 -1.26
N ASN H 159 25.32 63.80 -1.76
CA ASN H 159 25.54 65.22 -1.39
C ASN H 159 25.63 65.36 0.12
N SER H 160 26.69 64.77 0.70
CA SER H 160 27.09 64.71 2.14
C SER H 160 26.09 65.37 3.11
N GLY H 161 24.92 64.77 3.30
CA GLY H 161 23.92 65.31 4.20
C GLY H 161 22.89 66.26 3.61
N ALA H 162 22.72 66.30 2.28
CA ALA H 162 21.89 67.34 1.67
C ALA H 162 20.61 66.81 1.02
N LEU H 163 20.69 65.92 0.04
CA LEU H 163 19.52 65.56 -0.76
C LEU H 163 18.95 64.23 -0.26
N THR H 164 17.64 64.25 0.05
CA THR H 164 16.94 63.08 0.56
C THR H 164 15.56 62.93 -0.08
N SER H 165 15.38 63.44 -1.29
CA SER H 165 14.09 63.46 -1.96
C SER H 165 14.08 62.41 -3.06
N GLY H 166 13.24 61.39 -2.90
CA GLY H 166 13.13 60.34 -3.90
C GLY H 166 14.31 59.40 -3.96
N VAL H 167 14.96 59.14 -2.83
CA VAL H 167 16.16 58.32 -2.77
C VAL H 167 15.78 56.94 -2.26
N HIS H 168 16.21 55.89 -2.97
CA HIS H 168 15.98 54.51 -2.58
C HIS H 168 17.32 53.82 -2.37
N THR H 169 17.52 53.22 -1.20
CA THR H 169 18.73 52.46 -0.87
C THR H 169 18.30 51.03 -0.59
N PHE H 170 18.50 50.14 -1.56
CA PHE H 170 18.12 48.74 -1.40
C PHE H 170 19.04 48.07 -0.37
N PRO H 171 18.53 47.06 0.33
CA PRO H 171 19.38 46.32 1.27
C PRO H 171 20.41 45.47 0.54
N ALA H 172 21.36 44.96 1.33
CA ALA H 172 22.47 44.20 0.79
C ALA H 172 22.00 42.85 0.25
N VAL H 173 22.90 42.19 -0.48
CA VAL H 173 22.66 40.84 -0.98
C VAL H 173 23.87 39.98 -0.63
N LEU H 174 23.63 38.83 0.01
CA LEU H 174 24.70 37.90 0.27
C LEU H 174 25.14 37.24 -1.04
N GLN H 175 26.38 36.75 -1.06
CA GLN H 175 27.02 36.39 -2.30
C GLN H 175 27.82 35.10 -2.14
N SER H 176 28.10 34.45 -3.28
CA SER H 176 28.99 33.31 -3.28
C SER H 176 30.38 33.70 -2.79
N SER H 177 30.79 34.95 -3.04
CA SER H 177 32.05 35.44 -2.49
C SER H 177 32.04 35.48 -0.97
N GLY H 178 30.85 35.54 -0.36
CA GLY H 178 30.73 35.82 1.05
C GLY H 178 30.68 37.29 1.38
N LEU H 179 30.88 38.16 0.39
CA LEU H 179 30.82 39.60 0.57
C LEU H 179 29.42 40.12 0.25
N TYR H 180 29.17 41.37 0.62
CA TYR H 180 27.86 41.99 0.42
C TYR H 180 27.94 43.03 -0.70
N SER H 181 26.77 43.37 -1.23
CA SER H 181 26.66 44.39 -2.25
C SER H 181 25.27 44.99 -2.18
N LEU H 182 25.17 46.27 -2.55
CA LEU H 182 23.88 46.96 -2.58
C LEU H 182 23.93 48.06 -3.62
N SER H 183 22.74 48.56 -3.97
CA SER H 183 22.60 49.67 -4.90
C SER H 183 21.75 50.76 -4.27
N SER H 184 22.01 52.00 -4.67
CA SER H 184 21.28 53.16 -4.20
C SER H 184 20.91 54.01 -5.41
N VAL H 185 19.62 54.36 -5.53
CA VAL H 185 19.14 55.08 -6.71
C VAL H 185 18.42 56.35 -6.30
N VAL H 186 18.43 57.33 -7.21
CA VAL H 186 17.72 58.59 -7.05
C VAL H 186 17.00 58.89 -8.35
N THR H 187 15.93 59.69 -8.26
CA THR H 187 15.15 60.10 -9.42
C THR H 187 15.14 61.61 -9.51
N VAL H 188 15.44 62.14 -10.70
CA VAL H 188 15.50 63.58 -10.94
C VAL H 188 14.83 63.89 -12.27
N PRO H 189 14.40 65.13 -12.47
CA PRO H 189 13.80 65.52 -13.75
C PRO H 189 14.80 65.37 -14.90
N SER H 190 14.26 65.49 -16.12
CA SER H 190 15.06 65.23 -17.32
C SER H 190 15.91 66.43 -17.72
N SER H 191 15.31 67.62 -17.77
CA SER H 191 16.04 68.80 -18.22
C SER H 191 17.05 69.32 -17.20
N SER H 192 17.17 68.66 -16.04
CA SER H 192 18.11 69.07 -15.01
C SER H 192 19.22 68.05 -14.80
N LEU H 193 19.51 67.23 -15.81
CA LEU H 193 20.58 66.23 -15.67
C LEU H 193 21.95 66.90 -15.61
N GLY H 194 22.16 67.94 -16.41
CA GLY H 194 23.45 68.60 -16.46
C GLY H 194 23.56 69.85 -15.61
N THR H 195 22.44 70.29 -15.04
CA THR H 195 22.42 71.53 -14.28
C THR H 195 22.97 71.39 -12.88
N GLN H 196 23.20 70.18 -12.39
CA GLN H 196 23.65 69.99 -11.01
C GLN H 196 24.56 68.78 -10.95
N THR H 197 25.13 68.55 -9.77
CA THR H 197 26.07 67.48 -9.51
C THR H 197 25.71 66.80 -8.20
N TYR H 198 25.82 65.46 -8.16
CA TYR H 198 25.70 64.75 -6.90
C TYR H 198 26.70 63.61 -6.82
N ILE H 199 27.13 63.31 -5.61
CA ILE H 199 28.08 62.24 -5.32
C ILE H 199 27.54 61.45 -4.15
N CYS H 200 27.86 60.16 -4.11
CA CYS H 200 27.46 59.33 -2.98
C CYS H 200 28.42 59.53 -1.82
N ASN H 201 27.97 59.11 -0.63
CA ASN H 201 28.85 58.94 0.53
C ASN H 201 28.70 57.49 0.95
N VAL H 202 29.42 56.61 0.28
CA VAL H 202 29.52 55.24 0.76
C VAL H 202 30.47 55.25 1.94
N ASN H 203 30.11 54.53 2.98
CA ASN H 203 30.75 54.79 4.26
C ASN H 203 30.69 53.51 5.10
N HIS H 204 31.77 52.73 5.03
CA HIS H 204 31.86 51.41 5.62
C HIS H 204 32.65 51.52 6.92
N LYS H 205 31.94 51.46 8.04
CA LYS H 205 32.60 51.53 9.34
C LYS H 205 33.62 50.42 9.59
N PRO H 206 33.33 49.13 9.32
CA PRO H 206 34.27 48.08 9.76
C PRO H 206 35.64 48.15 9.09
N SER H 207 35.76 48.84 7.96
CA SER H 207 37.06 49.06 7.32
C SER H 207 37.42 50.53 7.25
N ASN H 208 36.60 51.41 7.84
CA ASN H 208 36.88 52.85 7.92
C ASN H 208 37.01 53.46 6.53
N THR H 209 36.12 53.06 5.62
CA THR H 209 36.14 53.50 4.23
C THR H 209 35.17 54.66 4.01
N LYS H 210 35.64 55.68 3.30
CA LYS H 210 34.79 56.80 2.88
C LYS H 210 35.13 57.14 1.44
N VAL H 211 34.15 57.02 0.55
CA VAL H 211 34.36 57.24 -0.88
C VAL H 211 33.24 58.13 -1.42
N ASP H 212 33.61 59.06 -2.29
CA ASP H 212 32.66 59.90 -3.04
C ASP H 212 32.81 59.58 -4.52
N LYS H 213 31.74 59.78 -5.29
CA LYS H 213 31.75 59.33 -6.68
C LYS H 213 30.76 60.14 -7.51
N ARG H 214 31.27 60.84 -8.52
CA ARG H 214 30.45 61.65 -9.41
C ARG H 214 29.48 60.78 -10.20
N VAL H 215 28.40 61.42 -10.69
CA VAL H 215 27.52 60.82 -11.68
C VAL H 215 27.18 61.87 -12.74
N GLU H 216 27.39 61.51 -14.01
CA GLU H 216 26.99 62.33 -15.14
C GLU H 216 26.60 61.39 -16.28
N PRO H 217 25.82 61.87 -17.25
CA PRO H 217 25.50 61.06 -18.44
C PRO H 217 26.73 60.47 -19.11
N GLN I 1 12.68 7.90 -1.31
CA GLN I 1 12.86 9.15 -0.59
C GLN I 1 11.52 9.73 -0.15
N ALA I 2 11.49 11.03 0.10
CA ALA I 2 10.24 11.72 0.45
C ALA I 2 10.42 13.20 0.20
N VAL I 3 9.59 13.76 -0.66
CA VAL I 3 9.62 15.19 -0.98
C VAL I 3 8.22 15.74 -0.83
N LEU I 4 8.07 16.81 -0.05
CA LEU I 4 6.79 17.50 0.12
C LEU I 4 6.89 18.85 -0.56
N THR I 5 6.03 19.06 -1.57
CA THR I 5 6.01 20.28 -2.35
C THR I 5 4.72 21.04 -2.08
N GLN I 6 4.85 22.33 -1.76
CA GLN I 6 3.71 23.19 -1.51
C GLN I 6 3.97 24.54 -2.15
N PRO I 7 2.91 25.28 -2.51
CA PRO I 7 3.11 26.53 -3.25
C PRO I 7 3.93 27.53 -2.46
N ALA I 8 4.76 28.29 -3.18
CA ALA I 8 5.66 29.24 -2.54
C ALA I 8 4.89 30.43 -1.97
N SER I 9 3.88 30.90 -2.70
CA SER I 9 3.14 32.10 -2.26
C SER I 9 1.68 31.97 -2.65
N VAL I 10 0.80 32.14 -1.66
CA VAL I 10 -0.64 32.22 -1.87
C VAL I 10 -1.14 33.46 -1.13
N SER I 11 -2.28 33.98 -1.58
CA SER I 11 -2.80 35.22 -1.00
C SER I 11 -4.33 35.21 -1.04
N GLY I 12 -4.91 35.94 -0.10
CA GLY I 12 -6.35 36.07 -0.01
C GLY I 12 -6.73 37.37 0.68
N SER I 13 -8.04 37.67 0.67
CA SER I 13 -8.57 38.89 1.24
C SER I 13 -9.15 38.62 2.63
N PRO I 14 -9.18 39.64 3.50
CA PRO I 14 -9.78 39.46 4.83
C PRO I 14 -11.24 39.03 4.71
N GLY I 15 -11.62 38.08 5.56
CA GLY I 15 -12.95 37.51 5.54
C GLY I 15 -13.13 36.33 4.60
N GLN I 16 -12.17 36.10 3.70
CA GLN I 16 -12.25 34.98 2.77
C GLN I 16 -11.68 33.72 3.39
N SER I 17 -11.82 32.61 2.66
CA SER I 17 -11.27 31.33 3.05
C SER I 17 -10.22 30.90 2.03
N ILE I 18 -9.11 30.37 2.53
CA ILE I 18 -7.94 30.09 1.70
C ILE I 18 -7.44 28.69 2.02
N THR I 19 -6.84 28.04 1.01
CA THR I 19 -6.34 26.68 1.14
C THR I 19 -4.92 26.60 0.63
N ILE I 20 -4.03 26.01 1.44
CA ILE I 20 -2.65 25.75 1.04
C ILE I 20 -2.44 24.25 1.05
N SER I 21 -2.07 23.70 -0.10
CA SER I 21 -1.93 22.26 -0.24
C SER I 21 -0.50 21.82 0.06
N CYS I 22 -0.31 20.50 0.14
CA CYS I 22 1.01 19.92 0.42
C CYS I 22 1.05 18.57 -0.29
N THR I 23 1.66 18.54 -1.48
CA THR I 23 1.68 17.35 -2.31
C THR I 23 2.91 16.51 -1.98
N GLY I 24 2.68 15.23 -1.70
CA GLY I 24 3.76 14.32 -1.35
C GLY I 24 4.32 13.60 -2.56
N THR I 25 5.65 13.54 -2.64
CA THR I 25 6.34 12.80 -3.70
C THR I 25 7.53 12.05 -3.06
N GLY I 26 7.25 10.82 -2.62
CA GLY I 26 8.26 9.90 -2.11
C GLY I 26 7.93 8.48 -2.54
N SER I 27 8.45 7.47 -1.83
CA SER I 27 8.14 6.10 -2.23
C SER I 27 6.78 5.66 -1.71
N ASN I 28 6.62 5.60 -0.39
CA ASN I 28 5.42 5.10 0.27
C ASN I 28 4.99 6.11 1.32
N ILE I 29 4.19 7.11 0.98
CA ILE I 29 3.88 8.03 2.08
C ILE I 29 2.69 7.50 2.87
N GLU I 30 1.46 7.83 2.46
CA GLU I 30 0.22 7.06 2.62
C GLU I 30 0.29 5.85 3.54
N THR I 31 0.94 5.97 4.70
CA THR I 31 1.09 4.80 5.57
C THR I 31 0.77 5.13 7.02
N TYR I 32 1.04 6.37 7.42
CA TYR I 32 0.92 6.78 8.81
C TYR I 32 -0.10 7.88 9.04
N ASN I 33 -0.30 8.77 8.06
CA ASN I 33 -1.41 9.72 8.03
C ASN I 33 -1.38 10.73 9.17
N LEU I 34 -0.19 10.97 9.74
CA LEU I 34 -0.02 11.96 10.83
C LEU I 34 0.69 13.19 10.28
N VAL I 35 0.01 13.97 9.43
CA VAL I 35 0.59 15.16 8.83
C VAL I 35 0.35 16.34 9.78
N SER I 36 1.37 17.19 9.93
CA SER I 36 1.28 18.31 10.86
C SER I 36 1.58 19.61 10.13
N TRP I 37 0.92 20.68 10.58
CA TRP I 37 1.09 22.01 10.02
C TRP I 37 1.61 22.96 11.09
N TYR I 38 2.45 23.91 10.67
CA TYR I 38 3.08 24.84 11.59
C TYR I 38 2.93 26.26 11.08
N GLN I 39 2.88 27.21 12.02
CA GLN I 39 2.75 28.62 11.73
C GLN I 39 3.95 29.37 12.31
N ARG I 40 4.54 30.26 11.52
CA ARG I 40 5.72 31.00 11.95
C ARG I 40 5.62 32.44 11.48
N HIS I 41 5.53 33.36 12.44
CA HIS I 41 5.70 34.78 12.16
C HIS I 41 7.19 35.12 12.12
N PRO I 42 7.59 36.17 11.41
CA PRO I 42 9.03 36.43 11.24
C PRO I 42 9.72 36.71 12.57
N GLY I 43 10.75 35.93 12.85
CA GLY I 43 11.58 36.12 14.03
C GLY I 43 11.12 35.40 15.28
N LYS I 44 10.03 34.64 15.22
CA LYS I 44 9.51 33.93 16.38
C LYS I 44 9.51 32.42 16.13
N ALA I 45 9.09 31.68 17.15
CA ALA I 45 9.08 30.22 17.14
C ALA I 45 7.92 29.69 16.30
N PRO I 46 8.13 28.59 15.57
CA PRO I 46 7.01 27.93 14.90
C PRO I 46 5.98 27.45 15.91
N LYS I 47 4.71 27.50 15.51
CA LYS I 47 3.58 27.13 16.37
C LYS I 47 2.79 26.01 15.70
N LEU I 48 2.59 24.92 16.44
CA LEU I 48 1.83 23.79 15.91
C LEU I 48 0.35 24.15 15.83
N ILE I 49 -0.20 24.12 14.62
CA ILE I 49 -1.60 24.43 14.41
C ILE I 49 -2.43 23.21 14.05
N LEU I 50 -1.82 22.17 13.47
CA LEU I 50 -2.53 20.94 13.15
C LEU I 50 -1.54 19.78 13.19
N TYR I 51 -2.01 18.62 13.63
CA TYR I 51 -1.28 17.36 13.57
C TYR I 51 -2.29 16.26 13.30
N GLU I 52 -1.79 15.11 12.88
CA GLU I 52 -2.60 13.92 12.52
C GLU I 52 -3.66 14.38 11.54
N VAL I 53 -3.21 15.05 10.49
CA VAL I 53 -4.01 15.69 9.41
C VAL I 53 -5.12 16.61 9.94
N SER I 54 -6.14 16.10 10.65
CA SER I 54 -7.20 17.04 11.01
C SER I 54 -7.13 17.54 12.45
N GLU I 55 -6.40 16.87 13.34
CA GLU I 55 -6.50 17.20 14.76
C GLU I 55 -5.81 18.51 15.10
N ARG I 56 -6.32 19.17 16.13
CA ARG I 56 -5.97 20.54 16.48
C ARG I 56 -5.43 20.62 17.90
N PRO I 57 -4.31 21.29 18.13
CA PRO I 57 -3.82 21.48 19.50
C PRO I 57 -4.75 22.36 20.31
N SER I 58 -4.67 22.20 21.62
CA SER I 58 -5.52 22.98 22.53
C SER I 58 -5.25 24.47 22.38
N GLY I 59 -6.32 25.25 22.27
CA GLY I 59 -6.22 26.69 22.13
C GLY I 59 -6.12 27.20 20.71
N VAL I 60 -6.02 26.30 19.72
CA VAL I 60 -5.93 26.72 18.33
C VAL I 60 -7.34 27.02 17.82
N SER I 61 -7.46 28.11 17.06
CA SER I 61 -8.75 28.56 16.58
C SER I 61 -9.38 27.54 15.64
N ASN I 62 -10.71 27.59 15.56
CA ASN I 62 -11.45 26.68 14.69
C ASN I 62 -11.48 27.14 13.24
N ARG I 63 -10.90 28.30 12.93
CA ARG I 63 -10.75 28.73 11.56
C ARG I 63 -9.70 27.92 10.81
N PHE I 64 -8.78 27.26 11.52
CA PHE I 64 -7.77 26.42 10.91
C PHE I 64 -8.28 24.98 10.86
N SER I 65 -8.37 24.42 9.65
CA SER I 65 -8.78 23.04 9.47
C SER I 65 -7.87 22.38 8.44
N GLY I 66 -7.78 21.06 8.51
CA GLY I 66 -6.93 20.32 7.61
C GLY I 66 -7.54 19.01 7.12
N SER I 67 -7.29 18.66 5.87
CA SER I 67 -7.83 17.44 5.28
C SER I 67 -6.76 16.78 4.42
N LYS I 68 -7.06 15.58 3.95
CA LYS I 68 -6.18 14.85 3.05
C LYS I 68 -7.00 14.07 2.04
N SER I 69 -6.41 13.82 0.88
CA SER I 69 -7.02 12.95 -0.12
C SER I 69 -5.88 12.45 -1.02
N GLY I 70 -5.52 11.18 -0.85
CA GLY I 70 -4.41 10.65 -1.62
C GLY I 70 -3.09 11.21 -1.09
N ASN I 71 -2.24 11.66 -2.00
CA ASN I 71 -0.91 12.15 -1.68
C ASN I 71 -0.88 13.64 -1.38
N THR I 72 -2.03 14.26 -1.12
CA THR I 72 -2.11 15.69 -0.86
C THR I 72 -2.76 15.94 0.49
N ALA I 73 -2.08 16.71 1.33
CA ALA I 73 -2.62 17.24 2.57
C ALA I 73 -2.84 18.74 2.41
N SER I 74 -3.97 19.24 2.90
CA SER I 74 -4.37 20.62 2.65
C SER I 74 -4.68 21.32 3.96
N LEU I 75 -4.15 22.53 4.11
CA LEU I 75 -4.47 23.40 5.23
C LEU I 75 -5.40 24.51 4.75
N THR I 76 -6.55 24.64 5.42
CA THR I 76 -7.57 25.61 5.05
C THR I 76 -7.83 26.55 6.21
N ILE I 77 -7.80 27.85 5.94
CA ILE I 77 -8.01 28.89 6.94
C ILE I 77 -9.20 29.73 6.50
N SER I 78 -10.22 29.80 7.35
CA SER I 78 -11.43 30.58 7.08
C SER I 78 -11.44 31.83 7.95
N GLY I 79 -12.27 32.79 7.53
CA GLY I 79 -12.33 34.07 8.22
C GLY I 79 -10.96 34.72 8.27
N LEU I 80 -10.36 34.95 7.11
CA LEU I 80 -8.98 35.40 7.03
C LEU I 80 -8.80 36.74 7.73
N GLN I 81 -7.73 36.84 8.53
CA GLN I 81 -7.45 38.02 9.31
C GLN I 81 -6.02 38.48 9.03
N ALA I 82 -5.75 39.74 9.39
CA ALA I 82 -4.40 40.28 9.23
C ALA I 82 -3.38 39.59 10.14
N GLU I 83 -3.84 38.97 11.23
CA GLU I 83 -2.93 38.25 12.10
C GLU I 83 -2.35 37.01 11.44
N ASP I 84 -3.01 36.47 10.42
CA ASP I 84 -2.59 35.23 9.78
C ASP I 84 -1.43 35.42 8.81
N GLU I 85 -0.90 36.63 8.70
CA GLU I 85 0.24 36.91 7.83
C GLU I 85 1.47 36.21 8.40
N ALA I 86 1.84 35.08 7.83
CA ALA I 86 2.93 34.27 8.37
C ALA I 86 3.32 33.20 7.36
N ASP I 87 4.31 32.39 7.74
CA ASP I 87 4.74 31.23 6.98
C ASP I 87 4.08 29.97 7.53
N TYR I 88 3.69 29.08 6.63
CA TYR I 88 2.99 27.85 7.01
C TYR I 88 3.74 26.65 6.45
N PHE I 89 4.26 25.82 7.35
CA PHE I 89 5.12 24.71 6.99
C PHE I 89 4.37 23.38 7.12
N CYS I 90 4.49 22.55 6.10
CA CYS I 90 3.91 21.21 6.10
C CYS I 90 4.95 20.20 6.56
N CYS I 91 4.47 19.14 7.21
CA CYS I 91 5.37 18.13 7.76
C CYS I 91 4.66 16.78 7.80
N SER I 92 5.38 15.73 7.42
CA SER I 92 4.81 14.39 7.37
C SER I 92 5.87 13.36 7.76
N TYR I 93 5.47 12.41 8.61
CA TYR I 93 6.32 11.29 8.97
C TYR I 93 6.40 10.33 7.79
N ALA I 94 7.56 10.29 7.13
CA ALA I 94 7.69 9.56 5.87
C ALA I 94 7.72 8.06 6.10
N ASP I 95 8.74 7.57 6.81
CA ASP I 95 8.87 6.15 7.08
C ASP I 95 9.69 5.96 8.34
N THR I 96 9.94 4.69 8.69
CA THR I 96 10.76 4.36 9.84
C THR I 96 12.22 4.72 9.63
N ASN I 97 12.65 4.92 8.38
CA ASN I 97 14.07 5.13 8.12
C ASN I 97 14.48 6.60 8.25
N ILE I 98 13.80 7.47 7.51
CA ILE I 98 14.21 8.89 7.45
C ILE I 98 13.41 9.82 8.37
N PHE I 99 12.27 9.37 8.90
CA PHE I 99 11.37 10.14 9.81
C PHE I 99 10.64 11.28 9.08
N TRP I 100 10.18 12.27 9.83
CA TRP I 100 9.43 13.44 9.40
C TRP I 100 10.15 14.20 8.29
N VAL I 101 9.39 14.63 7.29
CA VAL I 101 9.88 15.41 6.16
C VAL I 101 9.10 16.70 6.09
N PHE I 102 9.77 17.79 5.74
CA PHE I 102 9.16 19.12 5.72
C PHE I 102 8.94 19.58 4.27
N GLY I 103 7.94 20.46 4.12
CA GLY I 103 7.74 21.13 2.86
C GLY I 103 8.59 22.37 2.71
N GLY I 104 8.57 22.95 1.51
CA GLY I 104 9.38 24.12 1.26
C GLY I 104 8.95 25.33 2.06
N GLY I 105 7.64 25.50 2.25
CA GLY I 105 7.13 26.64 2.98
C GLY I 105 6.26 27.54 2.11
N THR I 106 5.17 28.05 2.69
CA THR I 106 4.28 28.97 2.01
C THR I 106 4.13 30.23 2.83
N HIS I 107 4.21 31.38 2.18
CA HIS I 107 3.98 32.67 2.82
C HIS I 107 2.58 33.15 2.47
N LEU I 108 1.70 33.15 3.46
CA LEU I 108 0.35 33.67 3.26
C LEU I 108 0.38 35.19 3.23
N THR I 109 -0.24 35.76 2.20
CA THR I 109 -0.38 37.21 2.10
C THR I 109 -1.84 37.58 2.31
N VAL I 110 -2.11 38.40 3.33
CA VAL I 110 -3.42 38.94 3.60
C VAL I 110 -3.50 40.32 2.98
N LEU I 111 -4.38 40.48 1.99
CA LEU I 111 -4.45 41.71 1.21
C LEU I 111 -5.14 42.80 2.03
N GLY I 112 -4.41 43.29 3.03
CA GLY I 112 -4.75 44.53 3.70
C GLY I 112 -4.39 45.75 2.90
N GLN I 113 -4.09 45.54 1.61
CA GLN I 113 -3.72 46.61 0.63
C GLN I 113 -4.06 46.16 -0.81
N PRO I 114 -4.11 47.04 -1.83
CA PRO I 114 -4.49 46.69 -3.22
C PRO I 114 -3.31 46.10 -4.02
N LYS I 115 -3.54 45.61 -5.24
CA LYS I 115 -2.42 44.95 -5.91
C LYS I 115 -1.57 45.99 -6.63
N ALA I 116 -0.25 45.84 -6.52
CA ALA I 116 0.70 46.80 -7.08
C ALA I 116 1.64 46.08 -8.04
N ALA I 117 1.70 46.56 -9.27
CA ALA I 117 2.60 45.98 -10.25
C ALA I 117 4.04 46.42 -9.98
N PRO I 118 5.03 45.55 -10.23
CA PRO I 118 6.41 45.87 -9.88
C PRO I 118 7.03 46.83 -10.88
N SER I 119 7.52 47.97 -10.38
CA SER I 119 8.31 48.88 -11.18
C SER I 119 9.76 48.42 -11.21
N VAL I 120 10.39 48.49 -12.38
CA VAL I 120 11.71 47.90 -12.58
C VAL I 120 12.63 48.96 -13.17
N THR I 121 13.89 48.95 -12.73
CA THR I 121 14.93 49.84 -13.24
C THR I 121 16.17 49.01 -13.54
N LEU I 122 16.46 48.82 -14.83
CA LEU I 122 17.62 48.07 -15.27
C LEU I 122 18.67 49.03 -15.81
N PHE I 123 19.93 48.77 -15.48
CA PHE I 123 21.02 49.68 -15.81
C PHE I 123 22.11 48.95 -16.60
N PRO I 124 22.85 49.66 -17.45
CA PRO I 124 23.95 49.05 -18.18
C PRO I 124 25.23 49.12 -17.35
N PRO I 125 26.26 48.34 -17.71
CA PRO I 125 27.55 48.50 -17.06
C PRO I 125 28.11 49.90 -17.24
N SER I 126 28.62 50.45 -16.15
CA SER I 126 29.28 51.75 -16.18
C SER I 126 30.64 51.62 -16.84
N SER I 127 31.00 52.64 -17.62
CA SER I 127 32.28 52.64 -18.32
C SER I 127 33.46 52.69 -17.36
N GLU I 128 33.19 52.76 -16.07
CA GLU I 128 34.23 52.69 -15.05
C GLU I 128 34.30 51.33 -14.37
N GLU I 129 33.44 50.38 -14.73
CA GLU I 129 33.51 49.00 -14.23
C GLU I 129 34.26 48.06 -15.17
N LEU I 130 34.05 48.18 -16.48
CA LEU I 130 34.83 47.41 -17.44
C LEU I 130 36.31 47.75 -17.33
N GLN I 131 36.64 48.95 -16.86
CA GLN I 131 38.04 49.31 -16.61
C GLN I 131 38.65 48.39 -15.55
N ALA I 132 37.85 48.00 -14.56
CA ALA I 132 38.29 47.08 -13.53
C ALA I 132 38.15 45.61 -13.93
N ASN I 133 38.04 45.33 -15.22
CA ASN I 133 37.99 43.97 -15.76
C ASN I 133 36.78 43.20 -15.24
N LYS I 134 35.67 43.89 -15.01
CA LYS I 134 34.44 43.25 -14.57
C LYS I 134 33.26 43.99 -15.18
N ALA I 135 32.08 43.37 -15.08
CA ALA I 135 30.84 43.99 -15.55
C ALA I 135 29.68 43.34 -14.82
N THR I 136 28.73 44.16 -14.38
CA THR I 136 27.59 43.67 -13.61
C THR I 136 26.33 44.38 -14.07
N LEU I 137 25.28 43.60 -14.31
CA LEU I 137 23.97 44.13 -14.69
C LEU I 137 23.09 44.22 -13.46
N VAL I 138 22.44 45.36 -13.29
CA VAL I 138 21.76 45.70 -12.05
C VAL I 138 20.29 45.94 -12.37
N CYS I 139 19.42 45.08 -11.83
CA CYS I 139 17.98 45.16 -12.06
C CYS I 139 17.29 45.39 -10.72
N LEU I 140 16.63 46.54 -10.59
CA LEU I 140 16.12 47.02 -9.31
C LEU I 140 14.61 47.15 -9.38
N ILE I 141 13.91 46.44 -8.49
CA ILE I 141 12.47 46.35 -8.50
C ILE I 141 11.91 47.04 -7.26
N SER I 142 10.83 47.79 -7.44
CA SER I 142 10.22 48.51 -6.33
C SER I 142 8.71 48.62 -6.55
N ASP I 143 8.00 48.81 -5.44
CA ASP I 143 6.56 49.09 -5.42
C ASP I 143 5.74 47.96 -6.03
N PHE I 144 5.85 46.78 -5.40
CA PHE I 144 4.93 45.68 -5.68
C PHE I 144 4.37 45.16 -4.37
N TYR I 145 3.08 44.84 -4.39
CA TYR I 145 2.40 44.19 -3.27
C TYR I 145 1.52 43.07 -3.83
N PRO I 146 1.69 41.83 -3.37
CA PRO I 146 2.63 41.39 -2.33
C PRO I 146 4.07 41.23 -2.78
N GLY I 147 4.96 41.01 -1.83
CA GLY I 147 6.36 40.78 -2.11
C GLY I 147 6.67 39.33 -2.46
N ALA I 148 6.19 38.88 -3.61
CA ALA I 148 6.46 37.54 -4.13
C ALA I 148 6.83 37.69 -5.60
N VAL I 149 8.10 37.42 -5.93
CA VAL I 149 8.64 37.75 -7.24
C VAL I 149 9.44 36.58 -7.80
N THR I 150 9.53 36.55 -9.13
CA THR I 150 10.35 35.59 -9.86
C THR I 150 11.19 36.36 -10.87
N VAL I 151 12.50 36.15 -10.84
CA VAL I 151 13.45 36.92 -11.63
C VAL I 151 14.11 35.99 -12.65
N ALA I 152 14.17 36.43 -13.90
CA ALA I 152 14.86 35.71 -14.96
C ALA I 152 15.71 36.68 -15.76
N TRP I 153 16.85 36.19 -16.24
CA TRP I 153 17.76 36.97 -17.07
C TRP I 153 17.95 36.27 -18.42
N LYS I 154 18.17 37.06 -19.46
CA LYS I 154 18.29 36.53 -20.80
C LYS I 154 19.45 37.17 -21.55
N ALA I 155 20.17 36.37 -22.31
CA ALA I 155 21.33 36.80 -23.11
C ALA I 155 20.92 36.83 -24.59
N ASP I 156 20.37 37.97 -24.99
CA ASP I 156 19.88 38.34 -26.33
C ASP I 156 18.60 37.61 -26.73
N SER I 157 18.42 36.37 -26.28
CA SER I 157 17.13 35.69 -26.38
C SER I 157 17.03 34.56 -25.37
N SER I 158 18.13 34.27 -24.67
CA SER I 158 18.28 32.98 -24.04
C SER I 158 18.57 33.12 -22.55
N PRO I 159 17.96 32.28 -21.71
CA PRO I 159 18.13 32.44 -20.27
C PRO I 159 19.57 32.18 -19.82
N VAL I 160 20.05 33.04 -18.93
CA VAL I 160 21.40 32.93 -18.40
C VAL I 160 21.40 31.96 -17.23
N LYS I 161 22.38 31.03 -17.23
CA LYS I 161 22.42 29.98 -16.24
C LYS I 161 23.37 30.26 -15.08
N ALA I 162 24.31 31.19 -15.22
CA ALA I 162 25.31 31.44 -14.20
C ALA I 162 25.46 32.93 -13.94
N GLY I 163 25.65 33.28 -12.67
CA GLY I 163 25.88 34.65 -12.26
C GLY I 163 24.68 35.36 -11.66
N VAL I 164 23.48 34.78 -11.77
CA VAL I 164 22.28 35.45 -11.29
C VAL I 164 22.24 35.41 -9.77
N GLU I 165 22.08 36.57 -9.15
CA GLU I 165 21.86 36.69 -7.72
C GLU I 165 20.52 37.35 -7.47
N THR I 166 19.63 36.65 -6.77
CA THR I 166 18.35 37.20 -6.35
C THR I 166 18.31 37.24 -4.83
N THR I 167 17.75 38.31 -4.29
CA THR I 167 17.58 38.44 -2.85
C THR I 167 16.23 37.84 -2.42
N THR I 168 15.95 37.96 -1.13
CA THR I 168 14.63 37.67 -0.59
C THR I 168 13.98 38.99 -0.22
N PRO I 169 12.79 39.28 -0.75
CA PRO I 169 12.27 40.66 -0.75
C PRO I 169 12.25 41.29 0.64
N SER I 170 12.72 42.53 0.69
CA SER I 170 12.77 43.32 1.92
C SER I 170 11.71 44.41 1.86
N LYS I 171 11.03 44.62 2.98
CA LYS I 171 9.93 45.56 3.01
C LYS I 171 10.43 47.00 2.95
N GLN I 172 9.55 47.88 2.48
CA GLN I 172 9.83 49.29 2.31
C GLN I 172 9.35 50.08 3.51
N SER I 173 9.42 51.41 3.40
CA SER I 173 8.88 52.32 4.39
C SER I 173 7.45 52.77 4.05
N ASN I 174 6.92 52.38 2.90
CA ASN I 174 5.55 52.69 2.51
C ASN I 174 4.72 51.42 2.35
N ASN I 175 5.02 50.40 3.17
CA ASN I 175 4.26 49.14 3.21
C ASN I 175 4.22 48.45 1.85
N LYS I 176 5.34 48.49 1.13
CA LYS I 176 5.54 47.71 -0.08
C LYS I 176 6.89 47.00 0.05
N TYR I 177 7.26 46.25 -0.99
CA TYR I 177 8.45 45.41 -0.93
C TYR I 177 9.42 45.77 -2.05
N ALA I 178 10.69 45.48 -1.81
CA ALA I 178 11.75 45.73 -2.77
C ALA I 178 12.68 44.53 -2.83
N ALA I 179 13.35 44.38 -3.98
CA ALA I 179 14.29 43.30 -4.18
C ALA I 179 15.36 43.75 -5.17
N SER I 180 16.52 43.09 -5.10
CA SER I 180 17.64 43.43 -5.94
C SER I 180 18.10 42.20 -6.71
N SER I 181 18.47 42.39 -7.98
CA SER I 181 19.01 41.31 -8.80
C SER I 181 20.29 41.79 -9.46
N TYR I 182 21.37 41.03 -9.27
CA TYR I 182 22.67 41.36 -9.82
C TYR I 182 23.14 40.25 -10.74
N LEU I 183 23.82 40.63 -11.81
CA LEU I 183 24.33 39.68 -12.81
C LEU I 183 25.80 39.98 -13.06
N SER I 184 26.68 39.25 -12.38
CA SER I 184 28.11 39.34 -12.65
C SER I 184 28.45 38.60 -13.93
N LEU I 185 29.41 39.14 -14.66
CA LEU I 185 29.80 38.61 -15.98
C LEU I 185 31.30 38.84 -16.16
N THR I 186 31.77 38.71 -17.39
CA THR I 186 33.04 39.27 -17.82
C THR I 186 32.78 40.30 -18.91
N PRO I 187 33.63 41.32 -19.04
CA PRO I 187 33.36 42.38 -20.03
C PRO I 187 33.22 41.87 -21.46
N GLU I 188 33.89 40.78 -21.81
CA GLU I 188 33.80 40.27 -23.17
C GLU I 188 32.42 39.71 -23.48
N GLN I 189 31.78 39.06 -22.49
CA GLN I 189 30.42 38.58 -22.70
C GLN I 189 29.43 39.74 -22.79
N TRP I 190 29.69 40.83 -22.07
CA TRP I 190 28.85 42.01 -22.19
C TRP I 190 28.93 42.61 -23.58
N LYS I 191 30.14 42.69 -24.14
CA LYS I 191 30.32 43.28 -25.47
C LYS I 191 29.88 42.33 -26.58
N SER I 192 30.02 41.02 -26.39
CA SER I 192 29.72 40.07 -27.46
C SER I 192 28.22 39.96 -27.70
N HIS I 193 27.42 40.05 -26.65
CA HIS I 193 25.98 39.89 -26.79
C HIS I 193 25.33 41.19 -27.26
N ARG I 194 24.29 41.05 -28.09
CA ARG I 194 23.57 42.21 -28.60
C ARG I 194 22.90 42.99 -27.47
N SER I 195 22.28 42.28 -26.52
CA SER I 195 21.60 42.92 -25.41
C SER I 195 21.39 41.91 -24.29
N TYR I 196 21.07 42.43 -23.11
CA TYR I 196 20.65 41.59 -22.00
C TYR I 196 19.32 42.11 -21.47
N SER I 197 18.52 41.21 -20.93
CA SER I 197 17.20 41.55 -20.45
C SER I 197 17.01 41.05 -19.03
N CYS I 198 16.61 41.95 -18.14
CA CYS I 198 16.02 41.56 -16.87
C CYS I 198 14.51 41.60 -17.01
N GLN I 199 13.85 40.51 -16.63
CA GLN I 199 12.41 40.47 -16.64
C GLN I 199 11.91 39.89 -15.33
N VAL I 200 10.77 40.41 -14.87
CA VAL I 200 10.31 40.24 -13.51
C VAL I 200 8.88 39.72 -13.53
N THR I 201 8.63 38.64 -12.79
CA THR I 201 7.33 37.98 -12.77
C THR I 201 6.68 38.20 -11.41
N HIS I 202 5.47 38.78 -11.42
CA HIS I 202 4.74 39.09 -10.20
C HIS I 202 3.26 38.87 -10.45
N GLU I 203 2.71 37.79 -9.88
CA GLU I 203 1.29 37.45 -9.99
C GLU I 203 0.89 37.24 -11.46
N GLY I 204 1.61 36.35 -12.12
CA GLY I 204 1.29 35.99 -13.49
C GLY I 204 1.84 36.96 -14.53
N SER I 205 1.70 38.26 -14.27
CA SER I 205 2.18 39.27 -15.21
C SER I 205 3.68 39.46 -15.07
N THR I 206 4.36 39.55 -16.22
CA THR I 206 5.80 39.76 -16.26
C THR I 206 6.12 41.13 -16.86
N VAL I 207 7.19 41.74 -16.36
CA VAL I 207 7.63 43.06 -16.78
C VAL I 207 9.09 42.96 -17.20
N GLU I 208 9.41 43.49 -18.39
CA GLU I 208 10.73 43.34 -18.99
C GLU I 208 11.39 44.70 -19.17
N LYS I 209 12.71 44.74 -18.96
CA LYS I 209 13.53 45.89 -19.27
C LYS I 209 14.84 45.39 -19.89
N THR I 210 15.47 46.26 -20.68
CA THR I 210 16.59 45.84 -21.53
C THR I 210 17.70 46.90 -21.51
N VAL I 211 18.93 46.42 -21.60
CA VAL I 211 20.11 47.27 -21.79
C VAL I 211 20.98 46.66 -22.87
N ALA I 212 21.84 47.50 -23.46
CA ALA I 212 22.74 47.07 -24.53
C ALA I 212 24.02 47.89 -24.44
N PRO I 213 25.15 47.34 -24.93
CA PRO I 213 26.43 48.07 -24.94
C PRO I 213 26.40 49.31 -25.80
N ALA J 1 -44.33 -13.79 37.95
CA ALA J 1 -45.37 -13.15 37.17
C ALA J 1 -44.84 -11.89 36.49
N HIS J 2 -44.68 -11.94 35.17
CA HIS J 2 -44.97 -13.14 34.39
C HIS J 2 -43.73 -14.02 34.27
N CYS J 3 -43.92 -15.34 34.40
CA CYS J 3 -42.79 -16.26 34.42
C CYS J 3 -42.03 -16.28 33.10
N ILE J 4 -42.67 -15.92 31.99
CA ILE J 4 -41.92 -15.64 30.77
C ILE J 4 -41.19 -14.32 30.96
N GLY J 5 -39.87 -14.34 30.80
CA GLY J 5 -39.04 -13.20 31.12
C GLY J 5 -38.33 -13.28 32.44
N ILE J 6 -38.44 -14.40 33.15
CA ILE J 6 -37.64 -14.68 34.33
C ILE J 6 -36.91 -15.99 34.05
N THR J 7 -35.57 -15.92 33.93
CA THR J 7 -34.81 -17.03 33.38
C THR J 7 -34.92 -18.28 34.24
N ASP J 8 -34.87 -18.14 35.56
CA ASP J 8 -34.98 -19.28 36.46
C ASP J 8 -36.46 -19.52 36.74
N ARG J 9 -36.98 -20.63 36.20
CA ARG J 9 -38.42 -20.87 36.19
C ARG J 9 -38.68 -22.34 36.50
N ASP J 10 -39.88 -22.62 37.03
CA ASP J 10 -40.28 -23.97 37.37
C ASP J 10 -41.77 -24.17 37.07
N PHE J 11 -42.12 -25.35 36.57
CA PHE J 11 -43.50 -25.74 36.32
C PHE J 11 -43.90 -26.84 37.29
N ILE J 12 -44.99 -26.64 38.02
CA ILE J 12 -45.53 -27.62 38.96
C ILE J 12 -46.87 -28.09 38.41
N GLU J 13 -47.08 -29.41 38.42
CA GLU J 13 -48.31 -30.02 37.94
C GLU J 13 -49.16 -30.49 39.10
N GLY J 14 -50.40 -30.04 39.14
CA GLY J 14 -51.38 -30.57 40.09
C GLY J 14 -52.17 -31.71 39.47
N VAL J 15 -52.62 -32.63 40.32
CA VAL J 15 -53.35 -33.80 39.84
C VAL J 15 -54.75 -33.38 39.40
N HIS J 16 -55.42 -34.26 38.66
CA HIS J 16 -56.76 -33.96 38.18
C HIS J 16 -57.72 -33.77 39.35
N GLY J 17 -57.76 -34.73 40.27
CA GLY J 17 -58.52 -34.58 41.49
C GLY J 17 -57.70 -34.03 42.64
N GLY J 18 -57.29 -32.77 42.56
CA GLY J 18 -56.46 -32.18 43.60
C GLY J 18 -56.92 -30.79 43.94
N THR J 19 -56.76 -30.43 45.21
CA THR J 19 -57.17 -29.13 45.71
C THR J 19 -55.99 -28.17 45.89
N TRP J 20 -54.99 -28.56 46.69
CA TRP J 20 -53.88 -27.70 47.04
C TRP J 20 -52.61 -28.14 46.33
N VAL J 21 -51.79 -27.17 45.94
CA VAL J 21 -50.51 -27.41 45.30
C VAL J 21 -49.44 -26.64 46.07
N SER J 22 -48.33 -27.31 46.38
CA SER J 22 -47.24 -26.73 47.14
C SER J 22 -46.17 -26.22 46.20
N ALA J 23 -45.68 -25.00 46.46
CA ALA J 23 -44.65 -24.38 45.64
C ALA J 23 -43.70 -23.59 46.52
N THR J 24 -42.41 -23.65 46.21
CA THR J 24 -41.38 -22.90 46.91
C THR J 24 -40.94 -21.74 46.03
N LEU J 25 -41.03 -20.53 46.57
CA LEU J 25 -40.70 -19.31 45.83
C LEU J 25 -39.41 -18.73 46.40
N GLU J 26 -38.40 -18.59 45.55
CA GLU J 26 -37.11 -18.02 45.92
C GLU J 26 -36.94 -16.67 45.25
N GLN J 27 -35.93 -15.93 45.71
CA GLN J 27 -35.64 -14.62 45.14
C GLN J 27 -35.21 -14.75 43.69
N ASP J 28 -35.71 -13.84 42.85
CA ASP J 28 -35.35 -13.77 41.43
C ASP J 28 -35.70 -15.05 40.68
N LYS J 29 -36.69 -15.80 41.18
CA LYS J 29 -37.24 -16.96 40.50
C LYS J 29 -38.75 -16.78 40.38
N CYS J 30 -39.42 -17.79 39.81
CA CYS J 30 -40.87 -17.80 39.72
C CYS J 30 -41.31 -19.22 39.34
N VAL J 31 -42.58 -19.50 39.60
CA VAL J 31 -43.16 -20.83 39.39
C VAL J 31 -44.44 -20.67 38.57
N THR J 32 -44.60 -21.52 37.55
CA THR J 32 -45.83 -21.60 36.75
C THR J 32 -46.56 -22.88 37.17
N VAL J 33 -47.69 -22.72 37.84
CA VAL J 33 -48.47 -23.86 38.34
C VAL J 33 -49.55 -24.19 37.31
N MET J 34 -49.60 -25.46 36.92
CA MET J 34 -50.53 -25.94 35.90
C MET J 34 -51.41 -27.04 36.48
N ALA J 35 -52.72 -26.92 36.27
CA ALA J 35 -53.69 -27.94 36.61
C ALA J 35 -54.63 -28.14 35.43
N PRO J 36 -55.08 -29.38 35.20
CA PRO J 36 -55.94 -29.64 34.04
C PRO J 36 -57.25 -28.89 34.14
N ASP J 37 -57.73 -28.40 33.00
CA ASP J 37 -58.96 -27.62 32.90
C ASP J 37 -58.93 -26.41 33.82
N LYS J 38 -57.74 -25.84 34.04
CA LYS J 38 -57.55 -24.75 34.96
C LYS J 38 -56.49 -23.81 34.38
N PRO J 39 -56.72 -22.50 34.39
CA PRO J 39 -55.71 -21.57 33.85
C PRO J 39 -54.41 -21.64 34.64
N SER J 40 -53.30 -21.56 33.92
CA SER J 40 -51.98 -21.62 34.55
C SER J 40 -51.74 -20.38 35.40
N LEU J 41 -51.10 -20.57 36.55
CA LEU J 41 -50.88 -19.51 37.53
C LEU J 41 -49.39 -19.25 37.66
N ASP J 42 -48.98 -18.01 37.40
CA ASP J 42 -47.61 -17.59 37.61
C ASP J 42 -47.49 -16.94 38.98
N ILE J 43 -46.56 -17.44 39.80
CA ILE J 43 -46.31 -16.91 41.13
C ILE J 43 -44.82 -16.62 41.26
N SER J 44 -44.50 -15.41 41.73
CA SER J 44 -43.11 -15.01 41.92
C SER J 44 -42.97 -14.29 43.25
N LEU J 45 -41.89 -14.58 43.97
CA LEU J 45 -41.57 -13.88 45.20
C LEU J 45 -40.89 -12.57 44.86
N GLN J 46 -41.49 -11.45 45.27
CA GLN J 46 -40.96 -10.14 44.90
C GLN J 46 -40.06 -9.56 45.98
N THR J 47 -40.52 -9.50 47.23
CA THR J 47 -39.80 -8.80 48.28
C THR J 47 -39.84 -9.59 49.57
N VAL J 48 -38.76 -9.46 50.35
CA VAL J 48 -38.72 -9.83 51.76
C VAL J 48 -38.11 -8.66 52.51
N ALA J 49 -38.82 -8.15 53.51
CA ALA J 49 -38.44 -6.86 54.08
C ALA J 49 -38.77 -6.80 55.56
N ILE J 50 -38.11 -5.85 56.24
CA ILE J 50 -38.40 -5.49 57.62
C ILE J 50 -38.59 -3.99 57.68
N ASP J 51 -39.57 -3.54 58.48
CA ASP J 51 -39.87 -2.13 58.65
C ASP J 51 -39.37 -1.68 60.02
N GLY J 52 -38.27 -0.94 60.03
CA GLY J 52 -37.75 -0.34 61.24
C GLY J 52 -37.21 -1.35 62.23
N PRO J 53 -36.10 -2.01 61.89
CA PRO J 53 -35.48 -2.92 62.86
C PRO J 53 -34.88 -2.17 64.03
N ALA J 54 -34.77 -2.87 65.15
CA ALA J 54 -34.27 -2.26 66.37
C ALA J 54 -32.80 -1.91 66.24
N GLU J 55 -32.46 -0.67 66.58
CA GLU J 55 -31.06 -0.25 66.56
C GLU J 55 -30.34 -0.85 67.76
N ALA J 56 -29.28 -1.62 67.49
CA ALA J 56 -28.57 -2.34 68.54
C ALA J 56 -27.22 -1.73 68.89
N ARG J 57 -26.44 -1.31 67.90
CA ARG J 57 -25.03 -1.07 68.11
C ARG J 57 -24.48 -0.26 66.96
N LYS J 58 -23.46 0.54 67.25
CA LYS J 58 -22.74 1.29 66.22
C LYS J 58 -21.27 0.94 66.32
N VAL J 59 -20.65 0.63 65.19
CA VAL J 59 -19.24 0.27 65.14
C VAL J 59 -18.52 1.32 64.30
N CYS J 60 -17.49 1.91 64.88
CA CYS J 60 -16.76 3.02 64.27
C CYS J 60 -15.56 2.46 63.51
N TYR J 61 -15.47 2.78 62.21
CA TYR J 61 -14.36 2.35 61.37
C TYR J 61 -13.51 3.50 60.84
N SER J 62 -13.94 4.75 61.03
CA SER J 62 -13.12 5.90 60.66
C SER J 62 -13.20 6.93 61.78
N ALA J 63 -12.07 7.18 62.44
CA ALA J 63 -11.99 8.12 63.55
C ALA J 63 -10.96 9.18 63.24
N VAL J 64 -11.27 10.43 63.58
CA VAL J 64 -10.35 11.55 63.41
C VAL J 64 -9.96 12.05 64.80
N LEU J 65 -8.65 12.22 65.00
CA LEU J 65 -8.12 12.56 66.30
C LEU J 65 -7.71 14.03 66.38
N THR J 66 -7.61 14.51 67.61
CA THR J 66 -7.10 15.84 67.93
C THR J 66 -5.62 15.71 68.30
N HIS J 67 -4.91 16.84 68.22
CA HIS J 67 -3.50 16.84 68.61
C HIS J 67 -3.36 16.38 70.06
N VAL J 68 -2.38 15.50 70.29
CA VAL J 68 -2.23 14.91 71.62
C VAL J 68 -1.78 15.97 72.62
N LYS J 69 -2.19 15.78 73.87
CA LYS J 69 -1.82 16.67 74.97
C LYS J 69 -1.04 15.88 76.00
N ILE J 70 0.04 16.48 76.51
CA ILE J 70 1.00 15.78 77.35
C ILE J 70 1.09 16.48 78.69
N ASN J 71 1.22 15.69 79.76
CA ASN J 71 1.68 16.17 81.05
C ASN J 71 2.76 15.22 81.55
N ASP J 72 3.82 15.77 82.11
CA ASP J 72 4.97 14.97 82.53
C ASP J 72 5.56 15.56 83.79
N LYS J 73 6.14 14.70 84.62
CA LYS J 73 6.77 15.11 85.86
C LYS J 73 8.03 14.29 86.09
N CYS J 74 8.95 14.87 86.84
CA CYS J 74 10.25 14.27 87.07
C CYS J 74 10.13 13.03 87.96
N PRO J 75 11.14 12.16 87.96
CA PRO J 75 11.09 10.98 88.84
C PRO J 75 10.93 11.38 90.31
N SER J 76 10.08 10.63 91.02
CA SER J 76 9.80 10.87 92.44
C SER J 76 9.28 12.30 92.67
N THR J 77 8.41 12.77 91.78
CA THR J 77 7.76 14.06 91.90
C THR J 77 6.24 13.96 91.94
N GLY J 78 5.68 12.83 91.54
CA GLY J 78 4.25 12.62 91.55
C GLY J 78 3.84 11.88 90.31
N GLU J 79 2.52 11.81 90.09
CA GLU J 79 1.96 11.31 88.86
C GLU J 79 1.38 12.48 88.08
N ALA J 80 1.70 12.55 86.80
CA ALA J 80 1.13 13.59 85.95
C ALA J 80 -0.37 13.37 85.80
N HIS J 81 -1.09 14.48 85.68
CA HIS J 81 -2.54 14.43 85.53
C HIS J 81 -2.99 15.38 84.42
N LEU J 82 -4.10 15.01 83.79
CA LEU J 82 -4.80 15.88 82.86
C LEU J 82 -6.29 15.74 83.12
N ALA J 83 -7.01 16.87 83.12
CA ALA J 83 -8.46 16.81 83.23
C ALA J 83 -9.08 16.01 82.10
N GLU J 84 -8.37 15.86 80.98
CA GLU J 84 -8.83 15.04 79.87
C GLU J 84 -9.07 13.60 80.31
N GLU J 85 -8.37 13.14 81.35
CA GLU J 85 -8.45 11.74 81.76
C GLU J 85 -9.83 11.36 82.28
N ASN J 86 -10.56 12.32 82.83
CA ASN J 86 -11.86 12.05 83.44
C ASN J 86 -13.03 12.19 82.47
N ASP J 87 -12.77 12.55 81.23
CA ASP J 87 -13.82 12.66 80.22
C ASP J 87 -13.88 11.37 79.41
N GLY J 88 -15.09 10.89 79.15
CA GLY J 88 -15.29 9.61 78.52
C GLY J 88 -15.16 9.57 77.02
N ASP J 89 -14.86 10.70 76.37
CA ASP J 89 -14.71 10.75 74.93
C ASP J 89 -13.27 11.03 74.50
N ASN J 90 -12.30 10.86 75.41
CA ASN J 90 -10.90 11.07 75.13
C ASN J 90 -10.15 9.76 75.26
N ALA J 91 -9.18 9.55 74.37
CA ALA J 91 -8.31 8.38 74.40
C ALA J 91 -7.04 8.77 75.14
N CYS J 92 -6.86 8.23 76.34
CA CYS J 92 -5.74 8.59 77.21
C CYS J 92 -4.81 7.39 77.41
N LYS J 93 -3.58 7.69 77.82
CA LYS J 93 -2.55 6.68 77.99
C LYS J 93 -1.62 7.11 79.12
N ARG J 94 -1.36 6.19 80.05
CA ARG J 94 -0.51 6.45 81.21
C ARG J 94 0.74 5.60 81.11
N THR J 95 1.90 6.23 81.14
CA THR J 95 3.18 5.55 80.98
C THR J 95 4.23 6.25 81.81
N TYR J 96 5.48 5.77 81.71
CA TYR J 96 6.63 6.36 82.35
C TYR J 96 7.73 6.56 81.32
N SER J 97 8.54 7.59 81.52
CA SER J 97 9.55 7.99 80.54
C SER J 97 10.93 8.02 81.19
N ASP J 98 11.94 7.61 80.43
CA ASP J 98 13.32 7.66 80.90
C ASP J 98 13.77 9.12 80.96
N ARG J 99 14.27 9.53 82.13
CA ARG J 99 14.63 10.93 82.36
C ARG J 99 15.96 11.00 83.11
N GLY J 100 16.48 12.22 83.18
CA GLY J 100 17.76 12.44 83.84
C GLY J 100 18.16 13.89 83.73
N TRP J 101 19.46 14.14 83.90
CA TRP J 101 19.97 15.50 83.78
C TRP J 101 19.83 16.06 82.37
N GLY J 102 19.76 15.19 81.35
CA GLY J 102 19.69 15.65 79.98
C GLY J 102 18.36 16.20 79.53
N ASN J 103 17.30 16.04 80.34
CA ASN J 103 15.99 16.56 79.96
C ASN J 103 15.28 17.25 81.13
N GLY J 104 16.04 17.79 82.08
CA GLY J 104 15.50 18.70 83.06
C GLY J 104 15.14 18.15 84.42
N CYS J 105 15.61 16.96 84.77
CA CYS J 105 15.30 16.35 86.06
C CYS J 105 16.57 16.06 86.84
N GLY J 106 16.54 16.34 88.14
CA GLY J 106 17.70 16.13 88.99
C GLY J 106 17.97 14.67 89.35
N LEU J 107 17.04 13.77 89.05
CA LEU J 107 17.23 12.35 89.28
C LEU J 107 17.09 11.60 87.97
N PHE J 108 17.84 10.51 87.85
CA PHE J 108 17.72 9.62 86.69
C PHE J 108 16.74 8.51 87.02
N GLY J 109 15.78 8.29 86.13
CA GLY J 109 14.80 7.25 86.34
C GLY J 109 13.52 7.54 85.57
N LYS J 110 12.45 6.86 85.99
CA LYS J 110 11.17 6.95 85.33
C LYS J 110 10.37 8.15 85.86
N GLY J 111 9.86 8.95 84.94
CA GLY J 111 8.93 10.02 85.28
C GLY J 111 7.58 9.74 84.64
N SER J 112 6.52 9.91 85.42
CA SER J 112 5.17 9.65 84.93
C SER J 112 4.83 10.62 83.80
N ILE J 113 4.08 10.13 82.83
CA ILE J 113 3.71 10.92 81.66
C ILE J 113 2.33 10.47 81.18
N VAL J 114 1.49 11.44 80.84
CA VAL J 114 0.13 11.18 80.38
C VAL J 114 -0.05 11.81 79.01
N ALA J 115 -0.68 11.06 78.11
CA ALA J 115 -1.05 11.55 76.78
C ALA J 115 -2.53 11.33 76.57
N CYS J 116 -3.22 12.35 76.07
CA CYS J 116 -4.65 12.26 75.80
C CYS J 116 -4.94 12.94 74.47
N ALA J 117 -5.93 12.40 73.75
CA ALA J 117 -6.36 12.95 72.48
C ALA J 117 -7.86 12.76 72.34
N LYS J 118 -8.57 13.81 71.95
CA LYS J 118 -10.01 13.72 71.81
C LYS J 118 -10.38 12.77 70.68
N PHE J 119 -11.25 11.82 70.97
CA PHE J 119 -11.67 10.82 70.01
C PHE J 119 -13.07 11.18 69.51
N THR J 120 -13.17 11.51 68.23
CA THR J 120 -14.46 11.67 67.57
C THR J 120 -14.51 10.70 66.41
N CYS J 121 -15.68 10.14 66.17
CA CYS J 121 -15.93 9.14 65.15
C CYS J 121 -16.48 9.83 63.91
N ALA J 122 -15.84 9.58 62.76
CA ALA J 122 -16.20 10.20 61.50
C ALA J 122 -17.09 9.33 60.63
N LYS J 123 -16.85 8.02 60.60
CA LYS J 123 -17.69 7.09 59.85
C LYS J 123 -17.92 5.86 60.70
N SER J 124 -19.17 5.39 60.74
CA SER J 124 -19.51 4.24 61.57
C SER J 124 -20.51 3.35 60.84
N MET J 125 -20.46 2.07 61.17
CA MET J 125 -21.39 1.07 60.67
C MET J 125 -22.45 0.81 61.73
N SER J 126 -23.71 0.81 61.31
CA SER J 126 -24.84 0.63 62.22
C SER J 126 -25.29 -0.83 62.19
N LEU J 127 -25.47 -1.41 63.37
CA LEU J 127 -25.96 -2.78 63.52
C LEU J 127 -27.40 -2.74 63.98
N PHE J 128 -28.26 -3.49 63.30
CA PHE J 128 -29.68 -3.54 63.60
C PHE J 128 -30.10 -4.96 63.95
N GLU J 129 -31.09 -5.06 64.83
CA GLU J 129 -31.54 -6.36 65.33
C GLU J 129 -32.73 -6.84 64.52
N VAL J 130 -32.67 -8.09 64.06
CA VAL J 130 -33.65 -8.65 63.15
C VAL J 130 -34.63 -9.48 63.95
N ASP J 131 -35.88 -9.02 64.03
CA ASP J 131 -36.98 -9.78 64.62
C ASP J 131 -37.68 -10.53 63.49
N GLN J 132 -37.60 -11.86 63.52
CA GLN J 132 -38.17 -12.66 62.44
C GLN J 132 -39.68 -12.52 62.36
N THR J 133 -40.33 -12.21 63.48
CA THR J 133 -41.78 -12.06 63.50
C THR J 133 -42.25 -10.79 62.80
N LYS J 134 -41.34 -9.87 62.46
CA LYS J 134 -41.69 -8.64 61.78
C LYS J 134 -41.43 -8.68 60.28
N ILE J 135 -40.99 -9.82 59.75
CA ILE J 135 -40.65 -9.93 58.34
C ILE J 135 -41.94 -10.00 57.53
N GLN J 136 -42.03 -9.16 56.49
CA GLN J 136 -43.16 -9.14 55.58
C GLN J 136 -42.66 -9.37 54.16
N TYR J 137 -43.49 -10.06 53.37
CA TYR J 137 -43.12 -10.41 52.00
C TYR J 137 -44.25 -10.07 51.04
N VAL J 138 -43.86 -9.81 49.79
CA VAL J 138 -44.80 -9.45 48.72
C VAL J 138 -44.63 -10.47 47.59
N ILE J 139 -45.76 -10.89 47.02
CA ILE J 139 -45.78 -11.97 46.03
C ILE J 139 -46.60 -11.52 44.83
N ARG J 140 -46.10 -11.84 43.63
CA ARG J 140 -46.83 -11.58 42.39
C ARG J 140 -47.63 -12.81 41.99
N ALA J 141 -48.86 -12.58 41.53
CA ALA J 141 -49.71 -13.65 41.02
C ALA J 141 -50.33 -13.20 39.70
N GLN J 142 -50.29 -14.08 38.70
CA GLN J 142 -50.83 -13.76 37.39
C GLN J 142 -51.24 -15.05 36.68
N LEU J 143 -52.21 -14.92 35.77
CA LEU J 143 -52.71 -16.04 34.98
C LEU J 143 -52.26 -15.90 33.54
N HIS J 144 -51.88 -17.03 32.93
CA HIS J 144 -51.66 -17.07 31.49
C HIS J 144 -53.01 -17.02 30.77
N VAL J 145 -53.48 -15.83 30.41
CA VAL J 145 -54.77 -15.78 29.74
C VAL J 145 -54.59 -15.59 28.24
N GLY J 146 -54.23 -14.37 27.82
CA GLY J 146 -53.77 -14.11 26.48
C GLY J 146 -52.91 -12.86 26.46
N ALA J 147 -52.63 -12.34 27.65
CA ALA J 147 -52.27 -10.93 27.79
C ALA J 147 -50.99 -10.59 27.06
N LYS J 148 -51.00 -9.48 26.35
CA LYS J 148 -49.77 -8.91 25.82
C LYS J 148 -48.87 -8.51 26.98
N GLN J 149 -47.56 -8.56 26.74
CA GLN J 149 -46.60 -8.17 27.77
C GLN J 149 -46.87 -6.77 28.29
N GLU J 150 -47.32 -5.88 27.40
CA GLU J 150 -47.56 -4.49 27.74
C GLU J 150 -48.70 -4.31 28.74
N ASN J 151 -49.52 -5.33 28.97
CA ASN J 151 -50.57 -5.30 29.97
C ASN J 151 -50.27 -6.19 31.17
N TRP J 152 -49.06 -6.74 31.25
CA TRP J 152 -48.74 -7.67 32.35
C TRP J 152 -48.86 -6.98 33.70
N ASN J 153 -48.24 -5.80 33.84
CA ASN J 153 -48.25 -5.10 35.12
C ASN J 153 -49.66 -4.70 35.55
N THR J 154 -50.58 -4.57 34.59
CA THR J 154 -51.98 -4.29 34.93
C THR J 154 -52.68 -5.54 35.46
N ASP J 155 -52.35 -6.71 34.92
CA ASP J 155 -53.01 -7.95 35.29
C ASP J 155 -52.36 -8.64 36.47
N ILE J 156 -51.22 -8.14 36.97
CA ILE J 156 -50.53 -8.78 38.07
C ILE J 156 -51.17 -8.35 39.39
N LYS J 157 -51.54 -9.32 40.21
CA LYS J 157 -52.06 -9.06 41.55
C LYS J 157 -50.94 -9.30 42.55
N THR J 158 -50.59 -8.26 43.31
CA THR J 158 -49.54 -8.33 44.31
C THR J 158 -50.15 -8.56 45.68
N LEU J 159 -49.67 -9.58 46.38
CA LEU J 159 -50.23 -10.00 47.65
C LEU J 159 -49.19 -9.82 48.75
N LYS J 160 -49.60 -9.21 49.86
CA LYS J 160 -48.71 -8.91 50.98
C LYS J 160 -49.05 -9.84 52.14
N PHE J 161 -48.01 -10.41 52.77
CA PHE J 161 -48.18 -11.31 53.88
C PHE J 161 -47.32 -10.86 55.05
N ASP J 162 -47.66 -11.35 56.24
CA ASP J 162 -46.93 -11.10 57.47
C ASP J 162 -46.41 -12.42 58.01
N ALA J 163 -45.90 -12.39 59.25
CA ALA J 163 -45.47 -13.63 59.90
C ALA J 163 -46.60 -14.65 59.92
N LEU J 164 -47.82 -14.19 60.21
CA LEU J 164 -49.01 -14.98 59.92
C LEU J 164 -50.14 -14.00 59.61
N SER J 165 -50.34 -13.73 58.32
CA SER J 165 -51.63 -13.22 57.88
C SER J 165 -52.53 -14.42 57.63
N GLY J 166 -53.76 -14.15 57.20
CA GLY J 166 -54.62 -15.23 56.75
C GLY J 166 -54.25 -15.66 55.35
N SER J 167 -55.01 -16.64 54.84
CA SER J 167 -54.92 -16.95 53.42
C SER J 167 -55.34 -15.72 52.63
N GLN J 168 -54.57 -15.39 51.61
CA GLN J 168 -54.79 -14.18 50.83
C GLN J 168 -55.13 -14.55 49.39
N GLU J 169 -56.16 -13.90 48.85
CA GLU J 169 -56.72 -14.25 47.56
C GLU J 169 -56.16 -13.37 46.45
N ALA J 170 -56.15 -13.92 45.24
CA ALA J 170 -55.91 -13.16 44.01
C ALA J 170 -57.08 -13.50 43.08
N GLU J 171 -58.10 -12.65 43.05
CA GLU J 171 -59.27 -12.89 42.24
C GLU J 171 -59.12 -12.20 40.89
N PHE J 172 -59.06 -12.99 39.83
CA PHE J 172 -58.95 -12.49 38.46
C PHE J 172 -60.35 -12.44 37.85
N THR J 173 -60.75 -11.26 37.39
CA THR J 173 -62.09 -11.08 36.85
C THR J 173 -62.31 -11.98 35.63
N GLY J 174 -63.44 -12.69 35.62
CA GLY J 174 -63.74 -13.64 34.57
C GLY J 174 -63.09 -15.00 34.75
N TYR J 175 -62.17 -15.14 35.70
CA TYR J 175 -61.54 -16.42 35.97
C TYR J 175 -61.60 -16.82 37.44
N GLY J 176 -62.23 -16.02 38.28
CA GLY J 176 -62.43 -16.40 39.67
C GLY J 176 -61.27 -15.97 40.54
N LYS J 177 -60.77 -16.90 41.35
CA LYS J 177 -59.78 -16.54 42.36
C LYS J 177 -58.92 -17.75 42.70
N ALA J 178 -57.72 -17.45 43.20
CA ALA J 178 -56.80 -18.44 43.75
C ALA J 178 -56.38 -18.00 45.14
N THR J 179 -56.10 -18.97 46.00
CA THR J 179 -55.82 -18.72 47.41
C THR J 179 -54.41 -19.18 47.75
N LEU J 180 -53.62 -18.28 48.33
CA LEU J 180 -52.22 -18.55 48.68
C LEU J 180 -52.07 -18.62 50.20
N GLU J 181 -51.56 -19.74 50.69
CA GLU J 181 -51.18 -19.92 52.09
C GLU J 181 -49.66 -20.00 52.12
N CYS J 182 -49.01 -18.89 52.44
CA CYS J 182 -47.57 -18.75 52.29
C CYS J 182 -46.91 -18.54 53.65
N GLN J 183 -45.61 -18.85 53.70
CA GLN J 183 -44.85 -18.72 54.94
C GLN J 183 -43.37 -18.56 54.59
N VAL J 184 -42.69 -17.67 55.31
CA VAL J 184 -41.25 -17.49 55.11
C VAL J 184 -40.49 -18.65 55.73
N GLN J 185 -39.26 -18.85 55.24
CA GLN J 185 -38.32 -19.79 55.81
C GLN J 185 -37.05 -19.00 56.17
N THR J 186 -36.95 -18.61 57.44
CA THR J 186 -35.86 -17.76 57.91
C THR J 186 -35.06 -18.42 59.02
N ALA J 187 -35.22 -19.73 59.22
CA ALA J 187 -34.44 -20.43 60.26
C ALA J 187 -32.98 -20.60 59.83
N VAL J 188 -32.76 -21.04 58.59
CA VAL J 188 -31.39 -21.24 58.12
C VAL J 188 -30.73 -19.89 57.83
N ASP J 189 -31.51 -18.87 57.48
CA ASP J 189 -30.99 -17.66 56.88
C ASP J 189 -30.80 -16.50 57.85
N PHE J 190 -31.69 -16.33 58.83
CA PHE J 190 -31.75 -15.12 59.66
C PHE J 190 -31.69 -15.47 61.14
N GLY J 191 -30.68 -16.25 61.53
CA GLY J 191 -30.54 -16.66 62.91
C GLY J 191 -30.01 -15.52 63.76
N ASN J 192 -29.02 -15.79 64.62
CA ASN J 192 -28.46 -14.71 65.42
C ASN J 192 -27.71 -13.75 64.51
N SER J 193 -28.40 -12.72 64.02
CA SER J 193 -27.88 -11.91 62.93
C SER J 193 -28.24 -10.44 63.13
N TYR J 194 -27.33 -9.57 62.71
CA TYR J 194 -27.58 -8.14 62.63
C TYR J 194 -27.78 -7.74 61.17
N ILE J 195 -28.37 -6.56 60.98
CA ILE J 195 -28.32 -5.85 59.71
C ILE J 195 -27.23 -4.80 59.85
N ALA J 196 -26.09 -5.04 59.21
CA ALA J 196 -24.97 -4.12 59.25
C ALA J 196 -24.98 -3.26 58.00
N GLU J 197 -25.19 -1.96 58.16
CA GLU J 197 -25.25 -1.04 57.04
C GLU J 197 -24.20 0.04 57.21
N MET J 198 -23.44 0.27 56.14
CA MET J 198 -22.61 1.46 56.04
C MET J 198 -23.39 2.55 55.31
N GLU J 199 -22.70 3.62 54.94
CA GLU J 199 -23.35 4.76 54.30
C GLU J 199 -24.12 4.34 53.04
N LYS J 200 -23.56 3.41 52.26
CA LYS J 200 -24.13 2.99 50.99
C LYS J 200 -24.69 1.58 50.99
N ASP J 201 -23.99 0.63 51.61
CA ASP J 201 -24.32 -0.78 51.50
C ASP J 201 -24.84 -1.34 52.82
N SER J 202 -25.38 -2.56 52.76
CA SER J 202 -25.91 -3.22 53.93
C SER J 202 -25.76 -4.72 53.77
N TRP J 203 -25.77 -5.45 54.88
CA TRP J 203 -25.59 -6.89 54.87
C TRP J 203 -26.33 -7.53 56.04
N ILE J 204 -26.37 -8.85 56.00
CA ILE J 204 -26.71 -9.68 57.16
C ILE J 204 -25.43 -10.26 57.72
N VAL J 205 -25.17 -10.02 59.00
CA VAL J 205 -23.92 -10.45 59.63
C VAL J 205 -24.26 -11.29 60.85
N ASP J 206 -23.35 -12.20 61.18
CA ASP J 206 -23.50 -12.99 62.40
C ASP J 206 -23.40 -12.10 63.62
N ARG J 207 -24.21 -12.39 64.62
CA ARG J 207 -24.25 -11.54 65.80
C ARG J 207 -22.96 -11.64 66.61
N GLN J 208 -22.43 -12.85 66.77
CA GLN J 208 -21.17 -13.01 67.49
C GLN J 208 -20.01 -12.39 66.73
N TRP J 209 -20.05 -12.46 65.39
CA TRP J 209 -18.97 -11.88 64.58
C TRP J 209 -18.89 -10.37 64.76
N ALA J 210 -20.04 -9.69 64.67
CA ALA J 210 -20.04 -8.24 64.82
C ALA J 210 -19.67 -7.81 66.24
N GLN J 211 -20.06 -8.59 67.25
CA GLN J 211 -19.68 -8.27 68.62
C GLN J 211 -18.19 -8.47 68.84
N ASP J 212 -17.55 -9.36 68.09
CA ASP J 212 -16.13 -9.64 68.22
C ASP J 212 -15.26 -8.77 67.33
N LEU J 213 -15.85 -7.83 66.60
CA LEU J 213 -15.06 -6.92 65.77
C LEU J 213 -14.08 -6.14 66.64
N THR J 214 -12.83 -6.04 66.19
CA THR J 214 -11.81 -5.27 66.91
C THR J 214 -11.88 -3.81 66.45
N LEU J 215 -12.98 -3.17 66.79
CA LEU J 215 -13.25 -1.79 66.45
C LEU J 215 -14.01 -1.13 67.61
N PRO J 216 -13.88 0.19 67.77
CA PRO J 216 -14.65 0.89 68.80
C PRO J 216 -16.15 0.78 68.51
N TRP J 217 -16.95 0.76 69.57
CA TRP J 217 -18.38 0.63 69.41
C TRP J 217 -19.12 1.52 70.41
N GLN J 218 -20.38 1.80 70.08
CA GLN J 218 -21.24 2.71 70.82
C GLN J 218 -22.58 2.03 71.09
N SER J 219 -23.42 2.68 71.88
CA SER J 219 -24.74 2.16 72.24
C SER J 219 -25.86 3.11 71.83
N GLY J 220 -25.76 3.65 70.62
CA GLY J 220 -26.87 4.41 70.03
C GLY J 220 -27.13 5.83 70.49
N SER J 221 -27.20 6.05 71.81
CA SER J 221 -27.54 7.36 72.35
C SER J 221 -26.32 8.27 72.28
N GLY J 222 -26.37 9.40 72.98
CA GLY J 222 -25.18 10.21 73.14
C GLY J 222 -24.21 9.50 74.07
N GLY J 223 -23.82 8.29 73.69
CA GLY J 223 -23.06 7.42 74.56
C GLY J 223 -21.58 7.47 74.27
N ILE J 224 -20.79 7.14 75.31
CA ILE J 224 -19.35 7.12 75.17
C ILE J 224 -18.93 6.05 74.17
N TRP J 225 -17.80 6.29 73.51
CA TRP J 225 -17.25 5.30 72.60
C TRP J 225 -16.41 4.30 73.39
N ARG J 226 -16.67 3.02 73.18
CA ARG J 226 -16.06 1.95 73.95
C ARG J 226 -14.89 1.33 73.18
N GLU J 227 -13.81 1.04 73.89
CA GLU J 227 -12.61 0.41 73.33
C GLU J 227 -12.05 1.25 72.17
N MET J 228 -11.73 2.51 72.49
CA MET J 228 -11.18 3.41 71.49
C MET J 228 -9.82 2.97 70.99
N HIS J 229 -9.11 2.13 71.75
CA HIS J 229 -7.74 1.74 71.41
C HIS J 229 -7.66 0.92 70.12
N HIS J 230 -8.78 0.39 69.64
CA HIS J 230 -8.75 -0.35 68.37
C HIS J 230 -8.43 0.55 67.18
N LEU J 231 -8.51 1.86 67.36
CA LEU J 231 -8.12 2.81 66.32
C LEU J 231 -7.10 3.83 66.79
N VAL J 232 -6.86 3.95 68.09
CA VAL J 232 -5.90 4.90 68.63
C VAL J 232 -4.90 4.14 69.49
N GLU J 233 -3.64 4.15 69.08
CA GLU J 233 -2.55 3.58 69.85
C GLU J 233 -1.52 4.67 70.14
N PHE J 234 -0.75 4.46 71.20
CA PHE J 234 0.34 5.35 71.57
C PHE J 234 1.64 4.57 71.52
N GLU J 235 2.65 5.12 70.85
CA GLU J 235 3.97 4.50 70.84
C GLU J 235 4.82 5.06 71.97
N PRO J 236 5.90 4.36 72.35
CA PRO J 236 6.58 4.68 73.60
C PRO J 236 7.07 6.11 73.62
N PRO J 237 7.09 6.74 74.79
CA PRO J 237 7.59 8.11 74.89
C PRO J 237 9.09 8.16 74.68
N HIS J 238 9.59 9.35 74.35
CA HIS J 238 11.03 9.55 74.18
C HIS J 238 11.64 10.32 75.34
N ALA J 239 11.24 11.56 75.60
CA ALA J 239 11.58 12.20 76.86
C ALA J 239 10.35 12.73 77.58
N ALA J 240 9.61 13.61 76.90
CA ALA J 240 8.41 14.23 77.46
C ALA J 240 7.33 14.40 76.39
N THR J 241 7.43 13.67 75.29
CA THR J 241 6.48 13.76 74.18
C THR J 241 6.07 12.35 73.78
N ILE J 242 4.78 12.19 73.48
CA ILE J 242 4.23 10.92 73.04
C ILE J 242 3.48 11.15 71.74
N ARG J 243 3.71 10.27 70.76
CA ARG J 243 3.03 10.33 69.47
C ARG J 243 1.95 9.27 69.41
N VAL J 244 0.82 9.63 68.81
CA VAL J 244 -0.30 8.70 68.65
C VAL J 244 -0.15 7.96 67.33
N LEU J 245 -0.62 6.72 67.31
CA LEU J 245 -0.64 5.90 66.10
C LEU J 245 -2.10 5.75 65.67
N ALA J 246 -2.50 6.54 64.68
CA ALA J 246 -3.83 6.40 64.09
C ALA J 246 -3.83 5.18 63.19
N LEU J 247 -4.75 4.25 63.43
CA LEU J 247 -4.76 2.97 62.74
C LEU J 247 -5.50 3.00 61.42
N GLY J 248 -6.01 4.16 61.01
CA GLY J 248 -6.51 4.35 59.67
C GLY J 248 -7.95 3.92 59.47
N ASN J 249 -8.47 4.27 58.29
CA ASN J 249 -9.84 3.92 57.92
C ASN J 249 -9.95 2.42 57.66
N GLN J 250 -10.96 1.79 58.26
CA GLN J 250 -11.13 0.34 58.20
C GLN J 250 -12.27 -0.07 57.28
N GLU J 251 -12.67 0.80 56.35
CA GLU J 251 -13.77 0.47 55.44
C GLU J 251 -13.40 -0.72 54.56
N GLY J 252 -12.17 -0.77 54.06
CA GLY J 252 -11.77 -1.86 53.19
C GLY J 252 -11.75 -3.20 53.90
N SER J 253 -11.19 -3.24 55.11
CA SER J 253 -11.07 -4.50 55.83
C SER J 253 -12.44 -5.10 56.13
N LEU J 254 -13.40 -4.26 56.51
CA LEU J 254 -14.76 -4.74 56.76
C LEU J 254 -15.38 -5.28 55.48
N LYS J 255 -15.16 -4.61 54.35
CA LYS J 255 -15.82 -5.01 53.11
C LYS J 255 -15.26 -6.34 52.59
N THR J 256 -13.94 -6.54 52.67
CA THR J 256 -13.39 -7.83 52.28
C THR J 256 -13.86 -8.94 53.23
N ALA J 257 -14.16 -8.60 54.49
CA ALA J 257 -14.74 -9.57 55.40
C ALA J 257 -16.20 -9.85 55.08
N LEU J 258 -16.88 -8.89 54.45
CA LEU J 258 -18.31 -9.00 54.18
C LEU J 258 -18.60 -9.45 52.75
N THR J 259 -17.58 -9.82 51.98
CA THR J 259 -17.82 -10.39 50.67
C THR J 259 -18.42 -11.78 50.82
N GLY J 260 -19.46 -12.06 50.03
CA GLY J 260 -20.15 -13.33 50.13
C GLY J 260 -21.26 -13.37 51.16
N ALA J 261 -21.44 -12.31 51.95
CA ALA J 261 -22.51 -12.24 52.91
C ALA J 261 -23.78 -11.69 52.25
N MET J 262 -24.92 -12.09 52.79
CA MET J 262 -26.20 -11.70 52.20
C MET J 262 -26.35 -10.18 52.25
N ARG J 263 -26.94 -9.63 51.19
CA ARG J 263 -27.02 -8.19 51.00
C ARG J 263 -28.39 -7.64 51.38
N VAL J 264 -28.41 -6.34 51.67
CA VAL J 264 -29.62 -5.61 52.05
C VAL J 264 -29.62 -4.25 51.37
N THR J 265 -30.78 -3.84 50.87
CA THR J 265 -30.97 -2.51 50.30
C THR J 265 -32.07 -1.79 51.07
N LYS J 266 -32.38 -0.56 50.64
CA LYS J 266 -33.33 0.29 51.32
C LYS J 266 -34.15 1.07 50.29
N ASP J 267 -35.20 1.74 50.78
CA ASP J 267 -35.92 2.73 49.98
C ASP J 267 -36.74 3.60 50.91
N GLU J 268 -36.49 4.91 50.88
CA GLU J 268 -37.24 5.89 51.67
C GLU J 268 -37.15 5.62 53.17
N LEU J 273 -37.25 0.77 56.33
CA LEU J 273 -37.59 -0.34 55.44
C LEU J 273 -36.35 -0.91 54.78
N TYR J 274 -36.00 -2.13 55.15
CA TYR J 274 -34.81 -2.82 54.65
C TYR J 274 -35.24 -4.04 53.84
N LYS J 275 -34.63 -4.21 52.67
CA LYS J 275 -34.97 -5.30 51.76
C LYS J 275 -33.92 -6.40 51.85
N LEU J 276 -34.38 -7.63 52.07
CA LEU J 276 -33.49 -8.75 52.32
C LEU J 276 -33.36 -9.60 51.06
N HIS J 277 -32.12 -9.76 50.58
CA HIS J 277 -31.86 -10.51 49.36
C HIS J 277 -31.61 -11.99 49.67
N GLY J 278 -32.57 -12.60 50.35
CA GLY J 278 -32.42 -13.99 50.71
C GLY J 278 -33.70 -14.54 51.32
N GLY J 279 -33.66 -15.84 51.61
CA GLY J 279 -34.81 -16.52 52.18
C GLY J 279 -35.86 -16.85 51.15
N HIS J 280 -36.43 -18.05 51.24
CA HIS J 280 -37.48 -18.48 50.33
C HIS J 280 -38.81 -18.52 51.07
N VAL J 281 -39.89 -18.53 50.29
CA VAL J 281 -41.24 -18.57 50.83
C VAL J 281 -41.93 -19.81 50.28
N SER J 282 -42.36 -20.69 51.18
CA SER J 282 -43.12 -21.88 50.79
C SER J 282 -44.61 -21.53 50.86
N CYS J 283 -45.34 -21.87 49.79
CA CYS J 283 -46.72 -21.46 49.62
C CYS J 283 -47.59 -22.67 49.38
N ARG J 284 -48.88 -22.52 49.70
CA ARG J 284 -49.92 -23.50 49.35
C ARG J 284 -50.95 -22.81 48.47
N VAL J 285 -51.19 -23.37 47.29
CA VAL J 285 -52.04 -22.75 46.28
C VAL J 285 -53.33 -23.53 46.19
N LYS J 286 -54.46 -22.84 46.39
CA LYS J 286 -55.78 -23.42 46.21
C LYS J 286 -56.27 -23.07 44.81
N LEU J 287 -56.51 -24.10 44.00
CA LEU J 287 -56.85 -23.92 42.60
C LEU J 287 -58.31 -24.25 42.28
N SER J 288 -59.06 -24.83 43.21
CA SER J 288 -60.39 -25.32 42.89
C SER J 288 -61.32 -24.19 42.47
N ALA J 289 -61.21 -23.02 43.09
CA ALA J 289 -62.03 -21.87 42.77
C ALA J 289 -61.53 -21.10 41.55
N LEU J 290 -60.66 -21.69 40.74
CA LEU J 290 -60.08 -21.05 39.56
C LEU J 290 -60.74 -21.63 38.31
N THR J 291 -61.52 -20.81 37.61
CA THR J 291 -62.30 -21.25 36.46
C THR J 291 -61.65 -20.79 35.16
N LEU J 292 -62.27 -21.20 34.05
CA LEU J 292 -61.71 -21.03 32.72
C LEU J 292 -62.71 -20.30 31.84
N LYS J 293 -62.29 -19.17 31.26
CA LYS J 293 -63.18 -18.33 30.48
C LYS J 293 -63.31 -18.83 29.05
N GLY J 294 -64.46 -18.54 28.44
CA GLY J 294 -64.66 -18.82 27.04
C GLY J 294 -64.59 -20.28 26.67
N THR J 295 -65.02 -21.17 27.57
CA THR J 295 -65.01 -22.59 27.24
C THR J 295 -66.10 -22.95 26.25
N SER J 296 -67.19 -22.17 26.21
CA SER J 296 -68.30 -22.40 25.29
C SER J 296 -68.32 -21.39 24.15
N TYR J 297 -67.18 -20.77 23.85
CA TYR J 297 -67.06 -19.96 22.65
C TYR J 297 -66.98 -20.86 21.41
N LYS J 298 -67.40 -20.31 20.27
CA LYS J 298 -67.15 -20.98 19.01
C LYS J 298 -65.66 -20.89 18.67
N MET J 299 -65.23 -21.78 17.78
CA MET J 299 -63.83 -21.78 17.37
C MET J 299 -63.57 -20.68 16.34
N CYS J 300 -62.42 -20.05 16.45
CA CYS J 300 -62.06 -18.98 15.52
C CYS J 300 -61.76 -19.57 14.16
N THR J 301 -62.67 -19.34 13.19
CA THR J 301 -62.57 -19.98 11.89
C THR J 301 -62.09 -19.05 10.79
N ASP J 302 -62.13 -17.73 10.99
CA ASP J 302 -61.58 -16.80 10.01
C ASP J 302 -60.06 -16.82 10.06
N LYS J 303 -59.43 -16.08 9.14
CA LYS J 303 -57.98 -16.08 9.06
C LYS J 303 -57.36 -15.31 10.22
N MET J 304 -56.28 -15.86 10.76
CA MET J 304 -55.49 -15.23 11.81
C MET J 304 -54.07 -15.00 11.30
N SER J 305 -53.37 -14.07 11.95
CA SER J 305 -52.01 -13.74 11.55
C SER J 305 -51.13 -13.60 12.78
N PHE J 306 -49.86 -13.97 12.61
CA PHE J 306 -48.88 -13.86 13.69
C PHE J 306 -48.43 -12.40 13.79
N VAL J 307 -48.81 -11.74 14.88
CA VAL J 307 -48.18 -10.45 15.20
C VAL J 307 -46.74 -10.68 15.62
N LYS J 308 -46.49 -11.75 16.38
CA LYS J 308 -45.15 -12.13 16.79
C LYS J 308 -44.98 -13.63 16.60
N ASN J 309 -43.91 -14.03 15.92
CA ASN J 309 -43.70 -15.42 15.55
C ASN J 309 -43.35 -16.27 16.76
N PRO J 310 -43.56 -17.59 16.67
CA PRO J 310 -43.08 -18.50 17.72
C PRO J 310 -41.58 -18.37 17.92
N THR J 311 -41.19 -17.95 19.13
CA THR J 311 -39.80 -17.75 19.48
C THR J 311 -39.46 -18.51 20.75
N ASP J 312 -38.21 -18.98 20.82
CA ASP J 312 -37.76 -19.74 21.99
C ASP J 312 -37.70 -18.85 23.22
N THR J 313 -38.20 -19.36 24.35
CA THR J 313 -38.20 -18.63 25.60
C THR J 313 -36.98 -18.95 26.46
N GLY J 314 -36.40 -20.14 26.29
CA GLY J 314 -35.32 -20.60 27.14
C GLY J 314 -35.73 -21.59 28.21
N HIS J 315 -37.03 -21.71 28.48
CA HIS J 315 -37.54 -22.69 29.44
C HIS J 315 -37.98 -23.98 28.78
N GLY J 316 -37.62 -24.20 27.51
CA GLY J 316 -38.15 -25.32 26.77
C GLY J 316 -39.50 -25.07 26.14
N THR J 317 -40.01 -23.84 26.23
CA THR J 317 -41.30 -23.46 25.67
C THR J 317 -41.09 -22.44 24.55
N VAL J 318 -42.21 -22.00 23.98
CA VAL J 318 -42.17 -21.05 22.87
C VAL J 318 -43.43 -20.19 22.93
N VAL J 319 -43.26 -18.89 22.73
CA VAL J 319 -44.36 -17.94 22.84
C VAL J 319 -44.65 -17.34 21.47
N MET J 320 -45.87 -16.81 21.34
CA MET J 320 -46.32 -16.22 20.09
C MET J 320 -47.48 -15.27 20.39
N GLN J 321 -47.64 -14.27 19.54
CA GLN J 321 -48.79 -13.38 19.58
C GLN J 321 -49.58 -13.52 18.29
N VAL J 322 -50.84 -13.91 18.41
CA VAL J 322 -51.73 -14.14 17.28
C VAL J 322 -52.77 -13.03 17.27
N LYS J 323 -52.99 -12.44 16.10
CA LYS J 323 -53.99 -11.39 15.93
C LYS J 323 -55.25 -12.00 15.32
N VAL J 324 -56.40 -11.71 15.91
CA VAL J 324 -57.69 -12.16 15.39
C VAL J 324 -58.47 -10.93 14.94
N PRO J 325 -58.40 -10.57 13.65
CA PRO J 325 -59.08 -9.35 13.19
C PRO J 325 -60.58 -9.55 12.97
N LYS J 326 -60.98 -10.77 12.64
CA LYS J 326 -62.38 -11.11 12.43
C LYS J 326 -62.65 -12.45 13.09
N GLY J 327 -63.94 -12.72 13.33
CA GLY J 327 -64.26 -13.94 14.05
C GLY J 327 -64.69 -13.76 15.50
N ALA J 328 -65.55 -12.77 15.74
CA ALA J 328 -66.05 -12.30 17.07
C ALA J 328 -66.18 -13.39 18.14
N PRO J 329 -66.03 -13.03 19.42
CA PRO J 329 -65.95 -13.89 20.60
C PRO J 329 -65.69 -15.37 20.33
N CYS J 330 -64.43 -15.77 20.32
CA CYS J 330 -64.14 -17.13 19.91
C CYS J 330 -62.91 -17.65 20.65
N LYS J 331 -62.76 -18.97 20.62
CA LYS J 331 -61.59 -19.64 21.18
C LYS J 331 -60.63 -20.05 20.06
N ILE J 332 -59.35 -19.86 20.31
CA ILE J 332 -58.31 -20.08 19.30
C ILE J 332 -57.76 -21.50 19.47
N PRO J 333 -57.95 -22.38 18.49
CA PRO J 333 -57.37 -23.73 18.58
C PRO J 333 -55.87 -23.69 18.33
N VAL J 334 -55.11 -24.33 19.21
CA VAL J 334 -53.67 -24.46 19.07
C VAL J 334 -53.28 -25.90 19.35
N ILE J 335 -52.61 -26.54 18.39
CA ILE J 335 -52.04 -27.86 18.57
C ILE J 335 -50.62 -27.85 18.03
N VAL J 336 -49.83 -28.82 18.48
CA VAL J 336 -48.46 -29.00 18.03
C VAL J 336 -48.29 -30.46 17.64
N ALA J 337 -47.97 -30.70 16.37
CA ALA J 337 -47.93 -32.05 15.82
C ALA J 337 -46.66 -32.26 15.01
N ASP J 338 -46.23 -33.51 14.94
CA ASP J 338 -45.10 -33.93 14.13
C ASP J 338 -45.50 -34.29 12.71
N ASP J 339 -46.78 -34.14 12.36
CA ASP J 339 -47.27 -34.44 11.03
C ASP J 339 -48.26 -33.37 10.62
N LEU J 340 -48.23 -32.98 9.35
CA LEU J 340 -49.18 -31.99 8.87
C LEU J 340 -50.54 -32.59 8.56
N THR J 341 -50.60 -33.82 8.08
CA THR J 341 -51.89 -34.38 7.67
C THR J 341 -52.77 -34.70 8.87
N ALA J 342 -52.24 -35.46 9.83
CA ALA J 342 -53.00 -35.86 11.03
C ALA J 342 -52.87 -34.78 12.10
N ALA J 343 -53.96 -34.10 12.39
CA ALA J 343 -53.96 -33.00 13.35
C ALA J 343 -54.05 -33.53 14.78
N VAL J 344 -53.01 -34.29 15.16
CA VAL J 344 -52.95 -34.94 16.46
C VAL J 344 -51.99 -34.16 17.33
N ASN J 345 -52.51 -33.57 18.41
CA ASN J 345 -51.70 -32.75 19.30
C ASN J 345 -50.64 -33.61 19.99
N LYS J 346 -49.43 -33.05 20.10
CA LYS J 346 -48.33 -33.73 20.74
C LYS J 346 -47.59 -32.86 21.76
N GLY J 347 -48.07 -31.63 22.01
CA GLY J 347 -47.44 -30.73 22.94
C GLY J 347 -48.43 -30.25 24.00
N ILE J 348 -47.88 -29.60 25.03
CA ILE J 348 -48.66 -29.09 26.14
C ILE J 348 -48.88 -27.59 25.96
N LEU J 349 -50.05 -27.12 26.36
CA LEU J 349 -50.44 -25.72 26.20
C LEU J 349 -50.39 -25.04 27.57
N VAL J 350 -49.36 -24.21 27.77
CA VAL J 350 -49.30 -23.41 28.99
C VAL J 350 -50.45 -22.39 29.02
N THR J 351 -50.72 -21.76 27.89
CA THR J 351 -51.90 -20.90 27.74
C THR J 351 -53.09 -21.80 27.46
N VAL J 352 -53.88 -22.06 28.49
CA VAL J 352 -54.97 -23.03 28.40
C VAL J 352 -56.19 -22.33 27.82
N ASN J 353 -56.72 -22.88 26.72
CA ASN J 353 -57.91 -22.38 26.03
C ASN J 353 -57.72 -20.94 25.56
N PRO J 354 -56.91 -20.70 24.53
CA PRO J 354 -56.73 -19.34 24.00
C PRO J 354 -58.07 -18.69 23.65
N ILE J 355 -58.09 -17.36 23.67
CA ILE J 355 -59.33 -16.59 23.57
C ILE J 355 -59.06 -15.30 22.82
N ALA J 356 -60.04 -14.88 22.02
CA ALA J 356 -60.11 -13.53 21.46
C ALA J 356 -61.49 -12.98 21.77
N SER J 357 -61.57 -11.98 22.65
CA SER J 357 -62.85 -11.45 23.11
C SER J 357 -63.42 -10.39 22.18
N THR J 358 -62.60 -9.44 21.75
CA THR J 358 -62.99 -8.44 20.77
C THR J 358 -62.21 -8.65 19.48
N ASN J 359 -62.70 -8.04 18.41
CA ASN J 359 -62.02 -8.14 17.13
C ASN J 359 -60.73 -7.32 17.16
N ASP J 360 -59.80 -7.69 16.27
CA ASP J 360 -58.48 -7.06 16.19
C ASP J 360 -57.69 -7.25 17.48
N ASP J 361 -57.94 -8.34 18.20
CA ASP J 361 -57.25 -8.61 19.45
C ASP J 361 -55.95 -9.35 19.19
N GLU J 362 -54.90 -8.96 19.93
CA GLU J 362 -53.62 -9.66 19.91
C GLU J 362 -53.49 -10.43 21.23
N VAL J 363 -53.31 -11.74 21.12
CA VAL J 363 -53.37 -12.64 22.26
C VAL J 363 -52.10 -13.49 22.30
N LEU J 364 -51.49 -13.59 23.46
CA LEU J 364 -50.21 -14.28 23.63
C LEU J 364 -50.43 -15.74 23.98
N ILE J 365 -49.73 -16.62 23.28
CA ILE J 365 -49.83 -18.06 23.47
C ILE J 365 -48.45 -18.60 23.81
N GLU J 366 -48.38 -19.41 24.87
CA GLU J 366 -47.16 -20.15 25.21
C GLU J 366 -47.43 -21.63 25.09
N VAL J 367 -46.55 -22.35 24.40
CA VAL J 367 -46.70 -23.78 24.14
C VAL J 367 -45.40 -24.48 24.51
N ASN J 368 -45.52 -25.69 25.04
CA ASN J 368 -44.37 -26.56 25.24
C ASN J 368 -44.36 -27.59 24.12
N PRO J 369 -43.53 -27.43 23.09
CA PRO J 369 -43.50 -28.39 21.99
C PRO J 369 -42.74 -29.64 22.40
N PRO J 370 -43.01 -30.77 21.75
CA PRO J 370 -42.22 -31.98 22.02
C PRO J 370 -40.84 -31.87 21.40
N PHE J 371 -39.93 -32.72 21.89
CA PHE J 371 -38.57 -32.76 21.37
C PHE J 371 -38.57 -33.25 19.93
N GLY J 372 -37.57 -32.80 19.17
CA GLY J 372 -37.47 -33.15 17.77
C GLY J 372 -38.13 -32.11 16.87
N ASP J 373 -38.33 -32.51 15.63
CA ASP J 373 -38.97 -31.65 14.65
C ASP J 373 -40.49 -31.74 14.79
N SER J 374 -41.16 -30.61 14.56
CA SER J 374 -42.59 -30.51 14.83
C SER J 374 -43.19 -29.38 14.00
N TYR J 375 -44.52 -29.23 14.14
CA TYR J 375 -45.27 -28.18 13.46
C TYR J 375 -46.25 -27.57 14.44
N ILE J 376 -46.12 -26.27 14.68
CA ILE J 376 -47.07 -25.54 15.52
C ILE J 376 -48.23 -25.11 14.64
N ILE J 377 -49.44 -25.49 15.02
CA ILE J 377 -50.63 -25.35 14.18
C ILE J 377 -51.65 -24.50 14.92
N VAL J 378 -52.05 -23.39 14.30
CA VAL J 378 -53.04 -22.48 14.86
C VAL J 378 -54.09 -22.24 13.79
N GLY J 379 -55.28 -22.78 13.99
CA GLY J 379 -56.37 -22.68 13.04
C GLY J 379 -56.92 -24.04 12.67
N THR J 380 -57.97 -24.02 11.86
CA THR J 380 -58.66 -25.25 11.46
C THR J 380 -58.62 -25.51 9.97
N GLY J 381 -59.06 -24.55 9.16
CA GLY J 381 -59.28 -24.83 7.74
C GLY J 381 -58.10 -24.54 6.84
N ASP J 382 -58.35 -23.86 5.72
CA ASP J 382 -57.27 -23.50 4.81
C ASP J 382 -56.48 -22.30 5.32
N SER J 383 -57.13 -21.35 5.99
CA SER J 383 -56.46 -20.21 6.61
C SER J 383 -55.56 -20.63 7.77
N ARG J 384 -55.44 -21.92 8.01
CA ARG J 384 -54.67 -22.44 9.13
C ARG J 384 -53.22 -21.97 9.08
N LEU J 385 -52.68 -21.61 10.23
CA LEU J 385 -51.30 -21.14 10.37
C LEU J 385 -50.43 -22.30 10.82
N THR J 386 -49.29 -22.48 10.14
CA THR J 386 -48.31 -23.48 10.52
C THR J 386 -46.93 -22.84 10.59
N TYR J 387 -46.17 -23.20 11.62
CA TYR J 387 -44.79 -22.74 11.79
C TYR J 387 -43.93 -23.91 12.23
N GLN J 388 -42.95 -24.26 11.41
CA GLN J 388 -42.13 -25.43 11.67
C GLN J 388 -41.15 -25.17 12.81
N TRP J 389 -41.05 -26.13 13.73
CA TRP J 389 -40.22 -25.98 14.93
C TRP J 389 -39.30 -27.17 15.10
N HIS J 390 -38.20 -26.94 15.81
CA HIS J 390 -37.23 -27.98 16.15
C HIS J 390 -36.74 -27.75 17.57
N LYS J 391 -36.91 -28.75 18.42
CA LYS J 391 -36.53 -28.66 19.83
C LYS J 391 -35.43 -29.66 20.11
N GLU J 392 -34.30 -29.18 20.62
CA GLU J 392 -33.17 -30.03 20.94
C GLU J 392 -33.26 -30.58 22.36
N VAL K 2 -11.41 31.44 90.43
CA VAL K 2 -10.71 31.17 89.19
C VAL K 2 -10.68 32.41 88.31
N GLN K 3 -9.58 33.15 88.37
CA GLN K 3 -9.42 34.38 87.61
C GLN K 3 -8.02 34.44 87.04
N LEU K 4 -7.85 35.22 85.99
CA LEU K 4 -6.54 35.48 85.38
C LEU K 4 -6.32 36.97 85.33
N VAL K 5 -5.20 37.44 85.89
CA VAL K 5 -4.86 38.85 85.95
C VAL K 5 -3.63 39.09 85.08
N GLU K 6 -3.75 39.99 84.12
CA GLU K 6 -2.66 40.34 83.23
C GLU K 6 -1.98 41.63 83.69
N SER K 7 -0.71 41.77 83.33
CA SER K 7 0.06 42.96 83.66
C SER K 7 1.26 43.02 82.73
N GLY K 8 1.91 44.19 82.72
CA GLY K 8 3.10 44.40 81.93
C GLY K 8 2.88 45.06 80.59
N GLY K 9 1.65 45.43 80.25
CA GLY K 9 1.39 46.14 79.01
C GLY K 9 1.76 47.60 79.09
N GLY K 10 1.84 48.22 77.92
CA GLY K 10 2.19 49.63 77.87
C GLY K 10 2.57 50.15 76.50
N LEU K 11 3.55 51.05 76.46
CA LEU K 11 3.94 51.77 75.26
C LEU K 11 5.43 51.61 75.03
N VAL K 12 5.82 51.09 73.87
CA VAL K 12 7.21 50.96 73.47
C VAL K 12 7.33 51.30 71.99
N LYS K 13 8.58 51.49 71.55
CA LYS K 13 8.91 51.74 70.17
C LYS K 13 9.13 50.43 69.44
N PRO K 14 9.02 50.41 68.11
CA PRO K 14 9.33 49.19 67.35
C PRO K 14 10.76 48.73 67.64
N GLY K 15 10.92 47.42 67.78
CA GLY K 15 12.19 46.87 68.17
C GLY K 15 12.50 46.94 69.66
N GLY K 16 11.51 47.29 70.48
CA GLY K 16 11.70 47.37 71.92
C GLY K 16 11.49 46.04 72.61
N SER K 17 11.45 46.09 73.93
CA SER K 17 11.26 44.88 74.74
C SER K 17 10.17 45.11 75.77
N LEU K 18 9.25 44.16 75.86
CA LEU K 18 8.19 44.17 76.86
C LEU K 18 8.05 42.76 77.41
N ARG K 19 7.51 42.65 78.62
CA ARG K 19 7.32 41.35 79.25
C ARG K 19 5.98 41.34 79.95
N LEU K 20 5.04 40.57 79.42
CA LEU K 20 3.72 40.42 80.01
C LEU K 20 3.74 39.33 81.06
N SER K 21 3.10 39.60 82.20
CA SER K 21 2.97 38.65 83.29
C SER K 21 1.49 38.38 83.53
N CYS K 22 1.13 37.10 83.60
CA CYS K 22 -0.25 36.67 83.85
C CYS K 22 -0.28 35.84 85.12
N ALA K 23 -0.93 36.35 86.15
CA ALA K 23 -1.05 35.65 87.42
C ALA K 23 -2.33 34.84 87.43
N ALA K 24 -2.22 33.56 87.80
CA ALA K 24 -3.35 32.64 87.82
C ALA K 24 -3.58 32.12 89.22
N SER K 25 -4.85 31.89 89.55
CA SER K 25 -5.22 31.40 90.88
C SER K 25 -6.57 30.70 90.76
N GLY K 26 -6.91 29.94 91.80
CA GLY K 26 -8.18 29.24 91.85
C GLY K 26 -8.15 27.85 91.25
N PHE K 27 -7.00 27.38 90.77
CA PHE K 27 -6.89 26.04 90.21
C PHE K 27 -5.42 25.64 90.24
N ILE K 28 -5.17 24.36 90.03
CA ILE K 28 -3.79 23.86 89.95
C ILE K 28 -3.22 24.33 88.63
N PHE K 29 -2.36 25.36 88.68
CA PHE K 29 -1.87 25.99 87.45
C PHE K 29 -1.04 25.03 86.61
N SER K 30 -0.24 24.18 87.26
CA SER K 30 0.67 23.29 86.55
C SER K 30 -0.03 22.11 85.88
N ASP K 31 -1.37 22.05 85.92
CA ASP K 31 -2.11 20.96 85.31
C ASP K 31 -2.84 21.37 84.04
N TYR K 32 -2.61 22.59 83.54
CA TYR K 32 -3.42 23.13 82.45
C TYR K 32 -2.54 23.78 81.39
N TYR K 33 -2.90 23.55 80.14
CA TYR K 33 -2.30 24.28 79.02
C TYR K 33 -2.70 25.74 79.09
N MET K 34 -1.78 26.63 78.72
CA MET K 34 -2.02 28.06 78.71
C MET K 34 -1.71 28.62 77.33
N MET K 35 -2.22 29.82 77.06
CA MET K 35 -2.01 30.43 75.76
C MET K 35 -2.18 31.94 75.88
N TRP K 36 -1.70 32.64 74.84
CA TRP K 36 -1.84 34.08 74.71
C TRP K 36 -2.67 34.41 73.48
N ILE K 37 -3.65 35.31 73.64
CA ILE K 37 -4.52 35.74 72.56
C ILE K 37 -4.53 37.27 72.56
N ARG K 38 -4.69 37.86 71.37
CA ARG K 38 -4.70 39.32 71.23
C ARG K 38 -5.84 39.72 70.30
N GLN K 39 -6.10 41.02 70.21
CA GLN K 39 -7.07 41.52 69.23
C GLN K 39 -6.62 42.92 68.82
N ALA K 40 -6.02 43.02 67.64
CA ALA K 40 -5.67 44.33 67.12
C ALA K 40 -6.93 45.10 66.78
N PRO K 41 -6.93 46.42 66.97
CA PRO K 41 -8.14 47.22 66.70
C PRO K 41 -8.61 47.04 65.26
N GLY K 42 -9.86 46.63 65.11
CA GLY K 42 -10.41 46.33 63.81
C GLY K 42 -9.98 45.00 63.22
N LYS K 43 -9.29 44.15 63.98
CA LYS K 43 -8.97 42.79 63.58
C LYS K 43 -9.62 41.81 64.55
N GLY K 44 -9.79 40.58 64.10
CA GLY K 44 -10.38 39.55 64.92
C GLY K 44 -9.39 38.95 65.91
N LEU K 45 -9.92 38.13 66.80
CA LEU K 45 -9.10 37.50 67.82
C LEU K 45 -8.21 36.42 67.20
N GLU K 46 -7.02 36.23 67.80
CA GLU K 46 -6.05 35.27 67.27
C GLU K 46 -5.14 34.83 68.41
N TRP K 47 -4.90 33.52 68.51
CA TRP K 47 -3.95 33.01 69.48
C TRP K 47 -2.55 33.00 68.87
N ILE K 48 -1.56 33.43 69.65
CA ILE K 48 -0.21 33.62 69.16
C ILE K 48 0.77 32.64 69.79
N SER K 49 0.60 32.34 71.08
CA SER K 49 1.46 31.41 71.80
C SER K 49 0.60 30.41 72.55
N TYR K 50 1.12 29.20 72.70
CA TYR K 50 0.35 28.09 73.27
C TYR K 50 1.33 27.12 73.91
N ILE K 51 1.26 26.97 75.23
CA ILE K 51 2.23 26.21 75.99
C ILE K 51 1.51 25.11 76.77
N SER K 52 2.23 24.03 77.04
CA SER K 52 1.69 22.87 77.74
C SER K 52 1.77 23.06 79.25
N SER K 53 1.27 22.06 79.99
CA SER K 53 1.25 22.13 81.44
C SER K 53 2.67 22.17 82.00
N SER K 54 3.53 21.28 81.53
CA SER K 54 4.92 21.28 81.96
C SER K 54 5.74 22.39 81.31
N GLY K 55 5.28 22.91 80.17
CA GLY K 55 6.10 23.78 79.35
C GLY K 55 6.95 23.05 78.32
N SER K 56 6.84 21.72 78.25
CA SER K 56 7.62 20.95 77.30
C SER K 56 7.09 21.03 75.87
N GLN K 57 5.84 21.43 75.70
CA GLN K 57 5.24 21.59 74.37
C GLN K 57 4.97 23.07 74.15
N ILE K 58 5.52 23.62 73.06
CA ILE K 58 5.40 25.02 72.73
C ILE K 58 4.85 25.14 71.31
N TYR K 59 3.98 26.13 71.10
CA TYR K 59 3.39 26.38 69.79
C TYR K 59 3.30 27.89 69.55
N TYR K 60 3.68 28.30 68.35
CA TYR K 60 3.64 29.70 67.95
C TYR K 60 2.95 29.83 66.60
N THR K 61 2.41 31.01 66.34
CA THR K 61 1.98 31.36 64.99
C THR K 61 3.13 32.06 64.25
N GLU K 62 3.06 32.00 62.92
CA GLU K 62 4.20 32.42 62.12
C GLU K 62 4.45 33.92 62.22
N SER K 63 3.42 34.70 62.53
CA SER K 63 3.60 36.13 62.68
C SER K 63 4.60 36.47 63.78
N VAL K 64 4.81 35.55 64.73
CA VAL K 64 5.44 35.92 65.99
C VAL K 64 6.48 34.88 66.42
N LYS K 65 6.76 33.92 65.54
CA LYS K 65 7.50 32.72 65.94
C LYS K 65 8.87 33.03 66.51
N GLY K 66 9.66 33.85 65.81
CA GLY K 66 10.99 34.14 66.28
C GLY K 66 11.10 35.29 67.26
N ARG K 67 10.04 36.06 67.43
CA ARG K 67 10.10 37.31 68.19
C ARG K 67 9.56 37.21 69.61
N PHE K 68 8.56 36.35 69.83
CA PHE K 68 8.00 36.16 71.17
C PHE K 68 8.42 34.81 71.72
N THR K 69 8.54 34.75 73.04
CA THR K 69 8.88 33.51 73.74
C THR K 69 7.91 33.33 74.90
N ILE K 70 7.09 32.30 74.83
CA ILE K 70 6.16 32.00 75.92
C ILE K 70 6.85 31.06 76.89
N SER K 71 6.78 31.41 78.17
CA SER K 71 7.24 30.57 79.25
C SER K 71 6.21 30.63 80.36
N ARG K 72 6.27 29.65 81.25
CA ARG K 72 5.32 29.60 82.34
C ARG K 72 6.06 29.34 83.65
N ASP K 73 5.39 29.70 84.73
CA ASP K 73 5.97 29.63 86.06
C ASP K 73 5.05 28.86 86.99
N ASN K 74 5.23 27.54 87.02
CA ASN K 74 4.31 26.69 87.77
C ASN K 74 4.46 26.89 89.28
N GLY K 75 5.68 27.18 89.75
CA GLY K 75 5.87 27.42 91.18
C GLY K 75 5.17 28.67 91.66
N LYS K 76 5.23 29.75 90.87
CA LYS K 76 4.58 31.01 91.23
C LYS K 76 3.26 31.23 90.50
N ASN K 77 2.74 30.20 89.81
CA ASN K 77 1.46 30.30 89.09
C ASN K 77 1.46 31.46 88.10
N LEU K 78 2.57 31.64 87.40
CA LEU K 78 2.76 32.79 86.51
C LEU K 78 3.00 32.32 85.09
N LEU K 79 2.44 33.07 84.13
CA LEU K 79 2.64 32.84 82.72
C LEU K 79 3.20 34.11 82.09
N TYR K 80 4.30 33.97 81.35
CA TYR K 80 4.99 35.12 80.78
C TYR K 80 4.96 35.06 79.26
N LEU K 81 4.89 36.24 78.65
CA LEU K 81 5.12 36.42 77.22
C LEU K 81 6.27 37.41 77.07
N GLN K 82 7.42 36.91 76.63
CA GLN K 82 8.58 37.77 76.41
C GLN K 82 8.46 38.40 75.03
N MET K 83 8.47 39.74 74.98
CA MET K 83 8.14 40.49 73.79
C MET K 83 9.40 41.19 73.27
N ASN K 84 9.90 40.73 72.12
CA ASN K 84 11.08 41.32 71.49
C ASN K 84 10.80 41.56 70.01
N SER K 85 11.54 42.52 69.44
CA SER K 85 11.44 42.86 68.02
C SER K 85 10.01 43.18 67.62
N LEU K 86 9.39 44.10 68.35
CA LEU K 86 7.98 44.41 68.15
C LEU K 86 7.77 45.20 66.86
N ARG K 87 6.58 45.05 66.30
CA ARG K 87 6.21 45.68 65.05
C ARG K 87 4.91 46.46 65.24
N GLY K 88 4.51 47.20 64.20
CA GLY K 88 3.27 47.94 64.25
C GLY K 88 2.05 47.04 64.38
N GLU K 89 2.10 45.86 63.75
CA GLU K 89 0.99 44.91 63.86
C GLU K 89 0.85 44.33 65.27
N ASP K 90 1.84 44.52 66.13
CA ASP K 90 1.82 43.96 67.47
C ASP K 90 1.15 44.87 68.50
N THR K 91 0.43 45.89 68.05
CA THR K 91 -0.31 46.77 68.94
C THR K 91 -1.73 46.20 69.12
N ALA K 92 -2.02 45.74 70.33
CA ALA K 92 -3.30 45.10 70.62
C ALA K 92 -3.43 44.92 72.12
N LEU K 93 -4.64 44.61 72.56
CA LEU K 93 -4.88 44.06 73.88
C LEU K 93 -4.49 42.58 73.87
N TYR K 94 -3.85 42.11 74.94
CA TYR K 94 -3.35 40.74 75.01
C TYR K 94 -4.04 40.02 76.16
N TYR K 95 -4.51 38.80 75.88
CA TYR K 95 -5.17 37.96 76.87
C TYR K 95 -4.32 36.73 77.16
N CYS K 96 -4.28 36.33 78.43
CA CYS K 96 -3.82 35.01 78.82
C CYS K 96 -5.04 34.15 79.10
N ALA K 97 -5.01 32.90 78.64
CA ALA K 97 -6.20 32.05 78.70
C ALA K 97 -5.82 30.63 79.08
N THR K 98 -6.67 30.01 79.89
CA THR K 98 -6.53 28.60 80.20
C THR K 98 -7.10 27.76 79.06
N GLU K 99 -6.57 26.55 78.91
CA GLU K 99 -6.99 25.64 77.85
C GLU K 99 -7.22 24.26 78.44
N THR K 100 -8.41 23.72 78.21
CA THR K 100 -8.75 22.37 78.67
C THR K 100 -9.89 21.83 77.81
N GLY K 101 -9.88 20.52 77.60
CA GLY K 101 -10.87 19.92 76.73
C GLY K 101 -10.80 20.41 75.30
N TRP K 102 -9.63 20.89 74.87
CA TRP K 102 -9.43 21.43 73.52
C TRP K 102 -10.34 22.60 73.24
N ARG K 103 -10.61 23.39 74.29
CA ARG K 103 -11.32 24.66 74.16
C ARG K 103 -10.60 25.69 75.02
N ILE K 104 -10.72 26.95 74.61
CA ILE K 104 -10.19 28.07 75.38
C ILE K 104 -11.19 28.38 76.48
N ASP K 105 -10.80 28.15 77.73
CA ASP K 105 -11.76 28.05 78.84
C ASP K 105 -11.97 29.37 79.55
N THR K 106 -10.92 29.92 80.16
CA THR K 106 -11.02 31.09 81.02
C THR K 106 -10.12 32.20 80.48
N TRP K 107 -10.65 33.42 80.47
CA TRP K 107 -9.94 34.58 79.97
C TRP K 107 -9.62 35.54 81.11
N GLY K 108 -8.70 36.46 80.83
CA GLY K 108 -8.43 37.59 81.70
C GLY K 108 -9.05 38.86 81.13
N GLN K 109 -8.96 39.93 81.93
CA GLN K 109 -9.45 41.22 81.47
C GLN K 109 -8.66 41.70 80.25
N GLY K 110 -7.37 41.40 80.22
CA GLY K 110 -6.50 41.82 79.14
C GLY K 110 -5.59 42.97 79.56
N THR K 111 -4.46 43.06 78.87
CA THR K 111 -3.53 44.15 79.06
C THR K 111 -3.21 44.77 77.70
N LEU K 112 -3.17 46.10 77.65
CA LEU K 112 -3.06 46.81 76.39
C LEU K 112 -1.60 47.11 76.08
N VAL K 113 -1.18 46.76 74.87
CA VAL K 113 0.18 46.98 74.40
C VAL K 113 0.10 47.90 73.19
N THR K 114 0.79 49.04 73.26
CA THR K 114 0.85 50.00 72.17
C THR K 114 2.29 50.12 71.69
N VAL K 115 2.49 50.03 70.39
CA VAL K 115 3.78 50.27 69.76
C VAL K 115 3.63 51.48 68.85
N SER K 116 4.54 52.44 68.96
CA SER K 116 4.44 53.67 68.18
C SER K 116 5.77 54.38 68.18
N SER K 117 6.24 54.89 67.04
CA SER K 117 7.50 55.67 67.11
C SER K 117 7.16 57.16 67.28
N ALA K 118 7.36 57.79 68.46
CA ALA K 118 6.70 59.11 68.76
C ALA K 118 7.13 59.86 70.04
N SER K 119 7.58 61.12 69.88
CA SER K 119 7.86 62.13 70.88
C SER K 119 6.57 62.88 71.23
N THR K 120 6.65 63.66 72.32
CA THR K 120 5.53 64.49 72.72
C THR K 120 5.24 65.53 71.64
N LYS K 121 3.96 65.84 71.43
CA LYS K 121 3.57 66.65 70.28
C LYS K 121 2.24 67.34 70.54
N GLY K 122 2.14 68.60 70.12
CA GLY K 122 0.89 69.33 70.07
C GLY K 122 0.19 69.07 68.75
N PRO K 123 -1.15 68.87 68.79
CA PRO K 123 -1.77 68.12 67.69
C PRO K 123 -1.78 68.77 66.31
N SER K 124 -2.87 69.49 66.04
CA SER K 124 -3.10 70.53 65.05
C SER K 124 -4.61 70.69 65.11
N VAL K 125 -5.17 71.89 64.96
CA VAL K 125 -6.61 72.07 65.09
C VAL K 125 -7.15 72.76 63.84
N PHE K 126 -8.22 72.21 63.30
CA PHE K 126 -8.83 72.65 62.06
C PHE K 126 -10.33 72.85 62.25
N PRO K 127 -10.94 73.74 61.47
CA PRO K 127 -12.40 73.89 61.51
C PRO K 127 -13.08 72.90 60.57
N LEU K 128 -14.40 72.76 60.77
CA LEU K 128 -15.17 71.78 60.02
C LEU K 128 -16.34 72.37 59.26
N ALA K 129 -16.69 73.65 59.47
CA ALA K 129 -17.34 74.47 58.45
C ALA K 129 -18.68 73.95 57.92
N PRO K 130 -19.78 74.08 58.66
CA PRO K 130 -21.09 73.63 58.15
C PRO K 130 -21.57 74.46 56.96
N SER K 131 -22.78 74.15 56.47
CA SER K 131 -23.33 74.84 55.31
C SER K 131 -24.76 75.32 55.58
N SER K 132 -25.45 75.77 54.54
CA SER K 132 -26.83 76.23 54.66
C SER K 132 -27.75 75.12 55.13
N GLY K 138 -33.80 71.70 59.73
CA GLY K 138 -33.49 72.87 60.53
C GLY K 138 -32.44 72.64 61.60
N THR K 139 -31.42 71.86 61.25
CA THR K 139 -30.30 71.62 62.16
C THR K 139 -29.06 71.33 61.32
N ALA K 140 -27.91 71.78 61.81
CA ALA K 140 -26.65 71.66 61.10
C ALA K 140 -25.57 71.17 62.04
N ALA K 141 -24.52 70.58 61.46
CA ALA K 141 -23.44 69.98 62.23
C ALA K 141 -22.12 70.68 61.91
N LEU K 142 -21.35 70.94 62.96
CA LEU K 142 -20.02 71.53 62.82
C LEU K 142 -19.13 70.97 63.93
N GLY K 143 -17.83 71.05 63.72
CA GLY K 143 -16.93 70.49 64.69
C GLY K 143 -15.48 70.87 64.47
N CYS K 144 -14.59 70.03 64.99
CA CYS K 144 -13.16 70.24 64.91
C CYS K 144 -12.45 68.95 64.53
N LEU K 145 -11.27 69.09 63.94
CA LEU K 145 -10.39 67.97 63.64
C LEU K 145 -9.09 68.15 64.40
N VAL K 146 -8.91 67.38 65.46
CA VAL K 146 -7.65 67.34 66.19
C VAL K 146 -6.83 66.21 65.58
N LYS K 147 -5.73 66.57 64.92
CA LYS K 147 -4.99 65.64 64.07
C LYS K 147 -3.53 65.59 64.50
N ASP K 148 -2.99 64.36 64.54
CA ASP K 148 -1.56 64.11 64.69
C ASP K 148 -1.02 64.68 66.00
N TYR K 149 -1.50 64.10 67.10
CA TYR K 149 -1.00 64.43 68.44
C TYR K 149 -0.60 63.18 69.19
N PHE K 150 0.25 63.38 70.21
CA PHE K 150 0.68 62.32 71.09
C PHE K 150 1.31 62.96 72.32
N PRO K 151 1.08 62.43 73.53
CA PRO K 151 0.20 61.29 73.80
C PRO K 151 -1.21 61.72 74.20
N GLU K 152 -1.99 60.76 74.68
CA GLU K 152 -3.30 61.05 75.22
C GLU K 152 -3.19 61.50 76.68
N PRO K 153 -4.19 62.25 77.18
CA PRO K 153 -5.38 62.71 76.46
C PRO K 153 -5.32 64.16 75.99
N VAL K 154 -6.01 64.46 74.88
CA VAL K 154 -6.37 65.82 74.54
C VAL K 154 -7.82 66.00 74.92
N THR K 155 -8.13 67.09 75.59
CA THR K 155 -9.52 67.41 75.90
C THR K 155 -10.02 68.48 74.95
N VAL K 156 -11.32 68.43 74.65
CA VAL K 156 -11.98 69.41 73.80
C VAL K 156 -13.20 69.93 74.54
N SER K 157 -13.53 71.20 74.27
CA SER K 157 -14.75 71.81 74.77
C SER K 157 -15.14 72.94 73.82
N TRP K 158 -16.30 73.52 74.06
CA TRP K 158 -16.85 74.54 73.18
C TRP K 158 -17.36 75.70 74.02
N ASN K 159 -16.82 76.90 73.77
CA ASN K 159 -17.24 78.13 74.45
C ASN K 159 -17.12 78.02 75.96
N SER K 160 -15.95 77.58 76.41
CA SER K 160 -15.62 77.51 77.84
C SER K 160 -16.64 76.67 78.61
N GLY K 161 -17.12 75.60 77.99
CA GLY K 161 -18.07 74.72 78.62
C GLY K 161 -19.49 75.24 78.68
N ALA K 162 -19.81 76.29 77.92
CA ALA K 162 -21.18 76.81 77.93
C ALA K 162 -22.10 75.98 77.03
N LEU K 163 -21.72 75.83 75.76
CA LEU K 163 -22.50 75.04 74.82
C LEU K 163 -22.22 73.56 75.06
N THR K 164 -23.16 72.88 75.71
CA THR K 164 -23.01 71.47 76.00
C THR K 164 -24.09 70.60 75.36
N SER K 165 -25.08 71.20 74.70
CA SER K 165 -26.06 70.43 73.95
C SER K 165 -25.49 70.03 72.60
N GLY K 166 -25.81 68.82 72.16
CA GLY K 166 -25.37 68.34 70.87
C GLY K 166 -23.87 68.13 70.76
N VAL K 167 -23.15 68.46 71.83
CA VAL K 167 -21.69 68.33 71.85
C VAL K 167 -21.34 66.87 72.12
N HIS K 168 -20.40 66.34 71.35
CA HIS K 168 -20.05 64.92 71.47
C HIS K 168 -18.60 64.74 71.02
N THR K 169 -17.70 64.59 71.99
CA THR K 169 -16.30 64.33 71.70
C THR K 169 -16.12 62.86 71.36
N PHE K 170 -15.45 62.60 70.24
CA PHE K 170 -15.22 61.25 69.77
C PHE K 170 -13.99 60.65 70.45
N PRO K 171 -13.88 59.33 70.47
CA PRO K 171 -12.64 58.70 70.94
C PRO K 171 -11.52 58.86 69.92
N ALA K 172 -10.31 58.64 70.38
CA ALA K 172 -9.13 58.80 69.53
C ALA K 172 -8.97 57.57 68.62
N VAL K 173 -8.16 57.76 67.58
CA VAL K 173 -7.73 56.66 66.72
C VAL K 173 -6.23 56.82 66.48
N LEU K 174 -5.50 55.71 66.59
CA LEU K 174 -4.05 55.72 66.38
C LEU K 174 -3.78 55.37 64.92
N GLN K 175 -3.22 56.34 64.18
CA GLN K 175 -2.93 56.12 62.78
C GLN K 175 -1.68 55.26 62.60
N SER K 176 -1.41 54.90 61.35
CA SER K 176 -0.19 54.17 61.04
C SER K 176 1.06 54.98 61.37
N SER K 177 0.93 56.30 61.48
CA SER K 177 2.07 57.14 61.82
C SER K 177 2.63 56.79 63.20
N GLY K 178 1.76 56.74 64.21
CA GLY K 178 2.21 56.46 65.56
C GLY K 178 1.63 57.41 66.59
N LEU K 179 0.83 58.36 66.15
CA LEU K 179 0.18 59.32 67.01
C LEU K 179 -1.34 59.25 66.78
N TYR K 180 -2.07 60.19 67.36
CA TYR K 180 -3.51 60.10 67.45
C TYR K 180 -4.20 61.19 66.65
N SER K 181 -5.48 60.96 66.36
CA SER K 181 -6.36 61.96 65.77
C SER K 181 -7.78 61.71 66.29
N LEU K 182 -8.51 62.79 66.54
CA LEU K 182 -9.90 62.67 66.94
C LEU K 182 -10.69 63.83 66.35
N SER K 183 -12.01 63.79 66.57
CA SER K 183 -12.91 64.88 66.21
C SER K 183 -13.75 65.24 67.42
N SER K 184 -14.32 66.44 67.36
CA SER K 184 -15.29 66.90 68.36
C SER K 184 -16.27 67.81 67.63
N VAL K 185 -17.57 67.64 67.91
CA VAL K 185 -18.61 68.27 67.12
C VAL K 185 -19.74 68.75 68.00
N VAL K 186 -20.63 69.53 67.38
CA VAL K 186 -21.87 69.99 68.00
C VAL K 186 -22.87 70.26 66.88
N THR K 187 -24.12 69.86 67.11
CA THR K 187 -25.21 70.14 66.19
C THR K 187 -26.07 71.24 66.77
N VAL K 188 -26.37 72.25 65.94
CA VAL K 188 -27.07 73.45 66.39
C VAL K 188 -28.20 73.74 65.42
N PRO K 189 -29.18 74.54 65.83
CA PRO K 189 -30.18 75.01 64.87
C PRO K 189 -29.50 75.73 63.71
N SER K 190 -29.96 75.43 62.50
CA SER K 190 -29.36 76.03 61.31
C SER K 190 -29.62 77.53 61.23
N SER K 191 -30.53 78.05 62.05
CA SER K 191 -30.73 79.48 62.19
C SER K 191 -29.79 80.11 63.21
N SER K 192 -29.05 79.31 63.97
CA SER K 192 -28.10 79.81 64.95
C SER K 192 -26.69 79.92 64.40
N LEU K 193 -26.47 79.56 63.13
CA LEU K 193 -25.13 79.64 62.55
C LEU K 193 -24.65 81.08 62.45
N GLY K 194 -25.54 82.00 62.10
CA GLY K 194 -25.17 83.39 61.94
C GLY K 194 -25.62 84.29 63.08
N THR K 195 -25.84 83.72 64.27
CA THR K 195 -26.22 84.49 65.43
C THR K 195 -25.39 84.15 66.67
N GLN K 196 -24.50 83.17 66.60
CA GLN K 196 -23.78 82.69 67.76
C GLN K 196 -22.39 82.23 67.34
N THR K 197 -21.42 82.43 68.23
CA THR K 197 -20.01 82.16 67.94
C THR K 197 -19.58 80.84 68.56
N TYR K 198 -19.04 79.94 67.74
CA TYR K 198 -18.60 78.64 68.18
C TYR K 198 -17.07 78.55 68.07
N ILE K 199 -16.42 78.19 69.17
CA ILE K 199 -14.96 78.19 69.27
C ILE K 199 -14.50 76.86 69.85
N CYS K 200 -13.40 76.34 69.30
CA CYS K 200 -12.80 75.11 69.79
C CYS K 200 -11.88 75.39 70.97
N ASN K 201 -11.95 74.53 71.98
CA ASN K 201 -11.17 74.73 73.20
C ASN K 201 -10.24 73.56 73.45
N VAL K 202 -9.51 73.14 72.41
CA VAL K 202 -8.58 72.03 72.51
C VAL K 202 -7.48 72.33 73.53
N ASN K 203 -7.05 71.29 74.24
CA ASN K 203 -5.96 71.41 75.21
C ASN K 203 -5.21 70.10 75.28
N HIS K 204 -3.93 70.12 74.92
CA HIS K 204 -3.04 68.97 74.96
C HIS K 204 -2.00 69.22 76.06
N LYS K 205 -2.31 68.77 77.27
CA LYS K 205 -1.48 69.09 78.43
C LYS K 205 -0.05 68.54 78.35
N PRO K 206 0.23 67.36 77.78
CA PRO K 206 1.64 66.94 77.66
C PRO K 206 2.53 67.94 76.96
N SER K 207 2.08 68.48 75.82
CA SER K 207 2.85 69.48 75.10
C SER K 207 2.47 70.91 75.48
N ASN K 208 1.59 71.08 76.47
CA ASN K 208 1.13 72.38 76.93
C ASN K 208 0.48 73.18 75.81
N THR K 209 -0.18 72.49 74.88
CA THR K 209 -0.82 73.12 73.74
C THR K 209 -2.24 73.52 74.12
N LYS K 210 -2.55 74.81 73.99
CA LYS K 210 -3.88 75.36 74.28
C LYS K 210 -4.34 76.12 73.04
N VAL K 211 -4.96 75.41 72.10
CA VAL K 211 -5.43 76.03 70.87
C VAL K 211 -6.87 76.47 71.04
N ASP K 212 -7.18 77.64 70.50
CA ASP K 212 -8.56 78.10 70.33
C ASP K 212 -8.82 78.22 68.83
N LYS K 213 -9.79 77.46 68.35
CA LYS K 213 -10.11 77.42 66.92
C LYS K 213 -11.55 77.83 66.72
N ARG K 214 -11.77 78.82 65.87
CA ARG K 214 -13.11 79.29 65.56
C ARG K 214 -13.63 78.56 64.32
N VAL K 215 -14.87 78.10 64.39
CA VAL K 215 -15.52 77.41 63.28
C VAL K 215 -16.49 78.40 62.62
N GLU K 216 -16.31 78.62 61.33
CA GLU K 216 -17.04 79.65 60.61
C GLU K 216 -17.84 79.03 59.47
N PRO K 217 -19.14 79.35 59.33
CA PRO K 217 -19.99 78.87 58.24
C PRO K 217 -19.45 79.25 56.87
N GLN L 1 -9.57 28.50 53.81
CA GLN L 1 -8.64 27.75 54.63
C GLN L 1 -9.05 27.78 56.10
N ALA L 2 -9.02 28.98 56.70
CA ALA L 2 -9.32 29.12 58.11
C ALA L 2 -9.84 30.53 58.37
N VAL L 3 -11.16 30.68 58.42
CA VAL L 3 -11.80 31.94 58.78
C VAL L 3 -13.26 31.65 59.09
N LEU L 4 -13.78 32.33 60.11
CA LEU L 4 -15.16 32.16 60.56
C LEU L 4 -15.92 33.45 60.29
N THR L 5 -16.88 33.38 59.37
CA THR L 5 -17.71 34.53 59.03
C THR L 5 -18.98 34.53 59.87
N GLN L 6 -19.34 35.70 60.40
CA GLN L 6 -20.60 35.84 61.10
C GLN L 6 -21.03 37.29 61.05
N PRO L 7 -22.32 37.57 61.22
CA PRO L 7 -22.81 38.93 61.00
C PRO L 7 -22.20 39.94 61.97
N ALA L 8 -22.01 41.16 61.46
CA ALA L 8 -21.44 42.22 62.29
C ALA L 8 -22.40 42.69 63.36
N SER L 9 -23.70 42.68 63.08
CA SER L 9 -24.66 43.24 64.02
C SER L 9 -25.99 42.52 63.90
N VAL L 10 -26.61 42.25 65.05
CA VAL L 10 -27.93 41.62 65.12
C VAL L 10 -28.65 42.21 66.33
N SER L 11 -29.94 42.53 66.15
CA SER L 11 -30.70 43.24 67.18
C SER L 11 -32.04 42.56 67.42
N GLY L 12 -32.57 42.78 68.62
CA GLY L 12 -33.88 42.24 69.01
C GLY L 12 -34.41 42.95 70.23
N SER L 13 -35.71 42.72 70.49
CA SER L 13 -36.43 43.34 71.60
C SER L 13 -36.40 42.43 72.83
N PRO L 14 -36.57 43.01 74.02
CA PRO L 14 -36.58 42.19 75.24
C PRO L 14 -37.71 41.16 75.19
N GLY L 15 -37.36 39.90 75.50
CA GLY L 15 -38.28 38.80 75.43
C GLY L 15 -38.29 38.05 74.12
N GLN L 16 -37.79 38.67 73.05
CA GLN L 16 -37.74 38.01 71.76
C GLN L 16 -36.62 36.98 71.71
N SER L 17 -36.68 36.12 70.69
CA SER L 17 -35.63 35.15 70.42
C SER L 17 -34.73 35.67 69.31
N ILE L 18 -33.48 35.21 69.31
CA ILE L 18 -32.48 35.71 68.38
C ILE L 18 -31.45 34.63 68.14
N THR L 19 -30.82 34.67 66.95
CA THR L 19 -29.89 33.64 66.53
C THR L 19 -28.69 34.28 65.84
N ILE L 20 -27.50 34.05 66.37
CA ILE L 20 -26.26 34.49 65.75
C ILE L 20 -25.61 33.27 65.09
N SER L 21 -25.39 33.35 63.78
CA SER L 21 -24.81 32.27 63.01
C SER L 21 -23.29 32.44 62.90
N CYS L 22 -22.62 31.33 62.61
CA CYS L 22 -21.16 31.32 62.43
C CYS L 22 -20.83 30.37 61.29
N THR L 23 -20.42 30.92 60.16
CA THR L 23 -20.15 30.14 58.94
C THR L 23 -18.66 30.01 58.72
N GLY L 24 -18.23 28.81 58.34
CA GLY L 24 -16.82 28.51 58.16
C GLY L 24 -16.50 27.98 56.77
N THR L 25 -15.23 27.63 56.59
CA THR L 25 -14.66 27.16 55.35
C THR L 25 -14.36 25.66 55.46
N GLY L 26 -13.72 25.12 54.42
CA GLY L 26 -13.04 23.83 54.46
C GLY L 26 -13.72 22.76 55.28
N SER L 27 -12.97 22.13 56.20
CA SER L 27 -13.63 21.38 57.26
C SER L 27 -13.98 22.32 58.40
N ASN L 28 -12.97 22.76 59.15
CA ASN L 28 -12.94 24.01 59.91
C ASN L 28 -14.00 24.11 61.00
N ILE L 29 -15.13 23.44 60.82
CA ILE L 29 -16.17 23.33 61.85
C ILE L 29 -16.78 21.95 61.77
N GLU L 30 -16.59 21.28 60.63
CA GLU L 30 -17.36 20.08 60.28
C GLU L 30 -16.68 18.78 60.69
N THR L 31 -15.36 18.78 60.87
CA THR L 31 -14.65 17.54 61.15
C THR L 31 -14.70 17.19 62.63
N TYR L 32 -14.35 18.14 63.50
CA TYR L 32 -14.15 17.85 64.91
C TYR L 32 -15.40 18.08 65.75
N ASN L 33 -16.21 19.07 65.40
CA ASN L 33 -17.53 19.30 66.01
C ASN L 33 -17.41 19.76 67.46
N LEU L 34 -16.42 20.61 67.74
CA LEU L 34 -16.29 21.27 69.05
C LEU L 34 -16.15 22.78 68.79
N VAL L 35 -17.28 23.47 68.75
CA VAL L 35 -17.35 24.90 68.51
C VAL L 35 -17.67 25.59 69.83
N SER L 36 -17.09 26.77 70.04
CA SER L 36 -17.27 27.53 71.27
C SER L 36 -17.85 28.90 70.98
N TRP L 37 -18.61 29.41 71.94
CA TRP L 37 -19.18 30.75 71.86
C TRP L 37 -18.81 31.53 73.12
N TYR L 38 -18.37 32.76 72.93
CA TYR L 38 -17.88 33.59 74.03
C TYR L 38 -18.67 34.89 74.11
N GLN L 39 -18.90 35.36 75.32
CA GLN L 39 -19.59 36.62 75.57
C GLN L 39 -18.61 37.60 76.20
N ARG L 40 -18.45 38.76 75.58
CA ARG L 40 -17.56 39.79 76.08
C ARG L 40 -18.31 41.12 76.18
N HIS L 41 -18.43 41.63 77.39
CA HIS L 41 -18.85 43.01 77.59
C HIS L 41 -17.64 43.94 77.46
N PRO L 42 -17.86 45.19 77.04
CA PRO L 42 -16.71 46.10 76.84
C PRO L 42 -15.93 46.31 78.13
N GLY L 43 -14.67 45.90 78.11
CA GLY L 43 -13.76 46.04 79.22
C GLY L 43 -13.59 44.80 80.05
N LYS L 44 -14.62 43.97 80.17
CA LYS L 44 -14.57 42.79 81.01
C LYS L 44 -13.99 41.60 80.24
N ALA L 45 -13.62 40.57 80.99
CA ALA L 45 -13.05 39.37 80.40
C ALA L 45 -14.12 38.61 79.61
N PRO L 46 -13.77 38.05 78.45
CA PRO L 46 -14.73 37.20 77.73
C PRO L 46 -15.11 35.99 78.56
N LYS L 47 -16.38 35.60 78.45
CA LYS L 47 -16.93 34.48 79.21
C LYS L 47 -17.38 33.39 78.25
N LEU L 48 -16.99 32.15 78.54
CA LEU L 48 -17.43 31.02 77.74
C LEU L 48 -18.90 30.72 78.03
N ILE L 49 -19.72 30.78 76.99
CA ILE L 49 -21.15 30.50 77.14
C ILE L 49 -21.57 29.21 76.44
N LEU L 50 -20.85 28.78 75.41
CA LEU L 50 -21.09 27.51 74.75
C LEU L 50 -19.76 26.88 74.36
N TYR L 51 -19.75 25.56 74.28
CA TYR L 51 -18.57 24.79 73.95
C TYR L 51 -19.04 23.41 73.54
N GLU L 52 -18.37 22.78 72.57
CA GLU L 52 -18.76 21.48 71.99
C GLU L 52 -20.14 21.65 71.35
N VAL L 53 -20.29 22.76 70.66
CA VAL L 53 -21.50 23.27 69.96
C VAL L 53 -22.72 23.37 70.88
N SER L 54 -23.17 22.32 71.54
CA SER L 54 -24.39 22.50 72.30
C SER L 54 -24.21 22.45 73.83
N GLU L 55 -23.01 22.13 74.33
CA GLU L 55 -22.85 22.03 75.77
C GLU L 55 -22.87 23.43 76.42
N ARG L 56 -23.19 23.44 77.70
CA ARG L 56 -23.42 24.68 78.44
C ARG L 56 -22.59 24.66 79.72
N PRO L 57 -21.66 25.61 79.90
CA PRO L 57 -20.81 25.60 81.10
C PRO L 57 -21.61 25.92 82.36
N SER L 58 -20.99 25.60 83.50
CA SER L 58 -21.61 25.83 84.79
C SER L 58 -21.90 27.31 85.01
N GLY L 59 -23.13 27.62 85.43
CA GLY L 59 -23.55 28.98 85.68
C GLY L 59 -24.19 29.68 84.50
N VAL L 60 -24.01 29.15 83.28
CA VAL L 60 -24.57 29.77 82.10
C VAL L 60 -26.06 29.47 82.05
N SER L 61 -26.86 30.51 81.76
CA SER L 61 -28.31 30.35 81.68
C SER L 61 -28.69 29.43 80.52
N ASN L 62 -29.82 28.74 80.68
CA ASN L 62 -30.33 27.85 79.65
C ASN L 62 -30.98 28.60 78.49
N ARG L 63 -31.09 29.93 78.58
CA ARG L 63 -31.53 30.72 77.43
C ARG L 63 -30.54 30.61 76.28
N PHE L 64 -29.25 30.52 76.60
CA PHE L 64 -28.21 30.35 75.58
C PHE L 64 -28.17 28.89 75.14
N SER L 65 -28.37 28.65 73.84
CA SER L 65 -28.30 27.32 73.28
C SER L 65 -27.58 27.37 71.95
N GLY L 66 -27.03 26.22 71.56
CA GLY L 66 -26.31 26.13 70.30
C GLY L 66 -26.80 24.96 69.47
N SER L 67 -26.75 25.15 68.16
CA SER L 67 -27.14 24.13 67.19
C SER L 67 -26.11 24.13 66.07
N LYS L 68 -26.21 23.15 65.17
CA LYS L 68 -25.22 23.11 64.11
C LYS L 68 -25.67 22.17 63.00
N SER L 69 -25.37 22.57 61.76
CA SER L 69 -25.65 21.76 60.57
C SER L 69 -24.64 22.18 59.50
N GLY L 70 -23.66 21.32 59.22
CA GLY L 70 -22.63 21.72 58.29
C GLY L 70 -21.70 22.74 58.91
N ASN L 71 -21.00 23.48 58.06
CA ASN L 71 -20.01 24.42 58.58
C ASN L 71 -20.62 25.65 59.23
N THR L 72 -21.93 25.62 59.45
CA THR L 72 -22.64 26.68 60.15
C THR L 72 -22.92 26.24 61.58
N ALA L 73 -22.52 27.05 62.54
CA ALA L 73 -22.81 26.84 63.95
C ALA L 73 -23.56 28.06 64.47
N SER L 74 -24.75 27.84 65.01
CA SER L 74 -25.68 28.91 65.34
C SER L 74 -25.88 29.00 66.84
N LEU L 75 -25.50 30.12 67.43
CA LEU L 75 -25.89 30.45 68.79
C LEU L 75 -27.29 31.05 68.78
N THR L 76 -28.11 30.66 69.76
CA THR L 76 -29.49 31.12 69.84
C THR L 76 -29.78 31.57 71.26
N ILE L 77 -30.18 32.83 71.41
CA ILE L 77 -30.58 33.39 72.70
C ILE L 77 -32.09 33.60 72.68
N SER L 78 -32.76 33.16 73.74
CA SER L 78 -34.20 33.32 73.89
C SER L 78 -34.49 34.10 75.17
N GLY L 79 -35.65 34.75 75.19
CA GLY L 79 -36.00 35.62 76.31
C GLY L 79 -35.01 36.75 76.45
N LEU L 80 -34.89 37.55 75.40
CA LEU L 80 -33.82 38.54 75.30
C LEU L 80 -33.86 39.52 76.47
N GLN L 81 -32.68 39.92 76.93
CA GLN L 81 -32.56 40.65 78.19
C GLN L 81 -31.54 41.77 78.04
N ALA L 82 -31.75 42.83 78.81
CA ALA L 82 -30.87 44.00 78.72
C ALA L 82 -29.42 43.63 79.02
N GLU L 83 -29.21 42.72 79.97
CA GLU L 83 -27.86 42.29 80.33
C GLU L 83 -27.21 41.45 79.24
N ASP L 84 -27.96 40.98 78.25
CA ASP L 84 -27.39 40.21 77.16
C ASP L 84 -26.72 41.08 76.09
N GLU L 85 -26.92 42.40 76.14
CA GLU L 85 -26.35 43.32 75.15
C GLU L 85 -24.84 43.33 75.30
N ALA L 86 -24.14 42.66 74.38
CA ALA L 86 -22.69 42.53 74.44
C ALA L 86 -22.19 41.97 73.11
N ASP L 87 -20.89 41.74 73.03
CA ASP L 87 -20.27 41.12 71.87
C ASP L 87 -20.20 39.62 72.05
N TYR L 88 -20.37 38.89 70.94
CA TYR L 88 -20.37 37.43 70.95
C TYR L 88 -19.41 36.92 69.90
N PHE L 89 -18.55 35.98 70.28
CA PHE L 89 -17.47 35.51 69.43
C PHE L 89 -17.56 34.00 69.22
N CYS L 90 -17.33 33.58 67.98
CA CYS L 90 -17.33 32.18 67.57
C CYS L 90 -15.90 31.66 67.53
N CYS L 91 -15.75 30.36 67.78
CA CYS L 91 -14.43 29.75 67.81
C CYS L 91 -14.56 28.26 67.52
N SER L 92 -13.66 27.75 66.67
CA SER L 92 -13.69 26.36 66.26
C SER L 92 -12.27 25.80 66.19
N TYR L 93 -12.15 24.51 66.46
CA TYR L 93 -10.89 23.78 66.32
C TYR L 93 -10.81 23.27 64.88
N ALA L 94 -10.04 23.97 64.04
CA ALA L 94 -10.04 23.66 62.61
C ALA L 94 -9.35 22.33 62.32
N ASP L 95 -8.06 22.23 62.63
CA ASP L 95 -7.30 21.03 62.30
C ASP L 95 -6.05 20.98 63.18
N THR L 96 -5.12 20.10 62.81
CA THR L 96 -3.90 19.89 63.59
C THR L 96 -2.90 21.03 63.41
N ASN L 97 -2.98 21.80 62.33
CA ASN L 97 -1.92 22.74 62.00
C ASN L 97 -2.08 24.09 62.72
N ILE L 98 -3.27 24.66 62.70
CA ILE L 98 -3.50 26.01 63.23
C ILE L 98 -4.35 26.00 64.51
N PHE L 99 -5.06 24.91 64.79
CA PHE L 99 -5.70 24.59 66.07
C PHE L 99 -6.97 25.35 66.42
N TRP L 100 -7.18 26.55 65.89
CA TRP L 100 -8.24 27.40 66.42
C TRP L 100 -8.46 28.63 65.56
N VAL L 101 -9.70 28.94 65.23
CA VAL L 101 -10.04 30.13 64.46
C VAL L 101 -11.17 30.88 65.18
N PHE L 102 -11.10 32.20 65.16
CA PHE L 102 -12.09 33.06 65.79
C PHE L 102 -12.93 33.78 64.73
N GLY L 103 -14.18 34.04 65.06
CA GLY L 103 -15.03 34.83 64.20
C GLY L 103 -14.77 36.31 64.36
N GLY L 104 -15.39 37.09 63.48
CA GLY L 104 -15.22 38.54 63.52
C GLY L 104 -15.92 39.22 64.67
N GLY L 105 -16.95 38.58 65.23
CA GLY L 105 -17.69 39.18 66.32
C GLY L 105 -19.03 39.74 65.91
N THR L 106 -20.04 39.56 66.76
CA THR L 106 -21.37 40.12 66.53
C THR L 106 -21.78 40.94 67.73
N HIS L 107 -22.18 42.19 67.49
CA HIS L 107 -22.67 43.05 68.55
C HIS L 107 -24.16 42.82 68.69
N LEU L 108 -24.56 42.24 69.82
CA LEU L 108 -25.96 41.94 70.10
C LEU L 108 -26.54 43.14 70.84
N THR L 109 -27.48 43.82 70.21
CA THR L 109 -28.18 44.93 70.83
C THR L 109 -29.60 44.52 71.21
N VAL L 110 -29.95 44.76 72.47
CA VAL L 110 -31.32 44.57 72.94
C VAL L 110 -32.01 45.92 72.91
N LEU L 111 -33.08 46.01 72.10
CA LEU L 111 -33.70 47.30 71.81
C LEU L 111 -34.47 47.82 73.01
N GLY L 112 -33.76 48.21 74.07
CA GLY L 112 -34.41 48.72 75.26
C GLY L 112 -35.18 49.99 75.00
N GLN L 113 -34.82 50.64 73.84
CA GLN L 113 -35.43 51.87 73.21
C GLN L 113 -35.77 51.72 71.69
N PRO L 114 -35.97 52.79 70.86
CA PRO L 114 -36.43 52.76 69.41
C PRO L 114 -35.41 52.83 68.25
N LYS L 115 -35.79 52.69 66.96
CA LYS L 115 -34.79 52.55 65.92
C LYS L 115 -34.69 53.84 65.11
N ALA L 116 -33.64 54.61 65.36
CA ALA L 116 -33.39 55.85 64.64
C ALA L 116 -32.38 55.63 63.54
N ALA L 117 -32.56 56.35 62.41
CA ALA L 117 -31.69 56.30 61.26
C ALA L 117 -30.53 57.29 61.42
N PRO L 118 -29.39 57.02 60.81
CA PRO L 118 -28.24 57.92 60.95
C PRO L 118 -28.39 59.17 60.10
N SER L 119 -27.67 60.22 60.51
CA SER L 119 -27.63 61.49 59.80
C SER L 119 -26.18 61.76 59.42
N VAL L 120 -25.81 61.42 58.20
CA VAL L 120 -24.44 61.54 57.73
C VAL L 120 -24.18 62.99 57.34
N THR L 121 -22.91 63.40 57.43
CA THR L 121 -22.54 64.76 57.09
C THR L 121 -21.06 64.76 56.75
N LEU L 122 -20.75 65.04 55.48
CA LEU L 122 -19.41 64.91 54.95
C LEU L 122 -18.69 66.26 54.95
N PHE L 123 -17.43 66.26 55.39
CA PHE L 123 -16.65 67.47 55.57
C PHE L 123 -15.47 67.49 54.61
N PRO L 124 -15.38 68.46 53.71
CA PRO L 124 -14.23 68.53 52.80
C PRO L 124 -12.99 69.00 53.53
N PRO L 125 -11.82 68.95 52.91
CA PRO L 125 -10.62 69.50 53.55
C PRO L 125 -10.75 71.01 53.70
N SER L 126 -10.41 71.52 54.87
CA SER L 126 -10.45 72.96 55.10
C SER L 126 -9.29 73.63 54.39
N SER L 127 -9.53 74.86 53.93
CA SER L 127 -8.45 75.64 53.33
C SER L 127 -7.32 75.86 54.31
N GLU L 128 -7.63 75.96 55.61
CA GLU L 128 -6.60 76.08 56.63
C GLU L 128 -5.75 74.82 56.72
N GLU L 129 -6.32 73.65 56.41
CA GLU L 129 -5.54 72.43 56.31
C GLU L 129 -4.91 72.25 54.95
N LEU L 130 -5.58 72.71 53.88
CA LEU L 130 -4.98 72.63 52.55
C LEU L 130 -3.72 73.46 52.46
N GLN L 131 -3.60 74.52 53.26
CA GLN L 131 -2.34 75.25 53.36
C GLN L 131 -1.38 74.59 54.34
N ALA L 132 -1.23 73.27 54.24
CA ALA L 132 -0.23 72.53 55.01
C ALA L 132 0.28 71.33 54.22
N ASN L 133 -0.05 71.23 52.93
CA ASN L 133 0.18 70.03 52.12
C ASN L 133 -0.49 68.82 52.74
N LYS L 134 -1.75 68.99 53.14
CA LYS L 134 -2.51 67.94 53.78
C LYS L 134 -3.93 67.90 53.21
N ALA L 135 -4.65 66.84 53.56
CA ALA L 135 -6.04 66.67 53.17
C ALA L 135 -6.65 65.60 54.05
N THR L 136 -7.81 65.90 54.63
CA THR L 136 -8.50 64.94 55.49
C THR L 136 -10.00 65.13 55.31
N LEU L 137 -10.66 64.11 54.77
CA LEU L 137 -12.11 64.09 54.69
C LEU L 137 -12.68 63.51 55.98
N VAL L 138 -13.67 64.18 56.54
CA VAL L 138 -14.28 63.77 57.80
C VAL L 138 -15.74 63.45 57.51
N CYS L 139 -16.09 62.17 57.57
CA CYS L 139 -17.47 61.72 57.46
C CYS L 139 -18.01 61.48 58.87
N LEU L 140 -19.04 62.22 59.23
CA LEU L 140 -19.63 62.12 60.57
C LEU L 140 -20.99 61.47 60.49
N ILE L 141 -21.21 60.49 61.38
CA ILE L 141 -22.47 59.77 61.49
C ILE L 141 -22.95 59.93 62.92
N SER L 142 -24.16 60.48 63.09
CA SER L 142 -24.69 60.71 64.42
C SER L 142 -26.18 60.38 64.43
N ASP L 143 -26.69 60.13 65.65
CA ASP L 143 -28.12 59.97 65.92
C ASP L 143 -28.67 58.69 65.29
N PHE L 144 -27.94 57.59 65.39
CA PHE L 144 -28.43 56.29 64.95
C PHE L 144 -28.64 55.38 66.15
N TYR L 145 -29.38 54.31 65.88
CA TYR L 145 -29.66 53.27 66.87
C TYR L 145 -30.08 52.00 66.14
N PRO L 146 -29.47 50.84 66.46
CA PRO L 146 -28.41 50.64 67.44
C PRO L 146 -27.03 51.13 66.98
N GLY L 147 -26.06 51.08 67.88
CA GLY L 147 -24.71 51.50 67.57
C GLY L 147 -23.93 50.47 66.76
N ALA L 148 -24.31 50.31 65.50
CA ALA L 148 -23.64 49.35 64.62
C ALA L 148 -23.87 49.80 63.18
N VAL L 149 -22.80 50.20 62.51
CA VAL L 149 -22.89 50.79 61.18
C VAL L 149 -21.57 50.55 60.46
N THR L 150 -21.60 50.65 59.13
CA THR L 150 -20.43 50.40 58.29
C THR L 150 -20.24 51.55 57.31
N VAL L 151 -18.98 51.89 57.05
CA VAL L 151 -18.61 52.98 56.15
C VAL L 151 -17.86 52.41 54.95
N ALA L 152 -18.09 52.99 53.78
CA ALA L 152 -17.36 52.64 52.57
C ALA L 152 -17.20 53.88 51.71
N TRP L 153 -15.96 54.23 51.38
CA TRP L 153 -15.68 55.48 50.69
C TRP L 153 -15.70 55.30 49.17
N LYS L 154 -15.68 56.44 48.47
CA LYS L 154 -15.75 56.48 47.02
C LYS L 154 -14.72 57.43 46.43
N ALA L 155 -14.38 57.21 45.17
CA ALA L 155 -13.54 58.10 44.37
C ALA L 155 -14.03 58.04 42.92
N ASP L 156 -14.93 58.98 42.57
CA ASP L 156 -15.55 59.06 41.24
C ASP L 156 -16.28 57.78 40.86
N SER L 157 -17.25 57.41 41.71
CA SER L 157 -18.05 56.20 41.52
C SER L 157 -17.17 54.96 41.47
N SER L 158 -16.04 55.00 42.17
CA SER L 158 -15.10 53.92 42.30
C SER L 158 -14.72 53.77 43.76
N PRO L 159 -14.31 52.58 44.20
CA PRO L 159 -14.01 52.36 45.61
C PRO L 159 -12.68 52.97 46.03
N VAL L 160 -12.56 53.19 47.34
CA VAL L 160 -11.36 53.73 47.98
C VAL L 160 -10.86 52.73 49.00
N LYS L 161 -9.54 52.55 49.06
CA LYS L 161 -8.94 51.47 49.84
C LYS L 161 -8.20 51.95 51.08
N ALA L 162 -7.20 52.81 50.91
CA ALA L 162 -6.25 53.13 51.98
C ALA L 162 -6.48 54.54 52.52
N GLY L 163 -5.83 54.82 53.65
CA GLY L 163 -6.05 56.05 54.37
C GLY L 163 -7.32 56.08 55.19
N VAL L 164 -8.26 55.15 54.93
CA VAL L 164 -9.50 55.10 55.67
C VAL L 164 -9.24 54.69 57.12
N GLU L 165 -9.88 55.38 58.05
CA GLU L 165 -9.73 55.09 59.47
C GLU L 165 -11.06 55.38 60.16
N THR L 166 -11.84 54.35 60.40
CA THR L 166 -13.17 54.46 60.98
C THR L 166 -13.13 54.24 62.49
N THR L 167 -14.11 54.82 63.17
CA THR L 167 -14.30 54.64 64.61
C THR L 167 -15.39 53.61 64.87
N THR L 168 -15.42 53.10 66.10
CA THR L 168 -16.54 52.26 66.50
C THR L 168 -17.59 53.10 67.23
N PRO L 169 -18.87 52.76 67.11
CA PRO L 169 -19.93 53.65 67.60
C PRO L 169 -19.81 53.94 69.09
N SER L 170 -20.19 55.15 69.47
CA SER L 170 -20.06 55.65 70.83
C SER L 170 -21.38 56.25 71.30
N LYS L 171 -21.63 56.12 72.60
CA LYS L 171 -22.87 56.60 73.21
C LYS L 171 -22.91 58.12 73.20
N GLN L 172 -24.11 58.66 73.47
CA GLN L 172 -24.40 60.08 73.39
C GLN L 172 -25.14 60.51 74.65
N SER L 173 -25.70 61.72 74.66
CA SER L 173 -26.54 62.16 75.77
C SER L 173 -28.03 62.00 75.49
N ASN L 174 -28.45 61.96 74.23
CA ASN L 174 -29.78 61.49 73.88
C ASN L 174 -29.83 59.97 73.76
N ASN L 175 -28.70 59.30 74.02
CA ASN L 175 -28.57 57.86 74.11
C ASN L 175 -28.78 57.17 72.77
N LYS L 176 -28.72 57.91 71.67
CA LYS L 176 -28.42 57.33 70.37
C LYS L 176 -26.90 57.27 70.27
N TYR L 177 -26.37 56.87 69.11
CA TYR L 177 -24.94 56.66 68.99
C TYR L 177 -24.36 57.55 67.89
N ALA L 178 -23.03 57.65 67.87
CA ALA L 178 -22.33 58.44 66.88
C ALA L 178 -21.03 57.76 66.49
N ALA L 179 -20.57 58.03 65.26
CA ALA L 179 -19.35 57.44 64.73
C ALA L 179 -18.83 58.31 63.60
N SER L 180 -17.56 58.11 63.26
CA SER L 180 -16.93 58.84 62.17
C SER L 180 -16.03 57.93 61.36
N SER L 181 -15.72 58.38 60.15
CA SER L 181 -14.70 57.77 59.31
C SER L 181 -13.87 58.88 58.69
N TYR L 182 -12.55 58.74 58.75
CA TYR L 182 -11.64 59.72 58.16
C TYR L 182 -10.99 59.11 56.93
N LEU L 183 -10.67 59.97 55.96
CA LEU L 183 -9.91 59.58 54.79
C LEU L 183 -8.76 60.59 54.65
N SER L 184 -7.66 60.32 55.34
CA SER L 184 -6.48 61.14 55.19
C SER L 184 -5.95 61.03 53.76
N LEU L 185 -5.59 62.17 53.18
CA LEU L 185 -5.28 62.24 51.76
C LEU L 185 -4.07 63.14 51.54
N THR L 186 -3.73 63.32 50.27
CA THR L 186 -2.76 64.29 49.77
C THR L 186 -3.50 65.36 48.99
N PRO L 187 -3.10 66.64 49.13
CA PRO L 187 -3.88 67.73 48.52
C PRO L 187 -3.90 67.70 47.00
N GLU L 188 -3.24 66.73 46.39
CA GLU L 188 -3.41 66.48 44.95
C GLU L 188 -4.43 65.38 44.70
N GLN L 189 -4.47 64.38 45.58
CA GLN L 189 -5.46 63.32 45.48
C GLN L 189 -6.88 63.83 45.70
N TRP L 190 -7.01 65.04 46.27
CA TRP L 190 -8.30 65.69 46.47
C TRP L 190 -8.66 66.61 45.31
N LYS L 191 -7.71 66.91 44.42
CA LYS L 191 -7.98 67.77 43.28
C LYS L 191 -8.21 67.03 41.97
N SER L 192 -7.59 65.85 41.78
CA SER L 192 -7.66 65.19 40.49
C SER L 192 -9.02 64.54 40.25
N HIS L 193 -9.48 63.70 41.19
CA HIS L 193 -10.78 63.07 41.07
C HIS L 193 -11.88 64.13 41.08
N ARG L 194 -12.96 63.84 40.34
CA ARG L 194 -14.04 64.82 40.23
C ARG L 194 -14.76 65.01 41.56
N SER L 195 -14.99 63.94 42.31
CA SER L 195 -15.71 64.04 43.56
C SER L 195 -15.44 62.80 44.40
N TYR L 196 -15.64 62.95 45.71
CA TYR L 196 -15.55 61.85 46.67
C TYR L 196 -16.92 61.66 47.32
N SER L 197 -17.03 60.62 48.13
CA SER L 197 -18.29 60.34 48.80
C SER L 197 -18.05 59.42 49.99
N CYS L 198 -18.76 59.69 51.08
CA CYS L 198 -18.87 58.77 52.20
C CYS L 198 -20.19 58.03 52.10
N GLN L 199 -20.16 56.74 52.40
CA GLN L 199 -21.36 55.91 52.32
C GLN L 199 -21.58 55.21 53.65
N VAL L 200 -22.83 55.18 54.10
CA VAL L 200 -23.18 54.76 55.45
C VAL L 200 -24.41 53.87 55.35
N THR L 201 -24.23 52.57 55.58
CA THR L 201 -25.30 51.59 55.48
C THR L 201 -25.68 51.11 56.88
N HIS L 202 -26.91 51.39 57.28
CA HIS L 202 -27.39 51.10 58.62
C HIS L 202 -28.76 50.43 58.54
N GLU L 203 -28.91 49.31 59.25
CA GLU L 203 -30.16 48.54 59.28
C GLU L 203 -30.61 48.16 57.86
N GLY L 204 -29.63 47.89 57.00
CA GLY L 204 -29.93 47.50 55.63
C GLY L 204 -30.36 48.62 54.72
N SER L 205 -30.05 49.87 55.06
CA SER L 205 -30.35 51.02 54.22
C SER L 205 -29.10 51.87 54.05
N THR L 206 -28.94 52.45 52.87
CA THR L 206 -27.71 53.13 52.48
C THR L 206 -27.94 54.63 52.31
N VAL L 207 -27.06 55.42 52.91
CA VAL L 207 -27.04 56.87 52.76
C VAL L 207 -25.64 57.28 52.35
N GLU L 208 -25.54 58.25 51.44
CA GLU L 208 -24.24 58.73 50.98
C GLU L 208 -24.26 60.25 50.82
N LYS L 209 -23.13 60.87 51.12
CA LYS L 209 -22.92 62.30 50.91
C LYS L 209 -21.72 62.49 49.99
N THR L 210 -21.80 63.49 49.12
CA THR L 210 -20.80 63.71 48.09
C THR L 210 -20.18 65.10 48.23
N VAL L 211 -18.86 65.18 48.07
CA VAL L 211 -18.14 66.44 48.06
C VAL L 211 -17.23 66.47 46.83
N ALA L 212 -17.07 67.65 46.24
CA ALA L 212 -16.23 67.84 45.07
C ALA L 212 -15.45 69.14 45.23
N PRO L 213 -14.23 69.19 44.69
CA PRO L 213 -13.42 70.42 44.80
C PRO L 213 -13.91 71.49 43.84
N THR L 214 -14.54 72.53 44.40
CA THR L 214 -15.00 73.66 43.59
C THR L 214 -13.93 74.75 43.54
N ALA M 1 38.35 -45.76 -8.22
CA ALA M 1 39.58 -44.96 -8.25
C ALA M 1 39.38 -43.67 -9.03
N HIS M 2 39.36 -42.54 -8.33
CA HIS M 2 39.49 -42.53 -6.87
C HIS M 2 38.11 -42.59 -6.21
N CYS M 3 38.03 -43.28 -5.08
CA CYS M 3 36.75 -43.54 -4.42
C CYS M 3 36.20 -42.33 -3.68
N ILE M 4 37.01 -41.30 -3.44
CA ILE M 4 36.50 -40.10 -2.80
C ILE M 4 35.52 -39.36 -3.71
N GLY M 5 35.77 -39.39 -5.01
CA GLY M 5 34.91 -38.75 -6.00
C GLY M 5 33.78 -39.61 -6.52
N ILE M 6 33.56 -40.80 -5.96
CA ILE M 6 32.47 -41.68 -6.35
C ILE M 6 31.57 -41.86 -5.13
N THR M 7 30.28 -41.55 -5.30
CA THR M 7 29.38 -41.42 -4.16
C THR M 7 29.05 -42.78 -3.55
N ASP M 8 28.78 -43.79 -4.38
CA ASP M 8 28.46 -45.13 -3.89
C ASP M 8 29.77 -45.87 -3.69
N ARG M 9 30.19 -46.01 -2.43
CA ARG M 9 31.50 -46.48 -2.07
C ARG M 9 31.40 -47.56 -1.01
N ASP M 10 32.29 -48.56 -1.08
CA ASP M 10 32.30 -49.67 -0.15
C ASP M 10 33.72 -49.88 0.37
N PHE M 11 33.84 -50.08 1.69
CA PHE M 11 35.11 -50.36 2.32
C PHE M 11 35.18 -51.84 2.68
N ILE M 12 36.20 -52.52 2.18
CA ILE M 12 36.49 -53.90 2.54
C ILE M 12 37.88 -53.95 3.13
N GLU M 13 37.99 -54.30 4.40
CA GLU M 13 39.27 -54.31 5.10
C GLU M 13 39.80 -55.73 5.22
N GLY M 14 41.09 -55.89 4.93
CA GLY M 14 41.73 -57.19 4.97
C GLY M 14 41.99 -57.67 6.39
N VAL M 15 42.77 -58.75 6.47
CA VAL M 15 43.11 -59.38 7.74
C VAL M 15 44.63 -59.50 7.83
N HIS M 16 45.09 -59.69 9.07
CA HIS M 16 46.52 -59.53 9.39
C HIS M 16 47.42 -60.35 8.47
N GLY M 17 47.06 -61.60 8.20
CA GLY M 17 47.92 -62.46 7.41
C GLY M 17 47.24 -63.15 6.24
N GLY M 18 46.32 -62.46 5.58
CA GLY M 18 45.59 -63.01 4.44
C GLY M 18 46.09 -62.39 3.14
N THR M 19 46.30 -63.24 2.14
CA THR M 19 46.84 -62.77 0.86
C THR M 19 45.75 -62.18 -0.03
N TRP M 20 44.76 -62.99 -0.39
CA TRP M 20 43.74 -62.59 -1.34
C TRP M 20 42.51 -62.03 -0.63
N VAL M 21 41.83 -61.10 -1.31
CA VAL M 21 40.59 -60.51 -0.82
C VAL M 21 39.60 -60.46 -1.98
N SER M 22 38.34 -60.77 -1.69
CA SER M 22 37.29 -60.83 -2.70
C SER M 22 36.44 -59.57 -2.65
N ALA M 23 36.11 -59.04 -3.83
CA ALA M 23 35.28 -57.85 -3.94
C ALA M 23 34.54 -57.88 -5.27
N THR M 24 33.36 -57.25 -5.28
CA THR M 24 32.54 -57.15 -6.48
C THR M 24 32.48 -55.70 -6.91
N LEU M 25 32.83 -55.44 -8.18
CA LEU M 25 32.87 -54.09 -8.73
C LEU M 25 31.68 -53.92 -9.67
N GLU M 26 30.80 -52.98 -9.34
CA GLU M 26 29.62 -52.69 -10.13
C GLU M 26 29.76 -51.34 -10.83
N GLN M 27 28.86 -51.10 -11.78
CA GLN M 27 28.85 -49.83 -12.49
C GLN M 27 28.57 -48.68 -11.55
N ASP M 28 29.25 -47.55 -11.78
CA ASP M 28 29.05 -46.31 -11.04
C ASP M 28 29.35 -46.46 -9.55
N LYS M 29 30.03 -47.52 -9.17
CA LYS M 29 30.44 -47.77 -7.78
C LYS M 29 31.96 -47.94 -7.72
N CYS M 30 32.47 -48.06 -6.50
CA CYS M 30 33.90 -48.29 -6.31
C CYS M 30 34.11 -48.82 -4.90
N VAL M 31 35.26 -49.47 -4.72
CA VAL M 31 35.59 -50.17 -3.48
C VAL M 31 36.98 -49.75 -3.01
N THR M 32 37.11 -49.50 -1.71
CA THR M 32 38.39 -49.21 -1.07
C THR M 32 38.75 -50.39 -0.18
N VAL M 33 39.94 -50.95 -0.39
CA VAL M 33 40.40 -52.09 0.39
C VAL M 33 41.54 -51.65 1.29
N MET M 34 41.48 -52.09 2.54
CA MET M 34 42.43 -51.69 3.57
C MET M 34 43.04 -52.92 4.22
N ALA M 35 44.37 -52.99 4.25
CA ALA M 35 45.07 -54.04 4.95
C ALA M 35 46.11 -53.43 5.87
N PRO M 36 46.26 -53.94 7.09
CA PRO M 36 47.25 -53.38 8.01
C PRO M 36 48.66 -53.49 7.42
N ASP M 37 49.45 -52.44 7.64
CA ASP M 37 50.80 -52.33 7.07
C ASP M 37 50.78 -52.50 5.56
N LYS M 38 49.72 -52.00 4.91
CA LYS M 38 49.56 -52.05 3.46
C LYS M 38 48.82 -50.80 3.03
N PRO M 39 49.27 -50.13 1.97
CA PRO M 39 48.56 -48.92 1.52
C PRO M 39 47.20 -49.26 0.94
N SER M 40 46.23 -48.39 1.22
CA SER M 40 44.86 -48.63 0.78
C SER M 40 44.74 -48.53 -0.73
N LEU M 41 43.96 -49.44 -1.31
CA LEU M 41 43.78 -49.53 -2.75
C LEU M 41 42.33 -49.20 -3.11
N ASP M 42 42.17 -48.41 -4.17
CA ASP M 42 40.86 -48.10 -4.73
C ASP M 42 40.69 -48.85 -6.04
N ILE M 43 39.59 -49.58 -6.17
CA ILE M 43 39.29 -50.33 -7.38
C ILE M 43 37.87 -50.02 -7.81
N SER M 44 37.69 -49.74 -9.10
CA SER M 44 36.39 -49.43 -9.66
C SER M 44 36.27 -50.03 -11.04
N LEU M 45 35.05 -50.38 -11.43
CA LEU M 45 34.75 -50.91 -12.75
C LEU M 45 34.49 -49.75 -13.70
N GLN M 46 35.34 -49.61 -14.72
CA GLN M 46 35.25 -48.48 -15.63
C GLN M 46 34.27 -48.75 -16.77
N THR M 47 34.53 -49.76 -17.58
CA THR M 47 33.66 -50.12 -18.69
C THR M 47 33.51 -51.63 -18.78
N VAL M 48 32.40 -52.05 -19.38
CA VAL M 48 32.22 -53.40 -19.89
C VAL M 48 31.77 -53.25 -21.34
N ALA M 49 32.48 -53.88 -22.26
CA ALA M 49 32.31 -53.56 -23.67
C ALA M 49 32.44 -54.82 -24.53
N ILE M 50 31.91 -54.70 -25.75
CA ILE M 50 32.01 -55.73 -26.78
C ILE M 50 32.38 -55.05 -28.09
N ASP M 51 33.39 -55.59 -28.78
CA ASP M 51 33.92 -54.97 -29.99
C ASP M 51 33.56 -55.80 -31.21
N GLY M 52 32.97 -55.14 -32.21
CA GLY M 52 32.65 -55.75 -33.48
C GLY M 52 31.75 -56.97 -33.40
N PRO M 53 30.56 -56.84 -32.82
CA PRO M 53 29.60 -57.94 -32.87
C PRO M 53 29.05 -58.11 -34.28
N ALA M 54 28.74 -59.36 -34.62
CA ALA M 54 28.24 -59.67 -35.95
C ALA M 54 26.81 -59.16 -36.11
N GLU M 55 26.49 -58.71 -37.33
CA GLU M 55 25.15 -58.23 -37.64
C GLU M 55 24.27 -59.37 -38.11
N ALA M 56 23.05 -59.40 -37.60
CA ALA M 56 22.11 -60.47 -37.92
C ALA M 56 20.87 -60.00 -38.67
N ARG M 57 20.30 -58.86 -38.29
CA ARG M 57 19.02 -58.42 -38.86
C ARG M 57 18.96 -56.90 -38.91
N LYS M 58 18.06 -56.42 -39.76
CA LYS M 58 17.60 -55.03 -39.75
C LYS M 58 16.08 -55.07 -39.72
N VAL M 59 15.48 -54.32 -38.79
CA VAL M 59 14.03 -54.34 -38.55
C VAL M 59 13.49 -52.95 -38.86
N CYS M 60 12.58 -52.87 -39.84
CA CYS M 60 12.10 -51.57 -40.30
C CYS M 60 11.00 -51.05 -39.39
N TYR M 61 11.16 -49.80 -38.94
CA TYR M 61 10.13 -49.16 -38.13
C TYR M 61 9.56 -47.90 -38.76
N SER M 62 10.06 -47.50 -39.93
CA SER M 62 9.50 -46.34 -40.64
C SER M 62 9.67 -46.59 -42.13
N ALA M 63 8.55 -46.75 -42.84
CA ALA M 63 8.54 -46.99 -44.27
C ALA M 63 7.76 -45.90 -44.99
N VAL M 64 8.21 -45.53 -46.18
CA VAL M 64 7.52 -44.56 -47.02
C VAL M 64 6.98 -45.31 -48.23
N LEU M 65 5.68 -45.16 -48.48
CA LEU M 65 5.02 -45.89 -49.56
C LEU M 65 4.78 -44.97 -50.76
N THR M 66 4.93 -45.53 -51.95
CA THR M 66 4.46 -44.87 -53.16
C THR M 66 2.96 -45.08 -53.32
N HIS M 67 2.37 -44.29 -54.20
CA HIS M 67 0.93 -44.39 -54.44
C HIS M 67 0.57 -45.76 -55.00
N VAL M 68 -0.59 -46.27 -54.56
CA VAL M 68 -0.99 -47.62 -54.92
C VAL M 68 -1.36 -47.68 -56.39
N LYS M 69 -1.18 -48.87 -56.98
CA LYS M 69 -1.52 -49.14 -58.38
C LYS M 69 -2.50 -50.29 -58.43
N ILE M 70 -3.47 -50.19 -59.34
CA ILE M 70 -4.58 -51.15 -59.40
C ILE M 70 -4.75 -51.63 -60.83
N ASN M 71 -5.04 -52.93 -60.97
CA ASN M 71 -5.62 -53.48 -62.19
C ASN M 71 -6.86 -54.26 -61.79
N ASP M 72 -7.95 -54.05 -62.53
CA ASP M 72 -9.21 -54.75 -62.26
C ASP M 72 -9.75 -55.31 -63.57
N LYS M 73 -10.43 -56.44 -63.47
CA LYS M 73 -11.00 -57.09 -64.63
C LYS M 73 -12.33 -57.73 -64.26
N CYS M 74 -13.28 -57.69 -65.21
CA CYS M 74 -14.65 -58.05 -64.93
C CYS M 74 -14.77 -59.53 -64.59
N PRO M 75 -15.90 -59.95 -64.00
CA PRO M 75 -16.11 -61.38 -63.75
C PRO M 75 -16.08 -62.18 -65.04
N SER M 76 -15.57 -63.41 -64.94
CA SER M 76 -15.42 -64.33 -66.06
C SER M 76 -14.49 -63.79 -67.15
N THR M 77 -13.63 -62.84 -66.78
CA THR M 77 -12.70 -62.22 -67.71
C THR M 77 -11.25 -62.53 -67.34
N GLY M 78 -11.04 -63.46 -66.42
CA GLY M 78 -9.71 -63.85 -65.97
C GLY M 78 -9.28 -63.08 -64.74
N GLU M 79 -7.95 -63.06 -64.52
CA GLU M 79 -7.37 -62.31 -63.41
C GLU M 79 -6.58 -61.13 -63.94
N ALA M 80 -6.46 -60.11 -63.09
CA ALA M 80 -5.65 -58.94 -63.40
C ALA M 80 -4.18 -59.21 -63.04
N HIS M 81 -3.28 -58.59 -63.80
CA HIS M 81 -1.85 -58.69 -63.56
C HIS M 81 -1.22 -57.32 -63.73
N LEU M 82 -0.18 -57.07 -62.92
CA LEU M 82 0.64 -55.88 -63.01
C LEU M 82 2.09 -56.32 -63.05
N ALA M 83 2.91 -55.64 -63.86
CA ALA M 83 4.34 -55.93 -63.86
C ALA M 83 4.96 -55.64 -62.50
N GLU M 84 4.31 -54.80 -61.69
CA GLU M 84 4.79 -54.48 -60.35
C GLU M 84 4.81 -55.71 -59.43
N GLU M 85 4.03 -56.75 -59.75
CA GLU M 85 3.82 -57.88 -58.87
C GLU M 85 5.01 -58.83 -58.79
N ASN M 86 6.00 -58.68 -59.67
CA ASN M 86 7.15 -59.58 -59.67
C ASN M 86 8.34 -59.02 -58.92
N ASP M 87 8.29 -57.74 -58.54
CA ASP M 87 9.41 -57.14 -57.83
C ASP M 87 9.39 -57.51 -56.36
N GLY M 88 10.56 -57.79 -55.80
CA GLY M 88 10.65 -58.14 -54.40
C GLY M 88 10.41 -56.97 -53.46
N ASP M 89 10.72 -55.76 -53.91
CA ASP M 89 10.54 -54.56 -53.11
C ASP M 89 9.17 -53.91 -53.29
N ASN M 90 8.18 -54.69 -53.72
CA ASN M 90 6.82 -54.19 -53.88
C ASN M 90 5.87 -54.99 -53.00
N ALA M 91 5.00 -54.29 -52.27
CA ALA M 91 3.96 -54.92 -51.49
C ALA M 91 2.70 -55.01 -52.33
N CYS M 92 2.20 -56.23 -52.52
CA CYS M 92 1.04 -56.46 -53.38
C CYS M 92 0.03 -57.35 -52.66
N LYS M 93 -1.24 -57.12 -52.95
CA LYS M 93 -2.31 -57.98 -52.46
C LYS M 93 -3.20 -58.40 -53.62
N ARG M 94 -3.73 -59.62 -53.52
CA ARG M 94 -4.60 -60.21 -54.53
C ARG M 94 -5.94 -60.54 -53.87
N THR M 95 -7.02 -60.02 -54.43
CA THR M 95 -8.35 -60.27 -53.88
C THR M 95 -9.38 -60.07 -54.99
N TYR M 96 -10.66 -60.06 -54.60
CA TYR M 96 -11.76 -59.99 -55.54
C TYR M 96 -12.70 -58.86 -55.16
N SER M 97 -13.39 -58.32 -56.17
CA SER M 97 -14.21 -57.13 -56.01
C SER M 97 -15.61 -57.37 -56.57
N ASP M 98 -16.61 -56.84 -55.87
CA ASP M 98 -17.98 -56.91 -56.36
C ASP M 98 -18.14 -55.98 -57.56
N ARG M 99 -18.64 -56.52 -58.67
CA ARG M 99 -18.75 -55.77 -59.91
C ARG M 99 -20.09 -56.06 -60.58
N GLY M 100 -20.48 -55.16 -61.47
CA GLY M 100 -21.74 -55.31 -62.17
C GLY M 100 -21.89 -54.27 -63.25
N TRP M 101 -23.15 -54.01 -63.64
CA TRP M 101 -23.42 -53.02 -64.66
C TRP M 101 -23.04 -51.62 -64.20
N GLY M 102 -23.21 -51.32 -62.92
CA GLY M 102 -22.93 -49.98 -62.42
C GLY M 102 -21.46 -49.62 -62.39
N ASN M 103 -20.55 -50.59 -62.62
CA ASN M 103 -19.13 -50.30 -62.73
C ASN M 103 -18.53 -50.92 -63.97
N GLY M 104 -19.32 -51.06 -65.03
CA GLY M 104 -18.78 -51.39 -66.34
C GLY M 104 -18.53 -52.86 -66.61
N CYS M 105 -19.30 -53.76 -66.02
CA CYS M 105 -19.16 -55.19 -66.26
C CYS M 105 -20.50 -55.78 -66.66
N GLY M 106 -20.50 -56.56 -67.75
CA GLY M 106 -21.73 -57.15 -68.23
C GLY M 106 -22.31 -58.22 -67.33
N LEU M 107 -21.52 -58.74 -66.39
CA LEU M 107 -21.95 -59.77 -65.46
C LEU M 107 -21.83 -59.25 -64.03
N PHE M 108 -22.79 -59.62 -63.19
CA PHE M 108 -22.75 -59.30 -61.77
C PHE M 108 -22.06 -60.44 -61.03
N GLY M 109 -20.92 -60.15 -60.41
CA GLY M 109 -20.20 -61.17 -59.68
C GLY M 109 -18.85 -60.67 -59.25
N LYS M 110 -18.02 -61.63 -58.82
CA LYS M 110 -16.68 -61.33 -58.33
C LYS M 110 -15.73 -61.09 -59.49
N GLY M 111 -14.98 -59.99 -59.43
CA GLY M 111 -13.95 -59.72 -60.41
C GLY M 111 -12.58 -59.71 -59.78
N SER M 112 -11.54 -59.85 -60.59
CA SER M 112 -10.17 -59.88 -60.08
C SER M 112 -9.64 -58.47 -59.91
N ILE M 113 -8.95 -58.24 -58.78
CA ILE M 113 -8.35 -56.94 -58.50
C ILE M 113 -7.00 -57.17 -57.82
N VAL M 114 -6.00 -56.40 -58.24
CA VAL M 114 -4.65 -56.46 -57.69
C VAL M 114 -4.21 -55.05 -57.33
N ALA M 115 -3.58 -54.91 -56.17
CA ALA M 115 -3.04 -53.63 -55.72
C ALA M 115 -1.56 -53.80 -55.40
N CYS M 116 -0.76 -52.81 -55.78
CA CYS M 116 0.69 -52.88 -55.58
C CYS M 116 1.24 -51.50 -55.26
N ALA M 117 2.13 -51.45 -54.28
CA ALA M 117 2.83 -50.23 -53.91
C ALA M 117 4.30 -50.55 -53.66
N LYS M 118 5.18 -49.62 -54.02
CA LYS M 118 6.61 -49.82 -53.80
C LYS M 118 6.95 -49.46 -52.36
N PHE M 119 7.56 -50.42 -51.66
CA PHE M 119 7.95 -50.26 -50.27
C PHE M 119 9.43 -49.87 -50.21
N THR M 120 9.74 -48.84 -49.44
CA THR M 120 11.10 -48.42 -49.21
C THR M 120 11.23 -47.97 -47.77
N CYS M 121 12.15 -48.58 -47.03
CA CYS M 121 12.30 -48.30 -45.61
C CYS M 121 13.10 -47.02 -45.41
N ALA M 122 12.56 -46.11 -44.59
CA ALA M 122 13.22 -44.85 -44.31
C ALA M 122 14.09 -44.89 -43.05
N LYS M 123 13.68 -45.65 -42.04
CA LYS M 123 14.43 -45.74 -40.79
C LYS M 123 14.41 -47.18 -40.30
N SER M 124 15.53 -47.63 -39.74
CA SER M 124 15.74 -49.06 -39.52
C SER M 124 16.51 -49.26 -38.23
N MET M 125 16.24 -50.38 -37.56
CA MET M 125 16.93 -50.75 -36.32
C MET M 125 17.80 -51.97 -36.58
N SER M 126 19.08 -51.85 -36.27
CA SER M 126 20.05 -52.91 -36.51
C SER M 126 20.08 -53.90 -35.35
N LEU M 127 20.16 -55.19 -35.67
CA LEU M 127 20.19 -56.26 -34.68
C LEU M 127 21.52 -57.00 -34.80
N PHE M 128 22.36 -56.84 -33.78
CA PHE M 128 23.65 -57.53 -33.70
C PHE M 128 23.57 -58.66 -32.69
N GLU M 129 24.40 -59.68 -32.89
CA GLU M 129 24.42 -60.85 -32.02
C GLU M 129 25.63 -60.82 -31.11
N VAL M 130 25.45 -61.29 -29.88
CA VAL M 130 26.41 -61.10 -28.80
C VAL M 130 27.22 -62.38 -28.63
N ASP M 131 28.54 -62.26 -28.76
CA ASP M 131 29.46 -63.35 -28.46
C ASP M 131 30.07 -63.09 -27.09
N GLN M 132 29.79 -63.98 -26.13
CA GLN M 132 30.26 -63.82 -24.77
C GLN M 132 31.76 -64.10 -24.63
N THR M 133 32.40 -64.60 -25.68
CA THR M 133 33.85 -64.73 -25.70
C THR M 133 34.54 -63.45 -26.16
N LYS M 134 33.77 -62.39 -26.47
CA LYS M 134 34.33 -61.13 -26.94
C LYS M 134 34.05 -59.99 -25.97
N ILE M 135 33.75 -60.29 -24.71
CA ILE M 135 33.53 -59.25 -23.71
C ILE M 135 34.86 -58.80 -23.15
N GLN M 136 35.06 -57.49 -23.10
CA GLN M 136 36.23 -56.88 -22.46
C GLN M 136 35.78 -55.84 -21.46
N TYR M 137 36.49 -55.76 -20.34
CA TYR M 137 36.18 -54.80 -19.30
C TYR M 137 37.46 -54.09 -18.87
N VAL M 138 37.30 -52.95 -18.22
CA VAL M 138 38.40 -52.12 -17.75
C VAL M 138 38.16 -51.78 -16.29
N ILE M 139 39.22 -51.81 -15.49
CA ILE M 139 39.15 -51.57 -14.06
C ILE M 139 40.19 -50.52 -13.69
N ARG M 140 39.76 -49.52 -12.90
CA ARG M 140 40.67 -48.53 -12.35
C ARG M 140 41.24 -49.02 -11.03
N ALA M 141 42.54 -48.82 -10.83
CA ALA M 141 43.21 -49.20 -9.60
C ALA M 141 44.15 -48.08 -9.17
N GLN M 142 44.01 -47.65 -7.91
CA GLN M 142 44.82 -46.55 -7.40
C GLN M 142 45.09 -46.78 -5.92
N LEU M 143 46.21 -46.25 -5.45
CA LEU M 143 46.61 -46.28 -4.05
C LEU M 143 46.37 -44.93 -3.39
N HIS M 144 46.03 -44.96 -2.11
CA HIS M 144 45.97 -43.75 -1.30
C HIS M 144 47.39 -43.40 -0.85
N VAL M 145 47.98 -42.36 -1.44
CA VAL M 145 49.34 -42.01 -1.03
C VAL M 145 49.39 -40.62 -0.42
N GLY M 146 49.25 -39.59 -1.25
CA GLY M 146 49.12 -38.22 -0.80
C GLY M 146 48.41 -37.39 -1.84
N ALA M 147 47.91 -38.06 -2.87
CA ALA M 147 47.67 -37.42 -4.16
C ALA M 147 46.57 -36.37 -4.07
N LYS M 148 46.94 -35.12 -4.36
CA LYS M 148 45.96 -34.09 -4.65
C LYS M 148 45.09 -34.51 -5.84
N GLN M 149 43.87 -33.98 -5.90
CA GLN M 149 42.89 -34.47 -6.84
C GLN M 149 43.37 -34.32 -8.29
N GLU M 150 44.06 -33.21 -8.60
CA GLU M 150 44.49 -32.98 -9.98
C GLU M 150 45.46 -34.05 -10.46
N ASN M 151 46.18 -34.70 -9.54
CA ASN M 151 47.12 -35.76 -9.89
C ASN M 151 46.56 -37.15 -9.62
N TRP M 152 45.26 -37.33 -9.80
CA TRP M 152 44.64 -38.65 -9.65
C TRP M 152 44.66 -39.43 -10.95
N ASN M 153 44.34 -38.79 -12.07
CA ASN M 153 44.41 -39.48 -13.36
C ASN M 153 45.82 -39.94 -13.68
N THR M 154 46.84 -39.26 -13.14
CA THR M 154 48.21 -39.68 -13.34
C THR M 154 48.52 -40.96 -12.59
N ASP M 155 48.03 -41.08 -11.35
CA ASP M 155 48.37 -42.18 -10.47
C ASP M 155 47.50 -43.40 -10.66
N ILE M 156 46.52 -43.33 -11.56
CA ILE M 156 45.57 -44.42 -11.75
C ILE M 156 46.13 -45.39 -12.79
N LYS M 157 46.13 -46.67 -12.47
CA LYS M 157 46.48 -47.72 -13.41
C LYS M 157 45.20 -48.39 -13.90
N THR M 158 44.99 -48.35 -15.22
CA THR M 158 43.79 -48.90 -15.83
C THR M 158 44.10 -50.28 -16.37
N LEU M 159 43.53 -51.31 -15.76
CA LEU M 159 43.75 -52.70 -16.15
C LEU M 159 42.63 -53.16 -17.06
N LYS M 160 43.01 -53.73 -18.21
CA LYS M 160 42.06 -54.21 -19.20
C LYS M 160 42.04 -55.73 -19.19
N PHE M 161 40.85 -56.32 -19.06
CA PHE M 161 40.66 -57.75 -19.09
C PHE M 161 39.79 -58.12 -20.27
N ASP M 162 40.33 -58.91 -21.19
CA ASP M 162 39.51 -59.66 -22.14
C ASP M 162 39.34 -61.07 -21.60
N ALA M 163 38.82 -61.97 -22.44
CA ALA M 163 38.66 -63.36 -22.03
C ALA M 163 39.94 -64.17 -22.12
N LEU M 164 41.00 -63.64 -22.74
CA LEU M 164 42.28 -64.31 -22.82
C LEU M 164 43.20 -63.98 -21.65
N SER M 165 42.74 -63.16 -20.71
CA SER M 165 43.55 -62.76 -19.57
C SER M 165 42.65 -62.43 -18.40
N GLY M 166 42.95 -63.01 -17.23
CA GLY M 166 42.15 -62.78 -16.05
C GLY M 166 42.93 -62.31 -14.84
N SER M 167 44.25 -62.23 -14.99
CA SER M 167 45.15 -61.85 -13.88
C SER M 167 46.02 -60.70 -14.36
N GLN M 168 45.71 -59.49 -13.90
CA GLN M 168 46.46 -58.30 -14.26
C GLN M 168 47.18 -57.73 -13.04
N GLU M 169 48.26 -57.01 -13.30
CA GLU M 169 49.09 -56.42 -12.27
C GLU M 169 49.01 -54.91 -12.32
N ALA M 170 48.93 -54.29 -11.14
CA ALA M 170 48.99 -52.84 -10.99
C ALA M 170 50.21 -52.53 -10.13
N GLU M 171 51.30 -52.11 -10.77
CA GLU M 171 52.57 -51.87 -10.10
C GLU M 171 52.73 -50.38 -9.86
N PHE M 172 52.69 -49.97 -8.59
CA PHE M 172 52.82 -48.58 -8.20
C PHE M 172 54.26 -48.32 -7.77
N THR M 173 54.93 -47.43 -8.48
CA THR M 173 56.34 -47.13 -8.22
C THR M 173 56.54 -46.61 -6.80
N GLY M 174 57.25 -47.38 -5.97
CA GLY M 174 57.52 -47.03 -4.60
C GLY M 174 56.80 -47.88 -3.59
N TYR M 175 55.60 -48.39 -3.94
CA TYR M 175 54.78 -49.15 -3.02
C TYR M 175 54.59 -50.60 -3.45
N GLY M 176 55.14 -51.00 -4.59
CA GLY M 176 55.07 -52.39 -5.01
C GLY M 176 54.00 -52.69 -6.02
N LYS M 177 53.36 -53.85 -5.88
CA LYS M 177 52.40 -54.32 -6.87
C LYS M 177 51.17 -54.88 -6.17
N ALA M 178 50.06 -54.88 -6.92
CA ALA M 178 48.83 -55.55 -6.54
C ALA M 178 48.33 -56.34 -7.72
N THR M 179 47.78 -57.53 -7.46
CA THR M 179 47.32 -58.43 -8.50
C THR M 179 45.81 -58.57 -8.43
N LEU M 180 45.15 -58.33 -9.57
CA LEU M 180 43.70 -58.42 -9.69
C LEU M 180 43.34 -59.64 -10.53
N GLU M 181 42.40 -60.43 -10.05
CA GLU M 181 42.00 -61.70 -10.68
C GLU M 181 40.48 -61.68 -10.79
N CYS M 182 39.98 -61.25 -11.95
CA CYS M 182 38.58 -60.87 -12.10
C CYS M 182 37.94 -61.59 -13.28
N GLN M 183 36.61 -61.77 -13.20
CA GLN M 183 35.83 -62.37 -14.26
C GLN M 183 34.50 -61.63 -14.41
N VAL M 184 33.94 -61.65 -15.62
CA VAL M 184 32.68 -60.97 -15.85
C VAL M 184 31.57 -61.79 -15.23
N GLN M 185 30.55 -61.11 -14.75
CA GLN M 185 29.31 -61.77 -14.38
C GLN M 185 28.33 -61.57 -15.54
N THR M 186 28.32 -62.55 -16.47
CA THR M 186 27.38 -62.47 -17.60
C THR M 186 26.45 -63.67 -17.65
N ALA M 187 26.19 -64.28 -16.48
CA ALA M 187 25.33 -65.46 -16.41
C ALA M 187 23.85 -65.09 -16.35
N VAL M 188 23.48 -64.14 -15.51
CA VAL M 188 22.08 -63.70 -15.40
C VAL M 188 21.83 -62.38 -16.12
N ASP M 189 22.69 -62.02 -17.08
CA ASP M 189 22.44 -60.71 -17.75
C ASP M 189 22.70 -60.79 -19.26
N PHE M 190 23.40 -61.81 -19.73
CA PHE M 190 23.75 -61.85 -21.15
C PHE M 190 23.31 -63.10 -21.89
N GLY M 191 22.56 -63.99 -21.25
CA GLY M 191 22.32 -65.34 -21.75
C GLY M 191 21.99 -65.48 -23.22
N ASN M 192 20.83 -64.98 -23.63
CA ASN M 192 20.41 -65.04 -25.03
C ASN M 192 19.88 -63.66 -25.40
N SER M 193 20.59 -62.95 -26.27
CA SER M 193 20.21 -61.57 -26.53
C SER M 193 20.81 -61.09 -27.85
N TYR M 194 20.14 -60.10 -28.44
CA TYR M 194 20.69 -59.29 -29.51
C TYR M 194 21.17 -57.96 -28.94
N ILE M 195 21.92 -57.23 -29.76
CA ILE M 195 22.17 -55.81 -29.50
C ILE M 195 21.34 -55.04 -30.51
N ALA M 196 20.28 -54.39 -30.03
CA ALA M 196 19.45 -53.54 -30.86
C ALA M 196 19.95 -52.11 -30.76
N GLU M 197 20.03 -51.42 -31.90
CA GLU M 197 20.48 -50.04 -31.90
C GLU M 197 19.71 -49.26 -32.96
N MET M 198 19.19 -48.11 -32.55
CA MET M 198 18.58 -47.12 -33.42
C MET M 198 19.62 -46.04 -33.74
N GLU M 199 19.15 -44.92 -34.29
CA GLU M 199 20.05 -43.84 -34.71
C GLU M 199 21.00 -43.42 -33.59
N LYS M 200 20.46 -43.16 -32.39
CA LYS M 200 21.25 -42.65 -31.29
C LYS M 200 21.28 -43.56 -30.05
N ASP M 201 20.34 -44.49 -29.91
CA ASP M 201 20.22 -45.31 -28.72
C ASP M 201 20.51 -46.77 -29.07
N SER M 202 20.71 -47.57 -28.02
CA SER M 202 20.99 -48.99 -28.17
C SER M 202 20.51 -49.73 -26.93
N TRP M 203 20.34 -51.04 -27.07
CA TRP M 203 19.77 -51.86 -26.00
C TRP M 203 20.26 -53.29 -26.11
N ILE M 204 19.96 -54.08 -25.08
CA ILE M 204 20.02 -55.54 -25.10
C ILE M 204 18.59 -56.05 -25.12
N VAL M 205 18.29 -56.95 -26.05
CA VAL M 205 16.93 -57.43 -26.25
C VAL M 205 16.94 -58.96 -26.29
N ASP M 206 15.93 -59.57 -25.69
CA ASP M 206 15.75 -61.01 -25.80
C ASP M 206 15.62 -61.40 -27.26
N ARG M 207 16.27 -62.50 -27.63
CA ARG M 207 16.29 -62.90 -29.03
C ARG M 207 14.94 -63.44 -29.48
N GLN M 208 14.22 -64.15 -28.61
CA GLN M 208 12.86 -64.55 -28.93
C GLN M 208 11.96 -63.34 -29.10
N TRP M 209 12.15 -62.31 -28.27
CA TRP M 209 11.39 -61.08 -28.40
C TRP M 209 11.70 -60.38 -29.72
N ALA M 210 12.98 -60.30 -30.07
CA ALA M 210 13.38 -59.58 -31.28
C ALA M 210 12.93 -60.31 -32.54
N GLN M 211 13.02 -61.64 -32.54
CA GLN M 211 12.62 -62.42 -33.70
C GLN M 211 11.12 -62.58 -33.82
N ASP M 212 10.35 -62.22 -32.79
CA ASP M 212 8.91 -62.21 -32.84
C ASP M 212 8.34 -60.81 -33.02
N LEU M 213 9.17 -59.84 -33.40
CA LEU M 213 8.71 -58.49 -33.65
C LEU M 213 7.79 -58.46 -34.87
N THR M 214 6.67 -57.75 -34.74
CA THR M 214 5.71 -57.63 -35.83
C THR M 214 6.04 -56.40 -36.69
N LEU M 215 7.26 -56.40 -37.21
CA LEU M 215 7.77 -55.37 -38.09
C LEU M 215 8.52 -56.03 -39.24
N PRO M 216 8.56 -55.38 -40.41
CA PRO M 216 9.34 -55.93 -41.52
C PRO M 216 10.82 -56.04 -41.16
N TRP M 217 11.44 -57.13 -41.58
CA TRP M 217 12.85 -57.39 -41.28
C TRP M 217 13.62 -57.72 -42.54
N GLN M 218 14.71 -56.99 -42.77
CA GLN M 218 15.71 -57.31 -43.78
C GLN M 218 16.77 -58.19 -43.13
N SER M 219 17.75 -58.62 -43.92
CA SER M 219 18.88 -59.37 -43.38
C SER M 219 20.19 -58.76 -43.87
N GLY M 220 20.63 -57.70 -43.17
CA GLY M 220 22.02 -57.27 -43.27
C GLY M 220 22.40 -56.72 -44.62
N SER M 221 22.26 -57.56 -45.65
CA SER M 221 22.60 -57.19 -47.01
C SER M 221 21.48 -56.38 -47.64
N GLY M 222 21.69 -55.93 -48.87
CA GLY M 222 20.69 -55.17 -49.58
C GLY M 222 19.64 -56.05 -50.23
N GLY M 223 19.06 -56.96 -49.46
CA GLY M 223 18.05 -57.87 -49.94
C GLY M 223 16.65 -57.28 -49.84
N ILE M 224 15.66 -58.13 -50.12
CA ILE M 224 14.27 -57.71 -50.03
C ILE M 224 13.88 -57.56 -48.57
N TRP M 225 12.84 -56.75 -48.33
CA TRP M 225 12.26 -56.61 -47.01
C TRP M 225 11.18 -57.66 -46.80
N ARG M 226 11.30 -58.42 -45.72
CA ARG M 226 10.41 -59.55 -45.47
C ARG M 226 9.27 -59.14 -44.56
N GLU M 227 8.11 -59.76 -44.76
CA GLU M 227 6.90 -59.47 -44.00
C GLU M 227 6.57 -57.98 -44.03
N MET M 228 6.47 -57.43 -45.25
CA MET M 228 6.17 -56.02 -45.40
C MET M 228 4.78 -55.67 -44.91
N HIS M 229 3.90 -56.65 -44.71
CA HIS M 229 2.53 -56.39 -44.31
C HIS M 229 2.41 -55.84 -42.90
N HIS M 230 3.48 -55.89 -42.10
CA HIS M 230 3.44 -55.32 -40.76
C HIS M 230 3.44 -53.81 -40.76
N LEU M 231 3.79 -53.19 -41.89
CA LEU M 231 3.67 -51.75 -42.06
C LEU M 231 2.76 -51.36 -43.22
N VAL M 232 2.36 -52.31 -44.06
CA VAL M 232 1.55 -52.04 -45.24
C VAL M 232 0.40 -53.03 -45.26
N GLU M 233 -0.82 -52.56 -45.03
CA GLU M 233 -2.02 -53.38 -45.15
C GLU M 233 -2.88 -52.84 -46.29
N PHE M 234 -3.58 -53.74 -46.96
CA PHE M 234 -4.51 -53.38 -48.01
C PHE M 234 -5.94 -53.65 -47.53
N GLU M 235 -6.79 -52.63 -47.65
CA GLU M 235 -8.17 -52.71 -47.21
C GLU M 235 -9.04 -53.43 -48.24
N PRO M 236 -10.21 -53.91 -47.85
CA PRO M 236 -11.10 -54.54 -48.81
C PRO M 236 -11.52 -53.53 -49.88
N PRO M 237 -11.74 -53.99 -51.11
CA PRO M 237 -11.93 -53.07 -52.23
C PRO M 237 -13.26 -52.35 -52.17
N HIS M 238 -13.36 -51.30 -52.98
CA HIS M 238 -14.59 -50.52 -53.16
C HIS M 238 -14.93 -50.42 -54.64
N ALA M 239 -14.86 -51.56 -55.32
CA ALA M 239 -15.35 -51.91 -56.65
C ALA M 239 -14.53 -51.34 -57.81
N ALA M 240 -13.61 -50.39 -57.58
CA ALA M 240 -12.55 -50.11 -58.56
C ALA M 240 -11.21 -49.81 -57.92
N THR M 241 -11.18 -49.39 -56.66
CA THR M 241 -10.00 -48.86 -56.01
C THR M 241 -9.74 -49.63 -54.71
N ILE M 242 -8.48 -49.97 -54.47
CA ILE M 242 -8.05 -50.55 -53.21
C ILE M 242 -7.17 -49.54 -52.50
N ARG M 243 -7.48 -49.27 -51.23
CA ARG M 243 -6.80 -48.26 -50.44
C ARG M 243 -5.81 -48.92 -49.49
N VAL M 244 -4.63 -48.33 -49.36
CA VAL M 244 -3.58 -48.87 -48.51
C VAL M 244 -3.69 -48.26 -47.11
N LEU M 245 -3.41 -49.08 -46.11
CA LEU M 245 -3.37 -48.64 -44.72
C LEU M 245 -1.92 -48.62 -44.27
N ALA M 246 -1.35 -47.42 -44.15
CA ALA M 246 0.00 -47.26 -43.64
C ALA M 246 -0.04 -47.29 -42.11
N LEU M 247 0.63 -48.28 -41.51
CA LEU M 247 0.51 -48.50 -40.08
C LEU M 247 1.30 -47.50 -39.24
N GLY M 248 2.12 -46.66 -39.87
CA GLY M 248 2.74 -45.54 -39.19
C GLY M 248 4.12 -45.86 -38.63
N ASN M 249 4.81 -44.79 -38.25
CA ASN M 249 6.14 -44.91 -37.66
C ASN M 249 6.05 -45.60 -36.31
N GLN M 250 6.83 -46.66 -36.13
CA GLN M 250 6.79 -47.50 -34.93
C GLN M 250 7.95 -47.22 -33.98
N GLU M 251 8.64 -46.09 -34.15
CA GLU M 251 9.78 -45.78 -33.28
C GLU M 251 9.34 -45.65 -31.82
N GLY M 252 8.23 -44.96 -31.57
CA GLY M 252 7.76 -44.81 -30.21
C GLY M 252 7.37 -46.14 -29.58
N SER M 253 6.68 -46.99 -30.35
CA SER M 253 6.24 -48.29 -29.81
C SER M 253 7.44 -49.14 -29.38
N LEU M 254 8.50 -49.15 -30.19
CA LEU M 254 9.70 -49.88 -29.80
C LEU M 254 10.34 -49.30 -28.55
N LYS M 255 10.38 -47.97 -28.45
CA LYS M 255 11.05 -47.34 -27.31
C LYS M 255 10.31 -47.62 -26.00
N THR M 256 8.98 -47.55 -26.01
CA THR M 256 8.23 -47.92 -24.81
C THR M 256 8.40 -49.40 -24.49
N ALA M 257 8.56 -50.24 -25.51
CA ALA M 257 8.83 -51.66 -25.29
C ALA M 257 10.25 -51.90 -24.83
N LEU M 258 11.16 -50.98 -25.12
CA LEU M 258 12.54 -51.08 -24.67
C LEU M 258 12.81 -50.28 -23.39
N THR M 259 11.76 -49.77 -22.75
CA THR M 259 11.94 -49.13 -21.45
C THR M 259 12.22 -50.19 -20.40
N GLY M 260 13.21 -49.91 -19.55
CA GLY M 260 13.66 -50.88 -18.58
C GLY M 260 14.63 -51.92 -19.12
N ALA M 261 15.05 -51.78 -20.38
CA ALA M 261 16.00 -52.68 -20.99
C ALA M 261 17.40 -52.11 -20.91
N MET M 262 18.39 -52.98 -20.72
CA MET M 262 19.76 -52.55 -20.48
C MET M 262 20.29 -51.76 -21.65
N ARG M 263 20.65 -50.50 -21.39
CA ARG M 263 21.08 -49.57 -22.43
C ARG M 263 22.51 -49.88 -22.90
N VAL M 264 22.83 -49.32 -24.06
CA VAL M 264 24.17 -49.43 -24.65
C VAL M 264 24.48 -48.13 -25.38
N THR M 265 25.74 -47.70 -25.32
CA THR M 265 26.21 -46.53 -26.04
C THR M 265 27.43 -46.92 -26.87
N LYS M 266 28.03 -45.92 -27.53
CA LYS M 266 29.05 -46.19 -28.52
C LYS M 266 30.04 -45.04 -28.57
N ASP M 267 31.24 -45.34 -29.09
CA ASP M 267 32.24 -44.33 -29.41
C ASP M 267 33.14 -44.91 -30.49
N GLU M 268 33.26 -44.19 -31.60
CA GLU M 268 34.04 -44.62 -32.76
C GLU M 268 33.63 -46.01 -33.23
N LEU M 273 32.39 -50.82 -31.09
CA LEU M 273 32.72 -50.88 -29.66
C LEU M 273 31.49 -50.55 -28.82
N TYR M 274 30.71 -51.57 -28.48
CA TYR M 274 29.44 -51.39 -27.81
C TYR M 274 29.65 -51.34 -26.30
N LYS M 275 29.37 -50.19 -25.70
CA LYS M 275 29.55 -50.00 -24.27
C LYS M 275 28.29 -50.45 -23.53
N LEU M 276 28.50 -51.08 -22.37
CA LEU M 276 27.45 -51.79 -21.67
C LEU M 276 27.16 -51.18 -20.31
N HIS M 277 25.90 -50.83 -20.09
CA HIS M 277 25.46 -50.27 -18.81
C HIS M 277 24.82 -51.36 -17.94
N GLY M 278 25.59 -52.40 -17.65
CA GLY M 278 25.10 -53.49 -16.83
C GLY M 278 26.21 -54.47 -16.54
N GLY M 279 25.89 -55.43 -15.68
CA GLY M 279 26.84 -56.44 -15.28
C GLY M 279 27.86 -55.91 -14.29
N HIS M 280 28.43 -56.83 -13.52
CA HIS M 280 29.46 -56.49 -12.55
C HIS M 280 30.64 -57.43 -12.70
N VAL M 281 31.70 -57.13 -11.96
CA VAL M 281 32.96 -57.86 -12.02
C VAL M 281 33.26 -58.42 -10.63
N SER M 282 33.57 -59.70 -10.55
CA SER M 282 33.98 -60.34 -9.31
C SER M 282 35.49 -60.47 -9.31
N CYS M 283 36.14 -59.78 -8.38
CA CYS M 283 37.59 -59.68 -8.36
C CYS M 283 38.16 -60.33 -7.11
N ARG M 284 39.39 -60.84 -7.24
CA ARG M 284 40.20 -61.29 -6.12
C ARG M 284 41.54 -60.59 -6.19
N VAL M 285 41.96 -59.97 -5.09
CA VAL M 285 43.08 -59.04 -5.08
C VAL M 285 44.19 -59.60 -4.19
N LYS M 286 45.40 -59.69 -4.73
CA LYS M 286 46.57 -60.11 -3.98
C LYS M 286 47.28 -58.88 -3.44
N LEU M 287 47.52 -58.86 -2.13
CA LEU M 287 48.06 -57.68 -1.46
C LEU M 287 49.43 -57.90 -0.83
N SER M 288 49.97 -59.12 -0.86
CA SER M 288 51.19 -59.42 -0.11
C SER M 288 52.37 -58.57 -0.58
N ALA M 289 52.48 -58.37 -1.90
CA ALA M 289 53.57 -57.59 -2.47
C ALA M 289 53.27 -56.10 -2.52
N LEU M 290 52.33 -55.62 -1.70
CA LEU M 290 51.97 -54.21 -1.63
C LEU M 290 52.65 -53.62 -0.38
N THR M 291 53.73 -52.89 -0.61
CA THR M 291 54.52 -52.33 0.48
C THR M 291 54.21 -50.84 0.65
N LEU M 292 54.81 -50.24 1.68
CA LEU M 292 54.72 -48.82 1.90
C LEU M 292 55.96 -48.14 1.34
N LYS M 293 55.82 -46.85 1.04
CA LYS M 293 56.97 -46.03 0.67
C LYS M 293 57.26 -45.07 1.80
N GLY M 294 58.53 -44.72 1.93
CA GLY M 294 58.89 -43.86 3.02
C GLY M 294 58.50 -44.39 4.38
N THR M 295 58.45 -45.70 4.56
CA THR M 295 58.41 -46.12 5.94
C THR M 295 59.66 -45.66 6.65
N SER M 296 60.73 -45.40 5.91
CA SER M 296 62.01 -44.93 6.47
C SER M 296 62.28 -43.44 6.20
N TYR M 297 61.40 -42.52 6.63
CA TYR M 297 61.78 -41.08 6.66
C TYR M 297 61.63 -40.57 8.07
N LYS M 298 61.82 -39.27 8.26
CA LYS M 298 61.61 -38.74 9.59
C LYS M 298 60.18 -38.24 9.76
N MET M 299 59.82 -38.00 11.00
CA MET M 299 58.56 -37.35 11.29
C MET M 299 58.70 -35.86 10.99
N CYS M 300 57.57 -35.23 10.63
CA CYS M 300 57.56 -33.81 10.33
C CYS M 300 57.19 -33.02 11.58
N THR M 301 58.16 -32.30 12.13
CA THR M 301 57.97 -31.59 13.39
C THR M 301 57.80 -30.07 13.23
N ASP M 302 57.95 -29.54 12.02
CA ASP M 302 57.86 -28.11 11.78
C ASP M 302 56.40 -27.66 11.73
N LYS M 303 56.19 -26.41 11.35
CA LYS M 303 54.83 -25.88 11.29
C LYS M 303 54.16 -26.28 9.99
N MET M 304 52.93 -26.79 10.11
CA MET M 304 52.15 -27.28 9.00
C MET M 304 50.86 -26.48 8.91
N SER M 305 50.32 -26.36 7.70
CA SER M 305 49.18 -25.50 7.44
C SER M 305 48.15 -26.25 6.62
N PHE M 306 46.88 -26.16 7.04
CA PHE M 306 45.77 -26.73 6.29
C PHE M 306 45.55 -25.93 5.01
N VAL M 307 45.89 -26.51 3.86
CA VAL M 307 45.48 -25.92 2.59
C VAL M 307 43.98 -26.09 2.40
N LYS M 308 43.48 -27.29 2.65
CA LYS M 308 42.05 -27.58 2.62
C LYS M 308 41.66 -28.19 3.96
N ASN M 309 40.66 -27.59 4.61
CA ASN M 309 40.25 -28.02 5.93
C ASN M 309 39.52 -29.36 5.86
N PRO M 310 39.42 -30.07 6.99
CA PRO M 310 38.61 -31.29 7.03
C PRO M 310 37.17 -31.00 6.60
N THR M 311 36.68 -31.83 5.68
CA THR M 311 35.32 -31.69 5.15
C THR M 311 34.68 -33.05 5.03
N ASP M 312 33.38 -33.12 5.27
CA ASP M 312 32.65 -34.37 5.17
C ASP M 312 32.60 -34.85 3.72
N THR M 313 32.91 -36.12 3.51
CA THR M 313 32.91 -36.71 2.18
C THR M 313 31.59 -37.39 1.83
N GLY M 314 30.73 -37.65 2.81
CA GLY M 314 29.51 -38.39 2.60
C GLY M 314 29.65 -39.89 2.76
N HIS M 315 30.87 -40.41 2.84
CA HIS M 315 31.12 -41.81 3.07
C HIS M 315 31.36 -42.14 4.54
N GLY M 316 31.16 -41.17 5.43
CA GLY M 316 31.51 -41.32 6.82
C GLY M 316 32.94 -40.97 7.14
N THR M 317 33.75 -40.63 6.12
CA THR M 317 35.13 -40.22 6.30
C THR M 317 35.26 -38.72 6.07
N VAL M 318 36.43 -38.18 6.41
CA VAL M 318 36.74 -36.78 6.22
C VAL M 318 38.08 -36.68 5.48
N VAL M 319 38.15 -35.76 4.52
CA VAL M 319 39.38 -35.54 3.76
C VAL M 319 39.94 -34.18 4.14
N MET M 320 41.24 -34.03 3.91
CA MET M 320 41.94 -32.79 4.22
C MET M 320 43.21 -32.73 3.38
N GLN M 321 43.68 -31.51 3.13
CA GLN M 321 44.92 -31.28 2.40
C GLN M 321 45.85 -30.46 3.27
N VAL M 322 47.03 -31.01 3.57
CA VAL M 322 47.99 -30.42 4.48
C VAL M 322 49.26 -30.08 3.72
N LYS M 323 49.81 -28.89 3.99
CA LYS M 323 51.02 -28.41 3.34
C LYS M 323 52.20 -28.47 4.30
N VAL M 324 53.32 -28.97 3.81
CA VAL M 324 54.59 -28.94 4.53
C VAL M 324 55.56 -28.09 3.71
N PRO M 325 55.84 -26.86 4.13
CA PRO M 325 56.78 -26.01 3.40
C PRO M 325 58.22 -26.24 3.81
N LYS M 326 58.42 -26.65 5.06
CA LYS M 326 59.75 -26.91 5.59
C LYS M 326 59.75 -28.28 6.26
N GLY M 327 60.94 -28.90 6.38
CA GLY M 327 60.98 -30.21 7.00
C GLY M 327 61.18 -31.36 6.04
N ALA M 328 62.12 -31.18 5.10
CA ALA M 328 62.44 -32.09 3.95
C ALA M 328 62.21 -33.59 4.20
N PRO M 329 61.85 -34.33 3.12
CA PRO M 329 61.41 -35.73 3.11
C PRO M 329 61.02 -36.37 4.45
N CYS M 330 59.74 -36.31 4.77
CA CYS M 330 59.28 -36.77 6.08
C CYS M 330 57.86 -37.31 5.94
N LYS M 331 57.33 -37.86 7.05
CA LYS M 331 55.97 -38.38 7.08
C LYS M 331 55.14 -37.60 8.09
N ILE M 332 53.88 -37.37 7.74
CA ILE M 332 52.97 -36.56 8.54
C ILE M 332 52.22 -37.49 9.49
N PRO M 333 52.38 -37.36 10.81
CA PRO M 333 51.52 -38.11 11.74
C PRO M 333 50.12 -37.49 11.78
N VAL M 334 49.11 -38.35 11.71
CA VAL M 334 47.71 -37.95 11.81
C VAL M 334 47.00 -38.89 12.76
N ILE M 335 46.25 -38.34 13.71
CA ILE M 335 45.52 -39.14 14.69
C ILE M 335 44.22 -38.43 15.01
N VAL M 336 43.21 -39.21 15.43
CA VAL M 336 41.89 -38.70 15.77
C VAL M 336 41.51 -39.25 17.14
N ALA M 337 41.13 -38.35 18.05
CA ALA M 337 40.85 -38.73 19.43
C ALA M 337 39.58 -38.02 19.89
N ASP M 338 39.27 -38.14 21.18
CA ASP M 338 38.20 -37.41 21.82
C ASP M 338 38.68 -36.64 23.04
N ASP M 339 40.00 -36.40 23.13
CA ASP M 339 40.58 -35.68 24.25
C ASP M 339 41.91 -35.11 23.82
N LEU M 340 42.05 -33.78 23.87
CA LEU M 340 43.25 -33.12 23.38
C LEU M 340 44.49 -33.47 24.19
N THR M 341 44.33 -33.90 25.45
CA THR M 341 45.50 -34.20 26.28
C THR M 341 46.12 -35.53 25.88
N ALA M 342 45.36 -36.62 25.97
CA ALA M 342 45.86 -37.95 25.63
C ALA M 342 45.63 -38.19 24.14
N ALA M 343 46.73 -38.30 23.39
CA ALA M 343 46.65 -38.54 21.94
C ALA M 343 46.44 -40.03 21.72
N VAL M 344 45.21 -40.46 21.94
CA VAL M 344 44.81 -41.86 21.78
C VAL M 344 43.96 -41.96 20.53
N ASN M 345 44.49 -42.63 19.50
CA ASN M 345 43.80 -42.69 18.22
C ASN M 345 42.60 -43.62 18.32
N LYS M 346 41.43 -43.10 17.93
CA LYS M 346 40.21 -43.89 17.82
C LYS M 346 39.61 -43.82 16.42
N GLY M 347 40.40 -43.40 15.45
CA GLY M 347 39.94 -43.29 14.08
C GLY M 347 40.79 -44.11 13.12
N ILE M 348 40.27 -44.35 11.92
CA ILE M 348 40.91 -45.20 10.94
C ILE M 348 41.58 -44.32 9.90
N LEU M 349 42.91 -44.45 9.77
CA LEU M 349 43.70 -43.62 8.87
C LEU M 349 43.71 -44.30 7.51
N VAL M 350 42.75 -43.92 6.66
CA VAL M 350 42.64 -44.52 5.33
C VAL M 350 43.90 -44.23 4.52
N THR M 351 44.46 -43.03 4.67
CA THR M 351 45.75 -42.69 4.06
C THR M 351 46.84 -43.16 5.03
N VAL M 352 47.19 -44.44 4.91
CA VAL M 352 48.18 -45.03 5.81
C VAL M 352 49.55 -44.46 5.49
N ASN M 353 50.22 -43.93 6.53
CA ASN M 353 51.55 -43.35 6.44
C ASN M 353 51.63 -42.25 5.38
N PRO M 354 51.05 -41.08 5.62
CA PRO M 354 51.20 -39.97 4.67
C PRO M 354 52.63 -39.48 4.60
N ILE M 355 53.03 -39.07 3.40
CA ILE M 355 54.43 -38.75 3.07
C ILE M 355 54.47 -37.38 2.39
N ALA M 356 55.48 -36.58 2.74
CA ALA M 356 55.84 -35.40 1.97
C ALA M 356 57.18 -35.65 1.29
N SER M 357 57.23 -35.43 -0.03
CA SER M 357 58.41 -35.78 -0.82
C SER M 357 59.37 -34.61 -0.97
N THR M 358 58.91 -33.53 -1.60
CA THR M 358 59.69 -32.32 -1.74
C THR M 358 59.09 -31.24 -0.85
N ASN M 359 59.87 -30.18 -0.62
CA ASN M 359 59.35 -29.11 0.21
C ASN M 359 58.29 -28.32 -0.54
N ASP M 360 57.43 -27.63 0.21
CA ASP M 360 56.28 -26.92 -0.34
C ASP M 360 55.34 -27.89 -1.06
N ASP M 361 55.08 -29.02 -0.41
CA ASP M 361 54.21 -30.06 -0.95
C ASP M 361 52.91 -30.14 -0.15
N GLU M 362 51.80 -30.28 -0.85
CA GLU M 362 50.48 -30.45 -0.26
C GLU M 362 50.02 -31.88 -0.48
N VAL M 363 49.63 -32.55 0.60
CA VAL M 363 49.24 -33.95 0.55
C VAL M 363 47.80 -34.09 1.04
N LEU M 364 47.10 -35.07 0.47
CA LEU M 364 45.70 -35.33 0.77
C LEU M 364 45.58 -36.47 1.76
N ILE M 365 44.82 -36.24 2.84
CA ILE M 365 44.64 -37.20 3.92
C ILE M 365 43.16 -37.50 4.06
N GLU M 366 42.80 -38.79 4.09
CA GLU M 366 41.44 -39.23 4.37
C GLU M 366 41.42 -40.01 5.67
N VAL M 367 40.46 -39.68 6.53
CA VAL M 367 40.38 -40.25 7.87
C VAL M 367 38.93 -40.60 8.17
N ASN M 368 38.72 -41.72 8.84
CA ASN M 368 37.41 -42.11 9.35
C ASN M 368 37.39 -41.89 10.86
N PRO M 369 36.86 -40.77 11.35
CA PRO M 369 36.78 -40.56 12.80
C PRO M 369 35.62 -41.31 13.41
N PRO M 370 35.64 -41.52 14.72
CA PRO M 370 34.55 -42.25 15.37
C PRO M 370 33.29 -41.41 15.49
N PHE M 371 32.21 -42.07 15.89
CA PHE M 371 30.92 -41.42 16.02
C PHE M 371 30.94 -40.41 17.17
N GLY M 372 30.20 -39.31 16.97
CA GLY M 372 30.05 -38.31 18.01
C GLY M 372 31.06 -37.20 17.93
N ASP M 373 31.36 -36.58 19.08
CA ASP M 373 32.33 -35.51 19.14
C ASP M 373 33.75 -36.08 19.15
N SER M 374 34.64 -35.44 18.40
CA SER M 374 35.99 -35.94 18.23
C SER M 374 36.92 -34.78 17.93
N TYR M 375 38.21 -35.09 17.80
CA TYR M 375 39.24 -34.10 17.52
C TYR M 375 40.18 -34.67 16.47
N ILE M 376 40.53 -33.86 15.47
CA ILE M 376 41.49 -34.26 14.44
C ILE M 376 42.82 -33.58 14.76
N ILE M 377 43.85 -34.37 15.02
CA ILE M 377 45.17 -33.87 15.38
C ILE M 377 46.14 -34.18 14.25
N VAL M 378 46.82 -33.15 13.77
CA VAL M 378 47.90 -33.31 12.78
C VAL M 378 49.09 -32.53 13.33
N GLY M 379 49.97 -33.19 14.07
CA GLY M 379 51.19 -32.55 14.52
C GLY M 379 51.70 -33.16 15.80
N THR M 380 52.87 -32.65 16.23
CA THR M 380 53.55 -33.17 17.42
C THR M 380 53.64 -32.14 18.54
N GLY M 381 54.25 -30.98 18.30
CA GLY M 381 54.42 -29.98 19.34
C GLY M 381 53.22 -29.06 19.43
N ASP M 382 53.49 -27.78 19.62
CA ASP M 382 52.42 -26.78 19.57
C ASP M 382 52.41 -26.19 18.15
N SER M 383 53.02 -26.92 17.21
CA SER M 383 52.97 -26.65 15.77
C SER M 383 51.97 -27.69 15.26
N ARG M 384 51.28 -28.31 16.20
CA ARG M 384 50.32 -29.34 15.85
C ARG M 384 48.95 -28.74 15.55
N LEU M 385 48.31 -29.28 14.51
CA LEU M 385 47.02 -28.77 14.05
C LEU M 385 45.89 -29.50 14.76
N THR M 386 44.82 -28.77 15.04
CA THR M 386 43.67 -29.32 15.75
C THR M 386 42.40 -28.81 15.09
N TYR M 387 41.44 -29.72 14.89
CA TYR M 387 40.16 -29.37 14.28
C TYR M 387 39.09 -30.24 14.90
N GLN M 388 38.15 -29.61 15.60
CA GLN M 388 37.08 -30.33 16.28
C GLN M 388 36.04 -30.81 15.27
N TRP M 389 35.55 -32.04 15.47
CA TRP M 389 34.65 -32.68 14.53
C TRP M 389 33.46 -33.30 15.25
N HIS M 390 32.36 -33.44 14.51
CA HIS M 390 31.17 -34.13 14.99
C HIS M 390 30.60 -34.98 13.86
N LYS M 391 30.35 -36.25 14.13
CA LYS M 391 29.72 -37.16 13.18
C LYS M 391 28.50 -37.80 13.81
N GLU M 392 27.44 -37.92 13.02
CA GLU M 392 26.19 -38.54 13.49
C GLU M 392 26.36 -40.04 13.68
N VAL N 2 7.47 -52.25 -79.87
CA VAL N 2 7.00 -51.55 -78.69
C VAL N 2 7.15 -50.04 -78.87
N GLN N 3 6.10 -49.40 -79.39
CA GLN N 3 6.15 -47.97 -79.65
C GLN N 3 4.74 -47.39 -79.59
N LEU N 4 4.67 -46.07 -79.49
CA LEU N 4 3.41 -45.34 -79.39
C LEU N 4 3.35 -44.28 -80.48
N VAL N 5 2.31 -44.32 -81.30
CA VAL N 5 2.09 -43.31 -82.34
C VAL N 5 1.01 -42.34 -81.86
N GLU N 6 1.26 -41.05 -82.04
CA GLU N 6 0.38 -39.98 -81.60
C GLU N 6 -0.12 -39.14 -82.76
N SER N 7 -1.39 -38.75 -82.67
CA SER N 7 -2.04 -37.93 -83.69
C SER N 7 -3.09 -37.07 -83.00
N GLY N 8 -3.57 -36.06 -83.73
CA GLY N 8 -4.60 -35.17 -83.22
C GLY N 8 -4.18 -33.71 -83.10
N GLY N 9 -2.89 -33.40 -83.16
CA GLY N 9 -2.46 -32.02 -82.99
C GLY N 9 -2.85 -31.15 -84.17
N GLY N 10 -3.23 -29.91 -83.88
CA GLY N 10 -3.64 -28.99 -84.92
C GLY N 10 -3.85 -27.60 -84.35
N LEU N 11 -4.27 -26.69 -85.24
CA LEU N 11 -4.45 -25.29 -84.87
C LEU N 11 -5.87 -25.05 -84.38
N VAL N 12 -6.00 -24.39 -83.23
CA VAL N 12 -7.29 -24.11 -82.61
C VAL N 12 -7.18 -22.79 -81.85
N LYS N 13 -8.25 -21.99 -81.89
CA LYS N 13 -8.35 -20.72 -81.19
C LYS N 13 -8.90 -20.92 -79.78
N PRO N 14 -8.73 -19.93 -78.89
CA PRO N 14 -9.19 -20.12 -77.50
C PRO N 14 -10.67 -20.43 -77.41
N GLY N 15 -11.02 -21.29 -76.47
CA GLY N 15 -12.37 -21.78 -76.31
C GLY N 15 -12.75 -22.92 -77.24
N GLY N 16 -11.81 -23.43 -78.03
CA GLY N 16 -12.11 -24.48 -78.98
C GLY N 16 -11.94 -25.87 -78.38
N SER N 17 -12.10 -26.87 -79.25
CA SER N 17 -12.05 -28.27 -78.85
C SER N 17 -11.05 -29.02 -79.71
N LEU N 18 -10.36 -29.98 -79.08
CA LEU N 18 -9.45 -30.87 -79.77
C LEU N 18 -9.45 -32.21 -79.04
N ARG N 19 -9.05 -33.26 -79.74
CA ARG N 19 -9.03 -34.59 -79.15
C ARG N 19 -7.86 -35.37 -79.75
N LEU N 20 -6.92 -35.76 -78.90
CA LEU N 20 -5.73 -36.45 -79.34
C LEU N 20 -5.93 -37.96 -79.32
N SER N 21 -4.99 -38.69 -79.90
CA SER N 21 -5.08 -40.14 -79.99
C SER N 21 -3.68 -40.74 -79.89
N CYS N 22 -3.59 -41.91 -79.26
CA CYS N 22 -2.31 -42.57 -79.02
C CYS N 22 -2.49 -44.07 -79.22
N ALA N 23 -2.02 -44.58 -80.35
CA ALA N 23 -2.06 -46.01 -80.63
C ALA N 23 -0.79 -46.69 -80.15
N ALA N 24 -0.93 -47.93 -79.68
CA ALA N 24 0.15 -48.66 -79.06
C ALA N 24 0.27 -50.06 -79.65
N SER N 25 1.49 -50.56 -79.71
CA SER N 25 1.76 -51.91 -80.17
C SER N 25 3.03 -52.42 -79.51
N GLY N 26 3.18 -53.75 -79.49
CA GLY N 26 4.35 -54.39 -78.94
C GLY N 26 4.20 -54.95 -77.54
N PHE N 27 3.05 -54.77 -76.90
CA PHE N 27 2.83 -55.27 -75.55
C PHE N 27 1.33 -55.38 -75.31
N ILE N 28 0.97 -55.84 -74.12
CA ILE N 28 -0.43 -55.94 -73.72
C ILE N 28 -0.86 -54.57 -73.20
N PHE N 29 -1.68 -53.86 -73.98
CA PHE N 29 -2.09 -52.52 -73.63
C PHE N 29 -3.01 -52.49 -72.40
N SER N 30 -3.67 -53.59 -72.09
CA SER N 30 -4.63 -53.63 -71.00
C SER N 30 -4.00 -53.87 -69.63
N ASP N 31 -2.69 -54.02 -69.55
CA ASP N 31 -2.00 -54.29 -68.30
C ASP N 31 -1.16 -53.13 -67.79
N TYR N 32 -1.07 -52.03 -68.54
CA TYR N 32 -0.10 -50.98 -68.26
C TYR N 32 -0.81 -49.64 -68.08
N TYR N 33 -0.42 -48.92 -67.02
CA TYR N 33 -0.92 -47.57 -66.80
C TYR N 33 -0.48 -46.67 -67.95
N MET N 34 -1.26 -45.61 -68.18
CA MET N 34 -0.91 -44.69 -69.24
C MET N 34 -1.13 -43.24 -68.81
N MET N 35 -0.53 -42.32 -69.57
CA MET N 35 -0.51 -40.92 -69.18
C MET N 35 -0.21 -40.04 -70.39
N TRP N 36 -0.50 -38.75 -70.24
CA TRP N 36 -0.17 -37.72 -71.21
C TRP N 36 0.79 -36.72 -70.59
N ILE N 37 1.83 -36.35 -71.34
CA ILE N 37 2.82 -35.37 -70.89
C ILE N 37 2.97 -34.30 -71.95
N ARG N 38 3.22 -33.06 -71.50
CA ARG N 38 3.31 -31.92 -72.39
C ARG N 38 4.43 -30.99 -71.94
N GLN N 39 4.90 -30.18 -72.88
CA GLN N 39 5.95 -29.20 -72.61
C GLN N 39 5.60 -27.88 -73.29
N ALA N 40 5.39 -26.82 -72.49
CA ALA N 40 5.20 -25.47 -73.01
C ALA N 40 6.55 -24.88 -73.42
N PRO N 41 6.59 -24.05 -74.46
CA PRO N 41 7.88 -23.55 -74.95
C PRO N 41 8.53 -22.61 -73.94
N GLY N 42 9.76 -22.95 -73.54
CA GLY N 42 10.40 -22.27 -72.44
C GLY N 42 10.01 -22.77 -71.06
N LYS N 43 9.20 -23.81 -70.99
CA LYS N 43 8.79 -24.41 -69.72
C LYS N 43 9.20 -25.88 -69.69
N GLY N 44 9.25 -26.44 -68.49
CA GLY N 44 9.60 -27.83 -68.33
C GLY N 44 8.46 -28.77 -68.67
N LEU N 45 8.80 -30.05 -68.79
CA LEU N 45 7.78 -31.06 -69.03
C LEU N 45 6.95 -31.30 -67.77
N GLU N 46 5.65 -31.50 -67.96
CA GLU N 46 4.75 -31.78 -66.85
C GLU N 46 3.69 -32.78 -67.31
N TRP N 47 3.37 -33.73 -66.43
CA TRP N 47 2.29 -34.67 -66.71
C TRP N 47 0.96 -34.03 -66.34
N ILE N 48 -0.05 -34.22 -67.19
CA ILE N 48 -1.34 -33.57 -67.06
C ILE N 48 -2.46 -34.56 -66.80
N SER N 49 -2.45 -35.70 -67.49
CA SER N 49 -3.46 -36.73 -67.34
C SER N 49 -2.79 -38.08 -67.17
N TYR N 50 -3.37 -38.93 -66.34
CA TYR N 50 -2.72 -40.18 -65.94
C TYR N 50 -3.79 -41.21 -65.62
N ILE N 51 -3.82 -42.30 -66.38
CA ILE N 51 -4.91 -43.27 -66.33
C ILE N 51 -4.37 -44.62 -65.87
N SER N 52 -5.25 -45.40 -65.22
CA SER N 52 -4.91 -46.75 -64.82
C SER N 52 -4.84 -47.67 -66.04
N SER N 53 -4.52 -48.94 -65.79
CA SER N 53 -4.41 -49.91 -66.87
C SER N 53 -5.77 -50.32 -67.41
N SER N 54 -6.82 -50.22 -66.59
CA SER N 54 -8.18 -50.54 -67.03
C SER N 54 -9.08 -49.30 -67.07
N GLY N 55 -8.52 -48.12 -66.82
CA GLY N 55 -9.28 -46.89 -66.87
C GLY N 55 -10.09 -46.57 -65.63
N SER N 56 -10.03 -47.42 -64.60
CA SER N 56 -10.83 -47.20 -63.40
C SER N 56 -10.21 -46.16 -62.47
N GLN N 57 -8.93 -45.84 -62.63
CA GLN N 57 -8.26 -44.83 -61.83
C GLN N 57 -7.82 -43.69 -62.74
N ILE N 58 -8.12 -42.47 -62.33
CA ILE N 58 -7.92 -41.28 -63.14
C ILE N 58 -7.24 -40.20 -62.30
N TYR N 59 -6.26 -39.52 -62.90
CA TYR N 59 -5.55 -38.44 -62.21
C TYR N 59 -5.33 -37.28 -63.17
N TYR N 60 -5.58 -36.07 -62.67
CA TYR N 60 -5.33 -34.84 -63.42
C TYR N 60 -4.55 -33.86 -62.55
N THR N 61 -3.87 -32.94 -63.22
CA THR N 61 -3.34 -31.76 -62.54
C THR N 61 -4.44 -30.71 -62.39
N GLU N 62 -4.32 -29.88 -61.36
CA GLU N 62 -5.36 -28.89 -61.08
C GLU N 62 -5.43 -27.79 -62.13
N SER N 63 -4.45 -27.70 -63.03
CA SER N 63 -4.53 -26.76 -64.14
C SER N 63 -5.43 -27.24 -65.26
N VAL N 64 -5.79 -28.53 -65.28
CA VAL N 64 -6.54 -29.12 -66.38
C VAL N 64 -7.72 -29.93 -65.85
N LYS N 65 -8.06 -29.70 -64.57
CA LYS N 65 -8.90 -30.64 -63.84
C LYS N 65 -10.24 -30.90 -64.53
N GLY N 66 -10.97 -29.83 -64.86
CA GLY N 66 -12.29 -29.99 -65.44
C GLY N 66 -12.35 -29.99 -66.95
N ARG N 67 -11.27 -29.58 -67.63
CA ARG N 67 -11.30 -29.39 -69.07
C ARG N 67 -10.90 -30.66 -69.83
N PHE N 68 -9.70 -31.17 -69.58
CA PHE N 68 -9.26 -32.36 -70.29
C PHE N 68 -9.85 -33.62 -69.66
N THR N 69 -9.91 -34.68 -70.47
CA THR N 69 -10.44 -35.96 -70.01
C THR N 69 -9.74 -37.06 -70.78
N ILE N 70 -9.11 -37.99 -70.07
CA ILE N 70 -8.36 -39.09 -70.67
C ILE N 70 -9.19 -40.37 -70.54
N SER N 71 -9.23 -41.15 -71.63
CA SER N 71 -9.94 -42.41 -71.67
C SER N 71 -9.10 -43.40 -72.46
N ARG N 72 -9.48 -44.68 -72.37
CA ARG N 72 -8.72 -45.71 -73.06
C ARG N 72 -9.65 -46.76 -73.65
N ASP N 73 -9.31 -47.21 -74.85
CA ASP N 73 -10.00 -48.31 -75.54
C ASP N 73 -9.04 -49.49 -75.56
N ASN N 74 -9.25 -50.43 -74.64
CA ASN N 74 -8.40 -51.62 -74.56
C ASN N 74 -8.72 -52.64 -75.64
N GLY N 75 -9.83 -52.48 -76.37
CA GLY N 75 -10.14 -53.40 -77.45
C GLY N 75 -9.33 -53.15 -78.71
N LYS N 76 -8.98 -51.89 -78.98
CA LYS N 76 -8.24 -51.52 -80.19
C LYS N 76 -6.95 -50.78 -79.89
N ASN N 77 -6.53 -50.70 -78.63
CA ASN N 77 -5.20 -50.20 -78.24
C ASN N 77 -5.00 -48.73 -78.62
N LEU N 78 -5.93 -47.87 -78.19
CA LEU N 78 -5.76 -46.44 -78.37
C LEU N 78 -5.90 -45.71 -77.04
N LEU N 79 -5.30 -44.52 -76.99
CA LEU N 79 -5.38 -43.66 -75.83
C LEU N 79 -5.76 -42.25 -76.27
N TYR N 80 -6.82 -41.72 -75.68
CA TYR N 80 -7.41 -40.45 -76.08
C TYR N 80 -7.25 -39.40 -74.99
N LEU N 81 -6.91 -38.19 -75.39
CA LEU N 81 -6.94 -37.02 -74.52
C LEU N 81 -7.99 -36.07 -75.06
N GLN N 82 -9.12 -35.99 -74.37
CA GLN N 82 -10.27 -35.20 -74.82
C GLN N 82 -10.11 -33.77 -74.31
N MET N 83 -9.74 -32.85 -75.19
CA MET N 83 -9.34 -31.50 -74.82
C MET N 83 -10.43 -30.50 -75.14
N ASN N 84 -10.83 -29.72 -74.14
CA ASN N 84 -11.87 -28.71 -74.32
C ASN N 84 -11.51 -27.43 -73.58
N SER N 85 -12.20 -26.36 -73.95
CA SER N 85 -12.03 -25.05 -73.33
C SER N 85 -10.57 -24.62 -73.34
N LEU N 86 -10.00 -24.64 -74.54
CA LEU N 86 -8.59 -24.33 -74.71
C LEU N 86 -8.33 -22.85 -74.47
N ARG N 87 -7.12 -22.56 -73.97
CA ARG N 87 -6.72 -21.19 -73.65
C ARG N 87 -5.20 -21.11 -73.68
N GLY N 88 -4.69 -19.93 -73.32
CA GLY N 88 -3.40 -19.47 -73.83
C GLY N 88 -2.22 -20.37 -73.50
N GLU N 89 -2.21 -20.95 -72.30
CA GLU N 89 -1.03 -21.69 -71.85
C GLU N 89 -1.06 -23.16 -72.24
N ASP N 90 -2.10 -23.61 -72.96
CA ASP N 90 -2.12 -24.97 -73.47
C ASP N 90 -1.35 -25.13 -74.77
N THR N 91 -0.67 -24.08 -75.22
CA THR N 91 0.22 -24.14 -76.38
C THR N 91 1.45 -24.95 -76.00
N ALA N 92 1.48 -26.22 -76.41
CA ALA N 92 2.57 -27.09 -75.95
C ALA N 92 2.68 -28.30 -76.87
N LEU N 93 3.77 -29.03 -76.68
CA LEU N 93 4.04 -30.29 -77.36
C LEU N 93 3.55 -31.44 -76.49
N TYR N 94 2.63 -32.24 -77.02
CA TYR N 94 1.92 -33.25 -76.23
C TYR N 94 2.45 -34.64 -76.55
N TYR N 95 2.80 -35.39 -75.51
CA TYR N 95 3.28 -36.76 -75.63
C TYR N 95 2.32 -37.72 -74.92
N CYS N 96 2.29 -38.96 -75.39
CA CYS N 96 1.73 -40.08 -74.65
C CYS N 96 2.85 -41.06 -74.36
N ALA N 97 2.88 -41.59 -73.14
CA ALA N 97 4.03 -42.37 -72.70
C ALA N 97 3.59 -43.43 -71.69
N THR N 98 4.08 -44.66 -71.85
CA THR N 98 3.70 -45.74 -70.95
C THR N 98 4.21 -45.47 -69.54
N GLU N 99 3.88 -46.37 -68.62
CA GLU N 99 4.24 -46.16 -67.23
C GLU N 99 4.21 -47.50 -66.51
N THR N 100 5.35 -47.89 -65.94
CA THR N 100 5.45 -49.11 -65.16
C THR N 100 6.57 -48.95 -64.15
N GLY N 101 6.49 -49.69 -63.05
CA GLY N 101 7.50 -49.57 -62.01
C GLY N 101 7.63 -48.19 -61.42
N TRP N 102 6.58 -47.39 -61.48
CA TRP N 102 6.57 -46.01 -61.01
C TRP N 102 7.65 -45.18 -61.70
N ARG N 103 7.85 -45.46 -62.99
CA ARG N 103 8.69 -44.64 -63.86
C ARG N 103 7.98 -44.51 -65.20
N ILE N 104 8.26 -43.41 -65.90
CA ILE N 104 7.69 -43.16 -67.22
C ILE N 104 8.63 -43.83 -68.23
N ASP N 105 8.21 -45.00 -68.73
CA ASP N 105 9.15 -45.89 -69.41
C ASP N 105 9.38 -45.51 -70.86
N THR N 106 8.34 -45.60 -71.69
CA THR N 106 8.47 -45.44 -73.14
C THR N 106 7.55 -44.33 -73.61
N TRP N 107 8.06 -43.49 -74.51
CA TRP N 107 7.39 -42.29 -74.96
C TRP N 107 6.94 -42.41 -76.42
N GLY N 108 6.28 -41.36 -76.90
CA GLY N 108 6.02 -41.16 -78.30
C GLY N 108 6.78 -39.96 -78.84
N GLN N 109 6.61 -39.71 -80.13
CA GLN N 109 7.33 -38.63 -80.78
C GLN N 109 6.72 -37.24 -80.51
N GLY N 110 5.46 -37.19 -80.13
CA GLY N 110 4.81 -35.94 -79.78
C GLY N 110 3.84 -35.46 -80.85
N THR N 111 3.16 -34.36 -80.53
CA THR N 111 2.29 -33.70 -81.51
C THR N 111 2.01 -32.28 -81.02
N LEU N 112 2.19 -31.31 -81.91
CA LEU N 112 2.13 -29.91 -81.52
C LEU N 112 0.71 -29.40 -81.51
N VAL N 113 0.36 -28.67 -80.46
CA VAL N 113 -0.93 -28.00 -80.32
C VAL N 113 -0.66 -26.53 -80.05
N THR N 114 -1.09 -25.66 -80.95
CA THR N 114 -0.89 -24.22 -80.83
C THR N 114 -2.26 -23.55 -80.68
N VAL N 115 -2.43 -22.78 -79.61
CA VAL N 115 -3.65 -22.02 -79.37
C VAL N 115 -3.29 -20.54 -79.34
N SER N 116 -3.93 -19.77 -80.22
CA SER N 116 -3.68 -18.35 -80.31
C SER N 116 -4.92 -17.69 -80.91
N SER N 117 -5.04 -16.38 -80.69
CA SER N 117 -6.10 -15.58 -81.34
C SER N 117 -5.53 -15.02 -82.66
N ALA N 118 -5.65 -15.76 -83.78
CA ALA N 118 -4.87 -15.56 -85.03
C ALA N 118 -5.76 -15.83 -86.24
N SER N 119 -5.48 -15.24 -87.42
CA SER N 119 -6.37 -15.37 -88.57
C SER N 119 -5.58 -14.96 -89.79
N THR N 120 -5.80 -15.68 -90.90
CA THR N 120 -4.97 -15.56 -92.09
C THR N 120 -4.89 -14.10 -92.55
N LYS N 121 -3.67 -13.55 -92.51
CA LYS N 121 -3.41 -12.15 -92.79
C LYS N 121 -2.26 -12.04 -93.79
N GLY N 122 -2.34 -11.05 -94.67
CA GLY N 122 -1.32 -10.81 -95.67
C GLY N 122 -0.13 -10.04 -95.14
N PRO N 123 1.05 -10.31 -95.69
CA PRO N 123 2.28 -9.70 -95.18
C PRO N 123 2.39 -8.23 -95.57
N SER N 124 3.49 -7.61 -95.12
CA SER N 124 3.83 -6.22 -95.45
C SER N 124 5.31 -6.20 -95.77
N VAL N 125 5.63 -6.30 -97.06
CA VAL N 125 7.01 -6.43 -97.51
C VAL N 125 7.59 -5.06 -97.81
N PHE N 126 8.76 -4.78 -97.23
CA PHE N 126 9.42 -3.50 -97.36
C PHE N 126 10.90 -3.73 -97.60
N PRO N 127 11.57 -2.81 -98.29
CA PRO N 127 13.00 -2.94 -98.54
C PRO N 127 13.84 -2.61 -97.32
N LEU N 128 15.09 -3.07 -97.37
CA LEU N 128 16.09 -2.76 -96.34
C LEU N 128 17.30 -2.15 -97.02
N ALA N 129 17.63 -0.91 -96.62
CA ALA N 129 18.60 -0.12 -97.36
C ALA N 129 20.01 -0.70 -97.22
N PRO N 130 20.83 -0.64 -98.26
CA PRO N 130 22.21 -1.13 -98.18
C PRO N 130 23.15 -0.09 -97.60
N SER N 131 23.67 -0.37 -96.41
CA SER N 131 24.76 0.41 -95.82
C SER N 131 26.07 -0.33 -96.08
N SER N 132 27.14 0.15 -95.44
CA SER N 132 28.48 -0.41 -95.68
C SER N 132 28.77 -1.52 -94.69
N LYS N 133 28.99 -2.73 -95.20
CA LYS N 133 29.50 -3.87 -94.43
C LYS N 133 30.66 -4.42 -95.25
N SER N 134 31.84 -3.82 -95.09
CA SER N 134 32.93 -3.99 -96.04
C SER N 134 34.14 -4.70 -95.46
N THR N 135 34.60 -4.29 -94.27
CA THR N 135 35.83 -4.79 -93.66
C THR N 135 37.04 -4.56 -94.55
N SER N 136 37.06 -3.42 -95.24
CA SER N 136 38.21 -2.93 -96.01
C SER N 136 38.68 -3.97 -97.04
N GLY N 137 37.83 -4.20 -98.04
CA GLY N 137 36.61 -3.46 -98.27
C GLY N 137 35.95 -3.84 -99.58
N GLY N 138 34.78 -3.27 -99.85
CA GLY N 138 34.06 -3.58 -101.06
C GLY N 138 33.00 -4.65 -100.89
N THR N 139 32.15 -4.49 -99.88
CA THR N 139 31.06 -5.43 -99.63
C THR N 139 29.92 -4.66 -98.99
N ALA N 140 28.69 -5.02 -99.33
CA ALA N 140 27.51 -4.38 -98.75
C ALA N 140 26.35 -5.38 -98.77
N ALA N 141 25.43 -5.20 -97.83
CA ALA N 141 24.28 -6.08 -97.68
C ALA N 141 22.98 -5.29 -97.84
N LEU N 142 21.99 -5.95 -98.44
CA LEU N 142 20.67 -5.37 -98.61
C LEU N 142 19.63 -6.48 -98.45
N GLY N 143 18.43 -6.11 -98.03
CA GLY N 143 17.44 -7.11 -97.71
C GLY N 143 16.01 -6.65 -97.89
N CYS N 144 15.09 -7.54 -97.51
CA CYS N 144 13.66 -7.30 -97.57
C CYS N 144 13.03 -7.76 -96.25
N LEU N 145 12.11 -6.95 -95.73
CA LEU N 145 11.44 -7.25 -94.47
C LEU N 145 10.03 -7.75 -94.74
N VAL N 146 9.68 -8.87 -94.11
CA VAL N 146 8.35 -9.46 -94.24
C VAL N 146 7.71 -9.45 -92.85
N LYS N 147 6.57 -8.80 -92.72
CA LYS N 147 5.98 -8.53 -91.42
C LYS N 147 4.52 -8.93 -91.38
N ASP N 148 4.11 -9.51 -90.24
CA ASP N 148 2.71 -9.73 -89.88
C ASP N 148 1.98 -10.58 -90.92
N TYR N 149 2.42 -11.83 -91.00
CA TYR N 149 1.77 -12.86 -91.79
C TYR N 149 1.42 -14.05 -90.91
N PHE N 150 0.41 -14.80 -91.34
CA PHE N 150 -0.01 -16.04 -90.69
C PHE N 150 -1.00 -16.73 -91.62
N PRO N 151 -0.93 -18.07 -91.76
CA PRO N 151 0.01 -18.97 -91.10
C PRO N 151 1.28 -19.22 -91.90
N GLU N 152 2.09 -20.16 -91.41
CA GLU N 152 3.27 -20.59 -92.12
C GLU N 152 2.88 -21.33 -93.39
N PRO N 153 3.76 -21.37 -94.41
CA PRO N 153 5.06 -20.69 -94.51
C PRO N 153 5.07 -19.54 -95.51
N VAL N 154 6.20 -18.86 -95.63
CA VAL N 154 6.46 -17.93 -96.73
C VAL N 154 7.82 -18.26 -97.33
N THR N 155 7.96 -17.97 -98.62
CA THR N 155 9.18 -18.24 -99.35
C THR N 155 9.65 -16.96 -100.05
N VAL N 156 10.95 -16.72 -100.01
CA VAL N 156 11.57 -15.54 -100.61
C VAL N 156 12.61 -15.99 -101.61
N SER N 157 12.56 -15.40 -102.80
CA SER N 157 13.57 -15.65 -103.84
C SER N 157 13.99 -14.33 -104.46
N TRP N 158 15.29 -14.10 -104.56
CA TRP N 158 15.84 -12.86 -105.11
C TRP N 158 15.92 -12.96 -106.63
N ASN N 159 15.23 -12.05 -107.33
CA ASN N 159 15.33 -11.89 -108.78
C ASN N 159 14.95 -13.18 -109.52
N SER N 160 13.82 -13.77 -109.12
CA SER N 160 13.25 -14.95 -109.79
C SER N 160 14.26 -16.10 -109.84
N GLY N 161 14.90 -16.36 -108.71
CA GLY N 161 15.84 -17.47 -108.63
C GLY N 161 17.17 -17.24 -109.31
N ALA N 162 17.51 -15.99 -109.62
CA ALA N 162 18.79 -15.69 -110.26
C ALA N 162 19.88 -15.42 -109.22
N LEU N 163 19.65 -14.51 -108.29
CA LEU N 163 20.63 -14.14 -107.29
C LEU N 163 20.41 -14.99 -106.04
N THR N 164 21.09 -16.13 -105.99
CA THR N 164 21.12 -16.99 -104.81
C THR N 164 22.54 -17.05 -104.23
N SER N 165 23.25 -15.92 -104.28
CA SER N 165 24.63 -15.83 -103.81
C SER N 165 24.64 -15.03 -102.51
N GLY N 166 25.08 -15.66 -101.43
CA GLY N 166 25.07 -15.02 -100.14
C GLY N 166 23.70 -14.75 -99.58
N VAL N 167 22.68 -15.44 -100.08
CA VAL N 167 21.31 -15.23 -99.63
C VAL N 167 21.11 -15.98 -98.31
N HIS N 168 20.56 -15.28 -97.32
CA HIS N 168 20.32 -15.84 -95.99
C HIS N 168 18.85 -15.68 -95.65
N THR N 169 18.15 -16.79 -95.52
CA THR N 169 16.73 -16.80 -95.17
C THR N 169 16.58 -17.05 -93.68
N PHE N 170 15.97 -16.11 -92.96
CA PHE N 170 15.95 -16.40 -91.54
C PHE N 170 14.62 -17.04 -91.15
N PRO N 171 14.65 -18.05 -90.28
CA PRO N 171 13.39 -18.59 -89.75
C PRO N 171 12.61 -17.53 -88.99
N ALA N 172 11.28 -17.64 -89.04
CA ALA N 172 10.40 -16.58 -88.60
C ALA N 172 10.32 -16.52 -87.08
N VAL N 173 9.49 -15.58 -86.60
CA VAL N 173 9.31 -15.31 -85.18
C VAL N 173 7.80 -15.30 -84.92
N LEU N 174 7.45 -15.53 -83.64
CA LEU N 174 6.05 -15.52 -83.21
C LEU N 174 5.82 -14.30 -82.32
N GLN N 175 4.82 -13.50 -82.68
CA GLN N 175 4.52 -12.26 -81.98
C GLN N 175 3.41 -12.47 -80.94
N SER N 176 3.18 -11.45 -80.13
CA SER N 176 2.21 -11.54 -79.05
C SER N 176 0.79 -11.75 -79.59
N SER N 177 0.43 -11.04 -80.66
CA SER N 177 -0.88 -11.21 -81.24
C SER N 177 -1.06 -12.58 -81.90
N GLY N 178 0.04 -13.28 -82.19
CA GLY N 178 -0.01 -14.59 -82.80
C GLY N 178 0.49 -14.65 -84.22
N LEU N 179 0.95 -13.54 -84.80
CA LEU N 179 1.38 -13.50 -86.18
C LEU N 179 2.85 -13.91 -86.31
N TYR N 180 3.33 -13.93 -87.54
CA TYR N 180 4.71 -14.30 -87.85
C TYR N 180 5.38 -13.18 -88.64
N SER N 181 6.71 -13.22 -88.69
CA SER N 181 7.50 -12.28 -89.46
C SER N 181 8.91 -12.84 -89.66
N LEU N 182 9.49 -12.58 -90.82
CA LEU N 182 10.87 -12.95 -91.09
C LEU N 182 11.49 -11.92 -92.03
N SER N 183 12.77 -12.13 -92.34
CA SER N 183 13.51 -11.23 -93.22
C SER N 183 14.42 -12.03 -94.13
N SER N 184 14.82 -11.42 -95.24
CA SER N 184 15.78 -11.99 -96.18
C SER N 184 16.82 -10.93 -96.51
N VAL N 185 18.04 -11.38 -96.80
CA VAL N 185 19.15 -10.48 -97.09
C VAL N 185 20.04 -11.11 -98.17
N VAL N 186 20.95 -10.29 -98.69
CA VAL N 186 21.92 -10.73 -99.68
C VAL N 186 23.11 -9.78 -99.63
N THR N 187 24.31 -10.34 -99.80
CA THR N 187 25.55 -9.58 -99.75
C THR N 187 26.13 -9.48 -101.16
N VAL N 188 26.50 -8.27 -101.57
CA VAL N 188 27.01 -8.01 -102.92
C VAL N 188 28.15 -7.02 -102.83
N PRO N 189 29.00 -6.97 -103.86
CA PRO N 189 30.06 -5.95 -103.89
C PRO N 189 29.50 -4.54 -103.84
N SER N 190 30.25 -3.64 -103.20
CA SER N 190 29.78 -2.28 -102.99
C SER N 190 29.69 -1.50 -104.30
N SER N 191 30.65 -1.71 -105.20
CA SER N 191 30.62 -1.00 -106.48
C SER N 191 29.55 -1.53 -107.43
N SER N 192 28.92 -2.65 -107.10
CA SER N 192 27.85 -3.23 -107.91
C SER N 192 26.49 -3.07 -107.24
N LEU N 193 26.34 -2.03 -106.40
CA LEU N 193 25.05 -1.77 -105.78
C LEU N 193 24.09 -1.05 -106.73
N GLY N 194 24.60 -0.21 -107.61
CA GLY N 194 23.75 0.56 -108.50
C GLY N 194 23.75 0.07 -109.93
N THR N 195 24.59 -0.93 -110.24
CA THR N 195 24.69 -1.47 -111.58
C THR N 195 23.67 -2.56 -111.86
N GLN N 196 22.85 -2.93 -110.89
CA GLN N 196 21.81 -3.93 -111.09
C GLN N 196 20.67 -3.67 -110.12
N THR N 197 19.50 -4.22 -110.47
CA THR N 197 18.30 -4.10 -109.66
C THR N 197 18.12 -5.35 -108.82
N TYR N 198 17.76 -5.15 -107.54
CA TYR N 198 17.52 -6.25 -106.62
C TYR N 198 16.06 -6.23 -106.19
N ILE N 199 15.32 -7.28 -106.53
CA ILE N 199 13.90 -7.40 -106.24
C ILE N 199 13.65 -8.73 -105.56
N CYS N 200 12.99 -8.69 -104.39
CA CYS N 200 12.67 -9.90 -103.65
C CYS N 200 11.28 -10.40 -104.03
N ASN N 201 11.14 -11.72 -104.13
CA ASN N 201 9.89 -12.37 -104.55
C ASN N 201 9.30 -13.08 -103.33
N VAL N 202 8.46 -12.37 -102.58
CA VAL N 202 7.82 -12.93 -101.40
C VAL N 202 6.50 -13.57 -101.81
N ASN N 203 6.35 -14.86 -101.54
CA ASN N 203 5.18 -15.63 -101.92
C ASN N 203 4.53 -16.19 -100.66
N HIS N 204 3.24 -15.88 -100.47
CA HIS N 204 2.47 -16.35 -99.32
C HIS N 204 1.21 -17.01 -99.86
N LYS N 205 1.20 -18.35 -99.87
CA LYS N 205 0.13 -19.11 -100.49
C LYS N 205 -1.21 -19.11 -99.74
N PRO N 206 -1.25 -19.06 -98.39
CA PRO N 206 -2.57 -19.11 -97.74
C PRO N 206 -3.51 -17.99 -98.13
N SER N 207 -2.98 -16.78 -98.37
CA SER N 207 -3.81 -15.64 -98.71
C SER N 207 -3.58 -15.14 -100.13
N ASN N 208 -2.87 -15.91 -100.96
CA ASN N 208 -2.63 -15.58 -102.37
C ASN N 208 -1.95 -14.21 -102.51
N THR N 209 -0.74 -14.12 -101.96
CA THR N 209 0.05 -12.90 -101.99
C THR N 209 1.37 -13.18 -102.70
N LYS N 210 1.69 -12.34 -103.68
CA LYS N 210 2.94 -12.44 -104.43
C LYS N 210 3.45 -11.03 -104.68
N VAL N 211 4.37 -10.57 -103.85
CA VAL N 211 4.90 -9.21 -103.94
C VAL N 211 6.32 -9.29 -104.52
N ASP N 212 6.62 -8.39 -105.45
CA ASP N 212 7.93 -8.27 -106.06
C ASP N 212 8.45 -6.87 -105.73
N LYS N 213 9.09 -6.74 -104.58
CA LYS N 213 9.49 -5.46 -104.03
C LYS N 213 10.95 -5.16 -104.34
N ARG N 214 11.23 -3.91 -104.68
CA ARG N 214 12.54 -3.49 -105.17
C ARG N 214 13.31 -2.75 -104.08
N VAL N 215 14.64 -2.85 -104.14
CA VAL N 215 15.55 -2.20 -103.21
C VAL N 215 16.49 -1.30 -104.02
N GLU N 216 16.77 -0.12 -103.48
CA GLU N 216 17.66 0.84 -104.14
C GLU N 216 18.23 1.77 -103.09
N PRO N 217 19.49 2.22 -103.25
CA PRO N 217 20.05 3.26 -102.38
C PRO N 217 19.30 4.59 -102.51
N GLN O 1 5.82 -28.27 -52.32
CA GLN O 1 5.77 -28.43 -53.76
C GLN O 1 7.03 -29.11 -54.28
N ALA O 2 7.19 -29.13 -55.60
CA ALA O 2 8.35 -29.75 -56.22
C ALA O 2 8.78 -28.93 -57.42
N VAL O 3 10.02 -28.44 -57.39
CA VAL O 3 10.65 -27.79 -58.53
C VAL O 3 12.03 -28.41 -58.72
N LEU O 4 12.34 -28.82 -59.94
CA LEU O 4 13.62 -29.44 -60.27
C LEU O 4 14.44 -28.45 -61.09
N THR O 5 15.59 -28.04 -60.55
CA THR O 5 16.47 -27.09 -61.19
C THR O 5 17.67 -27.81 -61.77
N GLN O 6 17.93 -27.62 -63.05
CA GLN O 6 19.09 -28.16 -63.73
C GLN O 6 19.64 -27.10 -64.67
N PRO O 7 20.95 -27.09 -64.92
CA PRO O 7 21.55 -25.95 -65.64
C PRO O 7 21.11 -25.91 -67.10
N ALA O 8 21.25 -24.72 -67.69
CA ALA O 8 20.76 -24.49 -69.04
C ALA O 8 21.71 -25.04 -70.09
N SER O 9 23.01 -24.77 -69.95
CA SER O 9 23.97 -25.15 -70.97
C SER O 9 25.23 -25.70 -70.32
N VAL O 10 25.65 -26.89 -70.76
CA VAL O 10 26.89 -27.52 -70.31
C VAL O 10 27.63 -28.05 -71.54
N SER O 11 28.94 -27.82 -71.59
CA SER O 11 29.72 -28.09 -72.79
C SER O 11 30.95 -28.93 -72.46
N GLY O 12 31.39 -29.70 -73.46
CA GLY O 12 32.60 -30.49 -73.34
C GLY O 12 32.98 -31.09 -74.68
N SER O 13 34.26 -31.43 -74.80
CA SER O 13 34.78 -32.01 -76.02
C SER O 13 34.64 -33.53 -76.01
N PRO O 14 34.60 -34.16 -77.18
CA PRO O 14 34.52 -35.64 -77.22
C PRO O 14 35.68 -36.29 -76.50
N GLY O 15 35.39 -37.41 -75.85
CA GLY O 15 36.38 -38.17 -75.10
C GLY O 15 36.44 -37.83 -73.62
N GLN O 16 35.90 -36.68 -73.22
CA GLN O 16 35.92 -36.28 -71.83
C GLN O 16 34.67 -36.76 -71.11
N SER O 17 34.55 -36.39 -69.84
CA SER O 17 33.38 -36.67 -69.03
C SER O 17 32.67 -35.36 -68.70
N ILE O 18 31.34 -35.35 -68.79
CA ILE O 18 30.56 -34.18 -68.40
C ILE O 18 29.49 -34.61 -67.41
N THR O 19 29.13 -33.67 -66.53
CA THR O 19 28.16 -33.91 -65.46
C THR O 19 27.02 -32.94 -65.62
N ILE O 20 25.80 -33.47 -65.77
CA ILE O 20 24.58 -32.68 -65.79
C ILE O 20 23.86 -32.91 -64.47
N SER O 21 23.67 -31.83 -63.71
CA SER O 21 23.10 -31.92 -62.38
C SER O 21 21.59 -31.76 -62.40
N CYS O 22 20.96 -32.04 -61.26
CA CYS O 22 19.51 -31.92 -61.11
C CYS O 22 19.23 -31.66 -59.64
N THR O 23 18.96 -30.41 -59.28
CA THR O 23 18.76 -29.98 -57.91
C THR O 23 17.28 -29.77 -57.63
N GLY O 24 16.77 -30.45 -56.62
CA GLY O 24 15.35 -30.31 -56.23
C GLY O 24 15.24 -29.69 -54.87
N THR O 25 14.05 -29.77 -54.25
CA THR O 25 13.85 -29.19 -52.90
C THR O 25 13.18 -30.24 -52.00
N GLY O 26 12.99 -29.86 -50.74
CA GLY O 26 12.29 -30.61 -49.67
C GLY O 26 12.37 -32.12 -49.82
N SER O 27 11.56 -32.69 -50.70
CA SER O 27 11.55 -34.17 -50.91
C SER O 27 12.21 -34.43 -52.26
N ASN O 28 11.41 -34.63 -53.30
CA ASN O 28 11.86 -34.71 -54.71
C ASN O 28 12.82 -35.86 -55.06
N ILE O 29 14.00 -35.95 -54.48
CA ILE O 29 14.95 -36.98 -54.96
C ILE O 29 15.46 -37.86 -53.82
N GLU O 30 15.33 -37.42 -52.58
CA GLU O 30 15.91 -38.13 -51.45
C GLU O 30 14.88 -38.95 -50.67
N THR O 31 13.59 -38.74 -50.91
CA THR O 31 12.56 -39.53 -50.23
C THR O 31 12.46 -40.94 -50.80
N TYR O 32 12.43 -41.05 -52.14
CA TYR O 32 12.20 -42.33 -52.79
C TYR O 32 13.40 -42.85 -53.57
N ASN O 33 14.38 -42.01 -53.89
CA ASN O 33 15.54 -42.42 -54.66
C ASN O 33 15.13 -43.10 -55.96
N LEU O 34 14.25 -42.43 -56.71
CA LEU O 34 13.54 -43.00 -57.84
C LEU O 34 13.66 -42.11 -59.07
N VAL O 35 14.89 -41.70 -59.38
CA VAL O 35 15.16 -40.73 -60.44
C VAL O 35 15.37 -41.47 -61.76
N SER O 36 14.96 -40.82 -62.85
CA SER O 36 15.15 -41.36 -64.19
C SER O 36 15.59 -40.23 -65.12
N TRP O 37 16.29 -40.61 -66.19
CA TRP O 37 16.86 -39.67 -67.14
C TRP O 37 16.40 -39.99 -68.55
N TYR O 38 16.18 -38.95 -69.36
CA TYR O 38 15.69 -39.11 -70.72
C TYR O 38 16.54 -38.29 -71.67
N GLN O 39 16.81 -38.87 -72.84
CA GLN O 39 17.51 -38.17 -73.91
C GLN O 39 16.55 -37.99 -75.08
N ARG O 40 16.58 -36.78 -75.65
CA ARG O 40 15.70 -36.44 -76.77
C ARG O 40 16.48 -35.58 -77.75
N HIS O 41 16.87 -36.16 -78.89
CA HIS O 41 17.37 -35.38 -79.99
C HIS O 41 16.23 -34.51 -80.53
N PRO O 42 16.57 -33.42 -81.24
CA PRO O 42 15.49 -32.55 -81.74
C PRO O 42 14.55 -33.21 -82.73
N GLY O 43 13.29 -33.38 -82.37
CA GLY O 43 12.31 -33.96 -83.32
C GLY O 43 11.85 -35.37 -83.00
N LYS O 44 12.77 -36.23 -82.58
CA LYS O 44 12.44 -37.63 -82.32
C LYS O 44 11.67 -37.75 -81.00
N ALA O 45 11.44 -38.98 -80.57
CA ALA O 45 10.79 -39.40 -79.34
C ALA O 45 11.81 -39.49 -78.21
N PRO O 46 11.42 -39.11 -76.99
CA PRO O 46 12.31 -39.28 -75.84
C PRO O 46 12.59 -40.76 -75.58
N LYS O 47 13.79 -41.03 -75.09
CA LYS O 47 14.26 -42.39 -74.84
C LYS O 47 14.69 -42.51 -73.39
N LEU O 48 14.33 -43.63 -72.75
CA LEU O 48 14.75 -43.90 -71.39
C LEU O 48 16.20 -44.40 -71.40
N ILE O 49 17.09 -43.61 -70.78
CA ILE O 49 18.49 -43.98 -70.70
C ILE O 49 18.89 -44.44 -69.31
N LEU O 50 18.23 -43.97 -68.25
CA LEU O 50 18.43 -44.46 -66.90
C LEU O 50 17.17 -44.31 -66.08
N TYR O 51 16.98 -45.22 -65.14
CA TYR O 51 15.95 -45.14 -64.12
C TYR O 51 16.56 -45.64 -62.82
N GLU O 52 15.84 -45.37 -61.73
CA GLU O 52 16.23 -45.79 -60.35
C GLU O 52 17.65 -45.32 -60.07
N VAL O 53 17.91 -44.06 -60.38
CA VAL O 53 19.23 -43.40 -60.18
C VAL O 53 20.34 -44.15 -60.92
N SER O 54 20.72 -45.34 -60.47
CA SER O 54 21.86 -45.93 -61.16
C SER O 54 21.50 -46.89 -62.30
N GLU O 55 20.33 -47.50 -62.28
CA GLU O 55 20.06 -48.63 -63.18
C GLU O 55 19.96 -48.19 -64.64
N ARG O 56 20.14 -49.16 -65.54
CA ARG O 56 20.29 -48.91 -66.97
C ARG O 56 19.36 -49.84 -67.75
N PRO O 57 18.52 -49.30 -68.64
CA PRO O 57 17.67 -50.17 -69.47
C PRO O 57 18.49 -50.89 -70.53
N SER O 58 17.90 -51.97 -71.04
CA SER O 58 18.57 -52.79 -72.04
C SER O 58 18.85 -51.98 -73.32
N GLY O 59 20.08 -52.06 -73.79
CA GLY O 59 20.46 -51.37 -75.01
C GLY O 59 21.29 -50.12 -74.79
N VAL O 60 21.00 -49.39 -73.71
CA VAL O 60 21.72 -48.16 -73.42
C VAL O 60 23.17 -48.47 -73.13
N SER O 61 24.07 -47.66 -73.69
CA SER O 61 25.50 -47.90 -73.57
C SER O 61 25.97 -47.74 -72.12
N ASN O 62 27.00 -48.50 -71.77
CA ASN O 62 27.57 -48.43 -70.43
C ASN O 62 28.29 -47.12 -70.16
N ARG O 63 28.53 -46.30 -71.18
CA ARG O 63 29.04 -44.96 -70.94
C ARG O 63 28.05 -44.13 -70.13
N PHE O 64 26.77 -44.51 -70.10
CA PHE O 64 25.74 -43.75 -69.40
C PHE O 64 25.65 -44.20 -67.94
N SER O 65 25.83 -43.25 -67.03
CA SER O 65 25.81 -43.52 -65.59
C SER O 65 25.16 -42.35 -64.87
N GLY O 66 24.79 -42.59 -63.61
CA GLY O 66 24.16 -41.56 -62.80
C GLY O 66 24.29 -41.87 -61.33
N SER O 67 24.26 -40.83 -60.51
CA SER O 67 24.41 -40.96 -59.07
C SER O 67 23.49 -39.95 -58.38
N LYS O 68 23.36 -40.11 -57.06
CA LYS O 68 22.56 -39.21 -56.24
C LYS O 68 23.36 -38.78 -55.01
N SER O 69 23.05 -37.58 -54.52
CA SER O 69 23.64 -37.08 -53.28
C SER O 69 22.71 -36.01 -52.71
N GLY O 70 21.92 -36.38 -51.72
CA GLY O 70 21.01 -35.44 -51.11
C GLY O 70 19.96 -34.98 -52.10
N ASN O 71 19.91 -33.67 -52.35
CA ASN O 71 18.94 -33.13 -53.31
C ASN O 71 19.35 -33.39 -54.75
N THR O 72 20.64 -33.57 -55.01
CA THR O 72 21.17 -33.51 -56.37
C THR O 72 21.28 -34.92 -56.97
N ALA O 73 20.68 -35.10 -58.14
CA ALA O 73 20.92 -36.25 -59.00
C ALA O 73 21.72 -35.78 -60.21
N SER O 74 22.65 -36.62 -60.67
CA SER O 74 23.58 -36.21 -61.71
C SER O 74 23.70 -37.29 -62.78
N LEU O 75 23.64 -36.88 -64.04
CA LEU O 75 23.86 -37.76 -65.17
C LEU O 75 25.30 -37.59 -65.65
N THR O 76 26.04 -38.70 -65.71
CA THR O 76 27.45 -38.70 -66.05
C THR O 76 27.66 -39.36 -67.41
N ILE O 77 28.38 -38.69 -68.29
CA ILE O 77 28.77 -39.27 -69.58
C ILE O 77 30.28 -39.36 -69.64
N SER O 78 30.78 -40.47 -70.17
CA SER O 78 32.19 -40.68 -70.40
C SER O 78 32.39 -41.14 -71.84
N GLY O 79 33.53 -40.79 -72.42
CA GLY O 79 33.76 -41.07 -73.82
C GLY O 79 32.77 -40.35 -74.72
N LEU O 80 32.60 -39.05 -74.48
CA LEU O 80 31.59 -38.28 -75.19
C LEU O 80 31.83 -38.32 -76.69
N GLN O 81 30.73 -38.34 -77.46
CA GLN O 81 30.77 -38.43 -78.91
C GLN O 81 29.87 -37.36 -79.50
N ALA O 82 29.77 -37.35 -80.83
CA ALA O 82 28.94 -36.35 -81.52
C ALA O 82 27.47 -36.75 -81.59
N GLU O 83 27.14 -38.03 -81.39
CA GLU O 83 25.74 -38.43 -81.35
C GLU O 83 25.03 -37.97 -80.07
N ASP O 84 25.79 -37.72 -79.00
CA ASP O 84 25.21 -37.41 -77.71
C ASP O 84 24.71 -35.98 -77.60
N GLU O 85 24.98 -35.13 -78.59
CA GLU O 85 24.51 -33.76 -78.53
C GLU O 85 22.99 -33.73 -78.70
N ALA O 86 22.28 -33.51 -77.60
CA ALA O 86 20.81 -33.51 -77.60
C ALA O 86 20.33 -32.82 -76.34
N ASP O 87 19.04 -32.93 -76.06
CA ASP O 87 18.44 -32.42 -74.84
C ASP O 87 18.17 -33.56 -73.87
N TYR O 88 18.48 -33.32 -72.59
CA TYR O 88 18.36 -34.34 -71.56
C TYR O 88 17.44 -33.84 -70.45
N PHE O 89 16.59 -34.74 -69.95
CA PHE O 89 15.56 -34.36 -69.00
C PHE O 89 15.65 -35.19 -67.72
N CYS O 90 15.58 -34.50 -66.59
CA CYS O 90 15.56 -35.12 -65.27
C CYS O 90 14.13 -35.41 -64.84
N CYS O 91 13.92 -36.55 -64.20
CA CYS O 91 12.59 -36.96 -63.78
C CYS O 91 12.68 -37.69 -62.45
N SER O 92 11.79 -37.35 -61.52
CA SER O 92 11.84 -37.93 -60.18
C SER O 92 10.45 -37.93 -59.55
N TYR O 93 10.10 -39.03 -58.89
CA TYR O 93 8.83 -39.16 -58.21
C TYR O 93 8.85 -38.36 -56.92
N ALA O 94 8.01 -37.32 -56.84
CA ALA O 94 8.06 -36.40 -55.71
C ALA O 94 7.36 -36.98 -54.48
N ASP O 95 6.06 -37.22 -54.57
CA ASP O 95 5.29 -37.69 -53.44
C ASP O 95 3.99 -38.30 -53.95
N THR O 96 3.13 -38.71 -53.01
CA THR O 96 1.81 -39.20 -53.38
C THR O 96 0.94 -38.11 -53.97
N ASN O 97 1.18 -36.86 -53.58
CA ASN O 97 0.29 -35.79 -53.99
C ASN O 97 0.55 -35.33 -55.42
N ILE O 98 1.78 -34.95 -55.75
CA ILE O 98 1.91 -34.34 -57.06
C ILE O 98 2.08 -35.43 -58.09
N PHE O 99 3.32 -35.89 -58.33
CA PHE O 99 3.73 -37.19 -58.88
C PHE O 99 5.16 -36.97 -59.37
N TRP O 100 5.69 -37.88 -60.19
CA TRP O 100 6.88 -37.57 -60.98
C TRP O 100 6.87 -36.12 -61.43
N VAL O 101 7.98 -35.42 -61.20
CA VAL O 101 8.17 -34.07 -61.70
C VAL O 101 9.44 -34.06 -62.55
N PHE O 102 9.51 -33.07 -63.45
CA PHE O 102 10.59 -33.00 -64.42
C PHE O 102 11.45 -31.77 -64.19
N GLY O 103 12.63 -31.79 -64.82
CA GLY O 103 13.46 -30.61 -64.91
C GLY O 103 13.20 -29.83 -66.18
N GLY O 104 13.65 -28.57 -66.19
CA GLY O 104 13.40 -27.71 -67.34
C GLY O 104 14.01 -28.24 -68.62
N GLY O 105 15.23 -28.75 -68.54
CA GLY O 105 15.91 -29.26 -69.71
C GLY O 105 17.34 -28.74 -69.85
N THR O 106 18.25 -29.61 -70.28
CA THR O 106 19.65 -29.26 -70.45
C THR O 106 20.06 -29.53 -71.89
N HIS O 107 20.66 -28.54 -72.55
CA HIS O 107 21.24 -28.71 -73.86
C HIS O 107 22.75 -28.84 -73.70
N LEU O 108 23.22 -30.09 -73.85
CA LEU O 108 24.67 -30.42 -73.82
C LEU O 108 25.24 -30.03 -75.20
N THR O 109 26.45 -29.49 -75.23
CA THR O 109 27.08 -29.02 -76.46
C THR O 109 28.43 -29.70 -76.64
N VAL O 110 28.49 -30.65 -77.57
CA VAL O 110 29.72 -31.36 -77.85
C VAL O 110 30.68 -30.46 -78.63
N LEU O 111 31.90 -30.32 -78.12
CA LEU O 111 32.92 -29.52 -78.80
C LEU O 111 33.68 -30.37 -79.83
N GLY O 112 32.92 -30.85 -80.81
CA GLY O 112 33.49 -31.65 -81.88
C GLY O 112 34.44 -30.86 -82.74
N GLN O 113 33.96 -29.67 -83.19
CA GLN O 113 34.69 -28.65 -84.02
C GLN O 113 35.11 -27.37 -83.25
N PRO O 114 34.77 -26.12 -83.69
CA PRO O 114 35.49 -24.85 -83.39
C PRO O 114 34.62 -23.71 -82.80
N LYS O 115 35.11 -22.45 -82.60
CA LYS O 115 34.18 -21.48 -82.03
C LYS O 115 34.08 -20.30 -82.99
N ALA O 116 32.86 -19.97 -83.42
CA ALA O 116 32.63 -18.88 -84.35
C ALA O 116 32.06 -17.67 -83.60
N ALA O 117 32.36 -16.50 -84.13
CA ALA O 117 31.84 -15.27 -83.57
C ALA O 117 30.51 -14.89 -84.22
N PRO O 118 29.63 -14.21 -83.49
CA PRO O 118 28.36 -13.80 -84.09
C PRO O 118 28.51 -12.63 -85.06
N SER O 119 28.24 -12.89 -86.34
CA SER O 119 28.26 -11.83 -87.35
C SER O 119 26.94 -11.08 -87.28
N VAL O 120 27.00 -9.82 -86.88
CA VAL O 120 25.81 -9.01 -86.60
C VAL O 120 25.57 -8.06 -87.76
N THR O 121 24.31 -7.97 -88.19
CA THR O 121 23.90 -7.07 -89.27
C THR O 121 22.68 -6.29 -88.77
N LEU O 122 22.89 -5.04 -88.38
CA LEU O 122 21.85 -4.18 -87.84
C LEU O 122 21.29 -3.28 -88.93
N PHE O 123 19.97 -3.29 -89.09
CA PHE O 123 19.32 -2.52 -90.13
C PHE O 123 18.33 -1.52 -89.54
N PRO O 124 18.25 -0.32 -90.10
CA PRO O 124 17.27 0.65 -89.60
C PRO O 124 15.93 0.49 -90.31
N PRO O 125 14.88 1.16 -89.85
CA PRO O 125 13.61 1.13 -90.57
C PRO O 125 13.72 1.87 -91.90
N SER O 126 12.93 1.40 -92.87
CA SER O 126 12.85 2.06 -94.17
C SER O 126 11.81 3.18 -94.12
N SER O 127 11.95 4.11 -95.08
CA SER O 127 11.04 5.25 -95.13
C SER O 127 9.62 4.84 -95.50
N GLU O 128 9.47 3.78 -96.31
CA GLU O 128 8.14 3.33 -96.68
C GLU O 128 7.39 2.76 -95.48
N GLU O 129 8.11 2.19 -94.52
CA GLU O 129 7.47 1.73 -93.29
C GLU O 129 7.11 2.89 -92.37
N LEU O 130 7.98 3.91 -92.31
CA LEU O 130 7.65 5.11 -91.54
C LEU O 130 6.46 5.85 -92.13
N GLN O 131 6.25 5.71 -93.44
CA GLN O 131 5.03 6.23 -94.06
C GLN O 131 3.79 5.56 -93.47
N ALA O 132 3.93 4.29 -93.06
CA ALA O 132 2.84 3.54 -92.46
C ALA O 132 2.77 3.70 -90.95
N ASN O 133 3.48 4.69 -90.39
CA ASN O 133 3.37 5.10 -88.99
C ASN O 133 3.99 4.08 -88.03
N LYS O 134 4.87 3.21 -88.52
CA LYS O 134 5.54 2.25 -87.66
C LYS O 134 7.03 2.20 -88.01
N ALA O 135 7.82 1.70 -87.06
CA ALA O 135 9.26 1.57 -87.24
C ALA O 135 9.75 0.34 -86.48
N THR O 136 10.61 -0.45 -87.11
CA THR O 136 11.23 -1.61 -86.48
C THR O 136 12.70 -1.66 -86.83
N LEU O 137 13.55 -1.83 -85.81
CA LEU O 137 14.97 -2.09 -86.02
C LEU O 137 15.23 -3.59 -86.04
N VAL O 138 16.04 -4.03 -87.00
CA VAL O 138 16.26 -5.44 -87.26
C VAL O 138 17.72 -5.75 -87.01
N CYS O 139 17.99 -6.66 -86.09
CA CYS O 139 19.34 -7.09 -85.75
C CYS O 139 19.49 -8.55 -86.18
N LEU O 140 20.23 -8.76 -87.27
CA LEU O 140 20.42 -10.07 -87.87
C LEU O 140 21.75 -10.65 -87.40
N ILE O 141 21.69 -11.76 -86.69
CA ILE O 141 22.88 -12.42 -86.13
C ILE O 141 23.06 -13.76 -86.82
N SER O 142 24.25 -14.01 -87.35
CA SER O 142 24.47 -15.19 -88.17
C SER O 142 25.87 -15.75 -87.92
N ASP O 143 26.00 -17.06 -88.15
CA ASP O 143 27.28 -17.75 -88.23
C ASP O 143 28.03 -17.75 -86.89
N PHE O 144 27.32 -18.08 -85.82
CA PHE O 144 27.96 -18.28 -84.53
C PHE O 144 27.88 -19.76 -84.12
N TYR O 145 28.81 -20.15 -83.26
CA TYR O 145 28.89 -21.47 -82.63
C TYR O 145 29.53 -21.16 -81.28
N PRO O 146 28.95 -21.59 -80.16
CA PRO O 146 27.69 -22.33 -80.07
C PRO O 146 26.44 -21.46 -80.05
N GLY O 147 25.28 -22.10 -80.17
CA GLY O 147 24.02 -21.42 -80.04
C GLY O 147 23.71 -21.08 -78.60
N ALA O 148 24.54 -20.22 -78.00
CA ALA O 148 24.33 -19.68 -76.66
C ALA O 148 24.55 -18.17 -76.75
N VAL O 149 23.48 -17.42 -77.03
CA VAL O 149 23.56 -16.00 -77.37
C VAL O 149 22.52 -15.21 -76.59
N THR O 150 22.94 -14.08 -76.03
CA THR O 150 22.06 -13.14 -75.35
C THR O 150 21.98 -11.85 -76.15
N VAL O 151 20.77 -11.41 -76.47
CA VAL O 151 20.53 -10.24 -77.30
C VAL O 151 20.09 -9.08 -76.42
N ALA O 152 20.70 -7.91 -76.63
CA ALA O 152 20.38 -6.71 -75.86
C ALA O 152 20.19 -5.53 -76.81
N TRP O 153 19.28 -4.63 -76.43
CA TRP O 153 18.95 -3.44 -77.21
C TRP O 153 19.20 -2.19 -76.36
N LYS O 154 19.46 -1.07 -77.02
CA LYS O 154 19.82 0.16 -76.31
C LYS O 154 19.21 1.38 -76.99
N ALA O 155 18.87 2.37 -76.16
CA ALA O 155 18.29 3.65 -76.60
C ALA O 155 19.24 4.77 -76.19
N ASP O 156 20.20 5.05 -77.08
CA ASP O 156 21.26 6.05 -77.04
C ASP O 156 22.36 5.74 -76.04
N SER O 157 22.03 5.11 -74.91
CA SER O 157 22.99 4.42 -74.08
C SER O 157 22.28 3.41 -73.17
N SER O 158 20.96 3.36 -73.26
CA SER O 158 20.17 2.81 -72.18
C SER O 158 19.42 1.56 -72.63
N PRO O 159 19.33 0.54 -71.77
CA PRO O 159 18.65 -0.70 -72.17
C PRO O 159 17.18 -0.45 -72.50
N VAL O 160 16.71 -1.14 -73.54
CA VAL O 160 15.32 -1.04 -73.97
C VAL O 160 14.51 -2.14 -73.29
N LYS O 161 13.27 -1.82 -72.93
CA LYS O 161 12.44 -2.73 -72.13
C LYS O 161 11.27 -3.31 -72.91
N ALA O 162 10.45 -2.49 -73.54
CA ALA O 162 9.20 -2.94 -74.13
C ALA O 162 9.32 -3.08 -75.64
N GLY O 163 8.78 -4.17 -76.18
CA GLY O 163 8.71 -4.40 -77.61
C GLY O 163 9.73 -5.37 -78.15
N VAL O 164 10.75 -5.72 -77.38
CA VAL O 164 11.81 -6.58 -77.87
C VAL O 164 11.32 -8.02 -77.91
N GLU O 165 11.40 -8.65 -79.08
CA GLU O 165 11.12 -10.06 -79.21
C GLU O 165 12.36 -10.78 -79.75
N THR O 166 12.47 -12.07 -79.42
CA THR O 166 13.66 -12.82 -79.79
C THR O 166 13.28 -14.20 -80.30
N THR O 167 14.14 -14.76 -81.15
CA THR O 167 14.02 -16.12 -81.65
C THR O 167 14.97 -17.04 -80.90
N THR O 168 14.80 -18.32 -81.12
CA THR O 168 15.77 -19.27 -80.63
C THR O 168 16.72 -19.68 -81.76
N PRO O 169 17.98 -19.93 -81.44
CA PRO O 169 18.97 -20.21 -82.50
C PRO O 169 18.58 -21.39 -83.37
N SER O 170 18.39 -21.12 -84.66
CA SER O 170 18.04 -22.13 -85.64
C SER O 170 19.27 -22.49 -86.47
N LYS O 171 19.43 -23.78 -86.74
CA LYS O 171 20.63 -24.28 -87.40
C LYS O 171 20.65 -23.91 -88.88
N GLN O 172 21.86 -23.75 -89.42
CA GLN O 172 22.08 -23.42 -90.82
C GLN O 172 22.31 -24.68 -91.65
N SER O 173 22.61 -24.49 -92.93
CA SER O 173 23.02 -25.58 -93.80
C SER O 173 24.52 -25.80 -93.81
N ASN O 174 25.30 -24.90 -93.18
CA ASN O 174 26.73 -25.09 -93.02
C ASN O 174 27.11 -25.37 -91.56
N ASN O 175 26.16 -25.90 -90.79
CA ASN O 175 26.34 -26.45 -89.44
C ASN O 175 26.60 -25.39 -88.37
N LYS O 176 26.43 -24.11 -88.69
CA LYS O 176 26.44 -23.06 -87.69
C LYS O 176 25.01 -22.66 -87.37
N TYR O 177 24.85 -21.68 -86.47
CA TYR O 177 23.54 -21.24 -86.04
C TYR O 177 23.30 -19.79 -86.45
N ALA O 178 22.03 -19.41 -86.49
CA ALA O 178 21.64 -18.06 -86.89
C ALA O 178 20.40 -17.64 -86.12
N ALA O 179 20.25 -16.33 -85.94
CA ALA O 179 19.13 -15.77 -85.19
C ALA O 179 18.76 -14.41 -85.78
N SER O 180 17.59 -13.92 -85.39
CA SER O 180 17.07 -12.65 -85.90
C SER O 180 16.27 -11.96 -84.80
N SER O 181 16.59 -10.71 -84.52
CA SER O 181 15.90 -9.96 -83.47
C SER O 181 15.26 -8.71 -84.05
N TYR O 182 14.14 -8.31 -83.46
CA TYR O 182 13.31 -7.22 -83.97
C TYR O 182 12.88 -6.34 -82.81
N LEU O 183 13.13 -5.03 -82.94
CA LEU O 183 12.73 -4.04 -81.95
C LEU O 183 11.61 -3.19 -82.54
N SER O 184 10.44 -3.24 -81.92
CA SER O 184 9.27 -2.51 -82.39
C SER O 184 9.24 -1.11 -81.78
N LEU O 185 8.96 -0.11 -82.61
CA LEU O 185 9.00 1.28 -82.19
C LEU O 185 7.97 2.08 -82.96
N THR O 186 7.74 3.34 -82.50
CA THR O 186 6.94 4.39 -83.08
C THR O 186 7.83 5.41 -83.78
N PRO O 187 7.34 6.08 -84.83
CA PRO O 187 8.22 6.96 -85.62
C PRO O 187 8.81 8.12 -84.84
N GLU O 188 8.14 8.59 -83.78
CA GLU O 188 8.68 9.72 -83.04
C GLU O 188 9.86 9.33 -82.17
N GLN O 189 9.85 8.12 -81.61
CA GLN O 189 10.98 7.66 -80.80
C GLN O 189 12.24 7.52 -81.64
N TRP O 190 12.11 7.02 -82.87
CA TRP O 190 13.25 6.81 -83.74
C TRP O 190 13.93 8.12 -84.14
N LYS O 191 13.20 9.23 -84.11
CA LYS O 191 13.75 10.54 -84.47
C LYS O 191 14.22 11.36 -83.28
N SER O 192 13.53 11.25 -82.14
CA SER O 192 13.92 12.04 -80.97
C SER O 192 15.20 11.54 -80.35
N HIS O 193 15.56 10.27 -80.54
CA HIS O 193 16.78 9.72 -79.98
C HIS O 193 17.95 9.91 -80.95
N ARG O 194 19.16 9.79 -80.41
CA ARG O 194 20.36 9.97 -81.22
C ARG O 194 20.64 8.75 -82.08
N SER O 195 20.55 7.55 -81.49
CA SER O 195 20.81 6.31 -82.20
C SER O 195 20.36 5.14 -81.34
N TYR O 196 20.22 3.98 -81.99
CA TYR O 196 19.92 2.73 -81.30
C TYR O 196 20.99 1.71 -81.63
N SER O 197 21.17 0.74 -80.73
CA SER O 197 22.24 -0.24 -80.87
C SER O 197 21.76 -1.61 -80.42
N CYS O 198 22.09 -2.63 -81.21
CA CYS O 198 21.87 -4.03 -80.84
C CYS O 198 23.20 -4.65 -80.43
N GLN O 199 23.14 -5.52 -79.41
CA GLN O 199 24.33 -6.18 -78.88
C GLN O 199 24.09 -7.68 -78.83
N VAL O 200 25.15 -8.45 -79.05
CA VAL O 200 25.08 -9.90 -79.08
C VAL O 200 26.16 -10.46 -78.17
N THR O 201 25.74 -11.09 -77.07
CA THR O 201 26.68 -11.66 -76.10
C THR O 201 26.87 -13.14 -76.41
N HIS O 202 28.12 -13.52 -76.61
CA HIS O 202 28.43 -14.86 -77.11
C HIS O 202 29.79 -15.26 -76.53
N GLU O 203 29.75 -16.14 -75.54
CA GLU O 203 30.97 -16.62 -74.86
C GLU O 203 31.77 -15.46 -74.30
N GLY O 204 31.08 -14.47 -73.77
CA GLY O 204 31.74 -13.31 -73.16
C GLY O 204 31.98 -12.11 -74.06
N SER O 205 32.57 -12.35 -75.23
CA SER O 205 32.91 -11.24 -76.13
C SER O 205 31.64 -10.68 -76.76
N THR O 206 31.43 -9.37 -76.58
CA THR O 206 30.22 -8.70 -77.02
C THR O 206 30.46 -7.98 -78.34
N VAL O 207 29.59 -8.23 -79.31
CA VAL O 207 29.64 -7.58 -80.61
C VAL O 207 28.39 -6.71 -80.74
N GLU O 208 28.57 -5.47 -81.20
CA GLU O 208 27.45 -4.55 -81.31
C GLU O 208 27.61 -3.65 -82.53
N LYS O 209 26.48 -3.17 -83.03
CA LYS O 209 26.40 -2.21 -84.13
C LYS O 209 25.56 -1.02 -83.68
N THR O 210 25.48 -0.01 -84.53
CA THR O 210 24.73 1.19 -84.21
C THR O 210 24.19 1.82 -85.49
N VAL O 211 22.93 2.26 -85.44
CA VAL O 211 22.30 2.97 -86.55
C VAL O 211 21.60 4.21 -86.00
N ALA O 212 21.58 5.25 -86.81
CA ALA O 212 21.04 6.54 -86.44
C ALA O 212 20.06 7.05 -87.49
N PRO O 213 19.12 7.90 -87.11
CA PRO O 213 18.16 8.42 -88.10
C PRO O 213 18.83 9.35 -89.10
N THR O 214 18.42 9.21 -90.36
CA THR O 214 18.86 10.09 -91.44
C THR O 214 17.62 10.61 -92.17
N GLU O 215 17.81 11.69 -92.92
CA GLU O 215 16.69 12.32 -93.62
C GLU O 215 17.14 12.83 -94.98
N CYS O 216 16.30 12.60 -95.99
CA CYS O 216 16.53 13.11 -97.33
C CYS O 216 15.90 14.50 -97.42
N SER O 217 16.69 15.51 -97.07
CA SER O 217 16.21 16.89 -97.04
C SER O 217 15.92 17.41 -98.45
N ALA P 1 -29.67 -45.91 -55.32
CA ALA P 1 -30.09 -45.19 -56.52
C ALA P 1 -28.90 -44.94 -57.44
N HIS P 2 -28.75 -45.76 -58.48
CA HIS P 2 -29.65 -46.88 -58.75
C HIS P 2 -29.29 -48.10 -57.91
N CYS P 3 -30.32 -48.72 -57.31
CA CYS P 3 -30.08 -49.85 -56.43
C CYS P 3 -29.48 -51.05 -57.15
N ILE P 4 -29.67 -51.15 -58.46
CA ILE P 4 -28.90 -52.11 -59.25
C ILE P 4 -27.47 -51.59 -59.33
N GLY P 5 -26.53 -52.37 -58.83
CA GLY P 5 -25.16 -51.93 -58.70
C GLY P 5 -24.74 -51.53 -57.31
N ILE P 6 -25.62 -51.67 -56.32
CA ILE P 6 -25.27 -51.54 -54.91
C ILE P 6 -25.56 -52.88 -54.28
N THR P 7 -24.51 -53.59 -53.87
CA THR P 7 -24.62 -55.01 -53.55
C THR P 7 -25.58 -55.26 -52.39
N ASP P 8 -25.51 -54.44 -51.35
CA ASP P 8 -26.41 -54.57 -50.21
C ASP P 8 -27.69 -53.79 -50.53
N ARG P 9 -28.79 -54.51 -50.69
CA ARG P 9 -30.04 -53.95 -51.17
C ARG P 9 -31.21 -54.49 -50.36
N ASP P 10 -32.25 -53.68 -50.23
CA ASP P 10 -33.45 -54.04 -49.49
C ASP P 10 -34.68 -53.56 -50.25
N PHE P 11 -35.71 -54.41 -50.29
CA PHE P 11 -36.99 -54.06 -50.92
C PHE P 11 -38.03 -53.81 -49.84
N ILE P 12 -38.71 -52.67 -49.94
CA ILE P 12 -39.80 -52.31 -49.05
C ILE P 12 -41.05 -52.08 -49.90
N GLU P 13 -42.14 -52.73 -49.53
CA GLU P 13 -43.40 -52.63 -50.27
C GLU P 13 -44.53 -52.24 -49.32
N GLY P 14 -45.26 -51.18 -49.68
CA GLY P 14 -46.31 -50.67 -48.84
C GLY P 14 -47.68 -51.21 -49.19
N VAL P 15 -48.68 -50.74 -48.44
CA VAL P 15 -50.05 -51.20 -48.57
C VAL P 15 -50.70 -50.53 -49.77
N HIS P 16 -51.69 -51.23 -50.37
CA HIS P 16 -52.43 -50.67 -51.49
C HIS P 16 -53.06 -49.33 -51.16
N GLY P 17 -53.48 -49.14 -49.90
CA GLY P 17 -53.96 -47.84 -49.46
C GLY P 17 -53.15 -47.28 -48.30
N GLY P 18 -52.37 -46.24 -48.56
CA GLY P 18 -51.53 -45.64 -47.55
C GLY P 18 -50.64 -44.55 -48.11
N THR P 19 -50.15 -43.65 -47.25
CA THR P 19 -49.39 -42.49 -47.68
C THR P 19 -47.90 -42.60 -47.41
N TRP P 20 -47.51 -42.94 -46.18
CA TRP P 20 -46.13 -42.91 -45.75
C TRP P 20 -45.55 -44.31 -45.66
N VAL P 21 -44.33 -44.48 -46.16
CA VAL P 21 -43.57 -45.71 -46.05
C VAL P 21 -42.26 -45.40 -45.34
N SER P 22 -41.95 -46.17 -44.29
CA SER P 22 -40.75 -45.94 -43.50
C SER P 22 -39.58 -46.72 -44.07
N ALA P 23 -38.44 -46.06 -44.18
CA ALA P 23 -37.23 -46.70 -44.71
C ALA P 23 -36.01 -46.09 -44.05
N THR P 24 -35.08 -46.95 -43.64
CA THR P 24 -33.83 -46.53 -43.02
C THR P 24 -32.69 -46.73 -44.02
N LEU P 25 -31.85 -45.70 -44.17
CA LEU P 25 -30.79 -45.69 -45.15
C LEU P 25 -29.44 -45.72 -44.44
N GLU P 26 -28.71 -46.82 -44.61
CA GLU P 26 -27.37 -46.97 -44.08
C GLU P 26 -26.35 -46.73 -45.19
N GLN P 27 -25.17 -46.26 -44.78
CA GLN P 27 -24.12 -45.95 -45.75
C GLN P 27 -23.70 -47.21 -46.50
N ASP P 28 -23.37 -47.02 -47.78
CA ASP P 28 -23.00 -48.11 -48.69
C ASP P 28 -24.13 -49.13 -48.83
N LYS P 29 -25.37 -48.66 -48.71
CA LYS P 29 -26.56 -49.48 -48.92
C LYS P 29 -27.58 -48.65 -49.69
N CYS P 30 -28.70 -49.28 -50.01
CA CYS P 30 -29.80 -48.59 -50.69
C CYS P 30 -31.08 -49.37 -50.47
N VAL P 31 -32.20 -48.71 -50.73
CA VAL P 31 -33.52 -49.28 -50.51
C VAL P 31 -34.37 -49.04 -51.76
N THR P 32 -35.04 -50.08 -52.24
CA THR P 32 -36.00 -49.98 -53.33
C THR P 32 -37.40 -50.06 -52.74
N VAL P 33 -38.11 -48.94 -52.76
CA VAL P 33 -39.45 -48.84 -52.20
C VAL P 33 -40.46 -49.04 -53.33
N MET P 34 -41.40 -49.95 -53.12
CA MET P 34 -42.40 -50.29 -54.13
C MET P 34 -43.81 -50.07 -53.57
N ALA P 35 -44.66 -49.47 -54.39
CA ALA P 35 -46.08 -49.33 -54.08
C ALA P 35 -46.88 -49.73 -55.31
N PRO P 36 -48.01 -50.42 -55.13
CA PRO P 36 -48.79 -50.86 -56.29
C PRO P 36 -49.28 -49.66 -57.11
N ASP P 37 -49.21 -49.81 -58.43
CA ASP P 37 -49.60 -48.77 -59.37
C ASP P 37 -48.84 -47.47 -59.13
N LYS P 38 -47.58 -47.58 -58.70
CA LYS P 38 -46.66 -46.47 -58.54
C LYS P 38 -45.31 -46.93 -59.05
N PRO P 39 -44.54 -46.06 -59.71
CA PRO P 39 -43.20 -46.46 -60.14
C PRO P 39 -42.28 -46.68 -58.96
N SER P 40 -41.51 -47.76 -59.02
CA SER P 40 -40.59 -48.09 -57.95
C SER P 40 -39.50 -47.03 -57.82
N LEU P 41 -39.07 -46.79 -56.59
CA LEU P 41 -38.29 -45.61 -56.25
C LEU P 41 -37.10 -46.03 -55.38
N ASP P 42 -35.89 -45.78 -55.87
CA ASP P 42 -34.67 -46.14 -55.17
C ASP P 42 -34.19 -44.98 -54.31
N ILE P 43 -33.96 -45.25 -53.03
CA ILE P 43 -33.39 -44.29 -52.10
C ILE P 43 -32.05 -44.82 -51.60
N SER P 44 -31.08 -43.92 -51.46
CA SER P 44 -29.78 -44.33 -50.94
C SER P 44 -29.08 -43.13 -50.35
N LEU P 45 -28.44 -43.34 -49.20
CA LEU P 45 -27.73 -42.29 -48.49
C LEU P 45 -26.34 -42.12 -49.09
N GLN P 46 -26.04 -40.92 -49.56
CA GLN P 46 -24.77 -40.67 -50.26
C GLN P 46 -23.65 -40.30 -49.28
N THR P 47 -23.81 -39.20 -48.55
CA THR P 47 -22.79 -38.72 -47.63
C THR P 47 -23.41 -38.22 -46.35
N VAL P 48 -22.64 -38.26 -45.27
CA VAL P 48 -22.96 -37.59 -44.02
C VAL P 48 -21.74 -36.77 -43.64
N ALA P 49 -21.89 -35.45 -43.59
CA ALA P 49 -20.74 -34.55 -43.56
C ALA P 49 -20.95 -33.42 -42.58
N ILE P 50 -19.87 -32.65 -42.38
CA ILE P 50 -19.86 -31.49 -41.50
C ILE P 50 -19.02 -30.40 -42.15
N ASP P 51 -19.54 -29.18 -42.16
CA ASP P 51 -18.85 -28.05 -42.75
C ASP P 51 -18.16 -27.26 -41.65
N GLY P 52 -16.83 -27.36 -41.61
CA GLY P 52 -16.02 -26.58 -40.70
C GLY P 52 -16.29 -26.82 -39.24
N PRO P 53 -15.95 -28.01 -38.74
CA PRO P 53 -16.05 -28.26 -37.30
C PRO P 53 -15.06 -27.40 -36.53
N ALA P 54 -15.47 -27.00 -35.34
CA ALA P 54 -14.63 -26.12 -34.52
C ALA P 54 -13.42 -26.87 -33.99
N GLU P 55 -12.25 -26.27 -34.12
CA GLU P 55 -11.01 -26.87 -33.64
C GLU P 55 -10.96 -26.83 -32.11
N ALA P 56 -10.54 -27.94 -31.51
CA ALA P 56 -10.48 -28.06 -30.06
C ALA P 56 -9.06 -28.25 -29.55
N ARG P 57 -8.31 -29.20 -30.11
CA ARG P 57 -6.99 -29.54 -29.61
C ARG P 57 -6.02 -29.75 -30.77
N LYS P 58 -4.74 -29.75 -30.43
CA LYS P 58 -3.68 -30.27 -31.28
C LYS P 58 -2.76 -31.11 -30.40
N VAL P 59 -2.59 -32.38 -30.75
CA VAL P 59 -1.82 -33.31 -29.95
C VAL P 59 -0.56 -33.66 -30.72
N CYS P 60 0.59 -33.32 -30.15
CA CYS P 60 1.88 -33.57 -30.81
C CYS P 60 2.26 -35.04 -30.67
N TYR P 61 2.54 -35.70 -31.79
CA TYR P 61 3.03 -37.07 -31.78
C TYR P 61 4.44 -37.21 -32.36
N SER P 62 5.02 -36.13 -32.89
CA SER P 62 6.39 -36.14 -33.39
C SER P 62 7.02 -34.80 -33.06
N ALA P 63 8.06 -34.82 -32.23
CA ALA P 63 8.71 -33.61 -31.76
C ALA P 63 10.18 -33.64 -32.13
N VAL P 64 10.72 -32.48 -32.50
CA VAL P 64 12.12 -32.30 -32.81
C VAL P 64 12.76 -31.47 -31.71
N LEU P 65 13.89 -31.93 -31.20
CA LEU P 65 14.57 -31.29 -30.08
C LEU P 65 15.88 -30.67 -30.54
N THR P 66 16.21 -29.52 -29.95
CA THR P 66 17.53 -28.95 -30.11
C THR P 66 18.51 -29.63 -29.15
N HIS P 67 19.78 -29.24 -29.22
CA HIS P 67 20.75 -29.77 -28.28
C HIS P 67 20.50 -29.17 -26.89
N VAL P 68 20.68 -29.99 -25.86
CA VAL P 68 20.37 -29.55 -24.50
C VAL P 68 21.45 -28.60 -24.00
N LYS P 69 21.05 -27.68 -23.13
CA LYS P 69 21.95 -26.71 -22.52
C LYS P 69 21.90 -26.87 -21.01
N ILE P 70 23.08 -26.79 -20.38
CA ILE P 70 23.23 -27.13 -18.97
C ILE P 70 23.94 -25.99 -18.24
N ASN P 71 23.42 -25.65 -17.05
CA ASN P 71 24.13 -24.83 -16.08
C ASN P 71 24.13 -25.57 -14.75
N ASP P 72 25.21 -25.40 -13.98
CA ASP P 72 25.37 -26.14 -12.74
C ASP P 72 26.14 -25.31 -11.71
N LYS P 73 26.00 -25.69 -10.44
CA LYS P 73 26.64 -25.01 -9.33
C LYS P 73 27.15 -26.06 -8.34
N CYS P 74 28.14 -25.68 -7.57
CA CYS P 74 28.60 -26.51 -6.48
C CYS P 74 27.61 -26.47 -5.31
N PRO P 75 27.69 -27.44 -4.39
CA PRO P 75 26.85 -27.36 -3.16
C PRO P 75 27.11 -26.06 -2.42
N SER P 76 26.03 -25.47 -1.89
CA SER P 76 26.09 -24.26 -1.07
C SER P 76 26.62 -23.06 -1.86
N THR P 77 26.46 -23.09 -3.18
CA THR P 77 26.92 -22.02 -4.07
C THR P 77 25.77 -21.30 -4.76
N GLY P 78 24.55 -21.85 -4.69
CA GLY P 78 23.36 -21.24 -5.22
C GLY P 78 22.61 -22.19 -6.10
N GLU P 79 21.59 -21.67 -6.78
CA GLU P 79 20.85 -22.42 -7.78
C GLU P 79 21.35 -22.03 -9.17
N ALA P 80 21.50 -23.02 -10.04
CA ALA P 80 21.88 -22.75 -11.42
C ALA P 80 20.72 -22.08 -12.14
N HIS P 81 21.06 -21.28 -13.16
CA HIS P 81 20.06 -20.52 -13.89
C HIS P 81 20.41 -20.46 -15.37
N LEU P 82 19.38 -20.57 -16.21
CA LEU P 82 19.49 -20.34 -17.63
C LEU P 82 18.35 -19.42 -18.07
N ALA P 83 18.63 -18.55 -19.02
CA ALA P 83 17.57 -17.70 -19.58
C ALA P 83 16.54 -18.53 -20.33
N GLU P 84 16.95 -19.68 -20.85
CA GLU P 84 16.03 -20.60 -21.52
C GLU P 84 14.91 -21.04 -20.58
N GLU P 85 15.18 -21.01 -19.27
CA GLU P 85 14.22 -21.49 -18.27
C GLU P 85 12.95 -20.65 -18.24
N ASN P 86 13.00 -19.41 -18.72
CA ASN P 86 11.85 -18.51 -18.66
C ASN P 86 11.01 -18.51 -19.94
N ASP P 87 11.39 -19.31 -20.94
CA ASP P 87 10.68 -19.28 -22.21
C ASP P 87 9.57 -20.32 -22.23
N GLY P 88 8.51 -20.00 -22.98
CA GLY P 88 7.33 -20.86 -23.00
C GLY P 88 7.53 -22.14 -23.79
N ASP P 89 8.28 -22.09 -24.89
CA ASP P 89 8.43 -23.24 -25.77
C ASP P 89 9.72 -24.01 -25.49
N ASN P 90 10.18 -24.02 -24.24
CA ASN P 90 11.33 -24.78 -23.81
C ASN P 90 10.93 -25.80 -22.75
N ALA P 91 11.48 -27.00 -22.89
CA ALA P 91 11.33 -28.05 -21.89
C ALA P 91 12.60 -28.12 -21.07
N CYS P 92 12.46 -27.96 -19.77
CA CYS P 92 13.61 -28.00 -18.88
C CYS P 92 13.33 -28.87 -17.68
N LYS P 93 14.41 -29.34 -17.05
CA LYS P 93 14.35 -29.97 -15.74
C LYS P 93 15.36 -29.33 -14.81
N ARG P 94 15.00 -29.17 -13.54
CA ARG P 94 15.85 -28.55 -12.54
C ARG P 94 16.03 -29.54 -11.41
N THR P 95 17.27 -29.99 -11.19
CA THR P 95 17.57 -31.11 -10.31
C THR P 95 18.86 -30.77 -9.55
N TYR P 96 19.40 -31.77 -8.85
CA TYR P 96 20.64 -31.65 -8.10
C TYR P 96 21.55 -32.82 -8.44
N SER P 97 22.86 -32.58 -8.36
CA SER P 97 23.86 -33.58 -8.75
C SER P 97 24.86 -33.78 -7.64
N ASP P 98 25.32 -35.02 -7.48
CA ASP P 98 26.33 -35.35 -6.48
C ASP P 98 27.67 -34.78 -6.91
N ARG P 99 28.15 -33.77 -6.20
CA ARG P 99 29.39 -33.08 -6.53
C ARG P 99 30.41 -33.24 -5.41
N GLY P 100 31.67 -33.00 -5.74
CA GLY P 100 32.72 -33.09 -4.76
C GLY P 100 34.06 -32.65 -5.34
N TRP P 101 35.12 -32.97 -4.61
CA TRP P 101 36.46 -32.66 -5.09
C TRP P 101 36.76 -33.37 -6.41
N GLY P 102 36.18 -34.55 -6.61
CA GLY P 102 36.43 -35.33 -7.81
C GLY P 102 35.79 -34.77 -9.07
N ASN P 103 34.90 -33.79 -8.94
CA ASN P 103 34.29 -33.18 -10.12
C ASN P 103 34.21 -31.65 -10.00
N GLY P 104 35.12 -31.05 -9.23
CA GLY P 104 35.32 -29.62 -9.29
C GLY P 104 34.68 -28.78 -8.20
N CYS P 105 34.38 -29.36 -7.04
CA CYS P 105 33.72 -28.66 -5.95
C CYS P 105 34.54 -28.81 -4.67
N GLY P 106 34.46 -27.80 -3.81
CA GLY P 106 35.13 -27.83 -2.52
C GLY P 106 34.34 -28.45 -1.39
N LEU P 107 33.06 -28.71 -1.60
CA LEU P 107 32.20 -29.35 -0.61
C LEU P 107 31.48 -30.52 -1.27
N PHE P 108 31.48 -31.67 -0.59
CA PHE P 108 30.72 -32.82 -1.07
C PHE P 108 29.25 -32.61 -0.76
N GLY P 109 28.40 -32.80 -1.76
CA GLY P 109 26.97 -32.71 -1.55
C GLY P 109 26.23 -32.48 -2.85
N LYS P 110 24.96 -32.13 -2.69
CA LYS P 110 24.09 -31.87 -3.83
C LYS P 110 24.35 -30.49 -4.40
N GLY P 111 24.52 -30.41 -5.71
CA GLY P 111 24.72 -29.14 -6.39
C GLY P 111 23.62 -28.92 -7.42
N SER P 112 23.13 -27.69 -7.49
CA SER P 112 22.04 -27.36 -8.40
C SER P 112 22.48 -27.55 -9.85
N ILE P 113 21.58 -28.09 -10.66
CA ILE P 113 21.84 -28.30 -12.09
C ILE P 113 20.54 -28.12 -12.84
N VAL P 114 20.60 -27.39 -13.95
CA VAL P 114 19.44 -27.11 -14.79
C VAL P 114 19.78 -27.46 -16.24
N ALA P 115 18.82 -28.05 -16.93
CA ALA P 115 18.98 -28.45 -18.33
C ALA P 115 17.76 -28.02 -19.11
N CYS P 116 17.98 -27.52 -20.34
CA CYS P 116 16.90 -26.98 -21.16
C CYS P 116 17.07 -27.41 -22.61
N ALA P 117 15.96 -27.72 -23.27
CA ALA P 117 15.97 -28.06 -24.69
C ALA P 117 14.75 -27.44 -25.35
N LYS P 118 14.95 -26.74 -26.45
CA LYS P 118 13.83 -26.12 -27.15
C LYS P 118 12.94 -27.18 -27.79
N PHE P 119 11.63 -26.99 -27.63
CA PHE P 119 10.63 -27.93 -28.12
C PHE P 119 9.93 -27.32 -29.32
N THR P 120 10.00 -28.00 -30.47
CA THR P 120 9.21 -27.65 -31.64
C THR P 120 8.55 -28.93 -32.16
N CYS P 121 7.24 -28.85 -32.41
CA CYS P 121 6.47 -30.01 -32.81
C CYS P 121 6.57 -30.20 -34.31
N ALA P 122 7.03 -31.39 -34.73
CA ALA P 122 7.12 -31.68 -36.15
C ALA P 122 5.76 -32.04 -36.74
N LYS P 123 5.07 -33.00 -36.13
CA LYS P 123 3.77 -33.46 -36.60
C LYS P 123 2.81 -33.55 -35.42
N SER P 124 1.58 -33.07 -35.63
CA SER P 124 0.58 -33.06 -34.58
C SER P 124 -0.76 -33.50 -35.14
N MET P 125 -1.51 -34.26 -34.34
CA MET P 125 -2.86 -34.68 -34.70
C MET P 125 -3.86 -33.62 -34.26
N SER P 126 -4.70 -33.18 -35.19
CA SER P 126 -5.70 -32.16 -34.91
C SER P 126 -6.98 -32.79 -34.39
N LEU P 127 -7.54 -32.19 -33.35
CA LEU P 127 -8.78 -32.65 -32.72
C LEU P 127 -9.86 -31.59 -32.93
N PHE P 128 -10.91 -31.96 -33.65
CA PHE P 128 -12.03 -31.07 -33.93
C PHE P 128 -13.24 -31.48 -33.10
N GLU P 129 -14.01 -30.49 -32.68
CA GLU P 129 -15.19 -30.67 -31.86
C GLU P 129 -16.43 -30.51 -32.70
N VAL P 130 -17.43 -31.36 -32.48
CA VAL P 130 -18.52 -31.52 -33.42
C VAL P 130 -19.84 -31.03 -32.84
N ASP P 131 -20.51 -30.16 -33.59
CA ASP P 131 -21.88 -29.74 -33.31
C ASP P 131 -22.83 -30.61 -34.13
N GLN P 132 -23.62 -31.44 -33.44
CA GLN P 132 -24.56 -32.33 -34.13
C GLN P 132 -25.61 -31.56 -34.91
N THR P 133 -26.02 -30.39 -34.42
CA THR P 133 -27.03 -29.59 -35.08
C THR P 133 -26.57 -29.05 -36.43
N LYS P 134 -25.29 -29.15 -36.74
CA LYS P 134 -24.74 -28.69 -38.01
C LYS P 134 -24.50 -29.84 -38.99
N ILE P 135 -24.84 -31.08 -38.62
CA ILE P 135 -24.61 -32.22 -39.50
C ILE P 135 -25.56 -32.15 -40.68
N GLN P 136 -25.03 -32.38 -41.88
CA GLN P 136 -25.81 -32.41 -43.11
C GLN P 136 -25.61 -33.74 -43.81
N TYR P 137 -26.58 -34.11 -44.64
CA TYR P 137 -26.49 -35.33 -45.42
C TYR P 137 -27.11 -35.13 -46.80
N VAL P 138 -26.66 -35.94 -47.74
CA VAL P 138 -27.16 -35.94 -49.11
C VAL P 138 -27.72 -37.31 -49.42
N ILE P 139 -28.91 -37.35 -49.99
CA ILE P 139 -29.60 -38.59 -50.33
C ILE P 139 -29.96 -38.56 -51.80
N ARG P 140 -29.50 -39.57 -52.54
CA ARG P 140 -29.77 -39.67 -53.97
C ARG P 140 -31.00 -40.55 -54.19
N ALA P 141 -31.92 -40.09 -55.03
CA ALA P 141 -33.16 -40.80 -55.31
C ALA P 141 -33.34 -40.93 -56.82
N GLN P 142 -34.01 -42.02 -57.21
CA GLN P 142 -34.16 -42.34 -58.62
C GLN P 142 -35.36 -43.29 -58.78
N LEU P 143 -36.05 -43.15 -59.91
CA LEU P 143 -37.20 -43.98 -60.23
C LEU P 143 -36.81 -45.04 -61.24
N HIS P 144 -37.41 -46.23 -61.13
CA HIS P 144 -37.25 -47.29 -62.11
C HIS P 144 -38.16 -46.98 -63.29
N VAL P 145 -37.60 -46.57 -64.42
CA VAL P 145 -38.48 -46.41 -65.57
C VAL P 145 -37.99 -47.27 -66.73
N GLY P 146 -36.90 -46.89 -67.37
CA GLY P 146 -36.19 -47.78 -68.29
C GLY P 146 -34.74 -47.41 -68.50
N ALA P 147 -34.25 -46.47 -67.72
CA ALA P 147 -33.05 -45.73 -68.07
C ALA P 147 -31.85 -46.65 -68.22
N LYS P 148 -31.06 -46.43 -69.27
CA LYS P 148 -29.77 -47.08 -69.39
C LYS P 148 -28.87 -46.67 -68.22
N GLN P 149 -27.94 -47.55 -67.86
CA GLN P 149 -27.04 -47.25 -66.75
C GLN P 149 -26.31 -45.94 -66.97
N GLU P 150 -25.88 -45.69 -68.21
CA GLU P 150 -25.09 -44.50 -68.51
C GLU P 150 -25.87 -43.21 -68.31
N ASN P 151 -27.19 -43.29 -68.22
CA ASN P 151 -28.03 -42.13 -67.94
C ASN P 151 -28.44 -42.03 -66.48
N TRP P 152 -27.99 -42.95 -65.62
CA TRP P 152 -28.42 -42.96 -64.23
C TRP P 152 -28.01 -41.67 -63.51
N ASN P 153 -26.78 -41.21 -63.73
CA ASN P 153 -26.32 -40.00 -63.07
C ASN P 153 -27.12 -38.78 -63.48
N THR P 154 -27.71 -38.81 -64.69
CA THR P 154 -28.56 -37.72 -65.14
C THR P 154 -29.94 -37.78 -64.47
N ASP P 155 -30.47 -38.97 -64.26
CA ASP P 155 -31.83 -39.15 -63.76
C ASP P 155 -31.91 -39.15 -62.24
N ILE P 156 -30.80 -39.00 -61.54
CA ILE P 156 -30.78 -39.06 -60.09
C ILE P 156 -30.99 -37.66 -59.52
N LYS P 157 -31.96 -37.52 -58.62
CA LYS P 157 -32.16 -36.29 -57.89
C LYS P 157 -31.43 -36.38 -56.55
N THR P 158 -30.46 -35.49 -56.34
CA THR P 158 -29.69 -35.46 -55.10
C THR P 158 -30.35 -34.45 -54.15
N LEU P 159 -30.74 -34.93 -52.97
CA LEU P 159 -31.46 -34.13 -52.00
C LEU P 159 -30.56 -33.84 -50.81
N LYS P 160 -30.48 -32.57 -50.42
CA LYS P 160 -29.63 -32.13 -49.31
C LYS P 160 -30.51 -31.80 -48.11
N PHE P 161 -30.12 -32.30 -46.95
CA PHE P 161 -30.87 -32.09 -45.72
C PHE P 161 -29.98 -31.47 -44.66
N ASP P 162 -30.56 -30.61 -43.84
CA ASP P 162 -29.95 -30.15 -42.61
C ASP P 162 -30.58 -30.89 -41.44
N ALA P 163 -30.16 -30.54 -40.22
CA ALA P 163 -30.85 -31.03 -39.04
C ALA P 163 -32.21 -30.35 -38.87
N LEU P 164 -32.45 -29.24 -39.57
CA LEU P 164 -33.66 -28.45 -39.42
C LEU P 164 -34.41 -28.30 -40.74
N SER P 165 -34.15 -29.17 -41.72
CA SER P 165 -34.86 -29.14 -42.99
C SER P 165 -36.14 -29.97 -42.90
N GLY P 166 -37.16 -29.51 -43.61
CA GLY P 166 -38.44 -30.20 -43.61
C GLY P 166 -38.56 -31.23 -44.71
N SER P 167 -39.76 -31.36 -45.27
CA SER P 167 -39.97 -32.28 -46.38
C SER P 167 -39.31 -31.73 -47.64
N GLN P 168 -38.54 -32.57 -48.32
CA GLN P 168 -37.83 -32.17 -49.54
C GLN P 168 -38.29 -33.02 -50.71
N GLU P 169 -38.28 -32.40 -51.90
CA GLU P 169 -38.94 -32.99 -53.05
C GLU P 169 -37.96 -33.53 -54.09
N ALA P 170 -38.35 -34.65 -54.69
CA ALA P 170 -37.66 -35.27 -55.82
C ALA P 170 -38.70 -35.42 -56.92
N GLU P 171 -38.85 -34.36 -57.74
CA GLU P 171 -39.84 -34.37 -58.80
C GLU P 171 -39.20 -34.87 -60.09
N PHE P 172 -39.73 -35.97 -60.61
CA PHE P 172 -39.25 -36.58 -61.84
C PHE P 172 -40.18 -36.17 -62.98
N THR P 173 -39.60 -35.66 -64.07
CA THR P 173 -40.40 -35.16 -65.18
C THR P 173 -41.24 -36.28 -65.80
N GLY P 174 -42.56 -36.18 -65.63
CA GLY P 174 -43.50 -37.13 -66.20
C GLY P 174 -44.11 -38.09 -65.20
N TYR P 175 -43.49 -38.28 -64.04
CA TYR P 175 -43.94 -39.29 -63.08
C TYR P 175 -44.38 -38.69 -61.75
N GLY P 176 -44.74 -37.40 -61.72
CA GLY P 176 -45.14 -36.80 -60.46
C GLY P 176 -43.93 -36.51 -59.58
N LYS P 177 -44.09 -36.73 -58.28
CA LYS P 177 -43.02 -36.46 -57.33
C LYS P 177 -43.26 -37.24 -56.04
N ALA P 178 -42.17 -37.59 -55.36
CA ALA P 178 -42.20 -38.34 -54.11
C ALA P 178 -41.57 -37.51 -53.00
N THR P 179 -42.12 -37.61 -51.79
CA THR P 179 -41.72 -36.75 -50.68
C THR P 179 -40.89 -37.52 -49.68
N LEU P 180 -39.78 -36.91 -49.24
CA LEU P 180 -38.86 -37.51 -48.29
C LEU P 180 -38.79 -36.64 -47.03
N GLU P 181 -39.03 -37.26 -45.88
CA GLU P 181 -38.97 -36.60 -44.58
C GLU P 181 -38.00 -37.41 -43.72
N CYS P 182 -36.78 -36.92 -43.57
CA CYS P 182 -35.68 -37.72 -43.04
C CYS P 182 -35.09 -37.10 -41.78
N GLN P 183 -34.19 -37.87 -41.15
CA GLN P 183 -33.59 -37.49 -39.89
C GLN P 183 -32.36 -38.36 -39.64
N VAL P 184 -31.24 -37.73 -39.28
CA VAL P 184 -30.04 -38.48 -38.94
C VAL P 184 -30.25 -39.21 -37.62
N GLN P 185 -29.53 -40.31 -37.45
CA GLN P 185 -29.50 -41.05 -36.18
C GLN P 185 -28.08 -40.94 -35.64
N THR P 186 -27.88 -40.02 -34.69
CA THR P 186 -26.58 -39.72 -34.14
C THR P 186 -26.55 -39.91 -32.62
N ALA P 187 -27.40 -40.81 -32.11
CA ALA P 187 -27.49 -41.01 -30.67
C ALA P 187 -26.44 -41.96 -30.14
N VAL P 188 -26.23 -43.09 -30.82
CA VAL P 188 -25.40 -44.18 -30.32
C VAL P 188 -24.05 -44.25 -31.01
N ASP P 189 -23.67 -43.23 -31.77
CA ASP P 189 -22.30 -43.17 -32.27
C ASP P 189 -21.71 -41.77 -32.24
N PHE P 190 -22.41 -40.79 -31.67
CA PHE P 190 -21.98 -39.41 -31.80
C PHE P 190 -22.15 -38.62 -30.50
N GLY P 191 -21.69 -39.19 -29.40
CA GLY P 191 -21.77 -38.51 -28.12
C GLY P 191 -20.59 -37.59 -27.86
N ASN P 192 -19.90 -37.78 -26.75
CA ASN P 192 -18.72 -36.97 -26.41
C ASN P 192 -17.56 -37.47 -27.26
N SER P 193 -17.38 -36.85 -28.43
CA SER P 193 -16.44 -37.35 -29.41
C SER P 193 -15.75 -36.20 -30.12
N TYR P 194 -14.56 -36.49 -30.64
CA TYR P 194 -13.77 -35.57 -31.46
C TYR P 194 -13.63 -36.13 -32.87
N ILE P 195 -13.20 -35.27 -33.79
CA ILE P 195 -12.67 -35.69 -35.08
C ILE P 195 -11.16 -35.57 -35.00
N ALA P 196 -10.47 -36.71 -35.00
CA ALA P 196 -9.01 -36.74 -34.91
C ALA P 196 -8.45 -37.04 -36.29
N GLU P 197 -7.69 -36.10 -36.85
CA GLU P 197 -7.13 -36.27 -38.18
C GLU P 197 -5.62 -36.07 -38.15
N MET P 198 -4.89 -36.99 -38.77
CA MET P 198 -3.49 -36.83 -39.05
C MET P 198 -3.34 -36.31 -40.49
N GLU P 199 -2.11 -36.34 -40.99
CA GLU P 199 -1.82 -35.75 -42.30
C GLU P 199 -2.71 -36.34 -43.40
N LYS P 200 -2.97 -37.65 -43.34
CA LYS P 200 -3.71 -38.32 -44.39
C LYS P 200 -4.89 -39.16 -43.90
N ASP P 201 -5.11 -39.26 -42.59
CA ASP P 201 -6.16 -40.10 -42.04
C ASP P 201 -6.99 -39.31 -41.05
N SER P 202 -8.18 -39.84 -40.76
CA SER P 202 -9.11 -39.19 -39.84
C SER P 202 -9.99 -40.25 -39.19
N TRP P 203 -10.48 -39.95 -38.00
CA TRP P 203 -11.35 -40.86 -37.26
C TRP P 203 -12.29 -40.08 -36.36
N ILE P 204 -13.24 -40.80 -35.77
CA ILE P 204 -14.03 -40.33 -34.64
C ILE P 204 -13.50 -41.03 -33.40
N VAL P 205 -13.14 -40.25 -32.38
CA VAL P 205 -12.57 -40.77 -31.16
C VAL P 205 -13.38 -40.28 -29.98
N ASP P 206 -13.26 -40.98 -28.85
CA ASP P 206 -13.86 -40.50 -27.62
C ASP P 206 -13.22 -39.18 -27.23
N ARG P 207 -14.06 -38.27 -26.72
CA ARG P 207 -13.54 -37.01 -26.20
C ARG P 207 -12.62 -37.24 -25.01
N GLN P 208 -13.01 -38.14 -24.10
CA GLN P 208 -12.20 -38.40 -22.92
C GLN P 208 -10.97 -39.25 -23.24
N TRP P 209 -11.03 -40.08 -24.27
CA TRP P 209 -9.85 -40.85 -24.65
C TRP P 209 -8.76 -39.93 -25.19
N ALA P 210 -9.11 -39.04 -26.11
CA ALA P 210 -8.14 -38.09 -26.64
C ALA P 210 -7.68 -37.09 -25.59
N GLN P 211 -8.55 -36.78 -24.62
CA GLN P 211 -8.20 -35.84 -23.56
C GLN P 211 -7.24 -36.45 -22.55
N ASP P 212 -7.17 -37.79 -22.48
CA ASP P 212 -6.29 -38.48 -21.54
C ASP P 212 -5.02 -38.99 -22.19
N LEU P 213 -4.73 -38.58 -23.43
CA LEU P 213 -3.53 -39.03 -24.11
C LEU P 213 -2.28 -38.51 -23.41
N THR P 214 -1.29 -39.39 -23.27
CA THR P 214 -0.01 -39.01 -22.68
C THR P 214 0.92 -38.45 -23.76
N LEU P 215 0.51 -37.30 -24.29
CA LEU P 215 1.24 -36.59 -25.32
C LEU P 215 1.09 -35.09 -25.10
N PRO P 216 2.07 -34.30 -25.54
CA PRO P 216 1.92 -32.84 -25.45
C PRO P 216 0.74 -32.36 -26.27
N TRP P 217 0.08 -31.31 -25.78
CA TRP P 217 -1.09 -30.77 -26.47
C TRP P 217 -1.04 -29.25 -26.48
N GLN P 218 -1.88 -28.66 -27.33
CA GLN P 218 -1.85 -27.24 -27.63
C GLN P 218 -3.29 -26.75 -27.81
N SER P 219 -3.46 -25.43 -27.73
CA SER P 219 -4.77 -24.80 -27.87
C SER P 219 -4.72 -23.70 -28.93
N GLY P 220 -4.92 -24.08 -30.19
CA GLY P 220 -5.23 -23.12 -31.23
C GLY P 220 -4.07 -22.42 -31.90
N SER P 221 -3.79 -21.20 -31.44
CA SER P 221 -2.83 -20.30 -32.06
C SER P 221 -1.41 -20.73 -31.72
N GLY P 222 -0.43 -19.84 -31.90
CA GLY P 222 0.92 -20.17 -31.51
C GLY P 222 1.02 -20.28 -30.01
N GLY P 223 0.21 -21.19 -29.45
CA GLY P 223 0.16 -21.38 -28.02
C GLY P 223 1.19 -22.36 -27.52
N ILE P 224 1.45 -22.29 -26.22
CA ILE P 224 2.48 -23.11 -25.60
C ILE P 224 2.09 -24.58 -25.70
N TRP P 225 3.10 -25.44 -25.83
CA TRP P 225 2.89 -26.88 -25.89
C TRP P 225 2.83 -27.41 -24.47
N ARG P 226 1.65 -27.89 -24.07
CA ARG P 226 1.41 -28.28 -22.69
C ARG P 226 1.89 -29.71 -22.44
N GLU P 227 2.51 -29.91 -21.28
CA GLU P 227 2.98 -31.23 -20.84
C GLU P 227 3.95 -31.82 -21.88
N MET P 228 5.06 -31.12 -22.08
CA MET P 228 6.08 -31.56 -23.02
C MET P 228 6.88 -32.76 -22.50
N HIS P 229 6.77 -33.09 -21.22
CA HIS P 229 7.50 -34.22 -20.66
C HIS P 229 7.04 -35.55 -21.24
N HIS P 230 5.85 -35.59 -21.85
CA HIS P 230 5.39 -36.82 -22.48
C HIS P 230 6.22 -37.21 -23.68
N LEU P 231 7.02 -36.30 -24.23
CA LEU P 231 7.93 -36.60 -25.31
C LEU P 231 9.38 -36.26 -24.99
N VAL P 232 9.64 -35.55 -23.90
CA VAL P 232 11.00 -35.16 -23.52
C VAL P 232 11.22 -35.56 -22.08
N GLU P 233 12.17 -36.47 -21.86
CA GLU P 233 12.59 -36.86 -20.52
C GLU P 233 14.06 -36.54 -20.34
N PHE P 234 14.47 -36.37 -19.08
CA PHE P 234 15.85 -36.08 -18.74
C PHE P 234 16.38 -37.22 -17.86
N GLU P 235 17.50 -37.81 -18.29
CA GLU P 235 18.15 -38.83 -17.49
C GLU P 235 18.79 -38.20 -16.26
N PRO P 236 18.99 -38.98 -15.19
CA PRO P 236 19.60 -38.44 -13.97
C PRO P 236 20.98 -37.86 -14.26
N PRO P 237 21.30 -36.70 -13.66
CA PRO P 237 22.60 -36.07 -13.93
C PRO P 237 23.76 -36.88 -13.37
N HIS P 238 24.91 -36.77 -14.03
CA HIS P 238 26.07 -37.51 -13.58
C HIS P 238 26.97 -36.67 -12.69
N ALA P 239 27.63 -35.65 -13.25
CA ALA P 239 28.30 -34.65 -12.43
C ALA P 239 27.85 -33.24 -12.78
N ALA P 240 28.01 -32.88 -14.06
CA ALA P 240 27.67 -31.54 -14.54
C ALA P 240 27.00 -31.61 -15.91
N THR P 241 26.49 -32.78 -16.29
CA THR P 241 25.89 -33.02 -17.59
C THR P 241 24.57 -33.74 -17.38
N ILE P 242 23.58 -33.39 -18.19
CA ILE P 242 22.29 -34.08 -18.22
C ILE P 242 22.01 -34.49 -19.65
N ARG P 243 21.59 -35.73 -19.83
CA ARG P 243 21.22 -36.26 -21.13
C ARG P 243 19.70 -36.29 -21.28
N VAL P 244 19.24 -36.04 -22.50
CA VAL P 244 17.81 -35.99 -22.81
C VAL P 244 17.39 -37.30 -23.46
N LEU P 245 16.29 -37.86 -22.97
CA LEU P 245 15.70 -39.06 -23.56
C LEU P 245 14.51 -38.64 -24.42
N ALA P 246 14.68 -38.74 -25.74
CA ALA P 246 13.59 -38.47 -26.67
C ALA P 246 12.75 -39.74 -26.81
N LEU P 247 11.45 -39.63 -26.51
CA LEU P 247 10.60 -40.81 -26.44
C LEU P 247 10.16 -41.32 -27.81
N GLY P 248 10.41 -40.58 -28.88
CA GLY P 248 10.24 -41.09 -30.23
C GLY P 248 8.91 -40.70 -30.84
N ASN P 249 8.79 -41.01 -32.14
CA ASN P 249 7.57 -40.72 -32.89
C ASN P 249 6.46 -41.66 -32.47
N GLN P 250 5.27 -41.11 -32.22
CA GLN P 250 4.15 -41.87 -31.68
C GLN P 250 3.05 -42.10 -32.71
N GLU P 251 3.36 -41.99 -34.00
CA GLU P 251 2.34 -42.21 -35.02
C GLU P 251 1.83 -43.64 -34.99
N GLY P 252 2.72 -44.62 -34.83
CA GLY P 252 2.30 -46.00 -34.81
C GLY P 252 1.37 -46.33 -33.66
N SER P 253 1.72 -45.88 -32.46
CA SER P 253 0.91 -46.18 -31.28
C SER P 253 -0.49 -45.63 -31.41
N LEU P 254 -0.62 -44.40 -31.92
CA LEU P 254 -1.94 -43.82 -32.13
C LEU P 254 -2.74 -44.61 -33.16
N LYS P 255 -2.08 -45.04 -34.24
CA LYS P 255 -2.80 -45.71 -35.32
C LYS P 255 -3.30 -47.08 -34.89
N THR P 256 -2.49 -47.85 -34.14
CA THR P 256 -2.97 -49.12 -33.62
C THR P 256 -4.07 -48.92 -32.59
N ALA P 257 -3.98 -47.85 -31.79
CA ALA P 257 -5.06 -47.52 -30.86
C ALA P 257 -6.32 -47.08 -31.59
N LEU P 258 -6.20 -46.67 -32.85
CA LEU P 258 -7.35 -46.22 -33.64
C LEU P 258 -7.73 -47.24 -34.71
N THR P 259 -7.28 -48.49 -34.58
CA THR P 259 -7.76 -49.56 -35.44
C THR P 259 -9.13 -50.01 -34.95
N GLY P 260 -10.10 -50.03 -35.85
CA GLY P 260 -11.46 -50.33 -35.46
C GLY P 260 -12.18 -49.13 -34.89
N ALA P 261 -12.23 -48.04 -35.65
CA ALA P 261 -12.91 -46.83 -35.23
C ALA P 261 -13.52 -46.16 -36.45
N MET P 262 -14.63 -45.47 -36.23
CA MET P 262 -15.33 -44.81 -37.33
C MET P 262 -14.42 -43.83 -38.03
N ARG P 263 -14.48 -43.84 -39.36
CA ARG P 263 -13.50 -43.12 -40.15
C ARG P 263 -14.09 -41.88 -40.80
N VAL P 264 -13.21 -40.95 -41.14
CA VAL P 264 -13.57 -39.66 -41.72
C VAL P 264 -12.63 -39.38 -42.89
N THR P 265 -13.16 -38.70 -43.90
CA THR P 265 -12.39 -38.26 -45.05
C THR P 265 -12.74 -36.80 -45.35
N LYS P 266 -12.10 -36.22 -46.37
CA LYS P 266 -12.19 -34.79 -46.62
C LYS P 266 -12.25 -34.53 -48.12
N ASP P 267 -12.77 -33.34 -48.46
CA ASP P 267 -12.67 -32.82 -49.83
C ASP P 267 -12.97 -31.33 -49.80
N GLU P 268 -12.01 -30.53 -50.24
CA GLU P 268 -12.17 -29.08 -50.39
C GLU P 268 -12.80 -28.41 -49.17
N LEU P 273 -14.68 -29.47 -44.80
CA LEU P 273 -15.72 -30.45 -45.11
C LEU P 273 -15.23 -31.86 -44.78
N TYR P 274 -15.83 -32.46 -43.76
CA TYR P 274 -15.44 -33.78 -43.26
C TYR P 274 -16.59 -34.75 -43.47
N LYS P 275 -16.31 -35.85 -44.15
CA LYS P 275 -17.32 -36.87 -44.45
C LYS P 275 -17.25 -37.98 -43.41
N LEU P 276 -18.38 -38.30 -42.79
CA LEU P 276 -18.43 -39.24 -41.68
C LEU P 276 -18.91 -40.59 -42.19
N HIS P 277 -18.00 -41.58 -42.18
CA HIS P 277 -18.32 -42.94 -42.63
C HIS P 277 -19.01 -43.69 -41.49
N GLY P 278 -20.26 -43.33 -41.27
CA GLY P 278 -21.05 -43.98 -40.23
C GLY P 278 -22.42 -43.36 -40.14
N GLY P 279 -23.21 -43.88 -39.20
CA GLY P 279 -24.56 -43.40 -38.99
C GLY P 279 -25.50 -43.84 -40.10
N HIS P 280 -26.77 -43.51 -39.91
CA HIS P 280 -27.79 -43.82 -40.90
C HIS P 280 -28.88 -42.76 -40.81
N VAL P 281 -29.87 -42.87 -41.69
CA VAL P 281 -30.94 -41.89 -41.83
C VAL P 281 -32.28 -42.59 -41.73
N SER P 282 -33.19 -42.01 -40.95
CA SER P 282 -34.57 -42.48 -40.84
C SER P 282 -35.45 -41.60 -41.71
N CYS P 283 -36.12 -42.19 -42.69
CA CYS P 283 -36.92 -41.45 -43.66
C CYS P 283 -38.35 -41.97 -43.70
N ARG P 284 -39.29 -41.05 -43.81
CA ARG P 284 -40.68 -41.37 -44.13
C ARG P 284 -40.97 -40.85 -45.53
N VAL P 285 -41.41 -41.74 -46.41
CA VAL P 285 -41.51 -41.45 -47.84
C VAL P 285 -42.98 -41.35 -48.22
N LYS P 286 -43.35 -40.26 -48.88
CA LYS P 286 -44.69 -40.04 -49.39
C LYS P 286 -44.73 -40.39 -50.87
N LEU P 287 -45.55 -41.37 -51.23
CA LEU P 287 -45.59 -41.89 -52.59
C LEU P 287 -46.88 -41.55 -53.34
N SER P 288 -47.86 -40.94 -52.69
CA SER P 288 -49.15 -40.73 -53.32
C SER P 288 -49.07 -39.80 -54.52
N ALA P 289 -48.16 -38.84 -54.49
CA ALA P 289 -48.03 -37.84 -55.55
C ALA P 289 -47.16 -38.33 -56.71
N LEU P 290 -46.79 -39.61 -56.72
CA LEU P 290 -46.05 -40.21 -57.82
C LEU P 290 -47.04 -40.80 -58.82
N THR P 291 -46.75 -40.65 -60.11
CA THR P 291 -47.66 -41.14 -61.14
C THR P 291 -46.92 -41.98 -62.17
N LEU P 292 -47.67 -42.87 -62.80
CA LEU P 292 -47.17 -43.63 -63.93
C LEU P 292 -47.33 -42.84 -65.22
N LYS P 293 -46.41 -43.04 -66.15
CA LYS P 293 -46.51 -42.47 -67.48
C LYS P 293 -47.05 -43.52 -68.44
N GLY P 294 -47.79 -43.05 -69.43
CA GLY P 294 -48.23 -43.92 -70.53
C GLY P 294 -49.03 -45.13 -70.11
N THR P 295 -49.95 -44.96 -69.15
CA THR P 295 -50.84 -46.06 -68.80
C THR P 295 -51.85 -46.35 -69.88
N SER P 296 -52.10 -45.38 -70.78
CA SER P 296 -53.06 -45.54 -71.87
C SER P 296 -52.36 -45.66 -73.23
N TYR P 297 -51.10 -46.06 -73.25
CA TYR P 297 -50.45 -46.40 -74.50
C TYR P 297 -51.05 -47.70 -75.05
N LYS P 298 -50.76 -47.98 -76.31
CA LYS P 298 -51.10 -49.27 -76.87
C LYS P 298 -49.93 -50.24 -76.69
N MET P 299 -50.26 -51.53 -76.63
CA MET P 299 -49.24 -52.54 -76.43
C MET P 299 -48.32 -52.61 -77.65
N CYS P 300 -47.02 -52.77 -77.41
CA CYS P 300 -46.06 -52.93 -78.50
C CYS P 300 -46.21 -54.33 -79.09
N THR P 301 -46.68 -54.40 -80.33
CA THR P 301 -46.88 -55.69 -81.01
C THR P 301 -45.78 -56.00 -82.01
N ASP P 302 -44.88 -55.06 -82.28
CA ASP P 302 -43.83 -55.26 -83.27
C ASP P 302 -42.61 -55.94 -82.65
N LYS P 303 -41.66 -56.30 -83.51
CA LYS P 303 -40.55 -57.15 -83.10
C LYS P 303 -39.59 -56.39 -82.21
N MET P 304 -39.34 -56.93 -81.01
CA MET P 304 -38.38 -56.39 -80.07
C MET P 304 -37.22 -57.38 -79.90
N SER P 305 -36.07 -56.85 -79.52
CA SER P 305 -34.87 -57.67 -79.38
C SER P 305 -34.15 -57.33 -78.09
N PHE P 306 -33.45 -58.33 -77.54
CA PHE P 306 -32.61 -58.13 -76.36
C PHE P 306 -31.27 -57.55 -76.78
N VAL P 307 -31.01 -56.31 -76.39
CA VAL P 307 -29.63 -55.79 -76.50
C VAL P 307 -28.77 -56.40 -75.41
N LYS P 308 -29.32 -56.53 -74.20
CA LYS P 308 -28.65 -57.18 -73.08
C LYS P 308 -29.58 -58.24 -72.53
N ASN P 309 -29.13 -59.49 -72.57
CA ASN P 309 -29.97 -60.60 -72.14
C ASN P 309 -30.16 -60.58 -70.62
N PRO P 310 -31.27 -61.12 -70.13
CA PRO P 310 -31.46 -61.28 -68.68
C PRO P 310 -30.26 -61.89 -67.97
N THR P 311 -29.75 -61.18 -66.97
CA THR P 311 -28.60 -61.61 -66.20
C THR P 311 -28.91 -61.47 -64.71
N ASP P 312 -28.31 -62.34 -63.91
CA ASP P 312 -28.51 -62.30 -62.46
C ASP P 312 -27.86 -61.06 -61.87
N THR P 313 -28.58 -60.39 -60.97
CA THR P 313 -28.09 -59.18 -60.32
C THR P 313 -27.44 -59.44 -58.98
N GLY P 314 -27.72 -60.58 -58.35
CA GLY P 314 -27.25 -60.86 -57.00
C GLY P 314 -28.22 -60.46 -55.90
N HIS P 315 -29.28 -59.73 -56.23
CA HIS P 315 -30.33 -59.39 -55.28
C HIS P 315 -31.54 -60.31 -55.38
N GLY P 316 -31.43 -61.39 -56.16
CA GLY P 316 -32.55 -62.25 -56.45
C GLY P 316 -33.37 -61.82 -57.65
N THR P 317 -33.10 -60.65 -58.22
CA THR P 317 -33.79 -60.15 -59.39
C THR P 317 -32.95 -60.41 -60.63
N VAL P 318 -33.50 -60.03 -61.79
CA VAL P 318 -32.82 -60.21 -63.07
C VAL P 318 -33.12 -58.99 -63.94
N VAL P 319 -32.10 -58.51 -64.64
CA VAL P 319 -32.18 -57.26 -65.39
C VAL P 319 -31.79 -57.51 -66.84
N MET P 320 -32.44 -56.77 -67.75
CA MET P 320 -32.14 -56.90 -69.17
C MET P 320 -32.55 -55.63 -69.91
N GLN P 321 -31.87 -55.39 -71.03
CA GLN P 321 -32.18 -54.26 -71.90
C GLN P 321 -32.90 -54.76 -73.14
N VAL P 322 -34.03 -54.13 -73.46
CA VAL P 322 -34.84 -54.48 -74.62
C VAL P 322 -34.88 -53.29 -75.55
N LYS P 323 -34.54 -53.51 -76.82
CA LYS P 323 -34.66 -52.47 -77.83
C LYS P 323 -36.00 -52.58 -78.52
N VAL P 324 -36.63 -51.44 -78.78
CA VAL P 324 -37.87 -51.39 -79.54
C VAL P 324 -37.59 -50.59 -80.81
N PRO P 325 -37.06 -51.24 -81.86
CA PRO P 325 -36.73 -50.49 -83.08
C PRO P 325 -37.95 -49.84 -83.72
N LYS P 326 -39.07 -50.55 -83.75
CA LYS P 326 -40.31 -50.04 -84.31
C LYS P 326 -41.44 -50.17 -83.29
N GLY P 327 -42.47 -49.39 -83.59
CA GLY P 327 -43.67 -49.14 -82.79
C GLY P 327 -43.74 -47.63 -82.78
N ALA P 328 -43.76 -47.03 -81.60
CA ALA P 328 -43.71 -45.57 -81.37
C ALA P 328 -43.73 -45.37 -79.87
N PRO P 329 -44.62 -44.50 -79.36
CA PRO P 329 -44.79 -44.30 -77.95
C PRO P 329 -45.73 -45.42 -77.51
N CYS P 330 -45.17 -46.60 -77.25
CA CYS P 330 -46.00 -47.70 -76.78
C CYS P 330 -45.43 -48.26 -75.48
N LYS P 331 -46.22 -49.13 -74.84
CA LYS P 331 -45.84 -49.73 -73.56
C LYS P 331 -45.48 -51.19 -73.77
N ILE P 332 -44.49 -51.66 -73.02
CA ILE P 332 -43.89 -52.98 -73.22
C ILE P 332 -44.42 -53.90 -72.12
N PRO P 333 -45.26 -54.89 -72.47
CA PRO P 333 -45.76 -55.82 -71.44
C PRO P 333 -44.72 -56.88 -71.11
N VAL P 334 -44.50 -57.10 -69.81
CA VAL P 334 -43.58 -58.11 -69.32
C VAL P 334 -44.31 -58.96 -68.29
N ILE P 335 -44.22 -60.28 -68.42
CA ILE P 335 -44.75 -61.20 -67.44
C ILE P 335 -43.72 -62.29 -67.20
N VAL P 336 -43.90 -63.01 -66.08
CA VAL P 336 -43.05 -64.15 -65.73
C VAL P 336 -43.97 -65.32 -65.42
N ALA P 337 -44.03 -66.28 -66.34
CA ALA P 337 -44.90 -67.43 -66.22
C ALA P 337 -44.09 -68.69 -65.98
N ASP P 338 -44.78 -69.74 -65.52
CA ASP P 338 -44.16 -71.04 -65.29
C ASP P 338 -44.39 -72.02 -66.45
N ASP P 339 -45.14 -71.62 -67.47
CA ASP P 339 -45.20 -72.34 -68.73
C ASP P 339 -45.49 -71.35 -69.85
N LEU P 340 -45.16 -71.77 -71.08
CA LEU P 340 -45.24 -70.84 -72.20
C LEU P 340 -46.67 -70.63 -72.71
N THR P 341 -47.60 -71.51 -72.39
CA THR P 341 -48.96 -71.37 -72.89
C THR P 341 -49.78 -70.41 -72.03
N ALA P 342 -49.97 -70.76 -70.76
CA ALA P 342 -50.78 -69.96 -69.86
C ALA P 342 -50.00 -68.71 -69.48
N ALA P 343 -50.32 -67.60 -70.13
CA ALA P 343 -49.66 -66.34 -69.81
C ALA P 343 -50.21 -65.81 -68.49
N VAL P 344 -49.82 -66.45 -67.39
CA VAL P 344 -50.27 -66.10 -66.05
C VAL P 344 -49.04 -65.70 -65.27
N ASN P 345 -48.95 -64.42 -64.93
CA ASN P 345 -47.76 -63.89 -64.30
C ASN P 345 -47.63 -64.42 -62.87
N LYS P 346 -46.38 -64.62 -62.44
CA LYS P 346 -46.10 -65.29 -61.18
C LYS P 346 -45.04 -64.58 -60.33
N GLY P 347 -44.43 -63.51 -60.84
CA GLY P 347 -43.37 -62.83 -60.12
C GLY P 347 -43.65 -61.37 -59.81
N ILE P 348 -42.63 -60.64 -59.40
CA ILE P 348 -42.75 -59.23 -59.04
C ILE P 348 -42.04 -58.40 -60.09
N LEU P 349 -42.75 -57.44 -60.68
CA LEU P 349 -42.18 -56.55 -61.70
C LEU P 349 -41.70 -55.28 -60.99
N VAL P 350 -40.38 -55.17 -60.83
CA VAL P 350 -39.82 -53.97 -60.23
C VAL P 350 -39.98 -52.78 -61.17
N THR P 351 -39.71 -52.98 -62.46
CA THR P 351 -39.93 -51.94 -63.47
C THR P 351 -41.41 -51.96 -63.82
N VAL P 352 -42.17 -51.11 -63.13
CA VAL P 352 -43.62 -51.05 -63.30
C VAL P 352 -43.94 -50.30 -64.58
N ASN P 353 -44.77 -50.92 -65.43
CA ASN P 353 -45.24 -50.34 -66.69
C ASN P 353 -44.07 -49.89 -67.56
N PRO P 354 -43.32 -50.81 -68.16
CA PRO P 354 -42.23 -50.41 -69.05
C PRO P 354 -42.75 -49.66 -70.26
N ILE P 355 -41.90 -48.81 -70.83
CA ILE P 355 -42.32 -47.86 -71.86
C ILE P 355 -41.22 -47.72 -72.91
N ALA P 356 -41.62 -47.65 -74.17
CA ALA P 356 -40.79 -47.12 -75.25
C ALA P 356 -41.47 -45.89 -75.81
N SER P 357 -40.74 -44.77 -75.84
CA SER P 357 -41.29 -43.50 -76.29
C SER P 357 -40.90 -43.17 -77.72
N THR P 358 -39.61 -43.12 -78.02
CA THR P 358 -39.12 -42.94 -79.37
C THR P 358 -38.71 -44.30 -79.96
N ASN P 359 -38.56 -44.32 -81.27
CA ASN P 359 -38.08 -45.53 -81.93
C ASN P 359 -36.59 -45.72 -81.66
N ASP P 360 -36.15 -46.98 -81.74
CA ASP P 360 -34.79 -47.40 -81.40
C ASP P 360 -34.45 -47.18 -79.94
N ASP P 361 -35.46 -47.07 -79.08
CA ASP P 361 -35.23 -46.88 -77.65
C ASP P 361 -34.80 -48.20 -77.00
N GLU P 362 -33.68 -48.17 -76.29
CA GLU P 362 -33.25 -49.28 -75.47
C GLU P 362 -33.68 -49.02 -74.04
N VAL P 363 -34.47 -49.94 -73.48
CA VAL P 363 -35.14 -49.74 -72.20
C VAL P 363 -34.77 -50.88 -71.26
N LEU P 364 -34.42 -50.54 -70.04
CA LEU P 364 -33.97 -51.52 -69.05
C LEU P 364 -35.15 -52.03 -68.21
N ILE P 365 -35.20 -53.33 -68.00
CA ILE P 365 -36.27 -53.99 -67.24
C ILE P 365 -35.63 -54.80 -66.13
N GLU P 366 -36.15 -54.65 -64.91
CA GLU P 366 -35.76 -55.48 -63.78
C GLU P 366 -36.98 -56.23 -63.28
N VAL P 367 -36.82 -57.55 -63.09
CA VAL P 367 -37.90 -58.42 -62.65
C VAL P 367 -37.38 -59.33 -61.55
N ASN P 368 -38.24 -59.64 -60.57
CA ASN P 368 -37.94 -60.62 -59.54
C ASN P 368 -38.71 -61.90 -59.83
N PRO P 369 -38.06 -62.95 -60.33
CA PRO P 369 -38.79 -64.17 -60.69
C PRO P 369 -39.04 -65.05 -59.48
N PRO P 370 -39.94 -66.03 -59.58
CA PRO P 370 -40.17 -66.95 -58.47
C PRO P 370 -39.10 -68.04 -58.41
N PHE P 371 -39.11 -68.77 -57.29
CA PHE P 371 -38.15 -69.84 -57.08
C PHE P 371 -38.45 -71.01 -58.01
N GLY P 372 -37.41 -71.51 -58.67
CA GLY P 372 -37.52 -72.65 -59.57
C GLY P 372 -37.38 -72.26 -61.03
N ASP P 373 -37.79 -73.18 -61.89
CA ASP P 373 -37.80 -72.90 -63.32
C ASP P 373 -38.94 -71.96 -63.67
N SER P 374 -38.70 -71.12 -64.68
CA SER P 374 -39.67 -70.10 -65.05
C SER P 374 -39.37 -69.61 -66.46
N TYR P 375 -40.23 -68.73 -66.96
CA TYR P 375 -40.10 -68.13 -68.27
C TYR P 375 -40.29 -66.62 -68.15
N ILE P 376 -39.37 -65.86 -68.73
CA ILE P 376 -39.47 -64.41 -68.80
C ILE P 376 -39.99 -64.05 -70.18
N ILE P 377 -41.15 -63.41 -70.24
CA ILE P 377 -41.86 -63.15 -71.49
C ILE P 377 -42.01 -61.65 -71.66
N VAL P 378 -41.55 -61.14 -72.81
CA VAL P 378 -41.60 -59.71 -73.13
C VAL P 378 -42.16 -59.60 -74.54
N GLY P 379 -43.45 -59.31 -74.65
CA GLY P 379 -44.12 -59.18 -75.92
C GLY P 379 -45.48 -59.83 -75.87
N THR P 380 -46.08 -60.00 -77.04
CA THR P 380 -47.44 -60.55 -77.12
C THR P 380 -47.58 -61.62 -78.18
N GLY P 381 -47.01 -61.41 -79.36
CA GLY P 381 -47.38 -62.33 -80.44
C GLY P 381 -46.56 -63.58 -80.51
N ASP P 382 -46.12 -63.85 -81.72
CA ASP P 382 -45.14 -64.91 -81.97
C ASP P 382 -43.88 -64.07 -81.93
N SER P 383 -44.13 -62.75 -81.96
CA SER P 383 -43.03 -61.80 -82.03
C SER P 383 -42.48 -61.50 -80.64
N ARG P 384 -43.04 -62.12 -79.61
CA ARG P 384 -42.64 -61.86 -78.23
C ARG P 384 -41.26 -62.45 -77.95
N LEU P 385 -40.58 -61.87 -76.97
CA LEU P 385 -39.30 -62.37 -76.51
C LEU P 385 -39.50 -63.29 -75.32
N THR P 386 -38.86 -64.45 -75.36
CA THR P 386 -38.92 -65.43 -74.28
C THR P 386 -37.50 -65.78 -73.84
N TYR P 387 -37.30 -65.90 -72.53
CA TYR P 387 -36.01 -66.30 -72.00
C TYR P 387 -36.23 -67.17 -70.79
N GLN P 388 -35.71 -68.39 -70.86
CA GLN P 388 -35.86 -69.37 -69.79
C GLN P 388 -34.98 -69.01 -68.59
N TRP P 389 -35.55 -69.08 -67.38
CA TRP P 389 -34.80 -68.72 -66.19
C TRP P 389 -35.03 -69.76 -65.09
N HIS P 390 -34.00 -69.95 -64.28
CA HIS P 390 -34.05 -70.82 -63.10
C HIS P 390 -33.42 -70.09 -61.93
N LYS P 391 -34.08 -70.15 -60.77
CA LYS P 391 -33.57 -69.53 -59.54
C LYS P 391 -33.50 -70.60 -58.45
N GLU P 392 -32.28 -70.91 -58.02
CA GLU P 392 -32.10 -71.80 -56.87
C GLU P 392 -32.17 -71.00 -55.57
N VAL Q 2 26.60 -3.87 -21.78
CA VAL Q 2 26.73 -5.18 -22.42
C VAL Q 2 27.61 -5.08 -23.65
N GLN Q 3 28.88 -5.47 -23.51
CA GLN Q 3 29.79 -5.46 -24.64
C GLN Q 3 30.85 -6.54 -24.44
N LEU Q 4 31.33 -7.07 -25.56
CA LEU Q 4 32.43 -8.03 -25.58
C LEU Q 4 33.61 -7.38 -26.31
N VAL Q 5 34.81 -7.62 -25.81
CA VAL Q 5 36.03 -7.01 -26.35
C VAL Q 5 37.04 -8.12 -26.60
N GLU Q 6 37.56 -8.19 -27.81
CA GLU Q 6 38.57 -9.18 -28.17
C GLU Q 6 39.95 -8.55 -28.19
N SER Q 7 40.97 -9.38 -27.97
CA SER Q 7 42.36 -8.96 -28.09
C SER Q 7 43.24 -10.18 -28.28
N GLY Q 8 44.43 -9.95 -28.83
CA GLY Q 8 45.42 -11.00 -29.04
C GLY Q 8 45.70 -11.34 -30.48
N GLY Q 9 44.92 -10.84 -31.43
CA GLY Q 9 45.18 -11.14 -32.82
C GLY Q 9 46.43 -10.46 -33.34
N GLY Q 10 47.01 -11.04 -34.39
CA GLY Q 10 48.21 -10.49 -34.97
C GLY Q 10 48.77 -11.37 -36.05
N LEU Q 11 49.97 -11.02 -36.49
CA LEU Q 11 50.66 -11.75 -37.56
C LEU Q 11 51.41 -12.95 -36.99
N VAL Q 12 51.46 -14.04 -37.76
CA VAL Q 12 52.12 -15.26 -37.31
C VAL Q 12 52.42 -16.13 -38.53
N LYS Q 13 53.40 -17.01 -38.38
CA LYS Q 13 53.72 -18.00 -39.39
C LYS Q 13 52.86 -19.25 -39.27
N PRO Q 14 52.73 -20.01 -40.35
CA PRO Q 14 52.10 -21.33 -40.24
C PRO Q 14 52.87 -22.21 -39.27
N GLY Q 15 52.13 -22.98 -38.47
CA GLY Q 15 52.73 -23.76 -37.40
C GLY Q 15 52.96 -22.99 -36.12
N GLY Q 16 52.69 -21.69 -36.10
CA GLY Q 16 52.87 -20.88 -34.93
C GLY Q 16 51.74 -21.08 -33.93
N SER Q 17 51.71 -20.19 -32.94
CA SER Q 17 50.73 -20.26 -31.87
C SER Q 17 50.21 -18.88 -31.53
N LEU Q 18 48.98 -18.84 -30.99
CA LEU Q 18 48.33 -17.60 -30.61
C LEU Q 18 47.31 -17.92 -29.53
N ARG Q 19 46.87 -16.88 -28.83
CA ARG Q 19 45.91 -17.04 -27.74
C ARG Q 19 45.01 -15.82 -27.71
N LEU Q 20 43.76 -15.98 -28.14
CA LEU Q 20 42.79 -14.90 -28.12
C LEU Q 20 42.14 -14.78 -26.75
N SER Q 21 41.82 -13.53 -26.38
CA SER Q 21 41.12 -13.24 -25.14
C SER Q 21 39.90 -12.39 -25.44
N CYS Q 22 38.78 -12.73 -24.80
CA CYS Q 22 37.55 -11.97 -24.93
C CYS Q 22 37.06 -11.60 -23.53
N ALA Q 23 36.91 -10.31 -23.28
CA ALA Q 23 36.48 -9.81 -21.97
C ALA Q 23 35.04 -9.36 -22.06
N ALA Q 24 34.23 -9.77 -21.09
CA ALA Q 24 32.80 -9.50 -21.08
C ALA Q 24 32.43 -8.60 -19.91
N SER Q 25 31.45 -7.73 -20.14
CA SER Q 25 30.94 -6.84 -19.11
C SER Q 25 29.50 -6.49 -19.42
N GLY Q 26 28.75 -6.12 -18.39
CA GLY Q 26 27.37 -5.72 -18.53
C GLY Q 26 26.35 -6.82 -18.28
N PHE Q 27 26.79 -8.04 -17.96
CA PHE Q 27 25.87 -9.14 -17.71
C PHE Q 27 26.61 -10.19 -16.88
N ILE Q 28 25.83 -11.14 -16.36
CA ILE Q 28 26.42 -12.25 -15.62
C ILE Q 28 27.07 -13.20 -16.61
N PHE Q 29 28.40 -13.11 -16.73
CA PHE Q 29 29.12 -13.88 -17.74
C PHE Q 29 29.00 -15.39 -17.50
N SER Q 30 28.85 -15.81 -16.24
CA SER Q 30 28.82 -17.22 -15.89
C SER Q 30 27.46 -17.87 -16.18
N ASP Q 31 26.50 -17.14 -16.73
CA ASP Q 31 25.19 -17.69 -17.03
C ASP Q 31 24.98 -17.99 -18.51
N TYR Q 32 25.92 -17.61 -19.37
CA TYR Q 32 25.70 -17.64 -20.82
C TYR Q 32 26.74 -18.49 -21.53
N TYR Q 33 26.28 -19.25 -22.52
CA TYR Q 33 27.18 -19.94 -23.43
C TYR Q 33 27.97 -18.92 -24.24
N MET Q 34 29.22 -19.23 -24.52
CA MET Q 34 30.09 -18.39 -25.33
C MET Q 34 30.62 -19.19 -26.52
N MET Q 35 31.04 -18.47 -27.56
CA MET Q 35 31.52 -19.12 -28.75
C MET Q 35 32.44 -18.18 -29.52
N TRP Q 36 33.30 -18.78 -30.35
CA TRP Q 36 34.21 -18.05 -31.21
C TRP Q 36 33.77 -18.19 -32.66
N ILE Q 37 33.74 -17.07 -33.38
CA ILE Q 37 33.24 -17.02 -34.75
C ILE Q 37 34.28 -16.31 -35.61
N ARG Q 38 34.54 -16.85 -36.80
CA ARG Q 38 35.55 -16.30 -37.70
C ARG Q 38 34.99 -16.17 -39.11
N GLN Q 39 35.51 -15.19 -39.84
CA GLN Q 39 35.22 -14.99 -41.26
C GLN Q 39 36.54 -14.81 -42.00
N ALA Q 40 36.87 -15.78 -42.85
CA ALA Q 40 38.04 -15.68 -43.70
C ALA Q 40 37.75 -14.81 -44.91
N PRO Q 41 38.78 -14.20 -45.51
CA PRO Q 41 38.55 -13.38 -46.70
C PRO Q 41 37.91 -14.18 -47.83
N GLY Q 42 36.84 -13.64 -48.38
CA GLY Q 42 36.13 -14.30 -49.46
C GLY Q 42 35.36 -15.54 -49.06
N LYS Q 43 35.03 -15.69 -47.79
CA LYS Q 43 34.30 -16.85 -47.30
C LYS Q 43 33.20 -16.40 -46.36
N GLY Q 44 32.33 -17.35 -45.99
CA GLY Q 44 31.23 -17.07 -45.10
C GLY Q 44 31.57 -17.28 -43.63
N LEU Q 45 30.72 -16.73 -42.77
CA LEU Q 45 30.94 -16.85 -41.34
C LEU Q 45 30.80 -18.31 -40.89
N GLU Q 46 31.46 -18.63 -39.78
CA GLU Q 46 31.61 -20.00 -39.35
C GLU Q 46 31.99 -20.04 -37.88
N TRP Q 47 31.28 -20.85 -37.09
CA TRP Q 47 31.62 -21.02 -35.68
C TRP Q 47 32.56 -22.21 -35.53
N ILE Q 48 33.54 -22.07 -34.63
CA ILE Q 48 34.62 -23.03 -34.53
C ILE Q 48 34.74 -23.59 -33.11
N SER Q 49 34.28 -22.83 -32.12
CA SER Q 49 34.35 -23.24 -30.73
C SER Q 49 33.12 -22.74 -29.99
N TYR Q 50 32.67 -23.52 -29.02
CA TYR Q 50 31.37 -23.28 -28.38
C TYR Q 50 31.41 -23.89 -26.99
N ILE Q 51 31.30 -23.05 -25.96
CA ILE Q 51 31.49 -23.48 -24.58
C ILE Q 51 30.23 -23.15 -23.79
N SER Q 52 29.96 -23.97 -22.77
CA SER Q 52 28.80 -23.81 -21.93
C SER Q 52 29.05 -22.77 -20.83
N SER Q 53 28.03 -22.53 -20.00
CA SER Q 53 28.15 -21.51 -18.96
C SER Q 53 29.19 -21.90 -17.92
N SER Q 54 29.15 -23.14 -17.44
CA SER Q 54 30.13 -23.61 -16.46
C SER Q 54 31.49 -23.92 -17.09
N GLY Q 55 31.53 -24.10 -18.41
CA GLY Q 55 32.69 -24.68 -19.05
C GLY Q 55 32.71 -26.19 -19.06
N SER Q 56 31.58 -26.83 -18.73
CA SER Q 56 31.53 -28.29 -18.66
C SER Q 56 31.29 -28.93 -20.03
N GLN Q 57 30.64 -28.22 -20.93
CA GLN Q 57 30.34 -28.74 -22.27
C GLN Q 57 31.14 -27.97 -23.30
N ILE Q 58 31.91 -28.70 -24.11
CA ILE Q 58 32.79 -28.10 -25.11
C ILE Q 58 32.42 -28.64 -26.48
N TYR Q 59 32.43 -27.77 -27.48
CA TYR Q 59 32.10 -28.15 -28.85
C TYR Q 59 33.11 -27.51 -29.80
N TYR Q 60 33.66 -28.33 -30.70
CA TYR Q 60 34.57 -27.85 -31.74
C TYR Q 60 34.10 -28.37 -33.09
N THR Q 61 34.52 -27.66 -34.14
CA THR Q 61 34.39 -28.18 -35.49
C THR Q 61 35.61 -29.03 -35.83
N GLU Q 62 35.41 -29.95 -36.78
CA GLU Q 62 36.51 -30.83 -37.18
C GLU Q 62 37.69 -30.07 -37.75
N SER Q 63 37.46 -28.84 -38.23
CA SER Q 63 38.56 -28.04 -38.77
C SER Q 63 39.56 -27.64 -37.70
N VAL Q 64 39.11 -27.46 -36.46
CA VAL Q 64 39.96 -26.92 -35.40
C VAL Q 64 39.94 -27.82 -34.17
N LYS Q 65 39.41 -29.05 -34.31
CA LYS Q 65 39.15 -29.88 -33.15
C LYS Q 65 40.44 -30.21 -32.38
N GLY Q 66 41.50 -30.60 -33.10
CA GLY Q 66 42.73 -30.96 -32.46
C GLY Q 66 43.71 -29.83 -32.20
N ARG Q 67 43.47 -28.66 -32.80
CA ARG Q 67 44.43 -27.56 -32.76
C ARG Q 67 44.02 -26.40 -31.87
N PHE Q 68 42.72 -26.14 -31.72
CA PHE Q 68 42.23 -25.04 -30.91
C PHE Q 68 41.67 -25.57 -29.60
N THR Q 69 41.72 -24.72 -28.57
CA THR Q 69 41.14 -25.05 -27.27
C THR Q 69 40.41 -23.83 -26.74
N ILE Q 70 39.12 -23.96 -26.47
CA ILE Q 70 38.31 -22.89 -25.90
C ILE Q 70 38.21 -23.11 -24.39
N SER Q 71 38.21 -22.02 -23.65
CA SER Q 71 38.07 -22.07 -22.20
C SER Q 71 37.52 -20.73 -21.72
N ARG Q 72 37.24 -20.66 -20.42
CA ARG Q 72 36.71 -19.45 -19.83
C ARG Q 72 37.09 -19.38 -18.36
N ASP Q 73 37.16 -18.16 -17.85
CA ASP Q 73 37.38 -17.90 -16.43
C ASP Q 73 36.24 -17.01 -15.96
N ASN Q 74 35.23 -17.62 -15.35
CA ASN Q 74 34.05 -16.87 -14.92
C ASN Q 74 34.35 -15.90 -13.79
N GLY Q 75 35.44 -16.13 -13.04
CA GLY Q 75 35.83 -15.19 -12.01
C GLY Q 75 36.28 -13.86 -12.59
N LYS Q 76 37.04 -13.90 -13.68
CA LYS Q 76 37.58 -12.71 -14.32
C LYS Q 76 36.82 -12.31 -15.58
N ASN Q 77 35.69 -12.95 -15.87
CA ASN Q 77 34.83 -12.60 -17.01
C ASN Q 77 35.60 -12.67 -18.32
N LEU Q 78 36.35 -13.75 -18.50
CA LEU Q 78 37.24 -13.88 -19.65
C LEU Q 78 36.95 -15.15 -20.44
N LEU Q 79 37.18 -15.08 -21.74
CA LEU Q 79 37.02 -16.19 -22.66
C LEU Q 79 38.28 -16.31 -23.51
N TYR Q 80 38.88 -17.50 -23.53
CA TYR Q 80 40.16 -17.71 -24.21
C TYR Q 80 39.99 -18.68 -25.38
N LEU Q 81 40.82 -18.47 -26.40
CA LEU Q 81 40.92 -19.39 -27.54
C LEU Q 81 42.40 -19.62 -27.81
N GLN Q 82 42.93 -20.74 -27.33
CA GLN Q 82 44.33 -21.09 -27.56
C GLN Q 82 44.45 -21.74 -28.93
N MET Q 83 45.16 -21.07 -29.84
CA MET Q 83 45.31 -21.53 -31.22
C MET Q 83 46.72 -22.06 -31.41
N ASN Q 84 46.82 -23.36 -31.72
CA ASN Q 84 48.10 -24.04 -31.91
C ASN Q 84 48.13 -24.67 -33.29
N SER Q 85 49.34 -24.86 -33.81
CA SER Q 85 49.56 -25.44 -35.14
C SER Q 85 48.74 -24.70 -36.20
N LEU Q 86 48.93 -23.37 -36.23
CA LEU Q 86 48.13 -22.53 -37.10
C LEU Q 86 48.41 -22.81 -38.56
N ARG Q 87 47.38 -22.67 -39.39
CA ARG Q 87 47.46 -22.89 -40.82
C ARG Q 87 47.09 -21.61 -41.57
N GLY Q 88 47.39 -21.59 -42.86
CA GLY Q 88 47.01 -20.45 -43.68
C GLY Q 88 45.52 -20.27 -43.79
N GLU Q 89 44.76 -21.37 -43.70
CA GLU Q 89 43.30 -21.30 -43.74
C GLU Q 89 42.72 -20.67 -42.47
N ASP Q 90 43.51 -20.59 -41.40
CA ASP Q 90 43.05 -19.99 -40.15
C ASP Q 90 43.11 -18.46 -40.18
N THR Q 91 43.64 -17.87 -41.25
CA THR Q 91 43.67 -16.42 -41.39
C THR Q 91 42.24 -15.91 -41.55
N ALA Q 92 41.77 -15.15 -40.57
CA ALA Q 92 40.39 -14.68 -40.56
C ALA Q 92 40.26 -13.55 -39.54
N LEU Q 93 39.05 -13.03 -39.41
CA LEU Q 93 38.69 -12.04 -38.40
C LEU Q 93 37.79 -12.74 -37.38
N TYR Q 94 38.26 -12.83 -36.14
CA TYR Q 94 37.66 -13.69 -35.13
C TYR Q 94 36.77 -12.90 -34.19
N TYR Q 95 35.56 -13.40 -33.96
CA TYR Q 95 34.61 -12.80 -33.04
C TYR Q 95 34.41 -13.69 -31.82
N CYS Q 96 34.17 -13.07 -30.67
CA CYS Q 96 33.62 -13.74 -29.52
C CYS Q 96 32.18 -13.28 -29.35
N ALA Q 97 31.27 -14.23 -29.15
CA ALA Q 97 29.84 -13.92 -29.13
C ALA Q 97 29.14 -14.74 -28.07
N THR Q 98 28.12 -14.13 -27.46
CA THR Q 98 27.28 -14.84 -26.51
C THR Q 98 26.23 -15.67 -27.24
N GLU Q 99 25.64 -16.61 -26.52
CA GLU Q 99 24.65 -17.52 -27.09
C GLU Q 99 23.54 -17.73 -26.08
N THR Q 100 22.30 -17.44 -26.49
CA THR Q 100 21.13 -17.68 -25.67
C THR Q 100 19.93 -17.86 -26.58
N GLY Q 101 18.97 -18.67 -26.14
CA GLY Q 101 17.83 -18.99 -26.98
C GLY Q 101 18.19 -19.72 -28.25
N TRP Q 102 19.30 -20.46 -28.23
CA TRP Q 102 19.81 -21.18 -29.39
C TRP Q 102 20.06 -20.25 -30.57
N ARG Q 103 20.47 -19.02 -30.28
CA ARG Q 103 20.84 -18.05 -31.30
C ARG Q 103 22.11 -17.34 -30.84
N ILE Q 104 22.84 -16.78 -31.80
CA ILE Q 104 24.03 -16.00 -31.52
C ILE Q 104 23.57 -14.57 -31.25
N ASP Q 105 23.72 -14.12 -30.00
CA ASP Q 105 23.00 -12.94 -29.52
C ASP Q 105 23.79 -11.65 -29.69
N THR Q 106 24.93 -11.53 -29.02
CA THR Q 106 25.70 -10.29 -29.02
C THR Q 106 27.13 -10.56 -29.43
N TRP Q 107 27.68 -9.67 -30.24
CA TRP Q 107 28.99 -9.85 -30.86
C TRP Q 107 29.99 -8.84 -30.31
N GLY Q 108 31.27 -9.14 -30.55
CA GLY Q 108 32.33 -8.18 -30.37
C GLY Q 108 32.75 -7.59 -31.71
N GLN Q 109 33.62 -6.57 -31.64
CA GLN Q 109 34.09 -5.93 -32.86
C GLN Q 109 35.01 -6.82 -33.68
N GLY Q 110 35.64 -7.79 -33.05
CA GLY Q 110 36.48 -8.73 -33.75
C GLY Q 110 37.96 -8.40 -33.64
N THR Q 111 38.79 -9.42 -33.81
CA THR Q 111 40.24 -9.28 -33.80
C THR Q 111 40.81 -10.05 -34.99
N LEU Q 112 41.73 -9.42 -35.72
CA LEU Q 112 42.27 -9.99 -36.94
C LEU Q 112 43.44 -10.91 -36.64
N VAL Q 113 43.44 -12.08 -37.27
CA VAL Q 113 44.54 -13.04 -37.18
C VAL Q 113 45.02 -13.34 -38.59
N THR Q 114 46.30 -13.08 -38.85
CA THR Q 114 46.88 -13.30 -40.16
C THR Q 114 47.98 -14.35 -40.04
N VAL Q 115 47.89 -15.40 -40.84
CA VAL Q 115 48.89 -16.46 -40.90
C VAL Q 115 49.58 -16.36 -42.25
N SER Q 116 50.86 -16.00 -42.24
CA SER Q 116 51.62 -15.76 -43.46
C SER Q 116 52.95 -16.47 -43.37
N SER Q 117 53.40 -17.01 -44.51
CA SER Q 117 54.75 -17.60 -44.59
C SER Q 117 55.64 -16.64 -45.37
N ALA Q 118 55.18 -15.39 -45.56
CA ALA Q 118 55.80 -14.41 -46.47
C ALA Q 118 57.03 -13.81 -45.82
N SER Q 119 57.81 -13.13 -46.63
CA SER Q 119 59.09 -12.61 -46.16
C SER Q 119 59.24 -11.17 -46.63
N THR Q 120 59.94 -10.37 -45.83
CA THR Q 120 60.16 -8.97 -46.19
C THR Q 120 60.88 -8.90 -47.54
N LYS Q 121 60.26 -8.21 -48.49
CA LYS Q 121 60.71 -8.26 -49.88
C LYS Q 121 60.32 -6.97 -50.58
N GLY Q 122 61.29 -6.35 -51.24
CA GLY Q 122 61.04 -5.14 -52.00
C GLY Q 122 60.24 -5.41 -53.25
N PRO Q 123 59.66 -4.37 -53.84
CA PRO Q 123 58.80 -4.54 -55.01
C PRO Q 123 59.58 -4.53 -56.31
N SER Q 124 59.00 -5.19 -57.31
CA SER Q 124 59.47 -5.12 -58.69
C SER Q 124 58.54 -4.19 -59.45
N VAL Q 125 59.10 -3.14 -60.05
CA VAL Q 125 58.33 -2.07 -60.66
C VAL Q 125 58.44 -2.17 -62.17
N PHE Q 126 57.29 -2.15 -62.84
CA PHE Q 126 57.23 -2.19 -64.29
C PHE Q 126 56.36 -1.05 -64.80
N PRO Q 127 56.66 -0.52 -65.98
CA PRO Q 127 55.81 0.53 -66.55
C PRO Q 127 54.66 -0.06 -67.36
N LEU Q 128 53.55 0.68 -67.35
CA LEU Q 128 52.39 0.35 -68.17
C LEU Q 128 52.38 1.35 -69.33
N ALA Q 129 52.87 0.90 -70.48
CA ALA Q 129 53.00 1.79 -71.63
C ALA Q 129 51.62 2.29 -72.05
N PRO Q 130 51.44 3.61 -72.19
CA PRO Q 130 50.12 4.14 -72.56
C PRO Q 130 49.59 3.54 -73.83
N SER Q 131 48.51 2.75 -73.71
CA SER Q 131 47.69 2.37 -74.84
C SER Q 131 46.52 3.34 -74.93
N SER Q 132 45.94 3.43 -76.12
CA SER Q 132 45.00 4.51 -76.42
C SER Q 132 43.75 4.43 -75.55
N LYS Q 133 43.35 5.59 -75.03
CA LYS Q 133 42.06 5.79 -74.39
C LYS Q 133 41.40 6.97 -75.10
N SER Q 134 41.43 6.94 -76.42
CA SER Q 134 41.07 8.10 -77.25
C SER Q 134 39.62 8.52 -77.08
N THR Q 135 38.69 7.66 -77.49
CA THR Q 135 37.24 7.96 -77.49
C THR Q 135 36.94 9.29 -78.18
N SER Q 136 37.74 9.65 -79.19
CA SER Q 136 37.51 10.81 -80.04
C SER Q 136 37.37 12.10 -79.24
N GLY Q 137 38.49 12.52 -78.63
CA GLY Q 137 39.80 11.92 -78.83
C GLY Q 137 40.90 12.80 -78.28
N GLY Q 138 42.09 12.24 -78.08
CA GLY Q 138 43.19 12.99 -77.50
C GLY Q 138 43.36 12.71 -76.02
N THR Q 139 43.36 11.44 -75.65
CA THR Q 139 43.50 11.03 -74.26
C THR Q 139 44.21 9.68 -74.21
N ALA Q 140 45.15 9.54 -73.28
CA ALA Q 140 45.88 8.30 -73.07
C ALA Q 140 46.05 8.06 -71.58
N ALA Q 141 45.89 6.82 -71.16
CA ALA Q 141 46.01 6.43 -69.76
C ALA Q 141 47.27 5.58 -69.58
N LEU Q 142 48.25 6.12 -68.85
CA LEU Q 142 49.49 5.44 -68.54
C LEU Q 142 49.51 5.04 -67.08
N GLY Q 143 50.42 4.13 -66.73
CA GLY Q 143 50.42 3.59 -65.40
C GLY Q 143 51.73 2.96 -64.97
N CYS Q 144 51.64 2.20 -63.88
CA CYS Q 144 52.79 1.58 -63.23
C CYS Q 144 52.32 0.35 -62.49
N LEU Q 145 53.14 -0.70 -62.51
CA LEU Q 145 52.82 -1.97 -61.84
C LEU Q 145 53.86 -2.23 -60.74
N VAL Q 146 53.50 -1.92 -59.51
CA VAL Q 146 54.28 -2.36 -58.35
C VAL Q 146 53.89 -3.79 -58.02
N LYS Q 147 54.89 -4.66 -57.89
CA LYS Q 147 54.62 -6.09 -57.88
C LYS Q 147 55.44 -6.81 -56.82
N ASP Q 148 54.82 -7.77 -56.15
CA ASP Q 148 55.49 -8.78 -55.34
C ASP Q 148 56.34 -8.15 -54.24
N TYR Q 149 55.63 -7.49 -53.32
CA TYR Q 149 56.26 -6.85 -52.16
C TYR Q 149 55.49 -7.20 -50.90
N PHE Q 150 56.18 -7.06 -49.77
CA PHE Q 150 55.66 -7.35 -48.44
C PHE Q 150 56.60 -6.68 -47.44
N PRO Q 151 56.07 -5.98 -46.43
CA PRO Q 151 54.64 -5.76 -46.20
C PRO Q 151 54.14 -4.42 -46.72
N GLU Q 152 52.92 -4.08 -46.33
CA GLU Q 152 52.36 -2.78 -46.62
C GLU Q 152 53.07 -1.71 -45.79
N PRO Q 153 53.04 -0.44 -46.25
CA PRO Q 153 52.50 0.00 -47.54
C PRO Q 153 53.59 0.25 -48.57
N VAL Q 154 53.18 0.59 -49.79
CA VAL Q 154 54.09 1.13 -50.81
C VAL Q 154 53.53 2.48 -51.24
N THR Q 155 54.40 3.49 -51.26
CA THR Q 155 54.00 4.86 -51.55
C THR Q 155 54.47 5.20 -52.96
N VAL Q 156 53.52 5.51 -53.84
CA VAL Q 156 53.78 5.76 -55.25
C VAL Q 156 53.42 7.19 -55.58
N SER Q 157 54.37 7.92 -56.16
CA SER Q 157 54.15 9.28 -56.61
C SER Q 157 54.71 9.43 -58.03
N TRP Q 158 54.23 10.46 -58.72
CA TRP Q 158 54.60 10.71 -60.12
C TRP Q 158 55.29 12.06 -60.20
N ASN Q 159 56.60 12.05 -60.48
CA ASN Q 159 57.42 13.25 -60.64
C ASN Q 159 57.36 14.14 -59.39
N SER Q 160 57.75 13.54 -58.26
CA SER Q 160 57.83 14.23 -56.97
C SER Q 160 56.48 14.83 -56.57
N GLY Q 161 55.39 14.13 -56.86
CA GLY Q 161 54.09 14.60 -56.46
C GLY Q 161 53.60 15.84 -57.18
N ALA Q 162 54.17 16.16 -58.34
CA ALA Q 162 53.72 17.32 -59.09
C ALA Q 162 52.44 17.02 -59.85
N LEU Q 163 52.47 16.01 -60.71
CA LEU Q 163 51.29 15.61 -61.48
C LEU Q 163 50.32 14.89 -60.55
N THR Q 164 49.31 15.63 -60.08
CA THR Q 164 48.25 15.08 -59.23
C THR Q 164 46.88 15.30 -59.83
N SER Q 165 46.79 15.28 -61.16
CA SER Q 165 45.53 15.43 -61.89
C SER Q 165 45.27 14.13 -62.64
N GLY Q 166 44.31 13.35 -62.15
CA GLY Q 166 44.00 12.06 -62.74
C GLY Q 166 44.85 10.92 -62.24
N VAL Q 167 45.66 11.12 -61.21
CA VAL Q 167 46.44 10.03 -60.64
C VAL Q 167 45.52 9.10 -59.85
N HIS Q 168 45.80 7.81 -59.91
CA HIS Q 168 44.91 6.81 -59.30
C HIS Q 168 45.75 5.60 -58.91
N THR Q 169 46.04 5.47 -57.63
CA THR Q 169 46.75 4.31 -57.09
C THR Q 169 45.71 3.39 -56.45
N PHE Q 170 45.53 2.22 -57.06
CA PHE Q 170 44.51 1.28 -56.63
C PHE Q 170 44.95 0.57 -55.33
N PRO Q 171 43.98 0.11 -54.53
CA PRO Q 171 44.35 -0.75 -53.40
C PRO Q 171 44.99 -2.04 -53.87
N ALA Q 172 45.92 -2.55 -53.07
CA ALA Q 172 46.73 -3.70 -53.46
C ALA Q 172 45.96 -5.00 -53.27
N VAL Q 173 46.34 -6.00 -54.07
CA VAL Q 173 45.81 -7.36 -53.96
C VAL Q 173 46.79 -8.19 -53.15
N LEU Q 174 46.28 -9.21 -52.48
CA LEU Q 174 47.09 -10.17 -51.73
C LEU Q 174 47.06 -11.50 -52.47
N GLN Q 175 48.21 -11.92 -52.97
CA GLN Q 175 48.29 -13.13 -53.79
C GLN Q 175 48.38 -14.37 -52.91
N SER Q 176 48.32 -15.53 -53.56
CA SER Q 176 48.42 -16.80 -52.84
C SER Q 176 49.80 -16.99 -52.21
N SER Q 177 50.83 -16.38 -52.81
CA SER Q 177 52.17 -16.45 -52.22
C SER Q 177 52.25 -15.74 -50.89
N GLY Q 178 51.32 -14.82 -50.60
CA GLY Q 178 51.41 -13.97 -49.44
C GLY Q 178 52.00 -12.61 -49.71
N LEU Q 179 52.31 -12.30 -50.96
CA LEU Q 179 52.88 -11.02 -51.36
C LEU Q 179 51.79 -10.11 -51.92
N TYR Q 180 52.13 -8.83 -52.04
CA TYR Q 180 51.21 -7.81 -52.53
C TYR Q 180 51.60 -7.35 -53.92
N SER Q 181 50.60 -6.94 -54.69
CA SER Q 181 50.80 -6.34 -56.00
C SER Q 181 49.85 -5.16 -56.15
N LEU Q 182 50.36 -4.05 -56.66
CA LEU Q 182 49.62 -2.80 -56.67
C LEU Q 182 49.87 -2.05 -57.97
N SER Q 183 48.81 -1.51 -58.56
CA SER Q 183 48.90 -0.73 -59.78
C SER Q 183 48.56 0.74 -59.50
N SER Q 184 48.98 1.60 -60.42
CA SER Q 184 48.75 3.03 -60.29
C SER Q 184 48.82 3.66 -61.68
N VAL Q 185 47.79 4.42 -62.05
CA VAL Q 185 47.70 5.01 -63.38
C VAL Q 185 47.33 6.48 -63.29
N VAL Q 186 47.67 7.20 -64.36
CA VAL Q 186 47.35 8.62 -64.51
C VAL Q 186 46.95 8.85 -65.96
N THR Q 187 46.07 9.82 -66.17
CA THR Q 187 45.51 10.13 -67.49
C THR Q 187 46.02 11.48 -67.98
N VAL Q 188 46.45 11.53 -69.24
CA VAL Q 188 47.02 12.74 -69.82
C VAL Q 188 46.59 12.83 -71.29
N PRO Q 189 46.63 14.03 -71.86
CA PRO Q 189 46.31 14.17 -73.29
C PRO Q 189 47.31 13.42 -74.16
N SER Q 190 46.82 12.94 -75.31
CA SER Q 190 47.67 12.20 -76.24
C SER Q 190 48.63 13.11 -76.99
N SER Q 191 48.31 14.39 -77.13
CA SER Q 191 49.17 15.34 -77.82
C SER Q 191 50.30 15.85 -76.93
N SER Q 192 50.44 15.31 -75.73
CA SER Q 192 51.51 15.68 -74.80
C SER Q 192 52.13 14.44 -74.19
N LEU Q 193 52.29 13.39 -74.99
CA LEU Q 193 52.92 12.17 -74.50
C LEU Q 193 54.44 12.27 -74.53
N GLY Q 194 55.00 12.77 -75.63
CA GLY Q 194 56.42 12.92 -75.79
C GLY Q 194 56.98 14.27 -75.37
N THR Q 195 56.14 15.20 -74.93
CA THR Q 195 56.60 16.51 -74.52
C THR Q 195 56.89 16.62 -73.03
N GLN Q 196 56.60 15.59 -72.25
CA GLN Q 196 56.87 15.60 -70.83
C GLN Q 196 57.23 14.19 -70.37
N THR Q 197 57.95 14.13 -69.25
CA THR Q 197 58.45 12.87 -68.71
C THR Q 197 57.59 12.45 -67.51
N TYR Q 198 57.16 11.20 -67.52
CA TYR Q 198 56.43 10.60 -66.40
C TYR Q 198 57.28 9.50 -65.79
N ILE Q 199 57.51 9.58 -64.49
CA ILE Q 199 58.36 8.63 -63.77
C ILE Q 199 57.59 8.10 -62.57
N CYS Q 200 57.67 6.79 -62.35
CA CYS Q 200 57.16 6.20 -61.12
C CYS Q 200 58.14 6.47 -59.99
N ASN Q 201 57.65 6.99 -58.87
CA ASN Q 201 58.44 7.16 -57.67
C ASN Q 201 57.89 6.17 -56.65
N VAL Q 202 58.40 4.94 -56.71
CA VAL Q 202 57.94 3.85 -55.87
C VAL Q 202 58.88 3.75 -54.67
N ASN Q 203 58.30 3.77 -53.47
CA ASN Q 203 59.07 3.69 -52.23
C ASN Q 203 58.48 2.63 -51.33
N HIS Q 204 59.27 1.60 -51.04
CA HIS Q 204 58.90 0.57 -50.06
C HIS Q 204 59.87 0.73 -48.89
N LYS Q 205 59.44 1.48 -47.87
CA LYS Q 205 60.27 1.68 -46.68
C LYS Q 205 60.68 0.37 -46.03
N PRO Q 206 59.77 -0.60 -45.76
CA PRO Q 206 60.17 -1.79 -44.99
C PRO Q 206 61.36 -2.54 -45.55
N SER Q 207 61.74 -2.24 -46.80
CA SER Q 207 62.94 -2.83 -47.41
C SER Q 207 63.93 -1.78 -47.88
N ASN Q 208 63.69 -0.48 -47.59
CA ASN Q 208 64.59 0.59 -48.00
C ASN Q 208 64.78 0.56 -49.53
N THR Q 209 63.69 0.29 -50.24
CA THR Q 209 63.73 0.14 -51.69
C THR Q 209 63.07 1.33 -52.35
N LYS Q 210 63.83 2.05 -53.17
CA LYS Q 210 63.33 3.16 -53.96
C LYS Q 210 63.57 2.85 -55.44
N VAL Q 211 62.53 3.03 -56.25
CA VAL Q 211 62.58 2.72 -57.68
C VAL Q 211 62.01 3.90 -58.45
N ASP Q 212 62.68 4.25 -59.56
CA ASP Q 212 62.22 5.31 -60.45
C ASP Q 212 62.15 4.74 -61.86
N LYS Q 213 60.93 4.44 -62.32
CA LYS Q 213 60.69 3.79 -63.61
C LYS Q 213 60.05 4.80 -64.56
N ARG Q 214 60.76 5.14 -65.63
CA ARG Q 214 60.22 6.04 -66.64
C ARG Q 214 59.36 5.25 -67.62
N VAL Q 215 58.19 5.80 -67.93
CA VAL Q 215 57.21 5.11 -68.77
C VAL Q 215 57.26 5.74 -70.16
N GLU Q 216 57.66 4.94 -71.15
CA GLU Q 216 57.74 5.37 -72.53
C GLU Q 216 56.72 4.60 -73.38
N PRO Q 217 56.20 5.22 -74.46
CA PRO Q 217 55.23 4.55 -75.30
C PRO Q 217 55.86 3.51 -76.23
N GLN R 1 24.70 -31.88 -44.79
CA GLN R 1 25.53 -30.67 -44.72
C GLN R 1 24.66 -29.43 -44.58
N ALA R 2 25.27 -28.25 -44.77
CA ALA R 2 24.56 -27.00 -44.54
C ALA R 2 25.26 -25.87 -45.27
N VAL R 3 24.62 -25.33 -46.31
CA VAL R 3 25.11 -24.16 -47.02
C VAL R 3 23.94 -23.20 -47.20
N LEU R 4 24.12 -21.97 -46.74
CA LEU R 4 23.10 -20.93 -46.84
C LEU R 4 23.52 -19.92 -47.91
N THR R 5 22.72 -19.80 -48.95
CA THR R 5 23.03 -18.95 -50.09
C THR R 5 22.20 -17.67 -50.04
N GLN R 6 22.84 -16.55 -50.33
CA GLN R 6 22.15 -15.27 -50.41
C GLN R 6 22.95 -14.34 -51.30
N PRO R 7 22.29 -13.40 -51.99
CA PRO R 7 22.98 -12.62 -53.01
C PRO R 7 24.07 -11.73 -52.43
N ALA R 8 25.09 -11.47 -53.23
CA ALA R 8 26.22 -10.67 -52.77
C ALA R 8 25.81 -9.23 -52.48
N SER R 9 24.93 -8.66 -53.30
CA SER R 9 24.57 -7.25 -53.18
C SER R 9 23.16 -7.02 -53.70
N VAL R 10 22.40 -6.17 -52.97
CA VAL R 10 21.09 -5.71 -53.39
C VAL R 10 21.01 -4.20 -53.14
N SER R 11 20.34 -3.47 -54.03
CA SER R 11 20.35 -2.00 -53.98
C SER R 11 18.94 -1.43 -54.00
N GLY R 12 18.77 -0.30 -53.29
CA GLY R 12 17.49 0.39 -53.25
C GLY R 12 17.70 1.87 -52.99
N SER R 13 16.68 2.63 -53.37
CA SER R 13 16.64 4.07 -53.18
C SER R 13 16.05 4.42 -51.82
N PRO R 14 16.36 5.59 -51.29
CA PRO R 14 15.82 5.97 -49.97
C PRO R 14 14.31 6.08 -50.00
N GLY R 15 13.65 5.33 -49.12
CA GLY R 15 12.22 5.37 -48.94
C GLY R 15 11.46 4.20 -49.51
N GLN R 16 12.07 3.43 -50.41
CA GLN R 16 11.41 2.30 -51.04
C GLN R 16 11.45 1.08 -50.11
N SER R 17 11.10 -0.08 -50.64
CA SER R 17 11.16 -1.35 -49.93
C SER R 17 12.13 -2.28 -50.62
N ILE R 18 12.88 -3.06 -49.83
CA ILE R 18 13.87 -3.99 -50.34
C ILE R 18 13.70 -5.32 -49.60
N THR R 19 14.10 -6.40 -50.27
CA THR R 19 13.97 -7.74 -49.72
C THR R 19 15.25 -8.51 -50.00
N ILE R 20 15.87 -9.04 -48.94
CA ILE R 20 17.03 -9.91 -49.05
C ILE R 20 16.58 -11.33 -48.73
N SER R 21 17.00 -12.29 -49.56
CA SER R 21 16.59 -13.68 -49.42
C SER R 21 17.74 -14.54 -48.92
N CYS R 22 17.40 -15.64 -48.24
CA CYS R 22 18.38 -16.57 -47.69
C CYS R 22 17.88 -17.98 -47.98
N THR R 23 18.50 -18.65 -48.95
CA THR R 23 18.06 -19.95 -49.42
C THR R 23 19.06 -21.02 -48.98
N GLY R 24 18.54 -22.12 -48.44
CA GLY R 24 19.38 -23.22 -47.97
C GLY R 24 18.94 -24.57 -48.49
N THR R 25 19.56 -25.63 -47.95
CA THR R 25 19.38 -26.99 -48.44
C THR R 25 18.49 -27.79 -47.49
N GLY R 26 17.49 -28.49 -48.05
CA GLY R 26 16.79 -29.55 -47.35
C GLY R 26 16.15 -29.16 -46.03
N SER R 27 16.79 -29.58 -44.95
CA SER R 27 16.53 -29.13 -43.60
C SER R 27 17.09 -27.71 -43.48
N ASN R 28 17.52 -27.33 -42.28
CA ASN R 28 18.40 -26.19 -42.07
C ASN R 28 17.71 -24.83 -41.98
N ILE R 29 16.47 -24.73 -42.43
CA ILE R 29 15.65 -23.56 -42.16
C ILE R 29 14.26 -24.03 -41.80
N GLU R 30 13.89 -25.21 -42.31
CA GLU R 30 12.52 -25.69 -42.24
C GLU R 30 12.27 -26.54 -41.01
N THR R 31 13.29 -27.20 -40.47
CA THR R 31 13.09 -28.10 -39.35
C THR R 31 12.79 -27.33 -38.07
N TYR R 32 13.68 -26.40 -37.70
CA TYR R 32 13.62 -25.76 -36.41
C TYR R 32 13.01 -24.36 -36.45
N ASN R 33 13.05 -23.70 -37.60
CA ASN R 33 12.37 -22.42 -37.80
C ASN R 33 12.88 -21.32 -36.87
N LEU R 34 14.16 -21.39 -36.46
CA LEU R 34 14.79 -20.29 -35.76
C LEU R 34 15.92 -19.77 -36.65
N VAL R 35 15.64 -18.66 -37.34
CA VAL R 35 16.56 -18.04 -38.28
C VAL R 35 16.78 -16.60 -37.83
N SER R 36 18.05 -16.20 -37.75
CA SER R 36 18.41 -14.87 -37.27
C SER R 36 19.09 -14.06 -38.37
N TRP R 37 18.88 -12.75 -38.32
CA TRP R 37 19.47 -11.82 -39.27
C TRP R 37 20.34 -10.81 -38.54
N TYR R 38 21.48 -10.47 -39.12
CA TYR R 38 22.47 -9.62 -38.48
C TYR R 38 22.83 -8.46 -39.40
N GLN R 39 23.26 -7.36 -38.79
CA GLN R 39 23.66 -6.15 -39.50
C GLN R 39 25.05 -5.74 -39.04
N ARG R 40 25.95 -5.51 -40.00
CA ARG R 40 27.33 -5.13 -39.68
C ARG R 40 27.75 -3.93 -40.51
N HIS R 41 27.98 -2.80 -39.84
CA HIS R 41 28.66 -1.66 -40.44
C HIS R 41 30.17 -1.90 -40.40
N PRO R 42 30.91 -1.32 -41.35
CA PRO R 42 32.34 -1.62 -41.47
C PRO R 42 33.10 -1.34 -40.18
N GLY R 43 33.74 -2.39 -39.66
CA GLY R 43 34.58 -2.28 -38.48
C GLY R 43 33.86 -2.43 -37.16
N LYS R 44 32.53 -2.44 -37.15
CA LYS R 44 31.75 -2.51 -35.93
C LYS R 44 31.27 -3.94 -35.68
N ALA R 45 30.80 -4.16 -34.45
CA ALA R 45 30.29 -5.48 -34.09
C ALA R 45 28.97 -5.75 -34.81
N PRO R 46 28.75 -6.98 -35.29
CA PRO R 46 27.46 -7.32 -35.86
C PRO R 46 26.34 -7.15 -34.85
N LYS R 47 25.18 -6.68 -35.33
CA LYS R 47 24.03 -6.39 -34.48
C LYS R 47 22.91 -7.35 -34.81
N LEU R 48 22.38 -8.03 -33.79
CA LEU R 48 21.21 -8.87 -33.97
C LEU R 48 20.00 -7.99 -34.24
N ILE R 49 19.43 -8.10 -35.44
CA ILE R 49 18.25 -7.34 -35.79
C ILE R 49 17.00 -8.20 -35.85
N LEU R 50 17.12 -9.50 -36.09
CA LEU R 50 15.98 -10.42 -36.17
C LEU R 50 16.43 -11.79 -35.68
N TYR R 51 15.52 -12.49 -35.00
CA TYR R 51 15.72 -13.88 -34.59
C TYR R 51 14.37 -14.58 -34.67
N GLU R 52 14.42 -15.91 -34.65
CA GLU R 52 13.23 -16.77 -34.75
C GLU R 52 12.39 -16.31 -35.93
N VAL R 53 13.01 -16.20 -37.08
CA VAL R 53 12.37 -15.78 -38.35
C VAL R 53 11.71 -14.41 -38.24
N SER R 54 10.65 -14.25 -37.44
CA SER R 54 9.98 -12.95 -37.49
C SER R 54 10.07 -12.14 -36.20
N GLU R 55 10.88 -12.54 -35.22
CA GLU R 55 10.94 -11.81 -33.96
C GLU R 55 11.95 -10.67 -34.01
N ARG R 56 11.66 -9.61 -33.25
CA ARG R 56 12.42 -8.37 -33.30
C ARG R 56 13.01 -8.06 -31.93
N PRO R 57 14.32 -7.88 -31.81
CA PRO R 57 14.91 -7.52 -30.52
C PRO R 57 14.49 -6.12 -30.07
N SER R 58 14.81 -5.83 -28.81
CA SER R 58 14.39 -4.57 -28.21
C SER R 58 15.05 -3.38 -28.91
N GLY R 59 14.22 -2.46 -29.38
CA GLY R 59 14.69 -1.24 -30.01
C GLY R 59 14.99 -1.35 -31.48
N VAL R 60 14.91 -2.55 -32.08
CA VAL R 60 15.06 -2.68 -33.52
C VAL R 60 13.80 -2.12 -34.19
N SER R 61 14.00 -1.28 -35.20
CA SER R 61 12.90 -0.52 -35.77
C SER R 61 11.87 -1.44 -36.43
N ASN R 62 10.65 -0.94 -36.54
CA ASN R 62 9.55 -1.70 -37.13
C ASN R 62 9.74 -1.91 -38.63
N ARG R 63 10.63 -1.15 -39.27
CA ARG R 63 10.85 -1.32 -40.71
C ARG R 63 11.43 -2.68 -41.03
N PHE R 64 12.28 -3.22 -40.15
CA PHE R 64 12.86 -4.54 -40.35
C PHE R 64 11.80 -5.61 -40.10
N SER R 65 11.56 -6.46 -41.09
CA SER R 65 10.61 -7.56 -40.96
C SER R 65 11.20 -8.81 -41.59
N GLY R 66 10.72 -9.96 -41.14
CA GLY R 66 11.26 -11.23 -41.61
C GLY R 66 10.14 -12.23 -41.85
N SER R 67 10.39 -13.11 -42.82
CA SER R 67 9.42 -14.13 -43.21
C SER R 67 10.17 -15.41 -43.58
N LYS R 68 9.40 -16.50 -43.67
CA LYS R 68 9.93 -17.81 -44.03
C LYS R 68 8.96 -18.50 -44.97
N SER R 69 9.50 -19.20 -45.97
CA SER R 69 8.70 -19.99 -46.89
C SER R 69 9.50 -21.25 -47.22
N GLY R 70 9.15 -22.36 -46.58
CA GLY R 70 9.87 -23.60 -46.77
C GLY R 70 11.33 -23.49 -46.36
N ASN R 71 12.22 -23.51 -47.35
CA ASN R 71 13.66 -23.40 -47.12
C ASN R 71 14.22 -22.06 -47.56
N THR R 72 13.43 -21.00 -47.42
CA THR R 72 13.88 -19.65 -47.70
C THR R 72 13.46 -18.73 -46.56
N ALA R 73 14.42 -17.99 -46.02
CA ALA R 73 14.16 -16.93 -45.07
C ALA R 73 14.39 -15.59 -45.75
N SER R 74 13.61 -14.60 -45.35
CA SER R 74 13.60 -13.32 -46.04
C SER R 74 13.69 -12.17 -45.04
N LEU R 75 14.53 -11.19 -45.35
CA LEU R 75 14.63 -9.96 -44.59
C LEU R 75 14.15 -8.81 -45.48
N THR R 76 13.08 -8.16 -45.08
CA THR R 76 12.49 -7.06 -45.83
C THR R 76 12.71 -5.76 -45.08
N ILE R 77 13.35 -4.79 -45.74
CA ILE R 77 13.55 -3.46 -45.19
C ILE R 77 12.69 -2.50 -46.00
N SER R 78 11.77 -1.82 -45.33
CA SER R 78 10.89 -0.84 -45.95
C SER R 78 11.30 0.55 -45.51
N GLY R 79 11.06 1.53 -46.39
CA GLY R 79 11.46 2.89 -46.11
C GLY R 79 12.96 3.00 -45.93
N LEU R 80 13.71 2.82 -47.02
CA LEU R 80 15.16 2.80 -46.95
C LEU R 80 15.70 4.08 -46.35
N GLN R 81 16.84 3.96 -45.66
CA GLN R 81 17.47 5.09 -45.01
C GLN R 81 18.98 5.00 -45.23
N ALA R 82 19.64 6.14 -45.11
CA ALA R 82 21.08 6.20 -45.37
C ALA R 82 21.85 5.33 -44.39
N GLU R 83 21.41 5.27 -43.13
CA GLU R 83 22.10 4.46 -42.13
C GLU R 83 21.94 2.97 -42.36
N ASP R 84 21.01 2.55 -43.22
CA ASP R 84 20.81 1.13 -43.47
C ASP R 84 21.96 0.50 -44.24
N GLU R 85 22.89 1.29 -44.77
CA GLU R 85 24.00 0.74 -45.56
C GLU R 85 24.90 -0.10 -44.67
N ALA R 86 24.84 -1.43 -44.84
CA ALA R 86 25.67 -2.33 -44.07
C ALA R 86 25.66 -3.70 -44.77
N ASP R 87 26.40 -4.63 -44.19
CA ASP R 87 26.31 -6.04 -44.55
C ASP R 87 25.21 -6.68 -43.72
N TYR R 88 24.51 -7.66 -44.31
CA TYR R 88 23.40 -8.32 -43.63
C TYR R 88 23.62 -9.82 -43.64
N PHE R 89 23.64 -10.43 -42.46
CA PHE R 89 24.01 -11.82 -42.32
C PHE R 89 22.82 -12.66 -41.90
N CYS R 90 22.67 -13.83 -42.54
CA CYS R 90 21.60 -14.79 -42.28
C CYS R 90 22.19 -16.00 -41.58
N CYS R 91 21.56 -16.41 -40.48
CA CYS R 91 22.02 -17.53 -39.68
C CYS R 91 20.85 -18.44 -39.37
N SER R 92 21.11 -19.76 -39.30
CA SER R 92 20.03 -20.73 -39.03
C SER R 92 20.57 -21.98 -38.36
N TYR R 93 19.85 -22.48 -37.36
CA TYR R 93 20.22 -23.68 -36.61
C TYR R 93 19.88 -24.90 -37.47
N ALA R 94 20.91 -25.53 -38.03
CA ALA R 94 20.68 -26.61 -38.99
C ALA R 94 20.19 -27.87 -38.29
N ASP R 95 20.98 -28.42 -37.39
CA ASP R 95 20.62 -29.65 -36.69
C ASP R 95 21.48 -29.76 -35.44
N THR R 96 21.33 -30.89 -34.74
CA THR R 96 22.10 -31.19 -33.55
C THR R 96 23.56 -31.46 -33.85
N ASN R 97 23.93 -31.57 -35.13
CA ASN R 97 25.29 -31.93 -35.52
C ASN R 97 26.11 -30.78 -36.09
N ILE R 98 25.43 -29.87 -36.74
CA ILE R 98 26.10 -28.74 -37.43
C ILE R 98 25.91 -27.50 -36.56
N PHE R 99 24.83 -27.50 -35.78
CA PHE R 99 24.37 -26.35 -34.97
C PHE R 99 24.07 -25.17 -35.89
N TRP R 100 25.02 -24.28 -36.05
CA TRP R 100 24.70 -23.02 -36.71
C TRP R 100 25.47 -22.89 -38.01
N VAL R 101 24.82 -22.32 -39.02
CA VAL R 101 25.44 -22.05 -40.31
C VAL R 101 25.02 -20.67 -40.78
N PHE R 102 25.90 -20.02 -41.53
CA PHE R 102 25.73 -18.65 -41.96
C PHE R 102 25.59 -18.55 -43.46
N GLY R 103 24.97 -17.46 -43.91
CA GLY R 103 24.97 -17.12 -45.31
C GLY R 103 26.24 -16.39 -45.70
N GLY R 104 26.42 -16.23 -47.01
CA GLY R 104 27.62 -15.56 -47.51
C GLY R 104 27.66 -14.07 -47.20
N GLY R 105 26.52 -13.47 -46.93
CA GLY R 105 26.45 -12.04 -46.66
C GLY R 105 25.92 -11.26 -47.84
N THR R 106 25.15 -10.21 -47.56
CA THR R 106 24.61 -9.33 -48.60
C THR R 106 24.94 -7.89 -48.25
N HIS R 107 25.54 -7.18 -49.20
CA HIS R 107 25.78 -5.75 -49.05
C HIS R 107 24.61 -4.99 -49.67
N LEU R 108 23.84 -4.33 -48.82
CA LEU R 108 22.80 -3.41 -49.28
C LEU R 108 23.43 -2.07 -49.64
N THR R 109 23.02 -1.51 -50.79
CA THR R 109 23.43 -0.16 -51.18
C THR R 109 22.18 0.70 -51.29
N VAL R 110 22.10 1.68 -50.38
CA VAL R 110 21.12 2.76 -50.42
C VAL R 110 21.65 3.83 -51.35
N LEU R 111 20.91 4.10 -52.43
CA LEU R 111 21.37 4.99 -53.49
C LEU R 111 21.23 6.45 -53.04
N GLY R 112 22.11 6.83 -52.10
CA GLY R 112 22.21 8.22 -51.69
C GLY R 112 22.68 9.13 -52.80
N GLN R 113 23.16 8.51 -53.92
CA GLN R 113 23.64 9.17 -55.19
C GLN R 113 23.24 8.41 -56.46
N PRO R 114 23.60 8.83 -57.72
CA PRO R 114 23.14 8.22 -59.01
C PRO R 114 23.93 7.02 -59.54
N LYS R 115 23.63 6.47 -60.73
CA LYS R 115 24.28 5.23 -61.12
C LYS R 115 25.64 5.53 -61.74
N ALA R 116 26.48 4.50 -61.80
CA ALA R 116 27.78 4.62 -62.44
C ALA R 116 28.21 3.26 -62.98
N ALA R 117 28.37 3.17 -64.31
CA ALA R 117 28.85 1.97 -64.97
C ALA R 117 30.38 1.92 -64.91
N PRO R 118 30.96 0.72 -64.96
CA PRO R 118 32.42 0.60 -64.78
C PRO R 118 33.19 1.13 -65.98
N SER R 119 34.27 1.86 -65.70
CA SER R 119 35.23 2.29 -66.70
C SER R 119 36.51 1.47 -66.50
N VAL R 120 36.92 0.75 -67.55
CA VAL R 120 37.95 -0.27 -67.45
C VAL R 120 39.17 0.17 -68.26
N THR R 121 40.36 -0.14 -67.74
CA THR R 121 41.61 0.02 -68.46
C THR R 121 42.42 -1.27 -68.33
N LEU R 122 42.72 -1.90 -69.46
CA LEU R 122 43.45 -3.16 -69.48
C LEU R 122 44.86 -2.93 -70.01
N PHE R 123 45.84 -3.60 -69.37
CA PHE R 123 47.23 -3.42 -69.73
C PHE R 123 47.87 -4.77 -70.06
N PRO R 124 48.68 -4.83 -71.13
CA PRO R 124 49.39 -6.06 -71.45
C PRO R 124 50.70 -6.15 -70.69
N PRO R 125 51.36 -7.31 -70.68
CA PRO R 125 52.68 -7.39 -70.04
C PRO R 125 53.68 -6.48 -70.72
N SER R 126 54.47 -5.78 -69.91
CA SER R 126 55.49 -4.88 -70.43
C SER R 126 56.74 -5.65 -70.83
N SER R 127 57.56 -5.01 -71.67
CA SER R 127 58.77 -5.66 -72.17
C SER R 127 59.76 -5.93 -71.05
N GLU R 128 59.96 -4.95 -70.16
CA GLU R 128 60.92 -5.13 -69.08
C GLU R 128 60.51 -6.26 -68.15
N GLU R 129 59.20 -6.51 -68.02
CA GLU R 129 58.74 -7.65 -67.26
C GLU R 129 58.99 -8.96 -68.00
N LEU R 130 58.76 -8.96 -69.31
CA LEU R 130 59.03 -10.15 -70.12
C LEU R 130 60.51 -10.48 -70.18
N GLN R 131 61.38 -9.51 -69.94
CA GLN R 131 62.81 -9.78 -69.86
C GLN R 131 63.16 -10.64 -68.64
N ALA R 132 62.27 -10.74 -67.67
CA ALA R 132 62.48 -11.57 -66.48
C ALA R 132 61.66 -12.85 -66.51
N ASN R 133 61.28 -13.31 -67.70
CA ASN R 133 60.52 -14.56 -67.88
C ASN R 133 59.18 -14.50 -67.14
N LYS R 134 58.53 -13.33 -67.18
CA LYS R 134 57.28 -13.12 -66.47
C LYS R 134 56.34 -12.29 -67.34
N ALA R 135 55.04 -12.42 -67.06
CA ALA R 135 54.02 -11.69 -67.81
C ALA R 135 52.78 -11.54 -66.93
N THR R 136 52.37 -10.30 -66.68
CA THR R 136 51.20 -10.03 -65.84
C THR R 136 50.25 -9.09 -66.57
N LEU R 137 48.98 -9.47 -66.63
CA LEU R 137 47.93 -8.65 -67.21
C LEU R 137 47.21 -7.90 -66.11
N VAL R 138 46.97 -6.61 -66.33
CA VAL R 138 46.37 -5.73 -65.33
C VAL R 138 45.08 -5.16 -65.90
N CYS R 139 43.95 -5.49 -65.25
CA CYS R 139 42.65 -4.93 -65.59
C CYS R 139 42.23 -4.01 -64.45
N LEU R 140 42.12 -2.73 -64.74
CA LEU R 140 41.77 -1.72 -63.75
C LEU R 140 40.34 -1.25 -63.97
N ILE R 141 39.58 -1.16 -62.87
CA ILE R 141 38.16 -0.84 -62.90
C ILE R 141 37.93 0.34 -61.97
N SER R 142 37.28 1.38 -62.49
CA SER R 142 37.10 2.61 -61.72
C SER R 142 35.79 3.28 -62.09
N ASP R 143 35.33 4.16 -61.19
CA ASP R 143 34.14 4.99 -61.40
C ASP R 143 32.89 4.15 -61.66
N PHE R 144 32.56 3.31 -60.69
CA PHE R 144 31.40 2.43 -60.80
C PHE R 144 30.63 2.40 -59.49
N TYR R 145 29.32 2.62 -59.55
CA TYR R 145 28.44 2.74 -58.38
C TYR R 145 27.15 2.00 -58.75
N PRO R 146 26.70 1.04 -57.93
CA PRO R 146 27.27 0.62 -56.65
C PRO R 146 28.47 -0.32 -56.79
N GLY R 147 29.31 -0.33 -55.78
CA GLY R 147 30.54 -1.08 -55.82
C GLY R 147 30.38 -2.57 -55.58
N ALA R 148 29.83 -3.27 -56.56
CA ALA R 148 29.71 -4.73 -56.51
C ALA R 148 29.78 -5.24 -57.95
N VAL R 149 30.90 -5.86 -58.31
CA VAL R 149 31.21 -6.15 -59.70
C VAL R 149 31.75 -7.58 -59.83
N THR R 150 31.41 -8.20 -60.96
CA THR R 150 31.94 -9.51 -61.34
C THR R 150 32.97 -9.33 -62.45
N VAL R 151 34.13 -9.97 -62.29
CA VAL R 151 35.20 -9.93 -63.28
C VAL R 151 35.36 -11.32 -63.90
N ALA R 152 35.49 -11.36 -65.23
CA ALA R 152 35.72 -12.59 -65.96
C ALA R 152 36.84 -12.35 -66.96
N TRP R 153 37.69 -13.34 -67.14
CA TRP R 153 38.80 -13.25 -68.09
C TRP R 153 38.66 -14.32 -69.17
N LYS R 154 39.34 -14.09 -70.29
CA LYS R 154 39.15 -14.93 -71.48
C LYS R 154 40.49 -15.23 -72.14
N ALA R 155 40.70 -16.51 -72.48
CA ALA R 155 41.89 -16.95 -73.22
C ALA R 155 41.53 -17.12 -74.68
N ASP R 156 41.54 -15.98 -75.39
CA ASP R 156 41.13 -15.72 -76.76
C ASP R 156 39.63 -15.79 -76.95
N SER R 157 38.96 -16.69 -76.21
CA SER R 157 37.55 -16.60 -75.88
C SER R 157 37.26 -17.48 -74.68
N SER R 158 38.29 -18.14 -74.15
CA SER R 158 38.08 -19.29 -73.27
C SER R 158 38.06 -18.85 -71.81
N PRO R 159 37.19 -19.44 -70.99
CA PRO R 159 37.19 -19.10 -69.56
C PRO R 159 38.46 -19.56 -68.88
N VAL R 160 39.31 -18.60 -68.48
CA VAL R 160 40.61 -18.95 -67.92
C VAL R 160 40.43 -19.64 -66.57
N LYS R 161 41.43 -20.43 -66.20
CA LYS R 161 41.33 -21.25 -64.99
C LYS R 161 42.35 -20.89 -63.92
N ALA R 162 43.64 -20.86 -64.24
CA ALA R 162 44.68 -20.68 -63.24
C ALA R 162 45.41 -19.36 -63.44
N GLY R 163 45.35 -18.49 -62.43
CA GLY R 163 46.17 -17.29 -62.44
C GLY R 163 45.46 -15.96 -62.22
N VAL R 164 44.20 -16.00 -61.80
CA VAL R 164 43.39 -14.80 -61.63
C VAL R 164 43.20 -14.51 -60.16
N GLU R 165 43.41 -13.25 -59.77
CA GLU R 165 43.18 -12.78 -58.40
C GLU R 165 42.63 -11.36 -58.47
N THR R 166 41.53 -11.13 -57.74
CA THR R 166 40.80 -9.87 -57.79
C THR R 166 40.69 -9.26 -56.40
N THR R 167 40.78 -7.93 -56.32
CA THR R 167 40.63 -7.21 -55.06
C THR R 167 39.15 -7.04 -54.73
N THR R 168 38.86 -6.21 -53.74
CA THR R 168 37.51 -5.83 -53.36
C THR R 168 37.32 -4.33 -53.59
N PRO R 169 36.09 -3.89 -53.84
CA PRO R 169 35.86 -2.45 -54.11
C PRO R 169 36.27 -1.58 -52.92
N SER R 170 36.80 -0.41 -53.26
CA SER R 170 37.21 0.59 -52.28
C SER R 170 36.68 1.95 -52.70
N LYS R 171 36.22 2.74 -51.72
CA LYS R 171 35.58 4.00 -52.03
C LYS R 171 36.60 5.00 -52.58
N GLN R 172 36.33 5.50 -53.79
CA GLN R 172 37.15 6.54 -54.39
C GLN R 172 37.02 7.84 -53.59
N SER R 173 37.90 8.79 -53.91
CA SER R 173 37.88 10.08 -53.23
C SER R 173 36.67 10.92 -53.58
N ASN R 174 35.92 10.56 -54.63
CA ASN R 174 34.73 11.30 -55.04
C ASN R 174 33.45 10.50 -54.82
N ASN R 175 33.42 9.71 -53.75
CA ASN R 175 32.27 8.87 -53.39
C ASN R 175 31.90 7.90 -54.50
N LYS R 176 32.91 7.32 -55.14
CA LYS R 176 32.76 6.20 -56.05
C LYS R 176 33.64 5.06 -55.57
N TYR R 177 33.69 3.97 -56.33
CA TYR R 177 34.42 2.78 -55.95
C TYR R 177 35.39 2.39 -57.05
N ALA R 178 36.42 1.63 -56.68
CA ALA R 178 37.43 1.14 -57.61
C ALA R 178 37.82 -0.29 -57.26
N ALA R 179 38.33 -1.01 -58.25
CA ALA R 179 38.72 -2.41 -58.05
C ALA R 179 39.77 -2.81 -59.08
N SER R 180 40.69 -3.67 -58.65
CA SER R 180 41.74 -4.21 -59.52
C SER R 180 41.50 -5.68 -59.80
N SER R 181 42.11 -6.16 -60.87
CA SER R 181 42.10 -7.57 -61.21
C SER R 181 43.39 -7.91 -61.95
N TYR R 182 44.05 -8.99 -61.53
CA TYR R 182 45.35 -9.37 -62.07
C TYR R 182 45.31 -10.80 -62.58
N LEU R 183 45.79 -11.01 -63.80
CA LEU R 183 45.98 -12.34 -64.37
C LEU R 183 47.47 -12.55 -64.56
N SER R 184 48.04 -13.46 -63.75
CA SER R 184 49.45 -13.80 -63.88
C SER R 184 49.62 -14.88 -64.95
N LEU R 185 50.60 -14.70 -65.82
CA LEU R 185 50.87 -15.63 -66.90
C LEU R 185 52.37 -15.87 -67.00
N THR R 186 52.74 -16.83 -67.84
CA THR R 186 54.08 -17.11 -68.30
C THR R 186 54.25 -16.58 -69.72
N PRO R 187 55.43 -16.07 -70.08
CA PRO R 187 55.54 -15.34 -71.36
C PRO R 187 55.18 -16.17 -72.59
N GLU R 188 55.30 -17.49 -72.53
CA GLU R 188 54.98 -18.30 -73.70
C GLU R 188 53.47 -18.38 -73.93
N GLN R 189 52.68 -18.48 -72.86
CA GLN R 189 51.23 -18.49 -73.01
C GLN R 189 50.72 -17.13 -73.49
N TRP R 190 51.43 -16.05 -73.17
CA TRP R 190 51.02 -14.73 -73.61
C TRP R 190 51.20 -14.55 -75.13
N LYS R 191 52.25 -15.15 -75.69
CA LYS R 191 52.48 -15.06 -77.13
C LYS R 191 51.75 -16.15 -77.92
N SER R 192 51.40 -17.27 -77.28
CA SER R 192 50.72 -18.35 -77.99
C SER R 192 49.31 -17.95 -78.37
N HIS R 193 48.50 -17.54 -77.40
CA HIS R 193 47.12 -17.21 -77.66
C HIS R 193 47.01 -15.93 -78.48
N ARG R 194 45.90 -15.79 -79.21
CA ARG R 194 45.71 -14.63 -80.07
C ARG R 194 45.61 -13.34 -79.25
N SER R 195 44.81 -13.35 -78.19
CA SER R 195 44.60 -12.16 -77.38
C SER R 195 43.90 -12.55 -76.08
N TYR R 196 43.96 -11.66 -75.11
CA TYR R 196 43.24 -11.84 -73.85
C TYR R 196 42.26 -10.70 -73.67
N SER R 197 41.37 -10.86 -72.70
CA SER R 197 40.33 -9.86 -72.49
C SER R 197 39.90 -9.85 -71.03
N CYS R 198 39.91 -8.67 -70.43
CA CYS R 198 39.16 -8.46 -69.21
C CYS R 198 37.67 -8.35 -69.56
N GLN R 199 36.82 -8.61 -68.57
CA GLN R 199 35.38 -8.56 -68.78
C GLN R 199 34.72 -8.25 -67.45
N VAL R 200 33.98 -7.15 -67.41
CA VAL R 200 33.45 -6.60 -66.17
C VAL R 200 31.93 -6.59 -66.26
N THR R 201 31.27 -7.36 -65.40
CA THR R 201 29.83 -7.43 -65.34
C THR R 201 29.34 -6.55 -64.19
N HIS R 202 28.37 -5.70 -64.47
CA HIS R 202 27.92 -4.71 -63.50
C HIS R 202 26.43 -4.46 -63.69
N GLU R 203 25.62 -4.84 -62.70
CA GLU R 203 24.17 -4.62 -62.70
C GLU R 203 23.49 -5.29 -63.88
N GLY R 204 24.10 -6.34 -64.41
CA GLY R 204 23.60 -7.03 -65.57
C GLY R 204 24.23 -6.59 -66.88
N SER R 205 24.86 -5.41 -66.91
CA SER R 205 25.61 -5.00 -68.08
C SER R 205 26.95 -5.72 -68.14
N THR R 206 27.75 -5.38 -69.15
CA THR R 206 29.04 -6.02 -69.33
C THR R 206 29.96 -5.05 -70.07
N VAL R 207 31.22 -5.00 -69.63
CA VAL R 207 32.25 -4.19 -70.26
C VAL R 207 33.49 -5.07 -70.44
N GLU R 208 34.11 -5.00 -71.61
CA GLU R 208 35.30 -5.78 -71.89
C GLU R 208 36.33 -4.94 -72.62
N LYS R 209 37.60 -5.27 -72.40
CA LYS R 209 38.71 -4.72 -73.16
C LYS R 209 39.62 -5.87 -73.59
N THR R 210 40.20 -5.73 -74.77
CA THR R 210 41.03 -6.77 -75.35
C THR R 210 42.42 -6.22 -75.67
N VAL R 211 43.45 -7.01 -75.37
CA VAL R 211 44.83 -6.66 -75.70
C VAL R 211 45.44 -7.85 -76.45
N ALA R 212 46.30 -7.55 -77.42
CA ALA R 212 46.91 -8.58 -78.24
C ALA R 212 48.42 -8.44 -78.23
N PRO R 213 49.16 -9.57 -78.24
CA PRO R 213 50.62 -9.55 -78.30
C PRO R 213 51.15 -9.00 -79.62
#